data_5LHD
#
_entry.id   5LHD
#
_cell.length_a   127.093
_cell.length_b   168.856
_cell.length_c   244.249
_cell.angle_alpha   90.00
_cell.angle_beta   90.00
_cell.angle_gamma   90.00
#
_symmetry.space_group_name_H-M   'P 21 21 21'
#
loop_
_entity.id
_entity.type
_entity.pdbx_description
1 polymer 'Aminopeptidase N'
2 branched beta-D-mannopyranose-(1-6)-beta-D-mannopyranose-(1-4)-2-acetamido-2-deoxy-beta-D-glucopyranose-(1-4)-2-acetamido-2-deoxy-beta-D-glucopyranose
3 branched beta-D-mannopyranose-(1-3)-[beta-D-mannopyranose-(1-6)]beta-D-mannopyranose-(1-4)-2-acetamido-2-deoxy-beta-D-glucopyranose-(1-4)-2-acetamido-2-deoxy-beta-D-glucopyranose
4 branched 2-acetamido-2-deoxy-beta-D-glucopyranose-(1-4)-2-acetamido-2-deoxy-beta-D-glucopyranose
5 branched beta-D-mannopyranose-(1-4)-2-acetamido-2-deoxy-beta-D-glucopyranose-(1-4)-2-acetamido-2-deoxy-beta-D-glucopyranose
6 branched beta-D-mannopyranose-(1-3)-beta-D-mannopyranose-(1-4)-2-acetamido-2-deoxy-beta-D-glucopyranose-(1-4)-2-acetamido-2-deoxy-beta-D-glucopyranose
7 branched beta-D-mannopyranose-(1-3)-beta-D-mannopyranose-(1-6)-[beta-D-mannopyranose-(1-3)]beta-D-mannopyranose-(1-4)-2-acetamido-2-deoxy-beta-D-glucopyranose-(1-4)-2-acetamido-2-deoxy-beta-D-glucopyranose
8 branched beta-D-mannopyranose-(1-3)-[beta-D-mannopyranose-(1-6)]beta-D-mannopyranose-(1-6)-beta-D-mannopyranose-(1-4)-2-acetamido-2-deoxy-beta-D-glucopyranose-(1-4)-2-acetamido-2-deoxy-beta-D-glucopyranose
9 non-polymer 2-acetamido-2-deoxy-beta-D-glucopyranose
10 non-polymer 'ZINC ION'
11 non-polymer 1,2-ETHANEDIOL
12 water water
#
_entity_poly.entity_id   1
_entity_poly.type   'polypeptide(L)'
_entity_poly.pdbx_seq_one_letter_code
;YPYDVPDYAGAQPARSPGEKNKNANSSPVASTTPSASATTNPASATTLDQSKAWNRYRLPNTLKPDSYRVTLRPYLTPND
RGLYVFKGSSTVRFTCKEATDVIIIHSKKLNYTLSQGHRVVLRGVGGSQPPDIDKTELVEPTEYLVVHLKGSLVKDSQYE
MDSEFEGELADDLAGFYRSEYMEGNVRKVVATTQMQAADARKSFPCFDEPAMKAEFNITLIHPKDLTALSNMLPKGPSTP
LPEDPNWNVTEFHTTPKMSTYLLAFIVSEFDYVEKQASNGVLIRIWARPSAIAAGHGDYALNVTGPILNFFAGHYDTPYP
LPKSDQIGLPDFNAGAMENWGLVTYRENSLLFDPLSSSSSNKERVVTVIAHELAHQWFGNLVTIEWWNDLWLNEGFASYV
EYLGADYAEPTWNLKDLMVLNDVYRVMAVDALASSHPLSTPASEINTPAQISELFDAISYSKGASVLRMLSSFLSEDVFK
QGLASYLHTFAYQNTIYLNLWDHLQEAVNNRSIQLPTTVRDIMNRWTLQMGFPVITVDTSTGTLSQEHFLLDPDSNVTRP
SEFNYVWIVPITSIRDGRQQQDYWLIDVRAQNDLFSTSGNEWVLLNLNVTGYYRVNYDEENWRKIQTQLQRDHSAIPVIN
RAQIINDAFNLASAHKVPVTLALNNTLFLIEERQYMPWEAALSSLSYFKLMFDRSEVYGPMKNYLKKQVTPLFIHFRNNT
NNWREIPENLMDQYSEVNAISTACSNGVPECEEMVSGLFKQWMENPNNNPIHPNLRSTVYCNAIAQGGEEEWDFAWEQFR
NATLVNEADKLRAALACSKELWILNRYLSYTLNPDLIRKQDATSTIISITNNVIGQGLVWDFVQSNWKKLFNDYGGGSFS
FSNLIQAVTRRFSTEYELQQLEQFKKDNEETGFGSGTRALEQALEKTKANIKWVKENKEVVLQWFTENSK
;
_entity_poly.pdbx_strand_id   A,B,C,D
#
loop_
_chem_comp.id
_chem_comp.type
_chem_comp.name
_chem_comp.formula
BMA D-saccharide, beta linking beta-D-mannopyranose 'C6 H12 O6'
EDO non-polymer 1,2-ETHANEDIOL 'C2 H6 O2'
NAG D-saccharide, beta linking 2-acetamido-2-deoxy-beta-D-glucopyranose 'C8 H15 N O6'
ZN non-polymer 'ZINC ION' 'Zn 2'
#
# COMPACT_ATOMS: atom_id res chain seq x y z
N THR A 46 -27.34 37.72 20.14
CA THR A 46 -27.76 36.53 20.88
C THR A 46 -26.58 35.87 21.61
N THR A 47 -25.40 36.44 21.47
CA THR A 47 -24.19 35.89 22.09
C THR A 47 -23.50 36.92 22.98
N LEU A 48 -23.18 36.53 24.20
CA LEU A 48 -22.47 37.42 25.13
C LEU A 48 -20.96 37.33 24.93
N ASP A 49 -20.24 38.29 25.50
CA ASP A 49 -18.79 38.37 25.39
C ASP A 49 -18.11 37.08 25.88
N GLN A 50 -17.57 36.30 24.94
CA GLN A 50 -17.01 34.99 25.23
C GLN A 50 -15.66 35.02 25.94
N SER A 51 -15.08 36.20 26.08
CA SER A 51 -13.81 36.32 26.79
C SER A 51 -14.03 36.23 28.30
N LYS A 52 -15.28 36.35 28.72
CA LYS A 52 -15.63 36.29 30.13
C LYS A 52 -16.13 34.90 30.49
N ALA A 53 -15.56 34.33 31.55
CA ALA A 53 -15.86 32.95 31.93
C ALA A 53 -17.33 32.72 32.27
N TRP A 54 -17.99 33.74 32.80
CA TRP A 54 -19.40 33.62 33.16
C TRP A 54 -20.34 33.67 31.95
N ASN A 55 -19.77 33.91 30.78
CA ASN A 55 -20.55 33.89 29.55
C ASN A 55 -20.35 32.58 28.77
N ARG A 56 -19.58 31.66 29.33
CA ARG A 56 -19.35 30.37 28.68
C ARG A 56 -20.15 29.27 29.35
N TYR A 57 -20.74 28.39 28.55
CA TYR A 57 -21.63 27.35 29.06
C TYR A 57 -20.96 26.32 29.96
N ARG A 58 -19.74 25.93 29.61
CA ARG A 58 -19.01 24.98 30.45
C ARG A 58 -18.42 25.68 31.67
N LEU A 59 -18.53 25.05 32.83
CA LEU A 59 -17.91 25.55 34.05
C LEU A 59 -16.41 25.60 33.87
N PRO A 60 -15.76 26.57 34.54
CA PRO A 60 -14.30 26.60 34.57
C PRO A 60 -13.73 25.48 35.45
N ASN A 61 -12.45 25.19 35.32
CA ASN A 61 -11.83 24.10 36.07
C ASN A 61 -11.13 24.57 37.33
N THR A 62 -11.41 25.80 37.75
CA THR A 62 -10.72 26.41 38.86
C THR A 62 -11.20 25.93 40.23
N LEU A 63 -12.50 25.66 40.33
CA LEU A 63 -13.10 25.25 41.60
C LEU A 63 -13.77 23.89 41.47
N LYS A 64 -13.59 23.04 42.47
CA LYS A 64 -14.21 21.72 42.46
C LYS A 64 -14.85 21.44 43.82
N PRO A 65 -16.16 21.13 43.81
CA PRO A 65 -16.90 20.91 45.05
C PRO A 65 -16.51 19.61 45.74
N ASP A 66 -16.72 19.52 47.04
CA ASP A 66 -16.41 18.32 47.80
C ASP A 66 -17.66 17.81 48.49
N SER A 67 -18.39 18.74 49.11
CA SER A 67 -19.52 18.38 49.94
C SER A 67 -20.57 19.49 49.91
N TYR A 68 -21.83 19.09 49.82
CA TYR A 68 -22.93 20.03 49.89
C TYR A 68 -23.79 19.70 51.09
N ARG A 69 -24.41 20.72 51.66
CA ARG A 69 -25.53 20.49 52.55
C ARG A 69 -26.70 21.33 52.05
N VAL A 70 -27.86 20.71 51.89
CA VAL A 70 -29.02 21.37 51.32
C VAL A 70 -30.26 21.12 52.16
N THR A 71 -30.92 22.20 52.55
CA THR A 71 -32.20 22.11 53.25
C THR A 71 -33.30 22.69 52.38
N LEU A 72 -34.34 21.91 52.13
CA LEU A 72 -35.46 22.37 51.31
C LEU A 72 -36.78 22.27 52.05
N ARG A 73 -37.64 23.25 51.86
CA ARG A 73 -38.94 23.29 52.50
C ARG A 73 -40.03 23.68 51.50
N PRO A 74 -40.75 22.68 50.97
CA PRO A 74 -41.84 22.94 50.01
C PRO A 74 -43.10 23.45 50.69
N TYR A 75 -43.77 24.41 50.07
CA TYR A 75 -45.06 24.88 50.56
C TYR A 75 -46.16 24.41 49.61
N LEU A 76 -46.94 23.44 50.05
CA LEU A 76 -47.91 22.78 49.17
C LEU A 76 -49.24 23.51 49.04
N THR A 77 -49.27 24.77 49.47
CA THR A 77 -50.43 25.62 49.27
C THR A 77 -49.99 26.92 48.61
N PRO A 78 -50.84 27.51 47.77
CA PRO A 78 -50.49 28.75 47.05
C PRO A 78 -50.31 29.93 48.01
N ASN A 79 -49.49 30.90 47.60
CA ASN A 79 -49.35 32.14 48.37
C ASN A 79 -50.26 33.23 47.84
N ASP A 80 -49.88 34.48 48.08
CA ASP A 80 -50.71 35.61 47.66
C ASP A 80 -50.74 35.78 46.14
N ARG A 81 -49.63 35.45 45.48
CA ARG A 81 -49.54 35.59 44.04
C ARG A 81 -50.02 34.33 43.33
N GLY A 82 -50.62 33.41 44.09
CA GLY A 82 -51.10 32.16 43.55
C GLY A 82 -49.95 31.24 43.13
N LEU A 83 -48.85 31.32 43.87
CA LEU A 83 -47.64 30.58 43.53
C LEU A 83 -47.27 29.55 44.59
N TYR A 84 -46.95 28.34 44.13
CA TYR A 84 -46.38 27.32 44.99
C TYR A 84 -44.87 27.56 45.08
N VAL A 85 -44.39 27.75 46.31
CA VAL A 85 -43.02 28.16 46.55
C VAL A 85 -42.30 27.19 47.48
N PHE A 86 -41.00 26.99 47.25
CA PHE A 86 -40.18 26.26 48.21
C PHE A 86 -39.06 27.17 48.73
N LYS A 87 -38.81 27.11 50.03
CA LYS A 87 -37.70 27.85 50.62
C LYS A 87 -36.50 26.93 50.80
N GLY A 88 -35.30 27.48 50.65
CA GLY A 88 -34.10 26.68 50.75
C GLY A 88 -32.90 27.40 51.33
N SER A 89 -31.97 26.62 51.86
CA SER A 89 -30.68 27.14 52.31
C SER A 89 -29.64 26.07 52.03
N SER A 90 -28.45 26.50 51.63
CA SER A 90 -27.42 25.53 51.30
C SER A 90 -26.01 26.00 51.64
N THR A 91 -25.12 25.03 51.79
CA THR A 91 -23.69 25.30 51.94
C THR A 91 -22.93 24.40 50.98
N VAL A 92 -22.08 24.98 50.16
CA VAL A 92 -21.19 24.18 49.31
C VAL A 92 -19.74 24.34 49.76
N ARG A 93 -19.11 23.22 50.09
CA ARG A 93 -17.69 23.20 50.38
C ARG A 93 -16.93 22.78 49.14
N PHE A 94 -16.03 23.63 48.67
CA PHE A 94 -15.31 23.35 47.43
C PHE A 94 -13.81 23.60 47.57
N THR A 95 -13.05 22.99 46.68
CA THR A 95 -11.60 23.16 46.66
C THR A 95 -11.17 24.03 45.48
N CYS A 96 -10.34 25.02 45.76
CA CYS A 96 -9.73 25.83 44.71
C CYS A 96 -8.59 25.04 44.05
N LYS A 97 -8.79 24.63 42.81
CA LYS A 97 -7.80 23.84 42.09
C LYS A 97 -6.79 24.73 41.37
N GLU A 98 -7.20 25.95 41.08
CA GLU A 98 -6.33 26.96 40.48
C GLU A 98 -6.79 28.32 40.97
N ALA A 99 -5.84 29.15 41.39
CA ALA A 99 -6.13 30.47 41.94
C ALA A 99 -7.06 31.28 41.04
N THR A 100 -8.13 31.81 41.63
CA THR A 100 -9.14 32.55 40.88
C THR A 100 -9.81 33.58 41.78
N ASP A 101 -10.26 34.68 41.19
CA ASP A 101 -10.86 35.77 41.98
C ASP A 101 -12.38 35.85 41.80
N VAL A 102 -12.98 34.78 41.31
CA VAL A 102 -14.41 34.75 41.09
C VAL A 102 -14.94 33.34 41.35
N ILE A 103 -16.15 33.24 41.89
CA ILE A 103 -16.82 31.95 42.06
C ILE A 103 -17.97 31.84 41.06
N ILE A 104 -17.88 30.86 40.17
CA ILE A 104 -18.92 30.65 39.16
C ILE A 104 -19.65 29.35 39.41
N ILE A 105 -20.94 29.46 39.71
CA ILE A 105 -21.74 28.30 40.09
C ILE A 105 -23.13 28.39 39.41
N HIS A 106 -23.72 27.25 39.09
CA HIS A 106 -25.02 27.24 38.42
C HIS A 106 -26.15 27.67 39.35
N SER A 107 -27.11 28.41 38.78
CA SER A 107 -28.28 28.87 39.52
C SER A 107 -29.38 29.19 38.53
N LYS A 108 -30.57 28.62 38.75
CA LYS A 108 -31.67 28.75 37.81
C LYS A 108 -32.98 29.03 38.53
N LYS A 109 -33.60 30.17 38.22
CA LYS A 109 -34.88 30.57 38.80
C LYS A 109 -34.87 30.56 40.33
N LEU A 110 -33.74 30.92 40.92
CA LEU A 110 -33.65 31.01 42.38
C LEU A 110 -33.53 32.45 42.82
N ASN A 111 -34.35 32.84 43.80
CA ASN A 111 -34.33 34.19 44.33
C ASN A 111 -33.69 34.21 45.71
N TYR A 112 -32.56 34.90 45.81
CA TYR A 112 -31.74 34.83 47.02
C TYR A 112 -32.09 35.89 48.05
N THR A 113 -31.98 35.50 49.31
CA THR A 113 -32.13 36.43 50.41
C THR A 113 -30.77 37.04 50.71
N LEU A 114 -30.66 38.35 50.62
CA LEU A 114 -29.40 39.02 50.88
C LEU A 114 -29.00 38.83 52.33
N SER A 115 -27.71 38.62 52.54
CA SER A 115 -27.17 38.50 53.88
C SER A 115 -25.76 39.07 53.92
N GLN A 116 -25.53 39.95 54.90
CA GLN A 116 -24.27 40.67 55.02
C GLN A 116 -23.98 41.49 53.77
N GLY A 117 -25.04 41.94 53.11
CA GLY A 117 -24.94 42.82 51.97
C GLY A 117 -24.88 42.13 50.62
N HIS A 118 -24.88 40.80 50.62
CA HIS A 118 -24.73 40.08 49.36
C HIS A 118 -25.64 38.87 49.23
N ARG A 119 -25.71 38.38 47.99
CA ARG A 119 -26.52 37.23 47.60
C ARG A 119 -26.04 35.97 48.30
N VAL A 120 -24.81 36.01 48.79
CA VAL A 120 -24.15 34.82 49.29
C VAL A 120 -23.13 35.18 50.38
N VAL A 121 -22.76 34.20 51.21
CA VAL A 121 -21.74 34.41 52.23
C VAL A 121 -20.58 33.44 52.09
N LEU A 122 -19.36 33.96 52.13
CA LEU A 122 -18.17 33.14 51.95
C LEU A 122 -17.45 32.90 53.28
N ARG A 123 -17.17 31.65 53.59
CA ARG A 123 -16.44 31.30 54.80
C ARG A 123 -15.21 30.47 54.49
N GLY A 124 -14.24 30.47 55.40
CA GLY A 124 -13.06 29.64 55.24
C GLY A 124 -13.21 28.30 55.90
N VAL A 125 -12.41 27.32 55.48
CA VAL A 125 -12.33 26.04 56.16
C VAL A 125 -10.87 25.65 56.38
N GLY A 126 -10.61 24.99 57.50
CA GLY A 126 -9.26 24.55 57.83
C GLY A 126 -8.26 25.69 57.91
N GLY A 127 -8.73 26.87 58.32
CA GLY A 127 -7.84 28.00 58.45
C GLY A 127 -7.69 28.86 57.20
N SER A 128 -8.42 28.54 56.14
CA SER A 128 -8.38 29.38 54.95
C SER A 128 -9.03 30.72 55.22
N GLN A 129 -8.62 31.74 54.47
CA GLN A 129 -9.13 33.09 54.65
C GLN A 129 -9.74 33.59 53.35
N PRO A 130 -11.06 33.43 53.20
CA PRO A 130 -11.72 33.85 51.97
C PRO A 130 -11.64 35.36 51.79
N PRO A 131 -11.42 35.81 50.54
CA PRO A 131 -11.40 37.24 50.22
C PRO A 131 -12.81 37.82 50.40
N ASP A 132 -12.90 39.13 50.54
CA ASP A 132 -14.20 39.79 50.60
C ASP A 132 -14.91 39.69 49.25
N ILE A 133 -16.23 39.68 49.29
CA ILE A 133 -17.03 39.68 48.08
C ILE A 133 -17.09 41.09 47.51
N ASP A 134 -16.81 41.22 46.21
CA ASP A 134 -16.96 42.50 45.55
C ASP A 134 -18.43 42.74 45.25
N LYS A 135 -19.02 41.84 44.47
CA LYS A 135 -20.44 41.88 44.15
C LYS A 135 -20.85 40.54 43.56
N THR A 136 -22.15 40.27 43.54
CA THR A 136 -22.66 39.08 42.87
C THR A 136 -23.59 39.49 41.74
N GLU A 137 -23.66 38.64 40.71
CA GLU A 137 -24.61 38.85 39.63
C GLU A 137 -25.17 37.51 39.17
N LEU A 138 -26.28 37.57 38.45
CA LEU A 138 -26.87 36.39 37.85
C LEU A 138 -26.77 36.51 36.34
N VAL A 139 -26.18 35.52 35.69
CA VAL A 139 -26.14 35.50 34.23
C VAL A 139 -27.12 34.45 33.75
N GLU A 140 -28.23 34.92 33.17
CA GLU A 140 -29.33 34.03 32.77
C GLU A 140 -29.04 33.03 31.65
N PRO A 141 -28.43 33.47 30.53
CA PRO A 141 -28.20 32.50 29.44
C PRO A 141 -27.39 31.29 29.87
N THR A 142 -26.33 31.52 30.63
CA THR A 142 -25.45 30.44 31.07
C THR A 142 -25.90 29.89 32.43
N GLU A 143 -26.95 30.49 32.98
CA GLU A 143 -27.56 30.04 34.22
C GLU A 143 -26.56 29.99 35.38
N TYR A 144 -25.86 31.10 35.58
CA TYR A 144 -24.82 31.20 36.61
C TYR A 144 -25.17 32.17 37.73
N LEU A 145 -24.81 31.79 38.95
CA LEU A 145 -24.62 32.76 40.01
C LEU A 145 -23.13 33.08 40.00
N VAL A 146 -22.79 34.37 39.93
CA VAL A 146 -21.40 34.77 39.80
C VAL A 146 -20.96 35.65 40.97
N VAL A 147 -20.04 35.15 41.78
CA VAL A 147 -19.55 35.90 42.94
C VAL A 147 -18.17 36.47 42.67
N HIS A 148 -18.10 37.77 42.40
CA HIS A 148 -16.83 38.44 42.15
C HIS A 148 -16.14 38.77 43.46
N LEU A 149 -14.87 38.38 43.60
CA LEU A 149 -14.14 38.57 44.84
C LEU A 149 -13.14 39.72 44.74
N LYS A 150 -12.77 40.29 45.89
CA LYS A 150 -11.82 41.38 45.93
C LYS A 150 -10.38 40.86 45.95
N GLY A 151 -10.25 39.55 46.05
CA GLY A 151 -8.95 38.91 46.05
C GLY A 151 -9.04 37.52 45.46
N SER A 152 -7.95 36.76 45.55
CA SER A 152 -7.92 35.43 44.97
C SER A 152 -7.94 34.32 46.02
N LEU A 153 -8.76 33.31 45.78
CA LEU A 153 -8.71 32.10 46.58
C LEU A 153 -7.35 31.47 46.33
N VAL A 154 -6.81 30.78 47.32
CA VAL A 154 -5.50 30.14 47.13
C VAL A 154 -5.64 28.69 46.71
N LYS A 155 -4.71 28.26 45.86
CA LYS A 155 -4.71 26.91 45.30
C LYS A 155 -4.60 25.85 46.39
N ASP A 156 -5.38 24.78 46.23
CA ASP A 156 -5.44 23.63 47.15
C ASP A 156 -6.24 23.88 48.42
N SER A 157 -6.64 25.14 48.65
CA SER A 157 -7.40 25.47 49.85
C SER A 157 -8.91 25.30 49.67
N GLN A 158 -9.58 24.98 50.76
CA GLN A 158 -11.02 24.78 50.74
C GLN A 158 -11.79 26.00 51.25
N TYR A 159 -13.00 26.18 50.73
CA TYR A 159 -13.87 27.29 51.12
C TYR A 159 -15.33 26.84 51.18
N GLU A 160 -16.14 27.55 51.97
CA GLU A 160 -17.55 27.25 52.05
C GLU A 160 -18.41 28.46 51.71
N MET A 161 -19.42 28.23 50.87
CA MET A 161 -20.31 29.30 50.46
C MET A 161 -21.74 29.03 50.91
N ASP A 162 -22.27 29.92 51.73
CA ASP A 162 -23.63 29.81 52.25
C ASP A 162 -24.60 30.63 51.43
N SER A 163 -25.77 30.06 51.14
CA SER A 163 -26.79 30.75 50.38
C SER A 163 -28.18 30.49 50.98
N GLU A 164 -29.03 31.50 50.89
CA GLU A 164 -30.40 31.39 51.36
C GLU A 164 -31.31 31.91 50.26
N PHE A 165 -32.26 31.07 49.84
CA PHE A 165 -33.00 31.33 48.61
C PHE A 165 -34.43 30.81 48.64
N GLU A 166 -35.17 31.11 47.58
CA GLU A 166 -36.47 30.49 47.34
C GLU A 166 -36.72 30.36 45.85
N GLY A 167 -37.51 29.36 45.47
CA GLY A 167 -37.84 29.13 44.08
C GLY A 167 -39.28 28.70 43.94
N GLU A 168 -39.81 28.74 42.72
CA GLU A 168 -41.18 28.32 42.48
C GLU A 168 -41.28 26.81 42.44
N LEU A 169 -42.28 26.27 43.13
CA LEU A 169 -42.61 24.85 43.03
C LEU A 169 -43.60 24.70 41.89
N ALA A 170 -43.11 24.90 40.66
CA ALA A 170 -43.97 24.99 39.49
C ALA A 170 -44.46 23.64 38.97
N ASP A 171 -45.52 23.69 38.16
CA ASP A 171 -46.04 22.52 37.48
C ASP A 171 -45.28 22.38 36.17
N ASP A 172 -43.98 22.14 36.26
CA ASP A 172 -43.12 22.18 35.08
C ASP A 172 -42.19 20.97 34.92
N LEU A 173 -42.27 20.04 35.87
CA LEU A 173 -41.48 18.81 35.83
C LEU A 173 -39.97 19.05 35.77
N ALA A 174 -39.52 20.17 36.33
CA ALA A 174 -38.10 20.50 36.30
C ALA A 174 -37.60 20.94 37.68
N GLY A 175 -36.45 20.40 38.09
CA GLY A 175 -35.88 20.68 39.41
C GLY A 175 -36.83 20.25 40.50
N PHE A 176 -36.95 21.06 41.54
CA PHE A 176 -37.92 20.82 42.61
C PHE A 176 -39.28 21.34 42.16
N TYR A 177 -40.18 20.45 41.79
CA TYR A 177 -41.46 20.84 41.21
C TYR A 177 -42.65 20.17 41.90
N ARG A 178 -43.86 20.56 41.50
CA ARG A 178 -45.06 19.99 42.10
C ARG A 178 -45.81 19.08 41.13
N SER A 179 -46.36 18.00 41.66
CA SER A 179 -47.16 17.07 40.87
C SER A 179 -48.55 16.94 41.48
N GLU A 180 -49.59 17.14 40.67
CA GLU A 180 -50.95 17.13 41.18
C GLU A 180 -51.77 15.96 40.62
N TYR A 181 -52.49 15.28 41.51
CA TYR A 181 -53.37 14.20 41.11
C TYR A 181 -54.68 14.23 41.90
N MET A 182 -55.69 13.52 41.42
CA MET A 182 -56.99 13.48 42.09
C MET A 182 -57.21 12.17 42.84
N GLU A 183 -57.32 12.27 44.16
CA GLU A 183 -57.66 11.11 44.99
C GLU A 183 -59.14 11.16 45.32
N GLY A 184 -59.96 10.74 44.36
CA GLY A 184 -61.39 10.88 44.47
C GLY A 184 -61.81 12.28 44.03
N ASN A 185 -62.39 13.03 44.96
CA ASN A 185 -62.74 14.42 44.70
C ASN A 185 -61.77 15.36 45.39
N VAL A 186 -60.71 14.80 45.96
CA VAL A 186 -59.71 15.58 46.69
C VAL A 186 -58.49 15.85 45.82
N ARG A 187 -58.02 17.09 45.83
CA ARG A 187 -56.84 17.47 45.06
C ARG A 187 -55.58 17.29 45.89
N LYS A 188 -54.73 16.36 45.48
CA LYS A 188 -53.50 16.06 46.20
C LYS A 188 -52.28 16.66 45.49
N VAL A 189 -51.33 17.15 46.29
CA VAL A 189 -50.13 17.77 45.75
C VAL A 189 -48.87 17.15 46.35
N VAL A 190 -47.98 16.67 45.49
CA VAL A 190 -46.71 16.09 45.94
C VAL A 190 -45.52 16.90 45.42
N ALA A 191 -44.60 17.23 46.33
CA ALA A 191 -43.36 17.89 45.94
C ALA A 191 -42.33 16.81 45.58
N THR A 192 -41.80 16.90 44.37
CA THR A 192 -40.85 15.90 43.87
C THR A 192 -39.86 16.53 42.90
N THR A 193 -38.92 15.74 42.40
CA THR A 193 -37.80 16.29 41.63
C THR A 193 -37.55 15.61 40.29
N GLN A 194 -36.96 16.38 39.37
CA GLN A 194 -36.42 15.86 38.13
C GLN A 194 -35.24 16.74 37.75
N MET A 195 -34.03 16.19 37.90
CA MET A 195 -32.82 16.98 37.73
C MET A 195 -32.18 16.81 36.35
N GLN A 196 -32.36 15.64 35.75
CA GLN A 196 -31.79 15.38 34.43
C GLN A 196 -32.38 16.32 33.38
N ALA A 197 -31.51 17.01 32.65
CA ALA A 197 -30.07 16.86 32.81
C ALA A 197 -29.44 18.01 33.59
N ALA A 198 -30.03 19.20 33.47
CA ALA A 198 -29.42 20.39 34.04
C ALA A 198 -30.40 21.21 34.88
N ASP A 199 -31.11 20.56 35.78
CA ASP A 199 -32.12 21.25 36.59
C ASP A 199 -31.92 21.13 38.10
N ALA A 200 -30.83 20.49 38.52
CA ALA A 200 -30.47 20.49 39.93
C ALA A 200 -30.27 21.93 40.37
N ARG A 201 -29.64 22.72 39.49
CA ARG A 201 -29.40 24.15 39.70
C ARG A 201 -30.68 24.97 39.93
N LYS A 202 -31.82 24.34 39.67
CA LYS A 202 -33.11 25.00 39.77
C LYS A 202 -33.70 24.81 41.16
N SER A 203 -33.07 23.95 41.96
CA SER A 203 -33.54 23.70 43.32
C SER A 203 -32.56 24.23 44.38
N PHE A 204 -31.28 24.31 44.01
CA PHE A 204 -30.25 24.88 44.88
C PHE A 204 -29.00 25.18 44.06
N PRO A 205 -28.22 26.19 44.48
CA PRO A 205 -26.99 26.51 43.74
C PRO A 205 -25.96 25.39 43.83
N CYS A 206 -25.39 25.01 42.70
CA CYS A 206 -24.46 23.90 42.66
C CYS A 206 -23.62 23.91 41.38
N PHE A 207 -22.51 23.18 41.40
CA PHE A 207 -21.71 23.01 40.21
C PHE A 207 -22.38 21.90 39.41
N ASP A 208 -23.32 22.28 38.55
CA ASP A 208 -24.26 21.34 37.97
C ASP A 208 -23.75 20.68 36.69
N GLU A 209 -22.65 19.95 36.82
CA GLU A 209 -22.14 19.11 35.73
C GLU A 209 -21.84 17.73 36.30
N PRO A 210 -22.08 16.67 35.51
CA PRO A 210 -21.98 15.29 36.00
C PRO A 210 -20.61 14.91 36.58
N ALA A 211 -19.52 15.47 36.07
CA ALA A 211 -18.20 15.11 36.56
C ALA A 211 -17.72 16.01 37.69
N MET A 212 -18.65 16.78 38.24
CA MET A 212 -18.40 17.55 39.46
C MET A 212 -19.00 16.80 40.64
N LYS A 213 -18.60 15.55 40.82
CA LYS A 213 -19.18 14.71 41.86
C LYS A 213 -18.89 15.23 43.25
N ALA A 214 -19.81 14.98 44.17
CA ALA A 214 -19.69 15.47 45.54
C ALA A 214 -20.58 14.65 46.47
N GLU A 215 -20.48 14.94 47.78
CA GLU A 215 -21.36 14.34 48.77
C GLU A 215 -22.47 15.31 49.15
N PHE A 216 -23.65 14.79 49.46
CA PHE A 216 -24.81 15.65 49.72
C PHE A 216 -25.49 15.33 51.04
N ASN A 217 -25.61 16.35 51.88
CA ASN A 217 -26.37 16.24 53.13
C ASN A 217 -27.73 16.88 52.93
N ILE A 218 -28.76 16.06 52.73
CA ILE A 218 -30.08 16.56 52.41
C ILE A 218 -31.00 16.60 53.63
N THR A 219 -31.62 17.76 53.85
CA THR A 219 -32.63 17.89 54.90
C THR A 219 -33.93 18.43 54.32
N LEU A 220 -35.03 17.74 54.60
CA LEU A 220 -36.33 18.15 54.09
C LEU A 220 -37.24 18.61 55.23
N ILE A 221 -37.71 19.85 55.13
CA ILE A 221 -38.70 20.38 56.07
C ILE A 221 -40.08 20.30 55.43
N HIS A 222 -40.97 19.51 56.02
CA HIS A 222 -42.21 19.14 55.37
C HIS A 222 -43.36 19.10 56.37
N PRO A 223 -44.61 19.10 55.88
CA PRO A 223 -45.79 18.97 56.76
C PRO A 223 -45.72 17.75 57.67
N LYS A 224 -46.42 17.84 58.80
CA LYS A 224 -46.39 16.82 59.85
C LYS A 224 -46.67 15.40 59.35
N ASP A 225 -47.81 15.22 58.67
CA ASP A 225 -48.25 13.89 58.29
C ASP A 225 -47.77 13.46 56.90
N LEU A 226 -46.69 14.05 56.42
CA LEU A 226 -46.16 13.68 55.11
C LEU A 226 -44.79 13.01 55.20
N THR A 227 -44.57 12.03 54.32
CA THR A 227 -43.31 11.30 54.28
C THR A 227 -42.32 11.97 53.34
N ALA A 228 -41.11 12.22 53.85
CA ALA A 228 -40.03 12.76 53.02
C ALA A 228 -39.12 11.62 52.58
N LEU A 229 -38.71 11.65 51.32
CA LEU A 229 -37.84 10.63 50.77
C LEU A 229 -36.68 11.27 50.02
N SER A 230 -35.52 10.62 50.08
CA SER A 230 -34.37 11.08 49.32
C SER A 230 -33.50 9.90 48.87
N ASN A 231 -32.28 10.21 48.44
CA ASN A 231 -31.36 9.19 47.95
C ASN A 231 -30.98 8.18 49.02
N MET A 232 -30.71 8.67 50.22
CA MET A 232 -30.29 7.83 51.33
C MET A 232 -31.40 7.68 52.36
N LEU A 233 -31.16 6.87 53.37
CA LEU A 233 -32.11 6.70 54.47
C LEU A 233 -32.02 7.89 55.42
N PRO A 234 -33.11 8.16 56.16
CA PRO A 234 -33.06 9.19 57.20
C PRO A 234 -32.05 8.83 58.30
N LYS A 235 -31.43 9.84 58.90
CA LYS A 235 -30.52 9.61 60.01
C LYS A 235 -31.29 9.11 61.23
N GLY A 236 -32.57 9.47 61.28
CA GLY A 236 -33.44 9.05 62.37
C GLY A 236 -34.88 9.37 62.05
N PRO A 237 -35.79 9.09 63.00
CA PRO A 237 -37.21 9.39 62.83
C PRO A 237 -37.46 10.88 62.62
N SER A 238 -38.45 11.20 61.79
CA SER A 238 -38.81 12.58 61.47
C SER A 238 -39.25 13.34 62.73
N THR A 239 -38.57 14.43 63.03
CA THR A 239 -38.84 15.20 64.24
C THR A 239 -39.59 16.50 63.95
N PRO A 240 -40.36 17.00 64.94
CA PRO A 240 -41.07 18.27 64.76
C PRO A 240 -40.13 19.46 64.61
N LEU A 241 -40.48 20.37 63.70
CA LEU A 241 -39.79 21.66 63.61
C LEU A 241 -40.19 22.46 64.84
N PRO A 242 -39.20 22.81 65.69
CA PRO A 242 -39.45 23.50 66.96
C PRO A 242 -40.21 24.82 66.82
N GLU A 243 -40.07 25.50 65.69
CA GLU A 243 -40.74 26.78 65.46
C GLU A 243 -42.19 26.61 65.03
N ASP A 244 -42.52 25.43 64.49
CA ASP A 244 -43.87 25.17 63.99
C ASP A 244 -44.11 23.66 63.92
N PRO A 245 -44.71 23.10 64.98
CA PRO A 245 -45.03 21.67 65.10
C PRO A 245 -45.86 21.14 63.92
N ASN A 246 -46.53 22.03 63.18
CA ASN A 246 -47.23 21.65 61.97
C ASN A 246 -46.28 21.03 60.94
N TRP A 247 -45.00 21.36 61.07
CA TRP A 247 -43.98 20.84 60.17
C TRP A 247 -43.12 19.80 60.86
N ASN A 248 -42.46 18.96 60.06
CA ASN A 248 -41.50 18.00 60.56
C ASN A 248 -40.16 18.20 59.85
N VAL A 249 -39.09 17.74 60.48
CA VAL A 249 -37.76 17.80 59.88
C VAL A 249 -37.19 16.40 59.69
N THR A 250 -36.80 16.09 58.45
CA THR A 250 -36.20 14.79 58.15
C THR A 250 -34.82 14.96 57.54
N GLU A 251 -33.80 14.52 58.28
CA GLU A 251 -32.43 14.64 57.83
C GLU A 251 -31.91 13.29 57.32
N PHE A 252 -31.37 13.30 56.10
CA PHE A 252 -30.92 12.06 55.47
C PHE A 252 -29.41 11.86 55.62
N HIS A 253 -28.97 10.60 55.61
CA HIS A 253 -27.55 10.29 55.67
C HIS A 253 -26.81 10.83 54.45
N THR A 254 -25.51 11.05 54.61
CA THR A 254 -24.68 11.59 53.54
C THR A 254 -24.64 10.61 52.37
N THR A 255 -24.76 11.14 51.16
CA THR A 255 -24.64 10.31 49.96
C THR A 255 -23.18 10.02 49.70
N PRO A 256 -22.88 8.95 48.94
CA PRO A 256 -21.52 8.80 48.43
C PRO A 256 -21.26 9.84 47.35
N LYS A 257 -20.03 9.95 46.88
CA LYS A 257 -19.71 10.84 45.78
C LYS A 257 -20.62 10.54 44.59
N MET A 258 -21.31 11.56 44.11
CA MET A 258 -22.32 11.38 43.07
C MET A 258 -22.60 12.68 42.31
N SER A 259 -23.22 12.54 41.15
CA SER A 259 -23.56 13.69 40.30
C SER A 259 -24.88 14.35 40.72
N THR A 260 -24.94 15.67 40.57
CA THR A 260 -26.11 16.45 40.95
C THR A 260 -27.39 16.00 40.25
N TYR A 261 -27.28 15.52 39.01
CA TYR A 261 -28.45 15.18 38.22
C TYR A 261 -29.15 13.91 38.71
N LEU A 262 -28.56 13.25 39.69
CA LEU A 262 -29.13 12.02 40.25
C LEU A 262 -29.72 12.22 41.64
N LEU A 263 -29.71 13.47 42.12
CA LEU A 263 -30.30 13.79 43.40
C LEU A 263 -31.82 13.71 43.33
N ALA A 264 -32.46 13.43 44.46
CA ALA A 264 -33.92 13.32 44.49
C ALA A 264 -34.50 13.71 45.85
N PHE A 265 -35.51 14.57 45.84
CA PHE A 265 -36.25 14.90 47.06
C PHE A 265 -37.74 14.76 46.80
N ILE A 266 -38.42 13.96 47.60
CA ILE A 266 -39.85 13.74 47.41
C ILE A 266 -40.61 13.85 48.73
N VAL A 267 -41.61 14.71 48.76
CA VAL A 267 -42.49 14.85 49.93
C VAL A 267 -43.92 14.53 49.53
N SER A 268 -44.49 13.49 50.13
CA SER A 268 -45.82 13.02 49.76
C SER A 268 -46.52 12.27 50.89
N GLU A 269 -47.77 11.89 50.65
CA GLU A 269 -48.53 11.09 51.59
C GLU A 269 -48.57 9.65 51.13
N PHE A 270 -47.57 9.24 50.35
CA PHE A 270 -47.52 7.89 49.80
C PHE A 270 -47.29 6.82 50.85
N ASP A 271 -47.78 5.62 50.57
CA ASP A 271 -47.57 4.47 51.43
C ASP A 271 -46.52 3.58 50.76
N TYR A 272 -46.18 2.46 51.39
CA TYR A 272 -45.14 1.59 50.87
C TYR A 272 -45.29 0.13 51.27
N VAL A 273 -44.78 -0.75 50.42
CA VAL A 273 -44.55 -2.15 50.78
C VAL A 273 -43.05 -2.38 50.76
N GLU A 274 -42.53 -3.07 51.76
CA GLU A 274 -41.09 -3.28 51.83
C GLU A 274 -40.71 -4.75 51.93
N LYS A 275 -39.43 -5.01 51.72
CA LYS A 275 -38.90 -6.36 51.71
C LYS A 275 -37.39 -6.22 51.85
N GLN A 276 -36.80 -6.92 52.82
CA GLN A 276 -35.36 -6.77 53.03
C GLN A 276 -34.59 -7.98 52.52
N ALA A 277 -33.68 -7.73 51.58
CA ALA A 277 -32.87 -8.78 50.99
C ALA A 277 -31.86 -9.35 52.00
N SER A 278 -31.34 -10.54 51.70
CA SER A 278 -30.44 -11.25 52.61
C SER A 278 -29.15 -10.48 52.87
N ASN A 279 -28.66 -9.77 51.85
CA ASN A 279 -27.42 -9.01 51.96
C ASN A 279 -27.61 -7.66 52.64
N GLY A 280 -28.80 -7.42 53.17
CA GLY A 280 -29.06 -6.22 53.96
C GLY A 280 -29.82 -5.10 53.26
N VAL A 281 -29.74 -5.04 51.93
CA VAL A 281 -30.37 -3.95 51.19
C VAL A 281 -31.89 -3.93 51.36
N LEU A 282 -32.39 -2.82 51.89
CA LEU A 282 -33.81 -2.63 52.11
C LEU A 282 -34.49 -2.21 50.79
N ILE A 283 -35.50 -2.96 50.40
CA ILE A 283 -36.21 -2.69 49.15
C ILE A 283 -37.64 -2.22 49.43
N ARG A 284 -37.91 -0.95 49.13
CA ARG A 284 -39.24 -0.39 49.35
C ARG A 284 -39.84 0.13 48.06
N ILE A 285 -41.16 0.08 47.97
CA ILE A 285 -41.88 0.55 46.78
C ILE A 285 -43.06 1.44 47.16
N TRP A 286 -43.04 2.67 46.67
CA TRP A 286 -44.03 3.67 47.07
C TRP A 286 -45.05 3.98 45.99
N ALA A 287 -46.29 4.18 46.41
CA ALA A 287 -47.37 4.58 45.53
C ALA A 287 -48.50 5.17 46.36
N ARG A 288 -49.58 5.59 45.71
CA ARG A 288 -50.74 6.09 46.41
C ARG A 288 -51.22 5.06 47.41
N PRO A 289 -51.60 5.50 48.62
CA PRO A 289 -52.01 4.62 49.72
C PRO A 289 -53.04 3.57 49.29
N SER A 290 -54.02 3.97 48.50
CA SER A 290 -55.07 3.07 48.05
C SER A 290 -54.56 2.02 47.08
N ALA A 291 -53.63 2.43 46.21
CA ALA A 291 -53.05 1.53 45.22
C ALA A 291 -52.23 0.44 45.89
N ILE A 292 -51.53 0.81 46.95
CA ILE A 292 -50.70 -0.13 47.69
C ILE A 292 -51.55 -1.00 48.62
N ALA A 293 -52.63 -0.43 49.13
CA ALA A 293 -53.57 -1.18 49.94
C ALA A 293 -54.17 -2.35 49.17
N ALA A 294 -54.37 -2.17 47.87
CA ALA A 294 -54.92 -3.22 47.02
C ALA A 294 -53.83 -4.17 46.50
N GLY A 295 -52.58 -3.83 46.78
CA GLY A 295 -51.46 -4.69 46.44
C GLY A 295 -50.89 -4.50 45.05
N HIS A 296 -51.14 -3.33 44.46
CA HIS A 296 -50.69 -3.05 43.09
C HIS A 296 -49.18 -2.81 43.00
N GLY A 297 -48.53 -2.74 44.15
CA GLY A 297 -47.09 -2.55 44.18
C GLY A 297 -46.36 -3.86 44.43
N ASP A 298 -47.13 -4.93 44.61
CA ASP A 298 -46.57 -6.23 44.96
C ASP A 298 -45.63 -6.82 43.91
N TYR A 299 -46.04 -6.76 42.64
CA TYR A 299 -45.25 -7.39 41.59
C TYR A 299 -43.90 -6.72 41.41
N ALA A 300 -43.90 -5.39 41.43
CA ALA A 300 -42.66 -4.63 41.31
C ALA A 300 -41.72 -4.99 42.45
N LEU A 301 -42.28 -5.24 43.63
CA LEU A 301 -41.49 -5.62 44.79
C LEU A 301 -40.86 -6.99 44.60
N ASN A 302 -41.64 -7.93 44.06
CA ASN A 302 -41.18 -9.30 43.86
C ASN A 302 -39.99 -9.43 42.91
N VAL A 303 -39.93 -8.56 41.90
CA VAL A 303 -38.91 -8.66 40.87
C VAL A 303 -37.67 -7.82 41.16
N THR A 304 -37.82 -6.82 42.04
CA THR A 304 -36.71 -5.91 42.34
C THR A 304 -35.52 -6.64 42.97
N GLY A 305 -35.82 -7.50 43.94
CA GLY A 305 -34.81 -8.32 44.59
C GLY A 305 -33.96 -9.10 43.60
N PRO A 306 -34.60 -9.99 42.81
CA PRO A 306 -33.89 -10.81 41.81
C PRO A 306 -33.13 -9.98 40.77
N ILE A 307 -33.66 -8.83 40.39
CA ILE A 307 -32.99 -7.98 39.41
C ILE A 307 -31.70 -7.38 40.00
N LEU A 308 -31.77 -6.95 41.26
CA LEU A 308 -30.59 -6.45 41.95
C LEU A 308 -29.55 -7.56 42.12
N ASN A 309 -30.01 -8.77 42.42
CA ASN A 309 -29.13 -9.92 42.52
C ASN A 309 -28.42 -10.21 41.20
N PHE A 310 -29.17 -10.15 40.10
CA PHE A 310 -28.59 -10.41 38.79
C PHE A 310 -27.49 -9.42 38.44
N PHE A 311 -27.76 -8.14 38.65
CA PHE A 311 -26.81 -7.10 38.31
C PHE A 311 -25.57 -7.14 39.22
N ALA A 312 -25.76 -7.58 40.46
CA ALA A 312 -24.64 -7.72 41.38
C ALA A 312 -23.62 -8.72 40.83
N GLY A 313 -24.13 -9.82 40.28
CA GLY A 313 -23.29 -10.86 39.70
C GLY A 313 -22.79 -10.55 38.30
N HIS A 314 -23.67 -9.98 37.47
CA HIS A 314 -23.32 -9.64 36.09
C HIS A 314 -22.28 -8.52 36.04
N TYR A 315 -22.17 -7.77 37.12
CA TYR A 315 -21.22 -6.67 37.22
C TYR A 315 -20.03 -7.01 38.11
N ASP A 316 -20.22 -8.04 38.94
CA ASP A 316 -19.21 -8.46 39.93
C ASP A 316 -18.89 -7.34 40.94
N THR A 317 -19.88 -6.51 41.23
CA THR A 317 -19.78 -5.54 42.31
C THR A 317 -21.13 -5.43 43.00
N PRO A 318 -21.13 -5.48 44.33
CA PRO A 318 -22.38 -5.40 45.11
C PRO A 318 -23.12 -4.08 44.91
N TYR A 319 -24.41 -4.07 45.27
CA TYR A 319 -25.23 -2.87 45.19
C TYR A 319 -24.67 -1.79 46.12
N PRO A 320 -24.28 -0.65 45.54
CA PRO A 320 -23.49 0.38 46.24
C PRO A 320 -24.25 1.21 47.27
N LEU A 321 -25.55 0.96 47.44
CA LEU A 321 -26.37 1.78 48.34
C LEU A 321 -27.02 0.94 49.45
N PRO A 322 -27.38 1.57 50.57
CA PRO A 322 -28.01 0.85 51.70
C PRO A 322 -29.43 0.38 51.38
N LYS A 323 -30.14 1.13 50.55
CA LYS A 323 -31.51 0.78 50.20
C LYS A 323 -31.86 1.08 48.75
N SER A 324 -33.06 0.67 48.36
CA SER A 324 -33.56 0.88 47.01
C SER A 324 -35.02 1.29 47.05
N ASP A 325 -35.27 2.57 46.81
CA ASP A 325 -36.64 3.08 46.73
C ASP A 325 -37.06 3.21 45.28
N GLN A 326 -38.26 2.75 44.99
CA GLN A 326 -38.87 2.98 43.69
C GLN A 326 -40.27 3.53 43.92
N ILE A 327 -40.59 4.64 43.27
CA ILE A 327 -41.84 5.34 43.54
C ILE A 327 -42.65 5.58 42.26
N GLY A 328 -43.94 5.30 42.33
CA GLY A 328 -44.82 5.46 41.19
C GLY A 328 -45.64 6.73 41.30
N LEU A 329 -45.39 7.67 40.39
CA LEU A 329 -46.11 8.94 40.37
C LEU A 329 -47.23 8.95 39.33
N PRO A 330 -48.43 9.40 39.74
CA PRO A 330 -49.57 9.49 38.81
C PRO A 330 -49.22 10.31 37.57
N ASP A 331 -48.45 11.38 37.76
CA ASP A 331 -47.96 12.16 36.63
C ASP A 331 -46.43 12.17 36.56
N PHE A 332 -45.90 11.64 35.47
CA PHE A 332 -44.47 11.68 35.21
C PHE A 332 -44.23 11.44 33.73
N ASN A 333 -44.12 12.53 32.97
CA ASN A 333 -43.95 12.44 31.52
C ASN A 333 -42.63 11.80 31.13
N ALA A 334 -41.63 11.93 32.00
CA ALA A 334 -40.28 11.45 31.71
C ALA A 334 -40.16 9.93 31.70
N GLY A 335 -41.27 9.24 31.94
CA GLY A 335 -41.26 7.78 31.98
C GLY A 335 -40.63 7.25 33.25
N ALA A 336 -39.31 7.35 33.35
CA ALA A 336 -38.59 6.95 34.55
C ALA A 336 -37.24 7.64 34.65
N MET A 337 -36.85 8.00 35.88
CA MET A 337 -35.56 8.62 36.12
C MET A 337 -34.78 7.86 37.20
N GLU A 338 -33.53 7.57 36.91
CA GLU A 338 -32.74 6.62 37.69
C GLU A 338 -32.02 7.20 38.91
N ASN A 339 -32.65 8.17 39.58
CA ASN A 339 -32.05 8.81 40.75
C ASN A 339 -31.51 7.78 41.75
N TRP A 340 -30.27 7.97 42.18
CA TRP A 340 -29.55 6.97 42.95
C TRP A 340 -30.21 6.67 44.30
N GLY A 341 -30.91 5.55 44.38
CA GLY A 341 -31.58 5.17 45.61
C GLY A 341 -33.05 5.54 45.66
N LEU A 342 -33.48 6.38 44.72
CA LEU A 342 -34.88 6.80 44.66
C LEU A 342 -35.32 6.97 43.20
N VAL A 343 -35.60 5.84 42.55
CA VAL A 343 -36.00 5.85 41.15
C VAL A 343 -37.47 6.20 40.99
N THR A 344 -37.76 7.24 40.22
CA THR A 344 -39.13 7.67 40.00
C THR A 344 -39.71 7.06 38.73
N TYR A 345 -40.96 6.59 38.81
CA TYR A 345 -41.63 5.97 37.67
C TYR A 345 -42.98 6.61 37.40
N ARG A 346 -43.39 6.55 36.14
CA ARG A 346 -44.77 6.86 35.79
C ARG A 346 -45.61 5.71 36.35
N GLU A 347 -46.65 6.07 37.10
CA GLU A 347 -47.49 5.12 37.83
C GLU A 347 -47.90 3.88 37.03
N ASN A 348 -48.32 4.09 35.78
CA ASN A 348 -48.79 2.99 34.94
C ASN A 348 -47.67 2.05 34.46
N SER A 349 -46.44 2.33 34.85
CA SER A 349 -45.31 1.49 34.49
C SER A 349 -44.70 0.80 35.71
N LEU A 350 -45.18 1.16 36.89
CA LEU A 350 -44.68 0.55 38.11
C LEU A 350 -45.75 -0.33 38.75
N LEU A 351 -46.96 0.19 38.85
CA LEU A 351 -48.06 -0.57 39.44
C LEU A 351 -48.57 -1.67 38.51
N PHE A 352 -49.05 -2.75 39.11
CA PHE A 352 -49.56 -3.88 38.35
C PHE A 352 -50.70 -4.56 39.10
N ASP A 353 -51.81 -4.78 38.39
CA ASP A 353 -52.98 -5.44 38.95
C ASP A 353 -53.26 -6.71 38.17
N PRO A 354 -52.96 -7.87 38.78
CA PRO A 354 -53.09 -9.18 38.12
C PRO A 354 -54.53 -9.50 37.70
N LEU A 355 -55.49 -8.72 38.18
CA LEU A 355 -56.89 -8.94 37.88
C LEU A 355 -57.39 -8.13 36.68
N SER A 356 -56.56 -7.22 36.18
CA SER A 356 -56.98 -6.37 35.08
C SER A 356 -55.83 -5.90 34.16
N SER A 357 -54.61 -5.90 34.68
CA SER A 357 -53.45 -5.56 33.85
C SER A 357 -53.10 -6.73 32.93
N SER A 358 -52.64 -6.43 31.72
CA SER A 358 -52.30 -7.47 30.75
C SER A 358 -50.87 -7.95 30.93
N SER A 359 -50.49 -8.92 30.11
CA SER A 359 -49.11 -9.42 30.11
C SER A 359 -48.13 -8.35 29.62
N SER A 360 -48.57 -7.54 28.67
CA SER A 360 -47.76 -6.43 28.19
C SER A 360 -47.51 -5.44 29.31
N ASN A 361 -48.56 -5.17 30.08
CA ASN A 361 -48.44 -4.32 31.26
C ASN A 361 -47.39 -4.90 32.20
N LYS A 362 -47.44 -6.22 32.38
CA LYS A 362 -46.49 -6.92 33.22
C LYS A 362 -45.08 -6.80 32.65
N GLU A 363 -44.93 -7.10 31.36
CA GLU A 363 -43.63 -6.99 30.69
C GLU A 363 -43.07 -5.58 30.81
N ARG A 364 -43.97 -4.60 30.73
CA ARG A 364 -43.57 -3.21 30.86
C ARG A 364 -42.91 -2.96 32.22
N VAL A 365 -43.53 -3.48 33.28
CA VAL A 365 -43.02 -3.28 34.63
C VAL A 365 -41.61 -3.87 34.83
N VAL A 366 -41.43 -5.14 34.45
CA VAL A 366 -40.14 -5.82 34.65
C VAL A 366 -39.01 -5.15 33.90
N THR A 367 -39.26 -4.79 32.65
CA THR A 367 -38.24 -4.24 31.77
C THR A 367 -37.84 -2.82 32.15
N VAL A 368 -38.80 -2.04 32.61
CA VAL A 368 -38.53 -0.66 33.03
C VAL A 368 -37.76 -0.63 34.35
N ILE A 369 -38.17 -1.47 35.29
CA ILE A 369 -37.45 -1.62 36.54
C ILE A 369 -36.02 -2.09 36.30
N ALA A 370 -35.86 -3.05 35.38
CA ALA A 370 -34.55 -3.58 35.05
C ALA A 370 -33.64 -2.51 34.44
N HIS A 371 -34.23 -1.66 33.61
CA HIS A 371 -33.50 -0.57 32.98
C HIS A 371 -32.93 0.40 34.01
N GLU A 372 -33.79 0.90 34.88
CA GLU A 372 -33.40 1.91 35.86
C GLU A 372 -32.46 1.36 36.93
N LEU A 373 -32.67 0.12 37.35
CA LEU A 373 -31.80 -0.52 38.32
C LEU A 373 -30.42 -0.79 37.74
N ALA A 374 -30.36 -1.00 36.43
CA ALA A 374 -29.08 -1.17 35.75
C ALA A 374 -28.23 0.08 35.91
N HIS A 375 -28.88 1.24 35.93
CA HIS A 375 -28.20 2.52 36.08
C HIS A 375 -27.57 2.67 37.47
N GLN A 376 -28.09 1.95 38.46
CA GLN A 376 -27.61 2.06 39.83
C GLN A 376 -26.13 1.69 39.94
N TRP A 377 -25.64 0.96 38.95
CA TRP A 377 -24.20 0.74 38.77
C TRP A 377 -23.72 1.55 37.58
N PHE A 378 -24.19 1.15 36.40
CA PHE A 378 -23.75 1.75 35.14
C PHE A 378 -24.49 3.07 34.90
N GLY A 379 -23.86 4.17 35.30
CA GLY A 379 -24.47 5.48 35.17
C GLY A 379 -24.38 6.29 36.45
N ASN A 380 -24.69 5.64 37.58
CA ASN A 380 -24.68 6.30 38.87
C ASN A 380 -23.40 6.06 39.66
N LEU A 381 -22.98 4.80 39.73
CA LEU A 381 -21.72 4.44 40.35
C LEU A 381 -20.59 4.92 39.45
N VAL A 382 -20.63 4.51 38.18
CA VAL A 382 -19.73 5.05 37.18
C VAL A 382 -20.51 5.94 36.22
N THR A 383 -20.19 7.23 36.22
CA THR A 383 -20.96 8.22 35.48
C THR A 383 -20.19 8.73 34.26
N ILE A 384 -20.92 9.17 33.23
CA ILE A 384 -20.29 9.75 32.05
C ILE A 384 -19.62 11.08 32.37
N GLU A 385 -18.52 11.36 31.68
CA GLU A 385 -17.77 12.60 31.86
C GLU A 385 -18.58 13.83 31.43
N TRP A 386 -19.28 13.70 30.30
CA TRP A 386 -20.10 14.78 29.76
C TRP A 386 -21.25 14.20 28.94
N TRP A 387 -22.27 15.00 28.69
CA TRP A 387 -23.51 14.53 28.08
C TRP A 387 -23.37 13.96 26.66
N ASN A 388 -22.27 14.26 25.99
CA ASN A 388 -22.02 13.72 24.66
C ASN A 388 -21.85 12.19 24.64
N ASP A 389 -21.69 11.59 25.81
CA ASP A 389 -21.55 10.15 25.90
C ASP A 389 -22.81 9.49 26.44
N LEU A 390 -23.92 10.21 26.36
CA LEU A 390 -25.21 9.73 26.87
C LEU A 390 -25.58 8.38 26.27
N TRP A 391 -25.23 8.19 25.00
CA TRP A 391 -25.56 6.96 24.29
C TRP A 391 -24.96 5.72 24.96
N LEU A 392 -23.78 5.87 25.56
CA LEU A 392 -23.14 4.77 26.25
C LEU A 392 -23.94 4.40 27.49
N ASN A 393 -24.38 5.42 28.22
CA ASN A 393 -25.17 5.19 29.43
C ASN A 393 -26.57 4.67 29.13
N GLU A 394 -27.34 5.43 28.35
CA GLU A 394 -28.71 5.02 28.04
C GLU A 394 -28.76 3.79 27.14
N GLY A 395 -27.78 3.66 26.24
CA GLY A 395 -27.71 2.51 25.36
C GLY A 395 -27.42 1.22 26.13
N PHE A 396 -26.53 1.30 27.11
CA PHE A 396 -26.22 0.12 27.90
C PHE A 396 -27.43 -0.36 28.70
N ALA A 397 -28.13 0.58 29.33
CA ALA A 397 -29.29 0.23 30.12
C ALA A 397 -30.43 -0.31 29.26
N SER A 398 -30.60 0.25 28.06
CA SER A 398 -31.63 -0.21 27.13
C SER A 398 -31.34 -1.63 26.65
N TYR A 399 -30.07 -2.02 26.70
CA TYR A 399 -29.69 -3.38 26.34
C TYR A 399 -29.85 -4.35 27.52
N VAL A 400 -29.17 -4.07 28.62
CA VAL A 400 -29.18 -5.02 29.74
C VAL A 400 -30.51 -5.06 30.49
N GLU A 401 -31.43 -4.18 30.14
CA GLU A 401 -32.77 -4.23 30.72
C GLU A 401 -33.42 -5.57 30.36
N TYR A 402 -33.06 -6.09 29.19
CA TYR A 402 -33.55 -7.39 28.75
C TYR A 402 -32.92 -8.50 29.58
N LEU A 403 -31.64 -8.38 29.86
CA LEU A 403 -30.92 -9.41 30.63
C LEU A 403 -31.45 -9.49 32.06
N GLY A 404 -31.61 -8.33 32.70
CA GLY A 404 -32.15 -8.26 34.04
C GLY A 404 -33.55 -8.82 34.12
N ALA A 405 -34.43 -8.33 33.26
CA ALA A 405 -35.82 -8.78 33.22
C ALA A 405 -35.91 -10.28 32.92
N ASP A 406 -35.01 -10.77 32.07
CA ASP A 406 -34.96 -12.19 31.74
C ASP A 406 -34.61 -13.02 32.96
N TYR A 407 -33.78 -12.46 33.84
CA TYR A 407 -33.43 -13.14 35.08
C TYR A 407 -34.67 -13.25 35.98
N ALA A 408 -35.45 -12.18 36.05
CA ALA A 408 -36.65 -12.16 36.88
C ALA A 408 -37.77 -13.04 36.30
N GLU A 409 -37.82 -13.14 34.98
CA GLU A 409 -38.84 -13.93 34.31
C GLU A 409 -38.23 -14.80 33.21
N PRO A 410 -37.47 -15.84 33.60
CA PRO A 410 -36.74 -16.68 32.64
C PRO A 410 -37.62 -17.43 31.63
N THR A 411 -38.91 -17.60 31.94
CA THR A 411 -39.80 -18.36 31.09
C THR A 411 -40.31 -17.59 29.88
N TRP A 412 -40.08 -16.28 29.86
CA TRP A 412 -40.65 -15.39 28.84
C TRP A 412 -39.84 -15.31 27.55
N ASN A 413 -38.52 -15.46 27.65
CA ASN A 413 -37.60 -15.20 26.55
C ASN A 413 -37.68 -13.76 26.05
N LEU A 414 -37.60 -12.82 26.98
CA LEU A 414 -37.72 -11.39 26.67
C LEU A 414 -36.60 -10.89 25.76
N LYS A 415 -35.44 -11.54 25.84
CA LYS A 415 -34.27 -11.11 25.09
C LYS A 415 -34.54 -11.07 23.59
N ASP A 416 -35.36 -12.00 23.12
CA ASP A 416 -35.67 -12.10 21.70
C ASP A 416 -36.45 -10.88 21.16
N LEU A 417 -37.11 -10.15 22.06
CA LEU A 417 -37.95 -9.03 21.66
C LEU A 417 -37.18 -7.76 21.36
N MET A 418 -35.88 -7.75 21.61
CA MET A 418 -35.07 -6.55 21.42
C MET A 418 -34.93 -6.20 19.93
N VAL A 419 -34.92 -7.21 19.08
CA VAL A 419 -34.81 -7.00 17.64
C VAL A 419 -35.97 -6.17 17.10
N LEU A 420 -37.17 -6.46 17.57
CA LEU A 420 -38.35 -5.70 17.14
C LEU A 420 -38.44 -4.35 17.84
N ASN A 421 -38.15 -4.33 19.14
CA ASN A 421 -38.37 -3.14 19.95
C ASN A 421 -37.30 -2.07 19.82
N ASP A 422 -36.04 -2.47 19.66
CA ASP A 422 -34.96 -1.49 19.58
C ASP A 422 -34.24 -1.48 18.23
N VAL A 423 -33.84 -2.64 17.75
CA VAL A 423 -33.08 -2.72 16.50
C VAL A 423 -33.87 -2.17 15.31
N TYR A 424 -35.01 -2.80 15.02
CA TYR A 424 -35.81 -2.39 13.86
C TYR A 424 -36.46 -1.03 14.06
N ARG A 425 -36.75 -0.70 15.32
CA ARG A 425 -37.28 0.62 15.64
C ARG A 425 -36.29 1.71 15.23
N VAL A 426 -35.05 1.58 15.66
CA VAL A 426 -34.03 2.61 15.38
C VAL A 426 -33.57 2.55 13.92
N MET A 427 -33.69 1.38 13.30
CA MET A 427 -33.28 1.22 11.90
C MET A 427 -34.15 2.04 10.95
N ALA A 428 -35.38 2.33 11.37
CA ALA A 428 -36.27 3.15 10.57
C ALA A 428 -35.76 4.59 10.52
N VAL A 429 -35.16 5.03 11.62
CA VAL A 429 -34.68 6.40 11.75
C VAL A 429 -33.23 6.52 11.28
N ASP A 430 -32.44 5.47 11.53
CA ASP A 430 -31.02 5.51 11.23
C ASP A 430 -30.74 5.23 9.74
N ALA A 431 -31.77 4.80 9.02
CA ALA A 431 -31.64 4.57 7.59
C ALA A 431 -31.94 5.84 6.80
N LEU A 432 -32.05 6.95 7.51
CA LEU A 432 -32.36 8.25 6.90
C LEU A 432 -31.10 9.10 6.77
N ALA A 433 -31.10 9.99 5.78
CA ALA A 433 -29.96 10.86 5.56
C ALA A 433 -29.84 11.91 6.67
N SER A 434 -30.91 12.07 7.45
CA SER A 434 -30.97 13.09 8.49
C SER A 434 -30.58 12.54 9.87
N SER A 435 -30.03 11.33 9.90
CA SER A 435 -29.61 10.73 11.15
C SER A 435 -28.32 11.36 11.64
N HIS A 436 -27.81 10.87 12.77
CA HIS A 436 -26.56 11.39 13.32
C HIS A 436 -25.73 10.27 13.95
N PRO A 437 -24.39 10.46 14.01
CA PRO A 437 -23.53 9.45 14.62
C PRO A 437 -23.86 9.23 16.09
N LEU A 438 -23.54 8.05 16.58
CA LEU A 438 -23.78 7.69 17.97
C LEU A 438 -23.03 8.63 18.92
N SER A 439 -21.75 8.85 18.65
CA SER A 439 -20.93 9.72 19.49
C SER A 439 -20.79 11.14 18.92
N THR A 440 -20.67 12.11 19.82
CA THR A 440 -20.58 13.52 19.44
C THR A 440 -19.37 14.12 20.15
N PRO A 441 -18.58 14.96 19.44
CA PRO A 441 -17.47 15.65 20.08
C PRO A 441 -17.96 16.47 21.27
N ALA A 442 -17.25 16.36 22.40
CA ALA A 442 -17.66 17.03 23.64
C ALA A 442 -17.88 18.51 23.46
N SER A 443 -17.02 19.16 22.68
CA SER A 443 -17.09 20.60 22.47
C SER A 443 -18.34 21.06 21.72
N GLU A 444 -19.07 20.12 21.14
CA GLU A 444 -20.28 20.48 20.38
C GLU A 444 -21.54 20.48 21.24
N ILE A 445 -21.46 19.88 22.42
CA ILE A 445 -22.59 19.85 23.34
C ILE A 445 -22.37 20.81 24.51
N ASN A 446 -22.99 21.99 24.45
CA ASN A 446 -22.77 23.00 25.47
C ASN A 446 -24.04 23.49 26.15
N THR A 447 -25.03 23.90 25.33
CA THR A 447 -26.26 24.45 25.86
C THR A 447 -27.19 23.35 26.37
N PRO A 448 -28.13 23.72 27.25
CA PRO A 448 -29.16 22.77 27.69
C PRO A 448 -29.99 22.19 26.54
N ALA A 449 -30.25 23.00 25.52
CA ALA A 449 -31.01 22.52 24.36
C ALA A 449 -30.26 21.45 23.60
N GLN A 450 -28.96 21.66 23.40
CA GLN A 450 -28.12 20.68 22.72
C GLN A 450 -28.02 19.36 23.49
N ILE A 451 -28.03 19.45 24.83
CA ILE A 451 -28.02 18.25 25.66
C ILE A 451 -29.33 17.48 25.52
N SER A 452 -30.45 18.19 25.52
CA SER A 452 -31.76 17.56 25.45
C SER A 452 -31.97 16.81 24.14
N GLU A 453 -31.37 17.32 23.08
CA GLU A 453 -31.51 16.71 21.76
C GLU A 453 -30.84 15.33 21.67
N LEU A 454 -29.96 15.02 22.62
CA LEU A 454 -29.27 13.74 22.63
C LEU A 454 -30.13 12.59 23.17
N PHE A 455 -31.23 12.93 23.85
CA PHE A 455 -32.12 11.92 24.40
C PHE A 455 -33.09 11.42 23.34
N ASP A 456 -32.55 10.75 22.31
CA ASP A 456 -33.35 10.30 21.18
C ASP A 456 -33.20 8.81 20.93
N ALA A 457 -33.86 8.32 19.89
CA ALA A 457 -33.86 6.90 19.56
C ALA A 457 -32.46 6.38 19.25
N ILE A 458 -31.60 7.24 18.72
CA ILE A 458 -30.24 6.86 18.39
C ILE A 458 -29.45 6.49 19.64
N SER A 459 -29.49 7.37 20.65
CA SER A 459 -28.77 7.14 21.89
C SER A 459 -29.25 5.87 22.59
N TYR A 460 -30.56 5.71 22.67
CA TYR A 460 -31.14 4.57 23.38
C TYR A 460 -31.04 3.28 22.57
N SER A 461 -31.78 3.21 21.47
CA SER A 461 -31.94 1.98 20.71
C SER A 461 -30.73 1.57 19.88
N LYS A 462 -30.13 2.52 19.14
CA LYS A 462 -28.91 2.19 18.42
C LYS A 462 -27.77 1.94 19.40
N GLY A 463 -27.76 2.69 20.50
CA GLY A 463 -26.79 2.47 21.56
C GLY A 463 -26.90 1.06 22.11
N ALA A 464 -28.13 0.62 22.35
CA ALA A 464 -28.36 -0.73 22.84
C ALA A 464 -27.95 -1.79 21.81
N SER A 465 -28.35 -1.56 20.56
CA SER A 465 -28.09 -2.52 19.47
C SER A 465 -26.59 -2.71 19.25
N VAL A 466 -25.87 -1.59 19.19
CA VAL A 466 -24.42 -1.61 18.95
C VAL A 466 -23.68 -2.30 20.10
N LEU A 467 -24.14 -2.07 21.32
CA LEU A 467 -23.52 -2.69 22.49
C LEU A 467 -23.85 -4.19 22.57
N ARG A 468 -25.05 -4.56 22.13
CA ARG A 468 -25.43 -5.97 22.09
C ARG A 468 -24.56 -6.70 21.08
N MET A 469 -24.31 -6.04 19.95
CA MET A 469 -23.43 -6.59 18.93
C MET A 469 -22.01 -6.74 19.47
N LEU A 470 -21.60 -5.77 20.27
CA LEU A 470 -20.27 -5.78 20.88
C LEU A 470 -20.14 -6.97 21.84
N SER A 471 -21.17 -7.17 22.66
CA SER A 471 -21.18 -8.29 23.60
C SER A 471 -21.30 -9.62 22.87
N SER A 472 -21.58 -9.57 21.57
CA SER A 472 -21.81 -10.77 20.78
C SER A 472 -20.53 -11.29 20.11
N PHE A 473 -19.78 -10.41 19.44
CA PHE A 473 -18.57 -10.87 18.74
C PHE A 473 -17.40 -11.10 19.70
N LEU A 474 -17.36 -10.34 20.79
CA LEU A 474 -16.58 -10.76 21.95
C LEU A 474 -17.50 -11.72 22.65
N SER A 475 -16.96 -12.69 23.38
CA SER A 475 -17.82 -13.52 24.19
C SER A 475 -18.49 -12.64 25.25
N GLU A 476 -19.72 -12.96 25.62
CA GLU A 476 -20.39 -12.21 26.68
C GLU A 476 -19.60 -12.30 27.97
N ASP A 477 -18.98 -13.46 28.18
CA ASP A 477 -18.16 -13.69 29.37
C ASP A 477 -16.98 -12.74 29.42
N VAL A 478 -16.36 -12.47 28.26
CA VAL A 478 -15.24 -11.53 28.23
C VAL A 478 -15.75 -10.10 28.26
N PHE A 479 -16.98 -9.91 27.80
CA PHE A 479 -17.61 -8.60 27.86
C PHE A 479 -17.94 -8.28 29.30
N LYS A 480 -18.43 -9.29 30.03
CA LYS A 480 -18.68 -9.15 31.46
C LYS A 480 -17.39 -8.85 32.20
N GLN A 481 -16.34 -9.59 31.87
CA GLN A 481 -15.03 -9.40 32.49
C GLN A 481 -14.52 -7.97 32.25
N GLY A 482 -14.75 -7.46 31.05
CA GLY A 482 -14.41 -6.08 30.75
C GLY A 482 -15.20 -5.13 31.62
N LEU A 483 -16.50 -5.38 31.74
CA LEU A 483 -17.38 -4.56 32.57
C LEU A 483 -16.92 -4.51 34.02
N ALA A 484 -16.57 -5.67 34.55
CA ALA A 484 -16.17 -5.80 35.95
C ALA A 484 -14.98 -4.91 36.29
N SER A 485 -13.93 -4.99 35.49
CA SER A 485 -12.73 -4.20 35.74
C SER A 485 -13.01 -2.70 35.53
N TYR A 486 -13.81 -2.39 34.51
CA TYR A 486 -14.22 -1.02 34.23
C TYR A 486 -14.96 -0.40 35.41
N LEU A 487 -15.90 -1.15 35.99
CA LEU A 487 -16.66 -0.67 37.14
C LEU A 487 -15.79 -0.46 38.36
N HIS A 488 -14.95 -1.44 38.67
CA HIS A 488 -14.08 -1.38 39.84
C HIS A 488 -13.09 -0.24 39.73
N THR A 489 -12.53 -0.04 38.54
CA THR A 489 -11.54 1.00 38.31
C THR A 489 -12.11 2.40 38.48
N PHE A 490 -13.28 2.64 37.88
CA PHE A 490 -13.84 3.98 37.85
C PHE A 490 -15.05 4.20 38.75
N ALA A 491 -15.15 3.41 39.81
CA ALA A 491 -16.22 3.60 40.79
C ALA A 491 -16.14 4.98 41.42
N TYR A 492 -17.31 5.63 41.58
CA TYR A 492 -17.41 6.95 42.18
C TYR A 492 -16.69 8.03 41.36
N GLN A 493 -16.47 7.73 40.07
CA GLN A 493 -15.74 8.62 39.19
C GLN A 493 -16.47 8.80 37.86
N ASN A 494 -15.80 9.44 36.90
CA ASN A 494 -16.38 9.67 35.58
C ASN A 494 -15.53 9.13 34.44
N THR A 495 -16.19 8.72 33.36
CA THR A 495 -15.50 8.11 32.22
C THR A 495 -15.96 8.65 30.87
N ILE A 496 -15.13 8.46 29.86
CA ILE A 496 -15.55 8.59 28.47
C ILE A 496 -15.61 7.18 27.91
N TYR A 497 -16.23 7.02 26.74
CA TYR A 497 -16.48 5.67 26.23
C TYR A 497 -15.20 4.89 25.89
N LEU A 498 -14.11 5.59 25.64
CA LEU A 498 -12.83 4.95 25.36
C LEU A 498 -12.30 4.16 26.56
N ASN A 499 -12.69 4.57 27.76
CA ASN A 499 -12.30 3.86 28.97
C ASN A 499 -12.87 2.45 28.98
N LEU A 500 -14.13 2.32 28.60
CA LEU A 500 -14.77 1.01 28.51
C LEU A 500 -14.13 0.17 27.40
N TRP A 501 -13.76 0.83 26.31
CA TRP A 501 -13.08 0.16 25.21
C TRP A 501 -11.74 -0.38 25.69
N ASP A 502 -11.04 0.41 26.52
CA ASP A 502 -9.75 0.00 27.05
C ASP A 502 -9.86 -1.27 27.88
N HIS A 503 -10.84 -1.30 28.78
CA HIS A 503 -11.02 -2.45 29.66
C HIS A 503 -11.50 -3.69 28.91
N LEU A 504 -12.31 -3.48 27.88
CA LEU A 504 -12.75 -4.58 27.03
C LEU A 504 -11.55 -5.12 26.25
N GLN A 505 -10.69 -4.20 25.79
CA GLN A 505 -9.50 -4.59 25.06
C GLN A 505 -8.58 -5.44 25.94
N GLU A 506 -8.52 -5.10 27.22
CA GLU A 506 -7.73 -5.87 28.17
C GLU A 506 -8.30 -7.27 28.35
N ALA A 507 -9.62 -7.36 28.38
CA ALA A 507 -10.29 -8.66 28.51
C ALA A 507 -10.05 -9.49 27.26
N VAL A 508 -9.96 -8.82 26.11
CA VAL A 508 -9.69 -9.50 24.85
C VAL A 508 -8.28 -10.10 24.86
N ASN A 509 -7.29 -9.30 25.24
CA ASN A 509 -5.91 -9.77 25.31
C ASN A 509 -5.74 -10.88 26.33
N ASN A 510 -6.30 -10.67 27.51
CA ASN A 510 -6.21 -11.62 28.62
C ASN A 510 -6.85 -12.97 28.28
N ARG A 511 -7.94 -12.93 27.51
CA ARG A 511 -8.66 -14.15 27.13
C ARG A 511 -8.22 -14.68 25.77
N SER A 512 -7.29 -13.97 25.13
CA SER A 512 -6.76 -14.34 23.83
C SER A 512 -7.87 -14.51 22.77
N ILE A 513 -8.75 -13.52 22.68
CA ILE A 513 -9.82 -13.53 21.69
C ILE A 513 -9.34 -12.90 20.38
N GLN A 514 -9.36 -13.68 19.30
CA GLN A 514 -8.90 -13.18 18.01
C GLN A 514 -9.91 -12.24 17.33
N LEU A 515 -9.41 -11.09 16.91
CA LEU A 515 -10.22 -10.06 16.26
C LEU A 515 -9.46 -9.52 15.04
N PRO A 516 -10.19 -8.95 14.06
CA PRO A 516 -9.54 -8.38 12.88
C PRO A 516 -8.65 -7.19 13.22
N THR A 517 -9.01 -6.46 14.27
CA THR A 517 -8.22 -5.34 14.75
C THR A 517 -8.59 -5.05 16.21
N THR A 518 -8.25 -3.87 16.70
CA THR A 518 -8.55 -3.50 18.08
C THR A 518 -10.05 -3.29 18.29
N VAL A 519 -10.50 -3.37 19.54
CA VAL A 519 -11.89 -3.11 19.88
C VAL A 519 -12.25 -1.68 19.50
N ARG A 520 -11.29 -0.78 19.73
CA ARG A 520 -11.42 0.63 19.41
C ARG A 520 -11.76 0.83 17.92
N ASP A 521 -10.94 0.23 17.05
CA ASP A 521 -11.09 0.41 15.61
C ASP A 521 -12.37 -0.18 15.04
N ILE A 522 -12.83 -1.28 15.61
CA ILE A 522 -14.09 -1.89 15.19
C ILE A 522 -15.27 -1.01 15.57
N MET A 523 -15.28 -0.57 16.82
CA MET A 523 -16.40 0.22 17.34
C MET A 523 -16.46 1.63 16.75
N ASN A 524 -15.32 2.14 16.30
CA ASN A 524 -15.29 3.46 15.67
C ASN A 524 -16.19 3.51 14.44
N ARG A 525 -16.26 2.41 13.71
CA ARG A 525 -17.11 2.32 12.53
C ARG A 525 -18.58 2.48 12.91
N TRP A 526 -18.91 2.11 14.14
CA TRP A 526 -20.30 2.09 14.58
C TRP A 526 -20.69 3.26 15.48
N THR A 527 -19.73 4.12 15.81
CA THR A 527 -20.01 5.24 16.70
C THR A 527 -19.72 6.60 16.06
N LEU A 528 -18.74 6.64 15.16
CA LEU A 528 -18.29 7.91 14.59
C LEU A 528 -19.06 8.30 13.32
N GLN A 529 -19.64 7.32 12.66
CA GLN A 529 -20.46 7.59 11.47
C GLN A 529 -21.88 7.09 11.70
N MET A 530 -22.84 7.79 11.09
CA MET A 530 -24.25 7.42 11.23
C MET A 530 -24.59 6.24 10.33
N GLY A 531 -25.76 5.66 10.55
CA GLY A 531 -26.29 4.64 9.66
C GLY A 531 -25.71 3.27 9.85
N PHE A 532 -26.11 2.34 8.99
CA PHE A 532 -25.70 0.95 9.06
C PHE A 532 -25.65 0.38 7.65
N PRO A 533 -24.87 -0.69 7.45
CA PRO A 533 -24.75 -1.24 6.09
C PRO A 533 -25.82 -2.26 5.75
N VAL A 534 -26.01 -2.48 4.45
CA VAL A 534 -26.76 -3.63 3.98
C VAL A 534 -25.79 -4.59 3.30
N ILE A 535 -25.74 -5.83 3.79
CA ILE A 535 -24.85 -6.82 3.22
C ILE A 535 -25.56 -7.63 2.14
N THR A 536 -25.15 -7.47 0.90
CA THR A 536 -25.71 -8.24 -0.19
C THR A 536 -24.86 -9.48 -0.48
N VAL A 537 -25.52 -10.64 -0.53
CA VAL A 537 -24.82 -11.91 -0.71
C VAL A 537 -25.11 -12.52 -2.08
N ASP A 538 -24.05 -12.99 -2.73
CA ASP A 538 -24.18 -13.71 -3.99
C ASP A 538 -23.76 -15.16 -3.74
N THR A 539 -24.74 -16.04 -3.52
CA THR A 539 -24.46 -17.41 -3.12
C THR A 539 -23.87 -18.28 -4.22
N SER A 540 -23.80 -17.75 -5.43
CA SER A 540 -23.20 -18.49 -6.55
C SER A 540 -21.68 -18.38 -6.50
N THR A 541 -21.19 -17.18 -6.19
CA THR A 541 -19.76 -16.93 -6.12
C THR A 541 -19.27 -16.90 -4.66
N GLY A 542 -20.21 -16.74 -3.74
CA GLY A 542 -19.89 -16.67 -2.33
C GLY A 542 -19.25 -15.34 -1.95
N THR A 543 -19.64 -14.28 -2.66
CA THR A 543 -19.08 -12.95 -2.40
C THR A 543 -20.00 -12.11 -1.54
N LEU A 544 -19.41 -11.33 -0.63
CA LEU A 544 -20.15 -10.43 0.23
C LEU A 544 -19.92 -8.99 -0.21
N SER A 545 -20.96 -8.17 -0.11
CA SER A 545 -20.83 -6.76 -0.47
C SER A 545 -21.60 -5.88 0.52
N GLN A 546 -21.03 -4.72 0.87
CA GLN A 546 -21.65 -3.82 1.81
C GLN A 546 -21.78 -2.40 1.26
N GLU A 547 -22.82 -1.69 1.69
CA GLU A 547 -22.97 -0.28 1.38
C GLU A 547 -23.92 0.38 2.38
N HIS A 548 -23.82 1.71 2.48
CA HIS A 548 -24.71 2.51 3.33
C HIS A 548 -26.17 2.24 2.96
N PHE A 549 -26.94 1.70 3.89
CA PHE A 549 -28.35 1.41 3.63
C PHE A 549 -29.22 2.64 3.85
N LEU A 550 -29.97 3.01 2.81
CA LEU A 550 -30.85 4.18 2.89
C LEU A 550 -32.27 3.85 2.42
N LEU A 551 -33.24 4.07 3.31
CA LEU A 551 -34.64 3.78 3.01
C LEU A 551 -35.12 4.48 1.74
N ASP A 552 -34.77 5.76 1.62
CA ASP A 552 -35.17 6.54 0.46
C ASP A 552 -34.19 6.33 -0.70
N PRO A 553 -34.70 5.81 -1.83
CA PRO A 553 -33.87 5.60 -3.03
C PRO A 553 -33.38 6.93 -3.59
N ASP A 554 -34.09 8.00 -3.30
CA ASP A 554 -33.71 9.33 -3.76
C ASP A 554 -33.16 10.17 -2.61
N SER A 555 -32.46 9.52 -1.69
CA SER A 555 -31.88 10.20 -0.54
C SER A 555 -30.68 11.03 -0.94
N ASN A 556 -30.35 12.02 -0.11
CA ASN A 556 -29.23 12.90 -0.35
C ASN A 556 -28.37 13.08 0.91
N VAL A 557 -27.53 12.08 1.19
CA VAL A 557 -26.65 12.14 2.35
C VAL A 557 -25.56 13.18 2.15
N THR A 558 -25.53 14.19 3.02
CA THR A 558 -24.57 15.28 2.90
C THR A 558 -23.59 15.28 4.07
N ARG A 559 -23.90 14.51 5.10
CA ARG A 559 -23.01 14.38 6.26
C ARG A 559 -21.81 13.51 5.92
N PRO A 560 -20.61 14.10 5.94
CA PRO A 560 -19.39 13.35 5.60
C PRO A 560 -19.03 12.34 6.69
N SER A 561 -18.23 11.34 6.32
CA SER A 561 -17.81 10.28 7.24
C SER A 561 -16.34 9.95 7.06
N GLU A 562 -15.65 9.72 8.18
CA GLU A 562 -14.24 9.35 8.18
C GLU A 562 -13.96 8.13 7.32
N PHE A 563 -14.88 7.17 7.37
CA PHE A 563 -14.68 5.90 6.72
C PHE A 563 -15.46 5.81 5.43
N ASN A 564 -16.16 6.88 5.10
CA ASN A 564 -17.04 6.92 3.93
C ASN A 564 -18.08 5.79 3.91
N TYR A 565 -18.66 5.55 5.08
CA TYR A 565 -19.77 4.63 5.23
C TYR A 565 -19.47 3.18 4.80
N VAL A 566 -18.31 2.70 5.23
CA VAL A 566 -18.03 1.26 5.20
C VAL A 566 -17.68 0.81 6.62
N TRP A 567 -18.20 -0.34 7.01
CA TRP A 567 -18.06 -0.83 8.38
C TRP A 567 -17.21 -2.09 8.45
N ILE A 568 -16.65 -2.33 9.63
CA ILE A 568 -16.10 -3.63 9.96
C ILE A 568 -17.20 -4.39 10.68
N VAL A 569 -17.67 -5.49 10.10
CA VAL A 569 -18.88 -6.12 10.57
C VAL A 569 -18.76 -7.63 10.80
N PRO A 570 -19.16 -8.09 12.00
CA PRO A 570 -19.14 -9.50 12.37
C PRO A 570 -20.30 -10.28 11.76
N ILE A 571 -20.00 -11.33 11.03
CA ILE A 571 -21.02 -12.09 10.32
C ILE A 571 -21.22 -13.50 10.88
N THR A 572 -22.35 -13.71 11.56
CA THR A 572 -22.76 -15.06 11.94
C THR A 572 -23.72 -15.55 10.87
N SER A 573 -23.69 -16.84 10.59
CA SER A 573 -24.52 -17.39 9.51
C SER A 573 -24.93 -18.84 9.74
N ILE A 574 -25.94 -19.28 9.00
CA ILE A 574 -26.37 -20.67 9.04
C ILE A 574 -26.55 -21.24 7.64
N ARG A 575 -26.36 -22.55 7.51
CA ARG A 575 -26.66 -23.25 6.27
C ARG A 575 -27.50 -24.47 6.56
N ASP A 576 -28.69 -24.52 5.97
CA ASP A 576 -29.63 -25.62 6.18
C ASP A 576 -29.91 -25.85 7.66
N GLY A 577 -30.01 -24.77 8.42
CA GLY A 577 -30.31 -24.84 9.83
C GLY A 577 -29.07 -24.95 10.71
N ARG A 578 -27.96 -25.36 10.12
CA ARG A 578 -26.71 -25.53 10.86
C ARG A 578 -25.88 -24.25 10.86
N GLN A 579 -25.46 -23.80 12.04
CA GLN A 579 -24.63 -22.61 12.17
C GLN A 579 -23.22 -22.84 11.64
N GLN A 580 -22.71 -21.88 10.88
CA GLN A 580 -21.37 -21.98 10.32
C GLN A 580 -20.32 -21.27 11.18
N GLN A 581 -19.08 -21.25 10.69
CA GLN A 581 -18.01 -20.53 11.35
C GLN A 581 -18.25 -19.04 11.19
N ASP A 582 -17.78 -18.26 12.15
CA ASP A 582 -17.93 -16.80 12.10
C ASP A 582 -17.06 -16.21 10.99
N TYR A 583 -17.41 -14.99 10.57
CA TYR A 583 -16.63 -14.28 9.56
C TYR A 583 -16.59 -12.78 9.87
N TRP A 584 -15.54 -12.12 9.41
CA TRP A 584 -15.42 -10.67 9.55
C TRP A 584 -15.31 -10.00 8.20
N LEU A 585 -16.29 -9.16 7.88
CA LEU A 585 -16.23 -8.36 6.66
C LEU A 585 -15.50 -7.05 6.97
N ILE A 586 -14.28 -6.91 6.45
CA ILE A 586 -13.45 -5.75 6.74
C ILE A 586 -13.31 -4.83 5.53
N ASP A 587 -13.86 -5.26 4.39
CA ASP A 587 -13.79 -4.47 3.16
C ASP A 587 -15.16 -4.24 2.56
N VAL A 588 -15.20 -3.45 1.50
CA VAL A 588 -16.45 -3.18 0.78
C VAL A 588 -16.97 -4.49 0.18
N ARG A 589 -16.05 -5.31 -0.31
CA ARG A 589 -16.41 -6.61 -0.88
C ARG A 589 -15.31 -7.65 -0.71
N ALA A 590 -15.73 -8.90 -0.54
CA ALA A 590 -14.80 -10.01 -0.34
C ALA A 590 -15.48 -11.32 -0.72
N GLN A 591 -14.72 -12.42 -0.68
CA GLN A 591 -15.27 -13.73 -0.96
C GLN A 591 -14.89 -14.74 0.12
N ASN A 592 -15.81 -15.67 0.39
CA ASN A 592 -15.56 -16.78 1.30
C ASN A 592 -16.54 -17.92 1.04
N ASP A 593 -16.04 -19.15 1.11
CA ASP A 593 -16.86 -20.31 0.80
C ASP A 593 -17.96 -20.58 1.83
N LEU A 594 -17.93 -19.84 2.93
CA LEU A 594 -19.00 -19.91 3.92
C LEU A 594 -20.31 -19.43 3.31
N PHE A 595 -20.22 -18.60 2.29
CA PHE A 595 -21.40 -17.98 1.68
C PHE A 595 -21.65 -18.48 0.26
N SER A 596 -21.05 -19.63 -0.07
CA SER A 596 -21.29 -20.26 -1.37
C SER A 596 -22.25 -21.42 -1.21
N THR A 597 -23.11 -21.62 -2.20
CA THR A 597 -24.05 -22.73 -2.17
C THR A 597 -24.10 -23.46 -3.51
N SER A 598 -24.49 -24.73 -3.48
CA SER A 598 -24.70 -25.52 -4.68
C SER A 598 -25.83 -26.53 -4.45
N GLY A 599 -26.74 -26.63 -5.42
CA GLY A 599 -27.84 -27.55 -5.31
C GLY A 599 -29.04 -26.96 -4.58
N ASN A 600 -29.54 -27.67 -3.58
CA ASN A 600 -30.73 -27.25 -2.85
C ASN A 600 -30.41 -26.51 -1.54
N GLU A 601 -29.14 -26.39 -1.20
CA GLU A 601 -28.77 -25.76 0.06
C GLU A 601 -28.86 -24.24 0.01
N TRP A 602 -29.18 -23.64 1.14
CA TRP A 602 -29.29 -22.19 1.26
C TRP A 602 -28.51 -21.70 2.47
N VAL A 603 -28.16 -20.40 2.46
CA VAL A 603 -27.50 -19.79 3.60
C VAL A 603 -28.28 -18.57 4.09
N LEU A 604 -27.95 -18.12 5.30
CA LEU A 604 -28.65 -17.00 5.92
C LEU A 604 -27.67 -16.28 6.83
N LEU A 605 -27.55 -14.97 6.69
CA LEU A 605 -26.64 -14.19 7.51
C LEU A 605 -27.32 -13.61 8.75
N ASN A 606 -26.50 -13.20 9.72
CA ASN A 606 -26.96 -12.55 10.94
C ASN A 606 -27.90 -13.42 11.78
N LEU A 607 -27.33 -14.43 12.44
CA LEU A 607 -28.10 -15.32 13.30
C LEU A 607 -28.71 -14.52 14.46
N ASN A 608 -30.03 -14.67 14.64
CA ASN A 608 -30.77 -13.97 15.68
C ASN A 608 -30.65 -12.45 15.60
N VAL A 609 -30.21 -11.95 14.45
CA VAL A 609 -30.01 -10.52 14.22
C VAL A 609 -29.21 -9.87 15.36
N THR A 610 -28.01 -10.40 15.61
CA THR A 610 -27.16 -9.82 16.64
C THR A 610 -26.35 -8.67 16.07
N GLY A 611 -26.22 -8.64 14.75
CA GLY A 611 -25.47 -7.60 14.07
C GLY A 611 -26.35 -6.46 13.62
N TYR A 612 -25.84 -5.25 13.73
CA TYR A 612 -26.60 -4.05 13.36
C TYR A 612 -26.51 -3.79 11.86
N TYR A 613 -27.09 -4.68 11.07
CA TYR A 613 -27.09 -4.53 9.62
C TYR A 613 -28.24 -5.31 8.99
N ARG A 614 -28.57 -4.96 7.74
CA ARG A 614 -29.60 -5.68 7.00
C ARG A 614 -28.94 -6.55 5.95
N VAL A 615 -29.62 -7.61 5.54
CA VAL A 615 -29.05 -8.58 4.61
C VAL A 615 -29.91 -8.77 3.36
N ASN A 616 -29.26 -8.75 2.21
CA ASN A 616 -29.93 -9.02 0.94
C ASN A 616 -29.26 -10.23 0.26
N TYR A 617 -30.03 -10.94 -0.57
CA TYR A 617 -29.51 -12.12 -1.23
C TYR A 617 -29.77 -12.07 -2.74
N ASP A 618 -29.13 -12.97 -3.46
CA ASP A 618 -29.40 -13.14 -4.88
C ASP A 618 -30.74 -13.82 -5.06
N GLU A 619 -31.31 -13.74 -6.27
CA GLU A 619 -32.64 -14.28 -6.52
C GLU A 619 -32.74 -15.77 -6.20
N GLU A 620 -31.68 -16.51 -6.50
CA GLU A 620 -31.67 -17.95 -6.30
C GLU A 620 -31.80 -18.31 -4.82
N ASN A 621 -31.10 -17.57 -3.97
CA ASN A 621 -31.10 -17.87 -2.54
C ASN A 621 -32.44 -17.50 -1.88
N TRP A 622 -33.05 -16.42 -2.33
CA TRP A 622 -34.36 -16.02 -1.84
C TRP A 622 -35.39 -17.12 -2.07
N ARG A 623 -35.35 -17.72 -3.26
CA ARG A 623 -36.30 -18.77 -3.63
C ARG A 623 -36.18 -20.01 -2.75
N LYS A 624 -34.95 -20.43 -2.45
CA LYS A 624 -34.74 -21.61 -1.62
C LYS A 624 -35.22 -21.36 -0.20
N ILE A 625 -35.00 -20.15 0.28
CA ILE A 625 -35.43 -19.75 1.62
C ILE A 625 -36.95 -19.77 1.74
N GLN A 626 -37.62 -19.25 0.71
CA GLN A 626 -39.07 -19.26 0.64
C GLN A 626 -39.60 -20.69 0.58
N THR A 627 -38.87 -21.55 -0.13
CA THR A 627 -39.23 -22.97 -0.23
C THR A 627 -39.04 -23.64 1.13
N GLN A 628 -38.01 -23.24 1.85
CA GLN A 628 -37.77 -23.74 3.20
C GLN A 628 -38.90 -23.32 4.13
N LEU A 629 -39.34 -22.08 3.99
CA LEU A 629 -40.44 -21.55 4.79
C LEU A 629 -41.75 -22.29 4.48
N GLN A 630 -41.88 -22.74 3.24
CA GLN A 630 -43.08 -23.45 2.81
C GLN A 630 -43.07 -24.90 3.29
N ARG A 631 -41.91 -25.55 3.17
CA ARG A 631 -41.77 -26.94 3.57
C ARG A 631 -41.77 -27.12 5.09
N ASP A 632 -40.81 -26.47 5.74
CA ASP A 632 -40.65 -26.59 7.19
C ASP A 632 -40.01 -25.32 7.73
N HIS A 633 -40.84 -24.32 8.01
CA HIS A 633 -40.35 -23.00 8.41
C HIS A 633 -39.63 -23.03 9.75
N SER A 634 -39.92 -24.04 10.56
CA SER A 634 -39.30 -24.16 11.88
C SER A 634 -37.80 -24.41 11.80
N ALA A 635 -37.32 -24.80 10.62
CA ALA A 635 -35.90 -25.05 10.41
C ALA A 635 -35.09 -23.76 10.46
N ILE A 636 -35.76 -22.63 10.30
CA ILE A 636 -35.13 -21.32 10.40
C ILE A 636 -35.50 -20.70 11.75
N PRO A 637 -34.50 -20.17 12.48
CA PRO A 637 -34.70 -19.51 13.77
C PRO A 637 -35.84 -18.48 13.74
N VAL A 638 -36.66 -18.48 14.78
CA VAL A 638 -37.85 -17.63 14.83
C VAL A 638 -37.53 -16.14 14.63
N ILE A 639 -36.41 -15.69 15.17
CA ILE A 639 -35.97 -14.31 15.00
C ILE A 639 -35.62 -14.04 13.53
N ASN A 640 -34.96 -15.00 12.91
CA ASN A 640 -34.55 -14.85 11.51
C ASN A 640 -35.72 -14.91 10.53
N ARG A 641 -36.81 -15.56 10.91
CA ARG A 641 -38.01 -15.55 10.09
C ARG A 641 -38.56 -14.13 10.04
N ALA A 642 -38.48 -13.42 11.16
CA ALA A 642 -38.90 -12.02 11.22
C ALA A 642 -37.93 -11.15 10.44
N GLN A 643 -36.65 -11.52 10.47
CA GLN A 643 -35.61 -10.83 9.73
C GLN A 643 -35.91 -10.88 8.22
N ILE A 644 -36.19 -12.09 7.73
CA ILE A 644 -36.51 -12.31 6.33
C ILE A 644 -37.62 -11.39 5.85
N ILE A 645 -38.66 -11.25 6.66
CA ILE A 645 -39.78 -10.39 6.34
C ILE A 645 -39.40 -8.91 6.44
N ASN A 646 -38.86 -8.51 7.59
CA ASN A 646 -38.53 -7.11 7.84
C ASN A 646 -37.49 -6.56 6.88
N ASP A 647 -36.46 -7.33 6.59
CA ASP A 647 -35.45 -6.91 5.63
C ASP A 647 -36.04 -6.76 4.23
N ALA A 648 -36.90 -7.70 3.84
CA ALA A 648 -37.50 -7.69 2.51
C ALA A 648 -38.34 -6.43 2.26
N PHE A 649 -39.23 -6.11 3.20
CA PHE A 649 -40.06 -4.92 3.07
C PHE A 649 -39.24 -3.63 3.06
N ASN A 650 -38.19 -3.60 3.86
CA ASN A 650 -37.29 -2.45 3.91
C ASN A 650 -36.47 -2.29 2.65
N LEU A 651 -35.93 -3.40 2.16
CA LEU A 651 -35.17 -3.39 0.91
C LEU A 651 -36.08 -3.02 -0.26
N ALA A 652 -37.36 -3.35 -0.13
CA ALA A 652 -38.34 -3.05 -1.17
C ALA A 652 -38.51 -1.53 -1.32
N SER A 653 -38.68 -0.86 -0.18
CA SER A 653 -38.81 0.60 -0.16
C SER A 653 -37.53 1.28 -0.65
N ALA A 654 -36.39 0.61 -0.49
CA ALA A 654 -35.12 1.17 -0.90
C ALA A 654 -34.76 0.81 -2.34
N HIS A 655 -35.73 0.24 -3.05
CA HIS A 655 -35.54 -0.21 -4.44
C HIS A 655 -34.39 -1.19 -4.59
N LYS A 656 -34.28 -2.13 -3.66
CA LYS A 656 -33.21 -3.13 -3.70
C LYS A 656 -33.73 -4.54 -3.95
N VAL A 657 -35.02 -4.73 -3.69
CA VAL A 657 -35.74 -5.94 -4.10
C VAL A 657 -37.09 -5.53 -4.66
N PRO A 658 -37.71 -6.41 -5.47
CA PRO A 658 -39.09 -6.12 -5.92
C PRO A 658 -40.05 -6.20 -4.73
N VAL A 659 -41.06 -5.33 -4.72
CA VAL A 659 -42.03 -5.30 -3.63
C VAL A 659 -42.76 -6.64 -3.50
N THR A 660 -42.87 -7.36 -4.60
CA THR A 660 -43.53 -8.66 -4.62
C THR A 660 -42.73 -9.72 -3.87
N LEU A 661 -41.42 -9.52 -3.76
CA LEU A 661 -40.57 -10.44 -2.99
C LEU A 661 -40.95 -10.40 -1.52
N ALA A 662 -41.07 -9.20 -0.97
CA ALA A 662 -41.44 -9.02 0.42
C ALA A 662 -42.80 -9.64 0.71
N LEU A 663 -43.75 -9.40 -0.19
CA LEU A 663 -45.08 -9.97 -0.05
C LEU A 663 -45.04 -11.50 -0.09
N ASN A 664 -44.18 -12.05 -0.95
CA ASN A 664 -44.01 -13.50 -1.02
C ASN A 664 -43.42 -14.08 0.27
N ASN A 665 -42.63 -13.27 0.98
CA ASN A 665 -42.02 -13.73 2.22
C ASN A 665 -43.01 -13.76 3.39
N THR A 666 -44.27 -13.45 3.10
CA THR A 666 -45.32 -13.50 4.12
C THR A 666 -46.29 -14.66 3.88
N LEU A 667 -46.12 -15.33 2.74
CA LEU A 667 -47.00 -16.44 2.37
C LEU A 667 -46.98 -17.59 3.37
N PHE A 668 -45.85 -17.77 4.06
CA PHE A 668 -45.71 -18.87 4.99
C PHE A 668 -46.44 -18.60 6.31
N LEU A 669 -46.89 -17.35 6.49
CA LEU A 669 -47.52 -16.95 7.74
C LEU A 669 -48.84 -17.68 8.02
N ILE A 670 -49.43 -18.24 6.96
CA ILE A 670 -50.69 -18.96 7.09
C ILE A 670 -50.55 -20.20 7.97
N GLU A 671 -49.31 -20.68 8.11
CA GLU A 671 -49.02 -21.82 8.98
C GLU A 671 -48.01 -21.45 10.06
N GLU A 672 -47.84 -20.15 10.27
CA GLU A 672 -46.94 -19.64 11.31
C GLU A 672 -47.72 -19.37 12.59
N ARG A 673 -47.21 -19.85 13.71
CA ARG A 673 -47.90 -19.66 14.99
C ARG A 673 -47.09 -18.91 16.05
N GLN A 674 -45.81 -18.65 15.76
CA GLN A 674 -44.99 -17.84 16.64
C GLN A 674 -45.36 -16.37 16.53
N TYR A 675 -45.15 -15.63 17.61
CA TYR A 675 -45.53 -14.22 17.66
C TYR A 675 -44.65 -13.34 16.78
N MET A 676 -43.34 -13.47 16.95
CA MET A 676 -42.37 -12.58 16.30
C MET A 676 -42.49 -12.45 14.77
N PRO A 677 -42.53 -13.58 14.04
CA PRO A 677 -42.61 -13.43 12.58
C PRO A 677 -43.89 -12.75 12.11
N TRP A 678 -45.00 -12.98 12.82
CA TRP A 678 -46.26 -12.32 12.49
C TRP A 678 -46.18 -10.82 12.80
N GLU A 679 -45.65 -10.49 13.96
CA GLU A 679 -45.51 -9.11 14.40
C GLU A 679 -44.65 -8.30 13.44
N ALA A 680 -43.57 -8.90 12.95
CA ALA A 680 -42.69 -8.22 12.00
C ALA A 680 -43.43 -7.87 10.71
N ALA A 681 -44.21 -8.82 10.20
CA ALA A 681 -44.97 -8.60 8.97
C ALA A 681 -46.11 -7.62 9.18
N LEU A 682 -46.76 -7.70 10.34
CA LEU A 682 -47.84 -6.77 10.65
C LEU A 682 -47.29 -5.35 10.77
N SER A 683 -46.11 -5.22 11.34
CA SER A 683 -45.49 -3.91 11.52
C SER A 683 -45.14 -3.28 10.17
N SER A 684 -44.63 -4.09 9.25
CA SER A 684 -44.24 -3.60 7.93
C SER A 684 -45.47 -3.30 7.09
N LEU A 685 -46.50 -4.12 7.20
CA LEU A 685 -47.72 -3.96 6.43
C LEU A 685 -48.57 -2.80 6.95
N SER A 686 -48.21 -2.28 8.11
CA SER A 686 -48.91 -1.13 8.67
C SER A 686 -48.70 0.07 7.76
N TYR A 687 -47.53 0.15 7.15
CA TYR A 687 -47.25 1.20 6.18
C TYR A 687 -48.15 1.04 4.97
N PHE A 688 -48.32 -0.19 4.49
CA PHE A 688 -49.22 -0.48 3.38
C PHE A 688 -50.64 -0.06 3.72
N LYS A 689 -51.02 -0.28 4.98
CA LYS A 689 -52.34 0.12 5.44
C LYS A 689 -52.46 1.63 5.42
N LEU A 690 -51.43 2.32 5.90
CA LEU A 690 -51.41 3.78 5.93
C LEU A 690 -51.44 4.39 4.52
N MET A 691 -50.94 3.65 3.55
CA MET A 691 -50.91 4.12 2.17
C MET A 691 -52.19 3.80 1.39
N PHE A 692 -52.81 2.67 1.70
CA PHE A 692 -53.88 2.16 0.85
C PHE A 692 -55.29 2.08 1.48
N ASP A 693 -55.41 2.32 2.78
CA ASP A 693 -56.69 2.10 3.45
C ASP A 693 -57.79 3.13 3.09
N ARG A 694 -57.48 4.02 2.16
CA ARG A 694 -58.47 4.93 1.61
C ARG A 694 -58.57 4.76 0.11
N SER A 695 -58.17 3.59 -0.39
CA SER A 695 -58.15 3.33 -1.82
C SER A 695 -58.69 1.95 -2.15
N GLU A 696 -58.76 1.63 -3.45
CA GLU A 696 -59.29 0.36 -3.92
C GLU A 696 -58.40 -0.82 -3.54
N VAL A 697 -57.16 -0.52 -3.18
CA VAL A 697 -56.18 -1.55 -2.85
C VAL A 697 -56.49 -2.22 -1.51
N TYR A 698 -57.13 -1.49 -0.61
CA TYR A 698 -57.34 -1.98 0.75
C TYR A 698 -58.23 -3.22 0.80
N GLY A 699 -59.14 -3.33 -0.15
CA GLY A 699 -60.01 -4.49 -0.25
C GLY A 699 -59.26 -5.81 -0.34
N PRO A 700 -58.50 -5.99 -1.43
CA PRO A 700 -57.70 -7.20 -1.62
C PRO A 700 -56.66 -7.40 -0.52
N MET A 701 -56.19 -6.31 0.08
CA MET A 701 -55.22 -6.40 1.17
C MET A 701 -55.83 -7.08 2.40
N LYS A 702 -57.01 -6.62 2.79
CA LYS A 702 -57.71 -7.21 3.92
C LYS A 702 -58.09 -8.66 3.64
N ASN A 703 -58.47 -8.93 2.40
CA ASN A 703 -58.81 -10.30 1.99
C ASN A 703 -57.59 -11.23 2.10
N TYR A 704 -56.41 -10.69 1.81
CA TYR A 704 -55.19 -11.46 1.93
C TYR A 704 -54.86 -11.76 3.39
N LEU A 705 -54.87 -10.73 4.22
CA LEU A 705 -54.62 -10.90 5.64
C LEU A 705 -55.68 -11.80 6.27
N LYS A 706 -56.90 -11.71 5.75
CA LYS A 706 -57.99 -12.57 6.20
C LYS A 706 -57.66 -14.03 5.94
N LYS A 707 -57.09 -14.31 4.79
CA LYS A 707 -56.72 -15.67 4.41
C LYS A 707 -55.59 -16.23 5.27
N GLN A 708 -54.61 -15.39 5.56
CA GLN A 708 -53.41 -15.81 6.28
C GLN A 708 -53.63 -16.07 7.76
N VAL A 709 -54.47 -15.25 8.39
CA VAL A 709 -54.63 -15.29 9.83
C VAL A 709 -55.74 -16.23 10.31
N THR A 710 -56.64 -16.59 9.40
CA THR A 710 -57.80 -17.42 9.77
C THR A 710 -57.43 -18.79 10.37
N PRO A 711 -56.53 -19.54 9.72
CA PRO A 711 -56.15 -20.82 10.35
C PRO A 711 -55.53 -20.62 11.73
N LEU A 712 -54.76 -19.55 11.89
CA LEU A 712 -54.19 -19.22 13.19
C LEU A 712 -55.30 -18.87 14.18
N PHE A 713 -56.32 -18.15 13.71
CA PHE A 713 -57.43 -17.76 14.57
C PHE A 713 -58.22 -18.97 15.04
N ILE A 714 -58.50 -19.89 14.11
CA ILE A 714 -59.20 -21.12 14.43
C ILE A 714 -58.38 -21.93 15.41
N HIS A 715 -57.07 -21.96 15.21
CA HIS A 715 -56.15 -22.68 16.09
C HIS A 715 -56.29 -22.23 17.54
N PHE A 716 -56.14 -20.93 17.77
CA PHE A 716 -56.24 -20.38 19.13
C PHE A 716 -57.65 -20.57 19.71
N ARG A 717 -58.66 -20.53 18.85
CA ARG A 717 -60.03 -20.77 19.28
C ARG A 717 -60.15 -22.15 19.92
N ASN A 718 -59.59 -23.16 19.27
CA ASN A 718 -59.59 -24.52 19.79
C ASN A 718 -58.50 -24.74 20.83
N ASN A 719 -57.41 -23.99 20.73
CA ASN A 719 -56.31 -24.11 21.68
C ASN A 719 -56.70 -23.60 23.06
N THR A 720 -57.33 -22.43 23.09
CA THR A 720 -57.77 -21.82 24.34
C THR A 720 -59.10 -22.39 24.80
N ASN A 721 -59.61 -23.36 24.04
CA ASN A 721 -60.93 -23.95 24.30
C ASN A 721 -62.02 -22.89 24.27
N ASN A 722 -62.16 -22.23 23.13
CA ASN A 722 -63.09 -21.11 22.95
C ASN A 722 -62.86 -19.94 23.91
N TRP A 723 -61.62 -19.46 23.93
CA TRP A 723 -61.24 -18.24 24.65
C TRP A 723 -61.44 -18.34 26.17
N ARG A 724 -61.55 -19.57 26.66
CA ARG A 724 -61.69 -19.80 28.09
C ARG A 724 -60.37 -19.59 28.81
N GLU A 725 -59.27 -19.89 28.13
CA GLU A 725 -57.95 -19.77 28.72
C GLU A 725 -57.05 -18.90 27.87
N ILE A 726 -55.86 -18.61 28.40
CA ILE A 726 -54.79 -18.01 27.61
C ILE A 726 -53.61 -18.96 27.65
N PRO A 727 -52.77 -18.95 26.60
CA PRO A 727 -51.58 -19.81 26.60
C PRO A 727 -50.67 -19.51 27.78
N GLU A 728 -49.83 -20.46 28.18
CA GLU A 728 -48.95 -20.24 29.31
C GLU A 728 -47.68 -19.48 28.90
N ASN A 729 -47.25 -19.69 27.66
CA ASN A 729 -46.07 -19.01 27.15
C ASN A 729 -46.39 -17.57 26.75
N LEU A 730 -45.50 -16.64 27.12
CA LEU A 730 -45.72 -15.22 26.87
C LEU A 730 -45.85 -14.92 25.38
N MET A 731 -44.97 -15.49 24.58
CA MET A 731 -44.99 -15.28 23.13
C MET A 731 -46.30 -15.76 22.52
N ASP A 732 -46.76 -16.91 22.98
CA ASP A 732 -48.02 -17.47 22.50
C ASP A 732 -49.19 -16.57 22.91
N GLN A 733 -49.07 -15.94 24.07
CA GLN A 733 -50.08 -15.00 24.54
C GLN A 733 -50.13 -13.79 23.61
N TYR A 734 -48.94 -13.31 23.25
CA TYR A 734 -48.82 -12.19 22.32
C TYR A 734 -49.27 -12.60 20.93
N SER A 735 -48.98 -13.85 20.56
CA SER A 735 -49.35 -14.38 19.26
C SER A 735 -50.87 -14.46 19.13
N GLU A 736 -51.53 -14.90 20.20
CA GLU A 736 -52.99 -15.01 20.22
C GLU A 736 -53.65 -13.64 20.06
N VAL A 737 -53.10 -12.63 20.74
CA VAL A 737 -53.64 -11.29 20.68
C VAL A 737 -53.56 -10.73 19.27
N ASN A 738 -52.39 -10.87 18.64
CA ASN A 738 -52.24 -10.45 17.25
C ASN A 738 -53.21 -11.16 16.31
N ALA A 739 -53.41 -12.45 16.53
CA ALA A 739 -54.33 -13.25 15.71
C ALA A 739 -55.75 -12.70 15.77
N ILE A 740 -56.23 -12.46 17.00
CA ILE A 740 -57.56 -11.90 17.20
C ILE A 740 -57.64 -10.49 16.63
N SER A 741 -56.60 -9.71 16.85
CA SER A 741 -56.54 -8.34 16.35
C SER A 741 -56.57 -8.29 14.83
N THR A 742 -55.82 -9.19 14.20
CA THR A 742 -55.73 -9.22 12.74
C THR A 742 -56.99 -9.82 12.12
N ALA A 743 -57.60 -10.78 12.81
CA ALA A 743 -58.82 -11.42 12.34
C ALA A 743 -59.97 -10.42 12.25
N CYS A 744 -60.17 -9.66 13.32
CA CYS A 744 -61.31 -8.74 13.40
C CYS A 744 -61.18 -7.54 12.46
N SER A 745 -59.99 -6.94 12.43
CA SER A 745 -59.78 -5.75 11.60
C SER A 745 -59.78 -6.08 10.11
N ASN A 746 -59.60 -7.36 9.76
CA ASN A 746 -59.59 -7.77 8.36
C ASN A 746 -60.83 -8.53 7.95
N GLY A 747 -61.82 -8.60 8.85
CA GLY A 747 -63.16 -9.03 8.48
C GLY A 747 -63.47 -10.51 8.48
N VAL A 748 -62.83 -11.28 9.36
CA VAL A 748 -63.30 -12.65 9.56
C VAL A 748 -64.52 -12.59 10.48
N PRO A 749 -65.62 -13.23 10.06
CA PRO A 749 -66.91 -13.10 10.74
C PRO A 749 -66.89 -13.59 12.18
N GLU A 750 -66.29 -14.75 12.41
CA GLU A 750 -66.33 -15.39 13.73
C GLU A 750 -65.67 -14.53 14.81
N CYS A 751 -64.60 -13.81 14.46
CA CYS A 751 -63.94 -12.93 15.41
C CYS A 751 -64.83 -11.74 15.76
N GLU A 752 -65.41 -11.13 14.73
CA GLU A 752 -66.32 -9.99 14.92
C GLU A 752 -67.47 -10.34 15.85
N GLU A 753 -68.03 -11.52 15.65
CA GLU A 753 -69.16 -12.00 16.45
C GLU A 753 -68.76 -12.19 17.91
N MET A 754 -67.55 -12.69 18.15
CA MET A 754 -67.14 -13.01 19.51
C MET A 754 -66.69 -11.78 20.31
N VAL A 755 -66.09 -10.80 19.65
CA VAL A 755 -65.65 -9.60 20.36
C VAL A 755 -66.83 -8.73 20.80
N SER A 756 -67.86 -8.65 19.96
CA SER A 756 -69.05 -7.90 20.31
C SER A 756 -69.90 -8.68 21.30
N GLY A 757 -69.81 -10.01 21.23
CA GLY A 757 -70.50 -10.87 22.18
C GLY A 757 -69.92 -10.73 23.57
N LEU A 758 -68.59 -10.67 23.66
CA LEU A 758 -67.91 -10.47 24.94
C LEU A 758 -68.25 -9.11 25.52
N PHE A 759 -68.27 -8.10 24.66
CA PHE A 759 -68.48 -6.73 25.10
C PHE A 759 -69.90 -6.51 25.59
N LYS A 760 -70.88 -7.13 24.93
CA LYS A 760 -72.26 -7.02 25.39
C LYS A 760 -72.42 -7.75 26.72
N GLN A 761 -71.71 -8.86 26.85
CA GLN A 761 -71.70 -9.64 28.09
C GLN A 761 -71.15 -8.78 29.23
N TRP A 762 -70.17 -7.93 28.92
CA TRP A 762 -69.63 -7.00 29.89
C TRP A 762 -70.63 -5.88 30.19
N MET A 763 -71.31 -5.41 29.17
CA MET A 763 -72.30 -4.34 29.35
C MET A 763 -73.44 -4.80 30.25
N GLU A 764 -73.63 -6.11 30.34
CA GLU A 764 -74.66 -6.68 31.19
C GLU A 764 -74.10 -6.99 32.59
N ASN A 765 -72.81 -7.28 32.67
CA ASN A 765 -72.13 -7.46 33.94
C ASN A 765 -70.94 -6.52 34.08
N PRO A 766 -71.19 -5.22 34.24
CA PRO A 766 -70.11 -4.21 34.25
C PRO A 766 -69.08 -4.42 35.35
N ASN A 767 -69.53 -4.84 36.54
CA ASN A 767 -68.62 -5.06 37.66
C ASN A 767 -68.02 -6.46 37.65
N ASN A 768 -68.21 -7.16 36.54
CA ASN A 768 -67.65 -8.50 36.36
C ASN A 768 -67.08 -8.66 34.96
N ASN A 769 -66.07 -7.86 34.64
CA ASN A 769 -65.46 -7.86 33.31
C ASN A 769 -65.01 -9.26 32.89
N PRO A 770 -65.70 -9.84 31.91
CA PRO A 770 -65.44 -11.21 31.45
C PRO A 770 -64.30 -11.25 30.44
N ILE A 771 -63.77 -10.09 30.09
CA ILE A 771 -62.73 -10.00 29.09
C ILE A 771 -61.34 -10.08 29.73
N HIS A 772 -60.57 -11.09 29.34
CA HIS A 772 -59.22 -11.24 29.84
C HIS A 772 -58.39 -10.03 29.42
N PRO A 773 -57.60 -9.49 30.35
CA PRO A 773 -56.75 -8.30 30.16
C PRO A 773 -55.97 -8.30 28.84
N ASN A 774 -55.37 -9.43 28.48
CA ASN A 774 -54.63 -9.55 27.22
C ASN A 774 -55.48 -9.19 26.00
N LEU A 775 -56.79 -9.40 26.11
CA LEU A 775 -57.69 -9.22 24.98
C LEU A 775 -58.48 -7.91 25.04
N ARG A 776 -58.35 -7.19 26.14
CA ARG A 776 -59.21 -6.03 26.37
C ARG A 776 -59.09 -4.93 25.31
N SER A 777 -57.88 -4.54 24.97
CA SER A 777 -57.68 -3.47 24.00
C SER A 777 -58.27 -3.81 22.62
N THR A 778 -58.05 -5.04 22.18
CA THR A 778 -58.53 -5.46 20.87
C THR A 778 -60.04 -5.73 20.87
N VAL A 779 -60.58 -6.15 22.01
CA VAL A 779 -62.00 -6.41 22.12
C VAL A 779 -62.78 -5.11 22.31
N TYR A 780 -62.27 -4.22 23.16
CA TYR A 780 -62.90 -2.92 23.37
C TYR A 780 -62.98 -2.15 22.05
N CYS A 781 -61.85 -2.09 21.36
CA CYS A 781 -61.75 -1.33 20.11
C CYS A 781 -62.71 -1.83 19.04
N ASN A 782 -62.64 -3.12 18.72
CA ASN A 782 -63.45 -3.69 17.66
C ASN A 782 -64.96 -3.66 17.96
N ALA A 783 -65.31 -3.87 19.23
CA ALA A 783 -66.70 -3.84 19.63
C ALA A 783 -67.28 -2.42 19.51
N ILE A 784 -66.46 -1.44 19.91
CA ILE A 784 -66.85 -0.04 19.78
C ILE A 784 -67.03 0.33 18.31
N ALA A 785 -66.12 -0.19 17.48
CA ALA A 785 -66.20 0.04 16.03
C ALA A 785 -67.44 -0.57 15.41
N GLN A 786 -67.79 -1.79 15.82
CA GLN A 786 -68.95 -2.49 15.28
C GLN A 786 -70.26 -1.95 15.84
N GLY A 787 -70.22 -1.41 17.05
CA GLY A 787 -71.42 -0.93 17.70
C GLY A 787 -71.70 0.54 17.40
N GLY A 788 -72.33 1.22 18.34
CA GLY A 788 -72.66 2.61 18.16
C GLY A 788 -72.60 3.41 19.45
N GLU A 789 -73.62 4.24 19.66
CA GLU A 789 -73.64 5.16 20.80
C GLU A 789 -73.67 4.44 22.16
N GLU A 790 -74.43 3.35 22.25
CA GLU A 790 -74.57 2.60 23.50
C GLU A 790 -73.25 2.05 24.00
N GLU A 791 -72.50 1.42 23.09
CA GLU A 791 -71.19 0.86 23.43
C GLU A 791 -70.23 1.97 23.82
N TRP A 792 -70.22 3.05 23.04
CA TRP A 792 -69.30 4.15 23.27
C TRP A 792 -69.55 4.81 24.61
N ASP A 793 -70.83 5.05 24.92
CA ASP A 793 -71.20 5.68 26.19
C ASP A 793 -70.86 4.77 27.37
N PHE A 794 -71.03 3.47 27.20
CA PHE A 794 -70.66 2.52 28.24
C PHE A 794 -69.16 2.56 28.50
N ALA A 795 -68.37 2.50 27.42
CA ALA A 795 -66.93 2.55 27.52
C ALA A 795 -66.46 3.88 28.11
N TRP A 796 -67.13 4.95 27.71
CA TRP A 796 -66.81 6.29 28.21
C TRP A 796 -67.02 6.39 29.72
N GLU A 797 -68.11 5.83 30.22
CA GLU A 797 -68.40 5.85 31.64
C GLU A 797 -67.43 4.98 32.44
N GLN A 798 -67.01 3.86 31.85
CA GLN A 798 -66.00 3.00 32.46
C GLN A 798 -64.67 3.74 32.52
N PHE A 799 -64.43 4.60 31.53
CA PHE A 799 -63.21 5.39 31.49
C PHE A 799 -63.22 6.49 32.55
N ARG A 800 -64.34 7.19 32.65
CA ARG A 800 -64.50 8.28 33.60
C ARG A 800 -64.41 7.80 35.05
N ASN A 801 -64.89 6.59 35.29
CA ASN A 801 -64.92 6.02 36.63
C ASN A 801 -63.70 5.16 36.94
N ALA A 802 -62.78 5.06 35.98
CA ALA A 802 -61.62 4.20 36.10
C ALA A 802 -60.74 4.56 37.29
N THR A 803 -60.26 3.55 38.00
CA THR A 803 -59.36 3.74 39.12
C THR A 803 -58.05 3.00 38.84
N LEU A 804 -58.00 2.34 37.70
CA LEU A 804 -56.81 1.61 37.27
C LEU A 804 -56.31 2.22 35.97
N VAL A 805 -55.16 2.88 36.03
CA VAL A 805 -54.60 3.62 34.90
C VAL A 805 -54.42 2.77 33.65
N ASN A 806 -53.97 1.53 33.83
CA ASN A 806 -53.80 0.60 32.71
C ASN A 806 -55.11 0.39 31.96
N GLU A 807 -56.19 0.21 32.73
CA GLU A 807 -57.51 0.02 32.16
C GLU A 807 -58.03 1.28 31.46
N ALA A 808 -57.76 2.43 32.07
CA ALA A 808 -58.21 3.70 31.53
C ALA A 808 -57.51 4.00 30.20
N ASP A 809 -56.25 3.60 30.09
CA ASP A 809 -55.49 3.80 28.87
C ASP A 809 -56.06 2.98 27.72
N LYS A 810 -56.46 1.75 28.02
CA LYS A 810 -57.07 0.90 27.01
C LYS A 810 -58.39 1.47 26.52
N LEU A 811 -59.18 1.97 27.46
CA LEU A 811 -60.47 2.58 27.12
C LEU A 811 -60.31 3.84 26.27
N ARG A 812 -59.36 4.70 26.65
CA ARG A 812 -59.09 5.93 25.91
C ARG A 812 -58.81 5.64 24.43
N ALA A 813 -57.93 4.69 24.18
CA ALA A 813 -57.56 4.32 22.82
C ALA A 813 -58.72 3.65 22.08
N ALA A 814 -59.43 2.77 22.77
CA ALA A 814 -60.53 2.03 22.17
C ALA A 814 -61.68 2.94 21.76
N LEU A 815 -61.89 4.01 22.53
CA LEU A 815 -62.97 4.95 22.24
C LEU A 815 -62.77 5.66 20.90
N ALA A 816 -61.54 5.65 20.40
CA ALA A 816 -61.22 6.32 19.15
C ALA A 816 -61.54 5.44 17.96
N CYS A 817 -62.08 4.25 18.22
CA CYS A 817 -62.35 3.27 17.17
C CYS A 817 -63.77 3.35 16.62
N SER A 818 -64.58 4.26 17.18
CA SER A 818 -65.94 4.45 16.70
C SER A 818 -65.95 4.78 15.21
N LYS A 819 -66.91 4.19 14.49
CA LYS A 819 -67.06 4.45 13.06
C LYS A 819 -68.10 5.54 12.80
N GLU A 820 -68.59 6.15 13.87
CA GLU A 820 -69.52 7.27 13.75
C GLU A 820 -68.75 8.57 13.80
N LEU A 821 -68.82 9.35 12.73
CA LEU A 821 -68.05 10.59 12.61
C LEU A 821 -68.41 11.60 13.69
N TRP A 822 -69.69 11.76 13.98
CA TRP A 822 -70.13 12.72 14.99
C TRP A 822 -69.60 12.34 16.37
N ILE A 823 -69.53 11.05 16.64
CA ILE A 823 -68.97 10.55 17.89
C ILE A 823 -67.48 10.87 17.99
N LEU A 824 -66.74 10.58 16.92
CA LEU A 824 -65.32 10.91 16.89
C LEU A 824 -65.12 12.42 17.02
N ASN A 825 -65.99 13.17 16.35
CA ASN A 825 -65.95 14.63 16.42
C ASN A 825 -66.19 15.13 17.84
N ARG A 826 -67.13 14.48 18.53
CA ARG A 826 -67.43 14.83 19.91
C ARG A 826 -66.28 14.41 20.82
N TYR A 827 -65.64 13.30 20.48
CA TYR A 827 -64.49 12.80 21.24
C TYR A 827 -63.31 13.76 21.10
N LEU A 828 -63.17 14.34 19.91
CA LEU A 828 -62.11 15.30 19.61
C LEU A 828 -62.20 16.51 20.54
N SER A 829 -63.41 16.98 20.79
CA SER A 829 -63.62 18.14 21.64
C SER A 829 -63.23 17.85 23.09
N TYR A 830 -63.28 16.58 23.47
CA TYR A 830 -62.96 16.17 24.84
C TYR A 830 -61.46 16.18 25.11
N THR A 831 -60.67 15.94 24.08
CA THR A 831 -59.22 15.79 24.23
C THR A 831 -58.52 17.06 24.70
N LEU A 832 -59.19 18.20 24.60
CA LEU A 832 -58.62 19.47 25.00
C LEU A 832 -59.19 19.94 26.33
N ASN A 833 -60.10 19.14 26.90
CA ASN A 833 -60.69 19.45 28.19
C ASN A 833 -60.01 18.64 29.29
N PRO A 834 -59.25 19.33 30.16
CA PRO A 834 -58.50 18.70 31.26
C PRO A 834 -59.39 18.00 32.27
N ASP A 835 -60.68 18.34 32.29
CA ASP A 835 -61.63 17.69 33.18
C ASP A 835 -62.04 16.32 32.64
N LEU A 836 -61.91 16.15 31.33
CA LEU A 836 -62.32 14.90 30.68
C LEU A 836 -61.11 14.06 30.29
N ILE A 837 -60.13 14.71 29.66
CA ILE A 837 -58.89 14.05 29.29
C ILE A 837 -57.70 14.80 29.87
N ARG A 838 -56.88 14.10 30.66
CA ARG A 838 -55.70 14.71 31.26
C ARG A 838 -54.72 15.17 30.18
N LYS A 839 -54.10 16.32 30.41
CA LYS A 839 -53.25 16.96 29.40
C LYS A 839 -52.12 16.05 28.94
N GLN A 840 -51.64 15.19 29.83
CA GLN A 840 -50.59 14.24 29.48
C GLN A 840 -51.10 13.16 28.54
N ASP A 841 -52.42 13.08 28.39
CA ASP A 841 -53.04 12.07 27.54
C ASP A 841 -53.72 12.72 26.32
N ALA A 842 -53.57 14.03 26.18
CA ALA A 842 -54.22 14.77 25.11
C ALA A 842 -53.75 14.35 23.72
N THR A 843 -52.45 14.49 23.46
CA THR A 843 -51.88 14.17 22.16
C THR A 843 -52.16 12.74 21.73
N SER A 844 -51.89 11.80 22.64
CA SER A 844 -52.07 10.38 22.33
C SER A 844 -53.52 10.06 21.97
N THR A 845 -54.46 10.71 22.66
CA THR A 845 -55.87 10.49 22.39
C THR A 845 -56.25 11.06 21.02
N ILE A 846 -55.71 12.23 20.70
CA ILE A 846 -55.88 12.80 19.37
C ILE A 846 -55.23 11.89 18.33
N ILE A 847 -54.02 11.42 18.63
CA ILE A 847 -53.29 10.53 17.75
C ILE A 847 -54.07 9.24 17.48
N SER A 848 -54.67 8.68 18.52
CA SER A 848 -55.48 7.48 18.38
C SER A 848 -56.68 7.71 17.44
N ILE A 849 -57.21 8.92 17.46
CA ILE A 849 -58.35 9.27 16.62
C ILE A 849 -57.96 9.33 15.15
N THR A 850 -56.79 9.90 14.85
CA THR A 850 -56.34 9.98 13.46
C THR A 850 -55.91 8.63 12.89
N ASN A 851 -55.63 7.67 13.77
CA ASN A 851 -55.33 6.31 13.33
C ASN A 851 -56.53 5.69 12.63
N ASN A 852 -57.72 6.12 13.05
CA ASN A 852 -58.97 5.76 12.39
C ASN A 852 -59.06 6.47 11.05
N VAL A 853 -59.47 5.74 10.00
CA VAL A 853 -59.61 6.33 8.67
C VAL A 853 -60.56 7.51 8.66
N ILE A 854 -61.65 7.39 9.42
CA ILE A 854 -62.66 8.42 9.48
C ILE A 854 -62.16 9.60 10.30
N GLY A 855 -61.24 9.33 11.20
CA GLY A 855 -60.67 10.37 12.04
C GLY A 855 -59.53 11.13 11.38
N GLN A 856 -58.99 10.56 10.30
CA GLN A 856 -57.85 11.15 9.60
C GLN A 856 -58.15 12.55 9.08
N GLY A 857 -59.16 12.66 8.22
CA GLY A 857 -59.56 13.94 7.67
C GLY A 857 -60.10 14.87 8.74
N LEU A 858 -60.71 14.29 9.77
CA LEU A 858 -61.27 15.07 10.86
C LEU A 858 -60.19 15.77 11.68
N VAL A 859 -59.15 15.03 12.06
CA VAL A 859 -58.06 15.57 12.85
C VAL A 859 -57.19 16.52 12.01
N TRP A 860 -56.98 16.16 10.75
CA TRP A 860 -56.18 16.98 9.85
C TRP A 860 -56.83 18.33 9.61
N ASP A 861 -58.16 18.36 9.56
CA ASP A 861 -58.90 19.61 9.46
C ASP A 861 -58.73 20.40 10.75
N PHE A 862 -58.70 19.68 11.87
CA PHE A 862 -58.54 20.30 13.18
C PHE A 862 -57.17 20.95 13.33
N VAL A 863 -56.13 20.26 12.88
CA VAL A 863 -54.77 20.80 12.96
C VAL A 863 -54.63 22.05 12.09
N GLN A 864 -55.18 22.02 10.88
CA GLN A 864 -55.12 23.16 9.99
C GLN A 864 -55.97 24.33 10.49
N SER A 865 -57.08 24.02 11.15
CA SER A 865 -58.02 25.04 11.60
C SER A 865 -57.47 25.89 12.74
N ASN A 866 -57.16 25.26 13.88
CA ASN A 866 -56.70 26.02 15.04
C ASN A 866 -55.29 25.70 15.52
N TRP A 867 -54.32 25.69 14.61
CA TRP A 867 -52.94 25.49 14.98
C TRP A 867 -52.42 26.65 15.82
N LYS A 868 -52.85 27.86 15.47
CA LYS A 868 -52.44 29.06 16.18
C LYS A 868 -52.96 29.09 17.61
N LYS A 869 -54.15 28.52 17.82
CA LYS A 869 -54.73 28.41 19.16
C LYS A 869 -54.07 27.25 19.89
N LEU A 870 -53.69 26.23 19.13
CA LEU A 870 -53.09 25.03 19.69
C LEU A 870 -51.65 25.28 20.13
N PHE A 871 -50.95 26.15 19.39
CA PHE A 871 -49.56 26.47 19.69
C PHE A 871 -49.47 27.45 20.85
N ASN A 872 -50.59 28.13 21.13
CA ASN A 872 -50.69 28.99 22.29
C ASN A 872 -51.35 28.26 23.45
N ASP A 873 -52.67 28.15 23.40
CA ASP A 873 -53.42 27.44 24.42
C ASP A 873 -53.36 25.93 24.18
N TYR A 874 -52.59 25.23 25.00
CA TYR A 874 -52.42 23.78 24.83
C TYR A 874 -53.66 23.02 25.29
N GLY A 877 -45.50 24.84 27.48
CA GLY A 877 -45.80 23.61 28.20
C GLY A 877 -45.01 22.43 27.70
N SER A 878 -45.70 21.33 27.39
CA SER A 878 -45.06 20.12 26.90
C SER A 878 -45.97 19.31 25.99
N PHE A 879 -46.83 20.01 25.26
CA PHE A 879 -47.71 19.38 24.28
C PHE A 879 -46.86 18.92 23.09
N SER A 880 -46.94 17.64 22.75
CA SER A 880 -46.08 17.09 21.71
C SER A 880 -46.58 17.41 20.29
N PHE A 881 -46.25 18.60 19.81
CA PHE A 881 -46.56 18.99 18.44
C PHE A 881 -45.80 18.10 17.47
N SER A 882 -44.64 17.64 17.89
CA SER A 882 -43.81 16.77 17.08
C SER A 882 -44.53 15.47 16.71
N ASN A 883 -45.17 14.84 17.70
CA ASN A 883 -45.88 13.59 17.47
C ASN A 883 -47.18 13.77 16.70
N LEU A 884 -47.81 14.92 16.90
CA LEU A 884 -49.08 15.21 16.24
C LEU A 884 -48.85 15.41 14.74
N ILE A 885 -47.83 16.18 14.41
CA ILE A 885 -47.45 16.42 13.02
C ILE A 885 -47.10 15.12 12.30
N GLN A 886 -46.35 14.26 12.98
CA GLN A 886 -45.97 12.98 12.40
C GLN A 886 -47.18 12.06 12.21
N ALA A 887 -48.05 11.99 13.21
CA ALA A 887 -49.18 11.07 13.19
C ALA A 887 -50.24 11.46 12.17
N VAL A 888 -50.41 12.75 11.94
CA VAL A 888 -51.47 13.23 11.06
C VAL A 888 -51.04 13.19 9.59
N THR A 889 -49.73 13.13 9.34
CA THR A 889 -49.22 13.17 7.98
C THR A 889 -48.74 11.81 7.47
N ARG A 890 -48.82 10.79 8.32
CA ARG A 890 -48.36 9.45 7.97
C ARG A 890 -49.06 8.90 6.72
N ARG A 891 -50.34 9.20 6.59
CA ARG A 891 -51.14 8.66 5.48
C ARG A 891 -50.91 9.40 4.16
N PHE A 892 -50.28 10.57 4.23
CA PHE A 892 -50.14 11.43 3.05
C PHE A 892 -49.40 10.73 1.92
N SER A 893 -50.04 10.67 0.76
CA SER A 893 -49.48 9.96 -0.39
C SER A 893 -49.86 10.63 -1.72
N THR A 894 -50.53 11.77 -1.64
CA THR A 894 -50.98 12.46 -2.84
C THR A 894 -50.38 13.86 -2.96
N GLU A 895 -50.45 14.42 -4.16
CA GLU A 895 -49.97 15.78 -4.40
C GLU A 895 -50.87 16.80 -3.72
N TYR A 896 -52.14 16.45 -3.55
CA TYR A 896 -53.11 17.34 -2.90
C TYR A 896 -52.80 17.46 -1.42
N GLU A 897 -52.40 16.37 -0.80
CA GLU A 897 -52.05 16.37 0.62
C GLU A 897 -50.74 17.12 0.84
N LEU A 898 -49.80 16.96 -0.08
CA LEU A 898 -48.51 17.65 0.01
C LEU A 898 -48.70 19.16 -0.08
N GLN A 899 -49.55 19.60 -1.00
CA GLN A 899 -49.81 21.02 -1.20
C GLN A 899 -50.53 21.61 0.02
N GLN A 900 -51.38 20.80 0.65
CA GLN A 900 -52.05 21.22 1.87
C GLN A 900 -51.04 21.40 2.99
N LEU A 901 -50.08 20.49 3.05
CA LEU A 901 -49.04 20.52 4.06
C LEU A 901 -48.06 21.66 3.78
N GLU A 902 -47.79 21.91 2.50
CA GLU A 902 -46.90 22.99 2.10
C GLU A 902 -47.55 24.33 2.46
N GLN A 903 -48.87 24.37 2.40
CA GLN A 903 -49.63 25.57 2.73
C GLN A 903 -49.73 25.74 4.23
N PHE A 904 -49.80 24.61 4.94
CA PHE A 904 -49.83 24.60 6.39
C PHE A 904 -48.59 25.29 6.96
N LYS A 905 -47.45 25.01 6.35
CA LYS A 905 -46.18 25.58 6.76
C LYS A 905 -46.15 27.09 6.50
N LYS A 906 -46.68 27.49 5.34
CA LYS A 906 -46.70 28.89 4.95
C LYS A 906 -47.65 29.71 5.81
N ASP A 907 -48.82 29.16 6.08
CA ASP A 907 -49.84 29.86 6.86
C ASP A 907 -49.42 30.08 8.30
N ASN A 908 -48.54 29.22 8.80
CA ASN A 908 -48.04 29.33 10.17
C ASN A 908 -46.55 29.67 10.21
N GLU A 909 -46.16 30.68 9.46
CA GLU A 909 -44.76 31.09 9.40
C GLU A 909 -44.35 31.87 10.65
N GLU A 910 -44.91 33.06 10.83
CA GLU A 910 -44.51 33.96 11.91
C GLU A 910 -44.79 33.37 13.29
N THR A 911 -45.75 32.46 13.37
CA THR A 911 -45.98 31.70 14.60
C THR A 911 -45.42 30.30 14.38
N GLY A 912 -44.26 30.03 14.99
CA GLY A 912 -43.50 28.82 14.71
C GLY A 912 -44.17 27.50 15.04
N PHE A 913 -43.40 26.42 14.89
CA PHE A 913 -43.89 25.07 15.15
C PHE A 913 -43.19 24.47 16.36
N GLY A 914 -42.25 25.22 16.92
CA GLY A 914 -41.56 24.82 18.13
C GLY A 914 -40.82 23.50 18.03
N SER A 915 -41.13 22.58 18.94
CA SER A 915 -40.50 21.27 18.96
C SER A 915 -40.97 20.39 17.82
N GLY A 916 -41.98 20.85 17.10
CA GLY A 916 -42.51 20.10 15.98
C GLY A 916 -42.01 20.60 14.64
N THR A 917 -41.15 21.63 14.68
CA THR A 917 -40.61 22.23 13.47
C THR A 917 -39.84 21.20 12.65
N ARG A 918 -39.12 20.33 13.34
CA ARG A 918 -38.29 19.32 12.69
C ARG A 918 -39.15 18.22 12.07
N ALA A 919 -40.25 17.88 12.73
CA ALA A 919 -41.15 16.84 12.25
C ALA A 919 -41.88 17.28 10.99
N LEU A 920 -42.08 18.58 10.87
CA LEU A 920 -42.77 19.15 9.71
C LEU A 920 -41.92 19.00 8.46
N GLU A 921 -40.62 19.19 8.60
CA GLU A 921 -39.70 19.06 7.48
C GLU A 921 -39.54 17.59 7.08
N GLN A 922 -39.64 16.70 8.05
CA GLN A 922 -39.52 15.28 7.76
C GLN A 922 -40.81 14.75 7.13
N ALA A 923 -41.94 15.33 7.54
CA ALA A 923 -43.23 14.97 6.99
C ALA A 923 -43.34 15.38 5.53
N LEU A 924 -42.79 16.55 5.20
CA LEU A 924 -42.76 17.03 3.83
C LEU A 924 -41.92 16.10 2.95
N GLU A 925 -40.78 15.68 3.46
CA GLU A 925 -39.91 14.78 2.73
C GLU A 925 -40.51 13.38 2.63
N LYS A 926 -41.15 12.94 3.71
CA LYS A 926 -41.80 11.63 3.72
C LYS A 926 -42.99 11.61 2.77
N THR A 927 -43.75 12.70 2.74
CA THR A 927 -44.89 12.81 1.84
C THR A 927 -44.46 12.72 0.38
N LYS A 928 -43.40 13.43 0.03
CA LYS A 928 -42.85 13.37 -1.31
C LYS A 928 -42.43 11.95 -1.67
N ALA A 929 -41.88 11.23 -0.69
CA ALA A 929 -41.45 9.86 -0.91
C ALA A 929 -42.64 8.91 -1.08
N ASN A 930 -43.70 9.16 -0.31
CA ASN A 930 -44.90 8.33 -0.38
C ASN A 930 -45.62 8.45 -1.72
N ILE A 931 -45.71 9.67 -2.24
CA ILE A 931 -46.34 9.92 -3.53
C ILE A 931 -45.63 9.11 -4.62
N LYS A 932 -44.31 9.08 -4.55
CA LYS A 932 -43.51 8.34 -5.53
C LYS A 932 -43.69 6.84 -5.37
N TRP A 933 -43.66 6.36 -4.13
CA TRP A 933 -43.77 4.93 -3.86
C TRP A 933 -45.12 4.39 -4.29
N VAL A 934 -46.18 5.12 -3.96
CA VAL A 934 -47.54 4.71 -4.29
C VAL A 934 -47.74 4.56 -5.81
N LYS A 935 -47.28 5.55 -6.57
CA LYS A 935 -47.48 5.52 -8.01
C LYS A 935 -46.66 4.41 -8.68
N GLU A 936 -45.66 3.90 -7.97
CA GLU A 936 -44.81 2.86 -8.51
C GLU A 936 -45.28 1.46 -8.11
N ASN A 937 -45.98 1.34 -6.99
CA ASN A 937 -46.35 0.04 -6.46
C ASN A 937 -47.84 -0.25 -6.42
N LYS A 938 -48.65 0.79 -6.67
CA LYS A 938 -50.11 0.67 -6.63
C LYS A 938 -50.63 -0.51 -7.45
N GLU A 939 -50.20 -0.57 -8.70
CA GLU A 939 -50.64 -1.61 -9.63
C GLU A 939 -50.15 -2.98 -9.19
N VAL A 940 -48.84 -3.07 -8.94
CA VAL A 940 -48.21 -4.33 -8.55
C VAL A 940 -48.82 -4.91 -7.28
N VAL A 941 -49.02 -4.06 -6.29
CA VAL A 941 -49.54 -4.50 -4.99
C VAL A 941 -51.01 -4.93 -5.07
N LEU A 942 -51.82 -4.16 -5.79
CA LEU A 942 -53.22 -4.50 -5.98
C LEU A 942 -53.32 -5.86 -6.66
N GLN A 943 -52.51 -6.05 -7.71
CA GLN A 943 -52.48 -7.30 -8.44
C GLN A 943 -52.05 -8.46 -7.54
N TRP A 944 -51.00 -8.24 -6.74
CA TRP A 944 -50.47 -9.29 -5.88
C TRP A 944 -51.47 -9.72 -4.82
N PHE A 945 -52.06 -8.76 -4.12
CA PHE A 945 -53.05 -9.05 -3.09
C PHE A 945 -54.26 -9.77 -3.70
N THR A 946 -54.59 -9.43 -4.93
CA THR A 946 -55.72 -10.05 -5.62
C THR A 946 -55.45 -11.52 -5.92
N GLU A 947 -54.28 -11.78 -6.50
CA GLU A 947 -53.89 -13.14 -6.88
C GLU A 947 -53.79 -14.09 -5.68
N ASN A 948 -53.39 -13.54 -4.54
CA ASN A 948 -53.12 -14.35 -3.37
C ASN A 948 -54.21 -14.28 -2.30
N SER A 949 -55.41 -13.85 -2.70
CA SER A 949 -56.53 -13.78 -1.77
C SER A 949 -57.48 -14.95 -1.99
N LYS A 950 -57.19 -15.76 -2.99
CA LYS A 950 -58.06 -16.87 -3.36
C LYS A 950 -57.69 -18.15 -2.64
N THR B 47 -13.09 12.68 -0.87
CA THR B 47 -12.37 11.61 -0.19
C THR B 47 -12.78 10.23 -0.71
N LEU B 48 -11.91 9.25 -0.49
CA LEU B 48 -12.11 7.89 -0.97
C LEU B 48 -12.34 6.97 0.23
N ASP B 49 -11.86 5.73 0.13
CA ASP B 49 -11.93 4.81 1.24
C ASP B 49 -10.71 4.99 2.12
N GLN B 50 -10.90 5.66 3.25
CA GLN B 50 -9.80 5.96 4.17
C GLN B 50 -9.15 4.73 4.80
N SER B 51 -9.86 3.59 4.78
CA SER B 51 -9.34 2.37 5.37
C SER B 51 -8.10 1.88 4.62
N LYS B 52 -8.02 2.18 3.33
CA LYS B 52 -6.84 1.86 2.54
C LYS B 52 -5.71 2.82 2.87
N ALA B 53 -4.47 2.33 2.85
CA ALA B 53 -3.32 3.14 3.23
C ALA B 53 -2.92 4.12 2.12
N TRP B 54 -3.15 3.74 0.87
CA TRP B 54 -2.78 4.59 -0.26
C TRP B 54 -3.78 5.73 -0.48
N ASN B 55 -4.77 5.82 0.41
CA ASN B 55 -5.72 6.92 0.36
C ASN B 55 -5.52 7.90 1.51
N ARG B 56 -4.47 7.68 2.30
CA ARG B 56 -4.11 8.58 3.37
C ARG B 56 -2.86 9.35 2.98
N TYR B 57 -2.74 10.59 3.44
CA TYR B 57 -1.64 11.45 3.02
C TYR B 57 -0.31 11.12 3.68
N ARG B 58 -0.38 10.48 4.85
CA ARG B 58 0.84 10.07 5.56
C ARG B 58 1.27 8.66 5.18
N LEU B 59 2.56 8.51 4.87
CA LEU B 59 3.12 7.19 4.56
C LEU B 59 2.89 6.24 5.71
N PRO B 60 2.74 4.93 5.41
CA PRO B 60 2.69 3.94 6.47
C PRO B 60 4.06 3.80 7.15
N ASN B 61 4.11 3.20 8.34
CA ASN B 61 5.38 3.04 9.04
C ASN B 61 5.99 1.67 8.79
N THR B 62 5.49 0.99 7.76
CA THR B 62 5.88 -0.38 7.48
C THR B 62 7.23 -0.47 6.76
N LEU B 63 7.50 0.50 5.90
CA LEU B 63 8.73 0.52 5.12
C LEU B 63 9.54 1.77 5.44
N LYS B 64 10.84 1.61 5.62
CA LYS B 64 11.71 2.74 5.88
C LYS B 64 12.95 2.66 4.98
N PRO B 65 13.21 3.72 4.20
CA PRO B 65 14.32 3.71 3.24
C PRO B 65 15.66 3.79 3.94
N ASP B 66 16.71 3.32 3.28
CA ASP B 66 18.06 3.35 3.84
C ASP B 66 18.96 4.21 2.95
N SER B 67 18.97 3.91 1.66
CA SER B 67 19.76 4.68 0.71
C SER B 67 19.16 4.63 -0.69
N TYR B 68 19.31 5.72 -1.43
CA TYR B 68 18.80 5.81 -2.79
C TYR B 68 19.96 5.94 -3.75
N ARG B 69 19.73 5.52 -4.99
CA ARG B 69 20.60 5.85 -6.08
C ARG B 69 19.75 6.51 -7.17
N VAL B 70 20.13 7.70 -7.60
CA VAL B 70 19.33 8.45 -8.57
C VAL B 70 20.18 8.98 -9.72
N THR B 71 19.74 8.69 -10.95
CA THR B 71 20.37 9.23 -12.14
C THR B 71 19.39 10.10 -12.92
N LEU B 72 19.66 11.40 -12.98
CA LEU B 72 18.81 12.33 -13.72
C LEU B 72 19.53 12.91 -14.94
N ARG B 73 18.76 13.22 -15.97
CA ARG B 73 19.31 13.74 -17.22
C ARG B 73 18.37 14.77 -17.83
N PRO B 74 18.70 16.07 -17.66
CA PRO B 74 17.85 17.13 -18.21
C PRO B 74 18.14 17.40 -19.69
N TYR B 75 17.08 17.61 -20.46
CA TYR B 75 17.22 18.01 -21.86
C TYR B 75 16.86 19.48 -21.97
N LEU B 76 17.85 20.31 -22.28
CA LEU B 76 17.66 21.76 -22.25
C LEU B 76 17.18 22.34 -23.58
N THR B 77 16.75 21.47 -24.48
CA THR B 77 16.05 21.88 -25.69
C THR B 77 14.74 21.13 -25.76
N PRO B 78 13.72 21.72 -26.39
CA PRO B 78 12.42 21.05 -26.51
C PRO B 78 12.52 19.75 -27.31
N ASN B 79 11.49 18.90 -27.23
CA ASN B 79 11.47 17.66 -27.98
C ASN B 79 10.50 17.71 -29.15
N ASP B 80 9.95 16.55 -29.52
CA ASP B 80 9.01 16.46 -30.64
C ASP B 80 7.60 16.86 -30.22
N ARG B 81 7.44 17.21 -28.94
CA ARG B 81 6.13 17.57 -28.41
C ARG B 81 6.13 19.04 -27.99
N GLY B 82 7.31 19.66 -28.03
CA GLY B 82 7.47 21.02 -27.56
C GLY B 82 7.60 21.05 -26.06
N LEU B 83 8.07 19.94 -25.48
CA LEU B 83 8.16 19.78 -24.03
C LEU B 83 9.60 19.64 -23.57
N TYR B 84 9.95 20.34 -22.49
CA TYR B 84 11.24 20.14 -21.85
C TYR B 84 11.14 18.93 -20.93
N VAL B 85 11.97 17.93 -21.20
CA VAL B 85 11.88 16.64 -20.53
C VAL B 85 13.18 16.26 -19.82
N PHE B 86 13.05 15.65 -18.63
CA PHE B 86 14.19 15.02 -17.99
C PHE B 86 13.96 13.52 -17.88
N LYS B 87 15.01 12.73 -18.15
CA LYS B 87 14.92 11.28 -18.02
C LYS B 87 15.64 10.81 -16.77
N GLY B 88 15.01 9.90 -16.03
CA GLY B 88 15.57 9.44 -14.78
C GLY B 88 15.47 7.93 -14.57
N SER B 89 16.36 7.42 -13.73
CA SER B 89 16.28 6.05 -13.27
C SER B 89 16.72 6.03 -11.81
N SER B 90 16.12 5.16 -11.03
CA SER B 90 16.40 5.17 -9.59
C SER B 90 16.34 3.78 -8.97
N THR B 91 17.16 3.58 -7.96
CA THR B 91 17.06 2.41 -7.11
C THR B 91 16.91 2.90 -5.68
N VAL B 92 15.89 2.41 -5.00
CA VAL B 92 15.75 2.68 -3.58
C VAL B 92 15.88 1.39 -2.77
N ARG B 93 16.82 1.37 -1.82
CA ARG B 93 16.93 0.26 -0.89
C ARG B 93 16.22 0.65 0.40
N PHE B 94 15.32 -0.23 0.86
CA PHE B 94 14.52 0.07 2.04
C PHE B 94 14.36 -1.15 2.94
N THR B 95 14.00 -0.91 4.19
CA THR B 95 13.84 -1.98 5.16
C THR B 95 12.37 -2.15 5.52
N CYS B 96 11.91 -3.40 5.50
CA CYS B 96 10.57 -3.72 5.96
C CYS B 96 10.55 -3.75 7.48
N LYS B 97 9.86 -2.77 8.08
CA LYS B 97 9.81 -2.67 9.54
C LYS B 97 8.64 -3.48 10.10
N GLU B 98 7.64 -3.72 9.25
CA GLU B 98 6.50 -4.53 9.60
C GLU B 98 6.00 -5.24 8.35
N ALA B 99 5.64 -6.51 8.49
CA ALA B 99 5.18 -7.32 7.38
C ALA B 99 4.05 -6.64 6.62
N THR B 100 4.24 -6.46 5.32
CA THR B 100 3.23 -5.84 4.47
C THR B 100 3.29 -6.39 3.04
N ASP B 101 2.17 -6.31 2.33
CA ASP B 101 2.09 -6.84 0.98
C ASP B 101 1.92 -5.73 -0.06
N VAL B 102 2.28 -4.51 0.33
CA VAL B 102 2.19 -3.38 -0.58
C VAL B 102 3.34 -2.39 -0.34
N ILE B 103 3.88 -1.84 -1.42
CA ILE B 103 4.90 -0.81 -1.33
C ILE B 103 4.30 0.53 -1.74
N ILE B 104 4.22 1.45 -0.78
CA ILE B 104 3.65 2.76 -1.02
C ILE B 104 4.73 3.84 -1.00
N ILE B 105 4.95 4.47 -2.14
CA ILE B 105 6.02 5.45 -2.28
C ILE B 105 5.51 6.68 -3.06
N HIS B 106 6.09 7.85 -2.78
CA HIS B 106 5.64 9.10 -3.40
C HIS B 106 6.08 9.24 -4.84
N SER B 107 5.17 9.69 -5.69
CA SER B 107 5.46 9.90 -7.10
C SER B 107 4.54 10.98 -7.67
N LYS B 108 5.12 12.09 -8.10
CA LYS B 108 4.34 13.19 -8.61
C LYS B 108 4.70 13.51 -10.06
N LYS B 109 3.73 13.30 -10.96
CA LYS B 109 3.89 13.61 -12.38
C LYS B 109 5.10 12.95 -13.04
N LEU B 110 5.26 11.65 -12.80
CA LEU B 110 6.34 10.89 -13.43
C LEU B 110 5.76 9.79 -14.31
N ASN B 111 6.25 9.70 -15.54
CA ASN B 111 5.82 8.65 -16.47
C ASN B 111 6.85 7.53 -16.53
N TYR B 112 6.43 6.33 -16.15
CA TYR B 112 7.36 5.20 -16.03
C TYR B 112 7.43 4.35 -17.27
N THR B 113 8.63 3.85 -17.56
CA THR B 113 8.82 2.87 -18.62
C THR B 113 8.58 1.49 -18.04
N LEU B 114 7.64 0.75 -18.61
CA LEU B 114 7.35 -0.59 -18.14
C LEU B 114 8.55 -1.51 -18.34
N SER B 115 8.89 -2.23 -17.28
CA SER B 115 9.96 -3.22 -17.34
C SER B 115 9.49 -4.52 -16.72
N GLN B 116 9.66 -5.61 -17.46
CA GLN B 116 9.22 -6.93 -17.03
C GLN B 116 7.72 -6.92 -16.68
N GLY B 117 6.96 -6.15 -17.44
CA GLY B 117 5.52 -6.13 -17.31
C GLY B 117 4.95 -5.10 -16.35
N HIS B 118 5.81 -4.48 -15.56
CA HIS B 118 5.34 -3.55 -14.54
C HIS B 118 6.07 -2.22 -14.53
N ARG B 119 5.50 -1.29 -13.77
CA ARG B 119 5.99 0.08 -13.64
C ARG B 119 7.33 0.10 -12.91
N VAL B 120 7.65 -1.01 -12.25
CA VAL B 120 8.76 -1.06 -11.32
C VAL B 120 9.28 -2.49 -11.21
N VAL B 121 10.57 -2.65 -10.87
CA VAL B 121 11.15 -3.98 -10.70
C VAL B 121 11.64 -4.18 -9.26
N LEU B 122 11.23 -5.27 -8.64
CA LEU B 122 11.58 -5.55 -7.25
C LEU B 122 12.74 -6.55 -7.15
N ARG B 123 13.68 -6.26 -6.25
CA ARG B 123 14.82 -7.16 -6.03
C ARG B 123 15.12 -7.34 -4.55
N GLY B 124 15.72 -8.48 -4.22
CA GLY B 124 16.13 -8.73 -2.85
C GLY B 124 17.54 -8.25 -2.58
N VAL B 125 17.86 -8.09 -1.31
CA VAL B 125 19.24 -7.82 -0.91
C VAL B 125 19.62 -8.77 0.23
N GLY B 126 20.88 -9.19 0.23
CA GLY B 126 21.39 -10.07 1.27
C GLY B 126 20.62 -11.37 1.42
N GLY B 127 20.11 -11.87 0.32
CA GLY B 127 19.41 -13.15 0.32
C GLY B 127 17.91 -13.07 0.52
N SER B 128 17.38 -11.85 0.63
CA SER B 128 15.92 -11.70 0.77
C SER B 128 15.22 -12.07 -0.53
N GLN B 129 13.98 -12.51 -0.41
CA GLN B 129 13.22 -13.00 -1.56
C GLN B 129 11.95 -12.18 -1.76
N PRO B 130 12.04 -11.13 -2.59
CA PRO B 130 10.87 -10.28 -2.84
C PRO B 130 9.76 -11.06 -3.54
N PRO B 131 8.51 -10.84 -3.13
CA PRO B 131 7.35 -11.48 -3.75
C PRO B 131 7.14 -10.91 -5.15
N ASP B 132 6.50 -11.67 -6.02
CA ASP B 132 6.18 -11.17 -7.36
C ASP B 132 5.23 -9.98 -7.24
N ILE B 133 5.25 -9.11 -8.24
CA ILE B 133 4.36 -7.96 -8.27
C ILE B 133 3.01 -8.37 -8.82
N ASP B 134 1.95 -7.93 -8.16
CA ASP B 134 0.58 -8.19 -8.62
C ASP B 134 0.19 -7.16 -9.67
N LYS B 135 0.24 -5.89 -9.28
CA LYS B 135 0.00 -4.76 -10.17
C LYS B 135 0.47 -3.49 -9.48
N THR B 136 0.68 -2.44 -10.26
CA THR B 136 0.99 -1.13 -9.68
C THR B 136 0.05 -0.06 -10.24
N GLU B 137 -0.29 0.91 -9.38
CA GLU B 137 -1.15 2.00 -9.81
C GLU B 137 -0.61 3.32 -9.26
N LEU B 138 -1.09 4.41 -9.83
CA LEU B 138 -0.77 5.74 -9.34
C LEU B 138 -2.02 6.32 -8.69
N VAL B 139 -1.87 6.87 -7.49
CA VAL B 139 -2.98 7.54 -6.83
C VAL B 139 -2.68 9.03 -6.75
N GLU B 140 -3.36 9.81 -7.60
CA GLU B 140 -3.07 11.24 -7.73
C GLU B 140 -3.24 12.11 -6.47
N PRO B 141 -4.39 12.01 -5.78
CA PRO B 141 -4.61 12.90 -4.62
C PRO B 141 -3.50 12.78 -3.56
N THR B 142 -3.11 11.56 -3.26
CA THR B 142 -2.09 11.31 -2.23
C THR B 142 -0.70 11.23 -2.85
N GLU B 143 -0.62 11.37 -4.17
CA GLU B 143 0.64 11.38 -4.90
C GLU B 143 1.49 10.15 -4.61
N TYR B 144 0.87 8.98 -4.76
CA TYR B 144 1.54 7.72 -4.48
C TYR B 144 1.80 6.93 -5.74
N LEU B 145 2.90 6.18 -5.73
CA LEU B 145 3.06 5.03 -6.61
C LEU B 145 2.82 3.82 -5.73
N VAL B 146 1.81 3.03 -6.06
CA VAL B 146 1.42 1.90 -5.22
C VAL B 146 1.78 0.59 -5.88
N VAL B 147 2.64 -0.19 -5.23
CA VAL B 147 3.04 -1.49 -5.74
C VAL B 147 2.39 -2.62 -4.95
N HIS B 148 1.37 -3.25 -5.53
CA HIS B 148 0.68 -4.36 -4.88
C HIS B 148 1.45 -5.66 -5.11
N LEU B 149 1.67 -6.41 -4.03
CA LEU B 149 2.48 -7.63 -4.11
C LEU B 149 1.66 -8.91 -3.96
N LYS B 150 2.18 -10.01 -4.51
CA LYS B 150 1.50 -11.29 -4.44
C LYS B 150 1.85 -12.04 -3.15
N GLY B 151 2.68 -11.42 -2.33
CA GLY B 151 3.05 -11.97 -1.05
C GLY B 151 3.54 -10.84 -0.14
N SER B 152 3.86 -11.17 1.10
CA SER B 152 4.31 -10.17 2.05
C SER B 152 5.83 -10.11 2.15
N LEU B 153 6.36 -8.90 2.24
CA LEU B 153 7.77 -8.69 2.55
C LEU B 153 8.00 -9.18 3.98
N VAL B 154 9.21 -9.62 4.28
CA VAL B 154 9.48 -10.11 5.62
C VAL B 154 10.13 -9.04 6.52
N LYS B 155 9.66 -8.99 7.76
CA LYS B 155 10.10 -7.98 8.73
C LYS B 155 11.60 -8.06 8.97
N ASP B 156 12.22 -6.88 9.06
CA ASP B 156 13.67 -6.71 9.26
C ASP B 156 14.52 -6.88 8.01
N SER B 157 13.93 -7.46 6.95
CA SER B 157 14.65 -7.70 5.71
C SER B 157 14.65 -6.48 4.79
N GLN B 158 15.67 -6.41 3.93
CA GLN B 158 15.80 -5.30 2.99
C GLN B 158 15.47 -5.69 1.55
N TYR B 159 15.01 -4.71 0.77
CA TYR B 159 14.68 -4.93 -0.63
C TYR B 159 15.11 -3.74 -1.48
N GLU B 160 15.23 -3.95 -2.78
CA GLU B 160 15.53 -2.85 -3.70
C GLU B 160 14.48 -2.75 -4.80
N MET B 161 14.08 -1.52 -5.11
CA MET B 161 13.06 -1.27 -6.13
C MET B 161 13.64 -0.39 -7.24
N ASP B 162 13.68 -0.94 -8.45
CA ASP B 162 14.22 -0.22 -9.60
C ASP B 162 13.11 0.45 -10.40
N SER B 163 13.28 1.73 -10.71
CA SER B 163 12.32 2.45 -11.54
C SER B 163 13.01 3.19 -12.67
N GLU B 164 12.31 3.31 -13.79
CA GLU B 164 12.80 4.08 -14.92
C GLU B 164 11.68 4.98 -15.41
N PHE B 165 11.97 6.28 -15.51
CA PHE B 165 10.90 7.26 -15.66
C PHE B 165 11.36 8.51 -16.40
N GLU B 166 10.39 9.33 -16.79
CA GLU B 166 10.69 10.66 -17.31
C GLU B 166 9.68 11.65 -16.77
N GLY B 167 10.11 12.90 -16.61
CA GLY B 167 9.24 13.95 -16.13
C GLY B 167 9.41 15.20 -16.96
N GLU B 168 8.49 16.15 -16.82
CA GLU B 168 8.61 17.40 -17.53
C GLU B 168 9.56 18.34 -16.79
N LEU B 169 10.47 18.95 -17.54
CA LEU B 169 11.34 19.98 -16.99
C LEU B 169 10.64 21.32 -17.14
N ALA B 170 9.59 21.51 -16.34
CA ALA B 170 8.69 22.63 -16.50
C ALA B 170 9.26 23.95 -15.96
N ASP B 171 8.62 25.03 -16.35
CA ASP B 171 8.93 26.37 -15.86
C ASP B 171 8.02 26.63 -14.67
N ASP B 172 8.19 25.87 -13.60
CA ASP B 172 7.22 25.86 -12.51
C ASP B 172 7.82 25.94 -11.10
N LEU B 173 9.13 26.07 -11.01
CA LEU B 173 9.84 26.17 -9.73
C LEU B 173 9.46 25.08 -8.73
N ALA B 174 9.28 23.85 -9.20
CA ALA B 174 8.94 22.73 -8.34
C ALA B 174 9.64 21.45 -8.78
N GLY B 175 10.29 20.78 -7.85
CA GLY B 175 11.07 19.59 -8.16
C GLY B 175 12.22 19.91 -9.07
N PHE B 176 12.51 19.02 -10.01
CA PHE B 176 13.51 19.27 -11.03
C PHE B 176 12.86 20.11 -12.12
N TYR B 177 13.24 21.37 -12.23
CA TYR B 177 12.59 22.30 -13.15
C TYR B 177 13.59 23.12 -13.95
N ARG B 178 13.10 23.90 -14.90
CA ARG B 178 13.96 24.74 -15.72
C ARG B 178 13.82 26.23 -15.40
N SER B 179 14.96 26.93 -15.43
CA SER B 179 14.99 28.37 -15.19
C SER B 179 15.60 29.08 -16.38
N GLU B 180 14.84 29.95 -17.02
CA GLU B 180 15.31 30.66 -18.21
C GLU B 180 15.71 32.09 -17.89
N TYR B 181 16.78 32.56 -18.54
CA TYR B 181 17.22 33.94 -18.36
C TYR B 181 17.96 34.44 -19.60
N MET B 182 18.03 35.76 -19.76
CA MET B 182 18.68 36.35 -20.92
C MET B 182 20.09 36.84 -20.61
N GLU B 183 21.07 36.31 -21.33
CA GLU B 183 22.45 36.77 -21.21
C GLU B 183 22.76 37.63 -22.43
N GLY B 184 22.33 38.88 -22.40
CA GLY B 184 22.43 39.75 -23.56
C GLY B 184 21.26 39.47 -24.49
N ASN B 185 21.58 39.11 -25.73
CA ASN B 185 20.55 38.72 -26.69
C ASN B 185 20.43 37.20 -26.80
N VAL B 186 21.19 36.49 -25.98
CA VAL B 186 21.18 35.04 -26.00
C VAL B 186 20.32 34.49 -24.86
N ARG B 187 19.48 33.51 -25.18
CA ARG B 187 18.62 32.89 -24.19
C ARG B 187 19.32 31.70 -23.53
N LYS B 188 19.49 31.77 -22.22
CA LYS B 188 20.16 30.70 -21.47
C LYS B 188 19.15 29.93 -20.61
N VAL B 189 19.34 28.62 -20.52
CA VAL B 189 18.47 27.77 -19.72
C VAL B 189 19.28 26.96 -18.71
N VAL B 190 18.81 26.93 -17.47
CA VAL B 190 19.47 26.14 -16.43
C VAL B 190 18.50 25.18 -15.74
N ALA B 191 18.91 23.92 -15.64
CA ALA B 191 18.13 22.92 -14.91
C ALA B 191 18.52 22.94 -13.43
N THR B 192 17.52 23.17 -12.58
CA THR B 192 17.77 23.32 -11.15
C THR B 192 16.60 22.72 -10.35
N THR B 193 16.66 22.82 -9.02
CA THR B 193 15.67 22.13 -8.19
C THR B 193 15.07 22.96 -7.06
N GLN B 194 13.91 22.51 -6.60
CA GLN B 194 13.25 23.07 -5.44
C GLN B 194 12.32 22.00 -4.87
N MET B 195 12.74 21.34 -3.80
CA MET B 195 12.01 20.20 -3.27
C MET B 195 11.05 20.56 -2.16
N GLN B 196 11.36 21.63 -1.42
CA GLN B 196 10.53 22.04 -0.30
C GLN B 196 9.13 22.42 -0.76
N ALA B 197 8.11 21.80 -0.16
CA ALA B 197 8.30 20.85 0.92
C ALA B 197 8.11 19.40 0.45
N ALA B 198 7.29 19.23 -0.59
CA ALA B 198 6.95 17.89 -1.05
C ALA B 198 7.06 17.73 -2.56
N ASP B 199 8.18 18.16 -3.14
CA ASP B 199 8.37 18.05 -4.58
C ASP B 199 9.61 17.24 -4.98
N ALA B 200 10.23 16.55 -4.03
CA ALA B 200 11.30 15.62 -4.37
C ALA B 200 10.68 14.47 -5.18
N ARG B 201 9.47 14.11 -4.80
CA ARG B 201 8.68 13.10 -5.49
C ARG B 201 8.36 13.48 -6.94
N LYS B 202 8.61 14.73 -7.30
CA LYS B 202 8.33 15.22 -8.64
C LYS B 202 9.54 15.00 -9.56
N SER B 203 10.63 14.50 -8.99
CA SER B 203 11.85 14.27 -9.76
C SER B 203 12.29 12.80 -9.76
N PHE B 204 11.91 12.08 -8.70
CA PHE B 204 12.15 10.64 -8.62
C PHE B 204 11.27 10.03 -7.52
N PRO B 205 10.93 8.74 -7.65
CA PRO B 205 10.10 8.11 -6.62
C PRO B 205 10.87 7.94 -5.31
N CYS B 206 10.35 8.54 -4.24
CA CYS B 206 11.00 8.49 -2.94
C CYS B 206 9.97 8.51 -1.83
N PHE B 207 10.41 8.19 -0.62
CA PHE B 207 9.55 8.29 0.55
C PHE B 207 9.63 9.73 1.03
N ASP B 208 8.77 10.57 0.47
CA ASP B 208 8.94 12.01 0.57
C ASP B 208 8.36 12.63 1.84
N GLU B 209 8.93 12.26 2.98
CA GLU B 209 8.63 12.89 4.25
C GLU B 209 9.95 13.15 4.98
N PRO B 210 10.04 14.28 5.70
CA PRO B 210 11.32 14.72 6.26
C PRO B 210 12.00 13.74 7.22
N ALA B 211 11.23 12.91 7.93
CA ALA B 211 11.83 11.96 8.87
C ALA B 211 12.11 10.60 8.25
N MET B 212 11.99 10.50 6.94
CA MET B 212 12.40 9.31 6.22
C MET B 212 13.81 9.54 5.68
N LYS B 213 14.74 9.85 6.57
CA LYS B 213 16.11 10.18 6.17
C LYS B 213 16.80 8.98 5.52
N ALA B 214 17.72 9.26 4.62
CA ALA B 214 18.43 8.22 3.87
C ALA B 214 19.65 8.81 3.20
N GLU B 215 20.48 7.94 2.63
CA GLU B 215 21.67 8.36 1.89
C GLU B 215 21.36 8.43 0.40
N PHE B 216 21.97 9.38 -0.28
CA PHE B 216 21.68 9.57 -1.71
C PHE B 216 22.92 9.55 -2.58
N ASN B 217 22.91 8.65 -3.57
CA ASN B 217 23.95 8.62 -4.58
C ASN B 217 23.41 9.26 -5.85
N ILE B 218 23.84 10.48 -6.13
CA ILE B 218 23.31 11.23 -7.26
C ILE B 218 24.23 11.21 -8.48
N THR B 219 23.64 10.94 -9.64
CA THR B 219 24.37 11.01 -10.92
C THR B 219 23.63 11.92 -11.89
N LEU B 220 24.35 12.88 -12.47
CA LEU B 220 23.75 13.81 -13.41
C LEU B 220 24.34 13.65 -14.82
N ILE B 221 23.48 13.40 -15.79
CA ILE B 221 23.88 13.36 -17.19
C ILE B 221 23.49 14.66 -17.87
N HIS B 222 24.49 15.38 -18.36
CA HIS B 222 24.30 16.77 -18.78
C HIS B 222 25.11 17.06 -20.04
N PRO B 223 24.75 18.12 -20.76
CA PRO B 223 25.52 18.56 -21.92
C PRO B 223 27.01 18.71 -21.60
N LYS B 224 27.85 18.34 -22.57
CA LYS B 224 29.31 18.32 -22.44
C LYS B 224 29.91 19.54 -21.74
N ASP B 225 29.49 20.73 -22.15
CA ASP B 225 30.13 21.96 -21.69
C ASP B 225 29.49 22.56 -20.44
N LEU B 226 28.53 21.85 -19.85
CA LEU B 226 27.83 22.38 -18.67
C LEU B 226 28.28 21.74 -17.37
N THR B 227 28.21 22.52 -16.29
CA THR B 227 28.60 22.05 -14.97
C THR B 227 27.42 21.52 -14.17
N ALA B 228 27.60 20.34 -13.58
CA ALA B 228 26.58 19.77 -12.71
C ALA B 228 26.96 19.98 -11.25
N LEU B 229 25.96 20.25 -10.42
CA LEU B 229 26.18 20.47 -9.00
C LEU B 229 25.17 19.68 -8.19
N SER B 230 25.57 19.26 -7.00
CA SER B 230 24.64 18.61 -6.08
C SER B 230 25.07 18.82 -4.64
N ASN B 231 24.43 18.09 -3.72
CA ASN B 231 24.69 18.26 -2.30
C ASN B 231 26.14 17.98 -1.92
N MET B 232 26.73 16.97 -2.53
CA MET B 232 28.11 16.60 -2.23
C MET B 232 29.03 16.94 -3.39
N LEU B 233 30.32 16.67 -3.20
CA LEU B 233 31.31 16.84 -4.26
C LEU B 233 31.26 15.67 -5.23
N PRO B 234 31.66 15.90 -6.48
CA PRO B 234 31.80 14.83 -7.47
C PRO B 234 32.84 13.80 -7.04
N LYS B 235 32.57 12.53 -7.32
CA LYS B 235 33.55 11.46 -7.05
C LYS B 235 34.83 11.70 -7.83
N GLY B 236 34.70 12.36 -8.97
CA GLY B 236 35.84 12.68 -9.82
C GLY B 236 35.40 13.63 -10.91
N PRO B 237 36.32 14.01 -11.81
CA PRO B 237 35.99 14.91 -12.93
C PRO B 237 34.95 14.28 -13.85
N SER B 238 34.25 15.12 -14.61
CA SER B 238 33.16 14.67 -15.47
C SER B 238 33.65 13.80 -16.62
N THR B 239 33.00 12.65 -16.81
CA THR B 239 33.38 11.70 -17.85
C THR B 239 32.38 11.72 -19.01
N PRO B 240 32.87 11.48 -20.24
CA PRO B 240 32.01 11.44 -21.42
C PRO B 240 31.02 10.28 -21.39
N LEU B 241 29.78 10.54 -21.76
CA LEU B 241 28.79 9.50 -21.94
C LEU B 241 29.16 8.71 -23.18
N PRO B 242 29.43 7.40 -23.02
CA PRO B 242 29.93 6.54 -24.10
C PRO B 242 28.99 6.42 -25.30
N GLU B 243 27.70 6.64 -25.10
CA GLU B 243 26.73 6.54 -26.19
C GLU B 243 26.66 7.83 -27.01
N ASP B 244 27.00 8.94 -26.36
CA ASP B 244 26.91 10.26 -26.99
C ASP B 244 27.85 11.23 -26.29
N PRO B 245 29.07 11.37 -26.83
CA PRO B 245 30.09 12.27 -26.29
C PRO B 245 29.65 13.73 -26.15
N ASN B 246 28.50 14.09 -26.72
CA ASN B 246 27.92 15.40 -26.51
C ASN B 246 27.47 15.57 -25.06
N TRP B 247 27.31 14.45 -24.37
CA TRP B 247 26.89 14.46 -22.97
C TRP B 247 28.04 14.03 -22.06
N ASN B 248 28.01 14.50 -20.83
CA ASN B 248 28.98 14.08 -19.82
C ASN B 248 28.26 13.51 -18.61
N VAL B 249 28.97 12.69 -17.82
CA VAL B 249 28.40 12.09 -16.63
C VAL B 249 29.14 12.53 -15.37
N THR B 250 28.40 13.07 -14.42
CA THR B 250 28.98 13.50 -13.15
C THR B 250 28.39 12.70 -12.00
N GLU B 251 29.22 11.94 -11.31
CA GLU B 251 28.77 11.12 -10.20
C GLU B 251 29.22 11.75 -8.89
N PHE B 252 28.27 11.93 -7.96
CA PHE B 252 28.56 12.60 -6.71
C PHE B 252 28.73 11.60 -5.56
N HIS B 253 29.52 11.99 -4.57
CA HIS B 253 29.70 11.18 -3.36
C HIS B 253 28.38 10.99 -2.62
N THR B 254 28.30 9.92 -1.85
CA THR B 254 27.11 9.64 -1.05
C THR B 254 26.90 10.72 0.01
N THR B 255 25.67 11.22 0.10
CA THR B 255 25.33 12.19 1.13
C THR B 255 25.27 11.48 2.48
N PRO B 256 25.33 12.26 3.57
CA PRO B 256 24.98 11.65 4.85
C PRO B 256 23.47 11.44 4.91
N LYS B 257 22.98 10.73 5.92
CA LYS B 257 21.54 10.52 6.04
C LYS B 257 20.84 11.88 6.12
N MET B 258 19.90 12.10 5.21
CA MET B 258 19.25 13.40 5.08
C MET B 258 17.83 13.30 4.55
N SER B 259 17.08 14.38 4.71
CA SER B 259 15.70 14.44 4.24
C SER B 259 15.66 14.73 2.74
N THR B 260 14.67 14.17 2.06
CA THR B 260 14.52 14.36 0.61
C THR B 260 14.39 15.85 0.21
N TYR B 261 13.70 16.62 1.04
CA TYR B 261 13.41 18.01 0.68
C TYR B 261 14.63 18.93 0.64
N LEU B 262 15.80 18.39 0.99
CA LEU B 262 17.03 19.18 1.01
C LEU B 262 17.99 18.81 -0.11
N LEU B 263 17.57 17.87 -0.96
CA LEU B 263 18.37 17.48 -2.11
C LEU B 263 18.38 18.59 -3.16
N ALA B 264 19.46 18.65 -3.94
CA ALA B 264 19.56 19.66 -4.99
C ALA B 264 20.37 19.15 -6.19
N PHE B 265 19.85 19.37 -7.39
CA PHE B 265 20.57 19.07 -8.62
C PHE B 265 20.54 20.29 -9.52
N ILE B 266 21.71 20.82 -9.85
CA ILE B 266 21.76 22.00 -10.71
C ILE B 266 22.73 21.80 -11.87
N VAL B 267 22.24 22.02 -13.09
CA VAL B 267 23.06 21.94 -14.29
C VAL B 267 23.04 23.28 -15.01
N SER B 268 24.21 23.90 -15.15
CA SER B 268 24.29 25.22 -15.75
C SER B 268 25.66 25.51 -16.37
N GLU B 269 25.83 26.73 -16.84
CA GLU B 269 27.09 27.18 -17.40
C GLU B 269 27.75 28.18 -16.47
N PHE B 270 27.35 28.12 -15.19
CA PHE B 270 27.83 29.09 -14.21
C PHE B 270 29.32 28.96 -13.91
N ASP B 271 29.90 30.06 -13.44
CA ASP B 271 31.30 30.09 -13.02
C ASP B 271 31.32 30.18 -11.50
N TYR B 272 32.51 30.23 -10.91
CA TYR B 272 32.60 30.26 -9.45
C TYR B 272 33.83 31.00 -8.91
N VAL B 273 33.71 31.47 -7.67
CA VAL B 273 34.84 31.93 -6.89
C VAL B 273 34.96 31.04 -5.65
N GLU B 274 36.16 30.52 -5.40
CA GLU B 274 36.32 29.60 -4.28
C GLU B 274 37.37 30.02 -3.28
N LYS B 275 37.25 29.48 -2.08
CA LYS B 275 38.14 29.78 -0.97
C LYS B 275 38.05 28.59 -0.01
N GLN B 276 39.20 28.05 0.38
CA GLN B 276 39.19 26.92 1.30
C GLN B 276 39.55 27.34 2.72
N ALA B 277 38.66 27.09 3.66
CA ALA B 277 38.89 27.42 5.05
C ALA B 277 39.98 26.54 5.65
N SER B 278 40.51 26.95 6.80
CA SER B 278 41.63 26.25 7.43
C SER B 278 41.26 24.84 7.89
N ASN B 279 40.02 24.68 8.33
CA ASN B 279 39.54 23.39 8.83
C ASN B 279 39.24 22.38 7.71
N GLY B 280 39.38 22.81 6.46
CA GLY B 280 39.26 21.91 5.33
C GLY B 280 38.06 22.16 4.43
N VAL B 281 37.01 22.78 4.97
CA VAL B 281 35.79 22.99 4.19
C VAL B 281 36.01 23.88 2.97
N LEU B 282 35.71 23.32 1.80
CA LEU B 282 35.80 24.06 0.56
C LEU B 282 34.57 24.96 0.39
N ILE B 283 34.81 26.26 0.22
CA ILE B 283 33.72 27.22 0.10
C ILE B 283 33.68 27.82 -1.30
N ARG B 284 32.61 27.55 -2.03
CA ARG B 284 32.48 28.03 -3.41
C ARG B 284 31.20 28.83 -3.60
N ILE B 285 31.24 29.77 -4.54
CA ILE B 285 30.09 30.63 -4.82
C ILE B 285 29.84 30.75 -6.32
N TRP B 286 28.67 30.28 -6.74
CA TRP B 286 28.35 30.19 -8.16
C TRP B 286 27.37 31.27 -8.60
N ALA B 287 27.62 31.83 -9.78
CA ALA B 287 26.73 32.81 -10.40
C ALA B 287 27.01 32.88 -11.89
N ARG B 288 26.34 33.81 -12.57
CA ARG B 288 26.60 34.04 -13.99
C ARG B 288 28.07 34.41 -14.18
N PRO B 289 28.71 33.87 -15.22
CA PRO B 289 30.13 34.07 -15.51
C PRO B 289 30.53 35.55 -15.51
N SER B 290 29.72 36.38 -16.13
CA SER B 290 30.01 37.82 -16.21
C SER B 290 29.93 38.49 -14.83
N ALA B 291 28.98 38.03 -14.01
CA ALA B 291 28.83 38.58 -12.67
C ALA B 291 30.03 38.25 -11.80
N ILE B 292 30.54 37.03 -11.98
CA ILE B 292 31.66 36.54 -11.20
C ILE B 292 32.99 37.14 -11.67
N ALA B 293 33.12 37.33 -12.99
CA ALA B 293 34.30 37.94 -13.57
C ALA B 293 34.49 39.37 -13.09
N ALA B 294 33.39 40.06 -12.79
CA ALA B 294 33.44 41.42 -12.26
C ALA B 294 33.58 41.41 -10.74
N GLY B 295 33.54 40.21 -10.15
CA GLY B 295 33.80 40.03 -8.73
C GLY B 295 32.64 40.32 -7.80
N HIS B 296 31.42 40.18 -8.31
CA HIS B 296 30.22 40.50 -7.53
C HIS B 296 29.88 39.43 -6.49
N GLY B 297 30.48 38.25 -6.62
CA GLY B 297 30.24 37.18 -5.67
C GLY B 297 31.22 37.18 -4.52
N ASP B 298 32.13 38.15 -4.53
CA ASP B 298 33.23 38.19 -3.58
C ASP B 298 32.80 38.47 -2.14
N TYR B 299 31.92 39.44 -1.95
CA TYR B 299 31.47 39.78 -0.61
C TYR B 299 30.79 38.60 0.07
N ALA B 300 29.96 37.90 -0.69
CA ALA B 300 29.28 36.73 -0.18
C ALA B 300 30.30 35.66 0.21
N LEU B 301 31.41 35.59 -0.52
CA LEU B 301 32.49 34.67 -0.20
C LEU B 301 33.21 35.08 1.08
N ASN B 302 33.46 36.38 1.23
CA ASN B 302 34.15 36.92 2.40
C ASN B 302 33.42 36.63 3.72
N VAL B 303 32.10 36.64 3.69
CA VAL B 303 31.31 36.51 4.92
C VAL B 303 30.94 35.06 5.24
N THR B 304 31.07 34.17 4.26
CA THR B 304 30.67 32.77 4.44
C THR B 304 31.56 32.05 5.45
N GLY B 305 32.86 32.19 5.29
CA GLY B 305 33.82 31.61 6.21
C GLY B 305 33.57 31.94 7.66
N PRO B 306 33.58 33.24 8.00
CA PRO B 306 33.27 33.70 9.36
C PRO B 306 31.92 33.20 9.88
N ILE B 307 30.89 33.26 9.05
CA ILE B 307 29.56 32.83 9.48
C ILE B 307 29.54 31.33 9.79
N LEU B 308 30.22 30.54 8.98
CA LEU B 308 30.38 29.12 9.25
C LEU B 308 31.10 28.91 10.58
N ASN B 309 32.14 29.72 10.82
CA ASN B 309 32.90 29.65 12.06
C ASN B 309 32.06 30.02 13.27
N PHE B 310 31.18 31.00 13.10
CA PHE B 310 30.32 31.43 14.20
C PHE B 310 29.41 30.30 14.67
N PHE B 311 28.68 29.70 13.73
CA PHE B 311 27.74 28.65 14.07
C PHE B 311 28.47 27.42 14.60
N ALA B 312 29.67 27.15 14.09
CA ALA B 312 30.48 26.05 14.58
C ALA B 312 30.81 26.21 16.08
N GLY B 313 31.01 27.46 16.51
CA GLY B 313 31.32 27.75 17.89
C GLY B 313 30.09 27.91 18.74
N HIS B 314 29.07 28.56 18.19
CA HIS B 314 27.78 28.82 18.85
CA HIS B 314 27.85 28.78 18.95
C HIS B 314 27.01 27.50 19.07
N TYR B 315 27.27 26.53 18.20
CA TYR B 315 26.61 25.22 18.27
C TYR B 315 27.47 24.18 18.96
N ASP B 316 28.79 24.43 19.00
CA ASP B 316 29.77 23.47 19.51
C ASP B 316 29.76 22.17 18.71
N THR B 317 29.42 22.27 17.43
CA THR B 317 29.53 21.15 16.52
C THR B 317 30.00 21.64 15.15
N PRO B 318 31.03 21.00 14.61
CA PRO B 318 31.62 21.43 13.33
C PRO B 318 30.67 21.28 12.14
N TYR B 319 30.96 22.02 11.08
CA TYR B 319 30.21 21.93 9.83
C TYR B 319 30.22 20.49 9.32
N PRO B 320 29.03 19.91 9.14
CA PRO B 320 28.87 18.47 8.86
C PRO B 320 29.21 18.03 7.43
N LEU B 321 29.56 18.96 6.56
CA LEU B 321 29.75 18.64 5.15
C LEU B 321 31.16 19.00 4.67
N PRO B 322 31.65 18.30 3.62
CA PRO B 322 33.00 18.57 3.12
C PRO B 322 33.11 19.92 2.42
N LYS B 323 32.00 20.41 1.86
CA LYS B 323 32.00 21.68 1.15
C LYS B 323 30.72 22.48 1.35
N SER B 324 30.75 23.72 0.86
CA SER B 324 29.61 24.62 0.96
C SER B 324 29.44 25.38 -0.35
N ASP B 325 28.39 25.04 -1.10
CA ASP B 325 28.09 25.74 -2.33
C ASP B 325 26.93 26.70 -2.15
N GLN B 326 27.08 27.91 -2.69
CA GLN B 326 26.00 28.88 -2.71
C GLN B 326 25.87 29.44 -4.12
N ILE B 327 24.68 29.28 -4.70
CA ILE B 327 24.48 29.64 -6.10
C ILE B 327 23.37 30.68 -6.26
N GLY B 328 23.67 31.74 -7.02
CA GLY B 328 22.72 32.81 -7.26
C GLY B 328 22.03 32.70 -8.61
N LEU B 329 20.73 32.43 -8.59
CA LEU B 329 19.97 32.25 -9.81
C LEU B 329 19.26 33.55 -10.21
N PRO B 330 19.24 33.87 -11.51
CA PRO B 330 18.55 35.07 -12.00
C PRO B 330 17.09 35.10 -11.59
N ASP B 331 16.40 33.97 -11.72
CA ASP B 331 15.01 33.87 -11.30
C ASP B 331 14.87 32.86 -10.16
N PHE B 332 14.33 33.30 -9.04
CA PHE B 332 14.04 32.43 -7.90
C PHE B 332 13.03 33.08 -6.97
N ASN B 333 11.75 32.84 -7.23
CA ASN B 333 10.67 33.43 -6.45
C ASN B 333 10.71 33.05 -4.97
N ALA B 334 11.24 31.87 -4.68
CA ALA B 334 11.30 31.37 -3.30
C ALA B 334 12.26 32.17 -2.44
N GLY B 335 13.10 32.99 -3.06
CA GLY B 335 14.04 33.82 -2.32
C GLY B 335 15.33 33.10 -1.98
N ALA B 336 15.22 32.07 -1.14
CA ALA B 336 16.37 31.27 -0.75
C ALA B 336 15.95 29.92 -0.21
N MET B 337 16.71 28.88 -0.55
CA MET B 337 16.42 27.53 -0.09
C MET B 337 17.68 26.83 0.45
N GLU B 338 17.58 26.29 1.65
CA GLU B 338 18.75 25.84 2.41
C GLU B 338 19.26 24.44 2.08
N ASN B 339 19.22 24.05 0.80
CA ASN B 339 19.63 22.71 0.39
C ASN B 339 21.02 22.37 0.92
N TRP B 340 21.13 21.22 1.56
CA TRP B 340 22.33 20.84 2.30
C TRP B 340 23.57 20.78 1.42
N GLY B 341 24.44 21.77 1.55
CA GLY B 341 25.67 21.80 0.77
C GLY B 341 25.56 22.59 -0.52
N LEU B 342 24.32 22.85 -0.95
CA LEU B 342 24.08 23.60 -2.17
C LEU B 342 22.90 24.58 -1.99
N VAL B 343 23.18 25.69 -1.33
CA VAL B 343 22.15 26.68 -1.03
C VAL B 343 21.84 27.54 -2.24
N THR B 344 20.55 27.66 -2.57
CA THR B 344 20.12 28.46 -3.71
C THR B 344 19.60 29.82 -3.26
N TYR B 345 20.06 30.88 -3.92
CA TYR B 345 19.61 32.23 -3.64
C TYR B 345 19.09 32.90 -4.90
N ARG B 346 18.19 33.87 -4.73
CA ARG B 346 17.85 34.76 -5.82
C ARG B 346 19.05 35.67 -6.03
N GLU B 347 19.45 35.80 -7.28
CA GLU B 347 20.65 36.54 -7.68
C GLU B 347 20.86 37.87 -6.96
N ASN B 348 19.79 38.64 -6.79
CA ASN B 348 19.89 39.98 -6.22
C ASN B 348 20.02 39.98 -4.69
N SER B 349 20.09 38.78 -4.10
CA SER B 349 20.26 38.67 -2.66
C SER B 349 21.62 38.06 -2.32
N LEU B 350 22.34 37.61 -3.34
CA LEU B 350 23.64 36.98 -3.12
C LEU B 350 24.77 37.85 -3.66
N LEU B 351 24.56 38.40 -4.85
CA LEU B 351 25.57 39.24 -5.49
C LEU B 351 25.65 40.61 -4.82
N PHE B 352 26.77 41.29 -5.03
CA PHE B 352 27.00 42.59 -4.42
C PHE B 352 28.10 43.33 -5.16
N ASP B 353 27.80 44.55 -5.59
CA ASP B 353 28.79 45.40 -6.23
C ASP B 353 29.08 46.59 -5.33
N PRO B 354 30.28 46.62 -4.75
CA PRO B 354 30.68 47.68 -3.80
C PRO B 354 30.64 49.08 -4.40
N LEU B 355 30.57 49.15 -5.72
CA LEU B 355 30.54 50.44 -6.42
C LEU B 355 29.12 50.95 -6.64
N SER B 356 28.15 50.05 -6.68
CA SER B 356 26.77 50.43 -7.01
C SER B 356 25.73 49.97 -6.00
N SER B 357 26.01 48.88 -5.30
CA SER B 357 25.08 48.37 -4.29
C SER B 357 25.13 49.20 -3.00
N SER B 358 24.00 49.30 -2.31
CA SER B 358 23.90 50.11 -1.11
C SER B 358 24.17 49.28 0.15
N SER B 359 24.18 49.96 1.31
CA SER B 359 24.35 49.29 2.59
C SER B 359 23.22 48.31 2.87
N SER B 360 22.02 48.66 2.44
CA SER B 360 20.86 47.78 2.61
C SER B 360 21.02 46.52 1.79
N ASN B 361 21.53 46.67 0.57
CA ASN B 361 21.86 45.53 -0.27
C ASN B 361 22.85 44.64 0.44
N LYS B 362 23.89 45.26 0.98
CA LYS B 362 24.94 44.57 1.73
C LYS B 362 24.34 43.79 2.89
N GLU B 363 23.55 44.49 3.72
CA GLU B 363 22.90 43.88 4.88
C GLU B 363 22.03 42.70 4.47
N ARG B 364 21.34 42.82 3.34
CA ARG B 364 20.48 41.75 2.87
C ARG B 364 21.30 40.49 2.55
N VAL B 365 22.49 40.67 2.00
CA VAL B 365 23.33 39.55 1.64
C VAL B 365 23.78 38.76 2.88
N VAL B 366 24.33 39.47 3.87
CA VAL B 366 24.84 38.83 5.07
C VAL B 366 23.75 38.11 5.86
N THR B 367 22.62 38.78 6.02
CA THR B 367 21.53 38.23 6.83
C THR B 367 20.88 37.04 6.14
N VAL B 368 20.77 37.11 4.81
CA VAL B 368 20.21 36.01 4.04
C VAL B 368 21.14 34.80 4.07
N ILE B 369 22.44 35.05 3.92
CA ILE B 369 23.44 34.00 4.01
C ILE B 369 23.46 33.36 5.40
N ALA B 370 23.45 34.20 6.43
CA ALA B 370 23.48 33.71 7.81
C ALA B 370 22.24 32.87 8.11
N HIS B 371 21.11 33.22 7.51
CA HIS B 371 19.88 32.47 7.71
C HIS B 371 20.00 31.06 7.16
N GLU B 372 20.44 30.94 5.91
CA GLU B 372 20.50 29.65 5.25
C GLU B 372 21.63 28.78 5.79
N LEU B 373 22.73 29.40 6.18
CA LEU B 373 23.85 28.65 6.75
C LEU B 373 23.51 28.12 8.14
N ALA B 374 22.67 28.87 8.87
CA ALA B 374 22.16 28.43 10.16
C ALA B 374 21.48 27.07 10.01
N HIS B 375 20.71 26.92 8.94
CA HIS B 375 20.02 25.67 8.64
C HIS B 375 20.94 24.47 8.44
N GLN B 376 22.18 24.72 8.03
CA GLN B 376 23.12 23.63 7.74
C GLN B 376 23.35 22.75 8.96
N TRP B 377 23.22 23.34 10.15
CA TRP B 377 23.15 22.57 11.38
C TRP B 377 21.67 22.44 11.78
N PHE B 378 21.05 23.58 12.08
CA PHE B 378 19.71 23.58 12.63
C PHE B 378 18.64 23.50 11.54
N GLY B 379 18.23 22.28 11.24
CA GLY B 379 17.24 22.04 10.19
C GLY B 379 17.66 20.91 9.27
N ASN B 380 18.95 20.89 8.92
CA ASN B 380 19.47 19.88 7.99
C ASN B 380 20.19 18.74 8.70
N LEU B 381 21.00 19.07 9.70
CA LEU B 381 21.68 18.07 10.51
C LEU B 381 20.66 17.47 11.48
N VAL B 382 19.95 18.33 12.19
CA VAL B 382 18.80 17.93 12.99
C VAL B 382 17.55 18.48 12.32
N THR B 383 16.67 17.60 11.88
CA THR B 383 15.51 17.99 11.08
C THR B 383 14.22 17.81 11.87
N ILE B 384 13.19 18.61 11.56
CA ILE B 384 11.90 18.44 12.20
C ILE B 384 11.27 17.08 11.84
N GLU B 385 10.52 16.53 12.80
CA GLU B 385 9.82 15.27 12.59
C GLU B 385 8.76 15.41 11.50
N TRP B 386 8.00 16.51 11.55
CA TRP B 386 6.94 16.77 10.59
C TRP B 386 6.71 18.27 10.44
N TRP B 387 6.01 18.68 9.39
CA TRP B 387 5.89 20.08 9.02
C TRP B 387 5.17 20.98 10.04
N ASN B 388 4.43 20.37 10.95
CA ASN B 388 3.75 21.15 11.99
C ASN B 388 4.73 21.86 12.93
N ASP B 389 6.00 21.44 12.89
CA ASP B 389 7.03 22.09 13.69
C ASP B 389 7.92 22.99 12.83
N LEU B 390 7.39 23.43 11.70
CA LEU B 390 8.11 24.31 10.80
C LEU B 390 8.57 25.59 11.49
N TRP B 391 7.70 26.14 12.33
CA TRP B 391 7.98 27.38 13.07
C TRP B 391 9.28 27.29 13.86
N LEU B 392 9.58 26.11 14.41
CA LEU B 392 10.79 25.90 15.18
C LEU B 392 12.03 26.05 14.30
N ASN B 393 11.98 25.44 13.12
CA ASN B 393 13.10 25.47 12.20
C ASN B 393 13.30 26.84 11.56
N GLU B 394 12.23 27.42 11.06
CA GLU B 394 12.31 28.71 10.39
C GLU B 394 12.38 29.87 11.38
N GLY B 395 11.77 29.70 12.55
CA GLY B 395 11.81 30.71 13.58
C GLY B 395 13.21 30.90 14.12
N PHE B 396 13.88 29.78 14.38
CA PHE B 396 15.24 29.81 14.92
C PHE B 396 16.22 30.43 13.93
N ALA B 397 16.11 30.06 12.66
CA ALA B 397 16.98 30.59 11.63
C ALA B 397 16.71 32.08 11.43
N SER B 398 15.46 32.46 11.54
CA SER B 398 15.08 33.88 11.41
C SER B 398 15.60 34.68 12.59
N TYR B 399 15.87 34.00 13.69
CA TYR B 399 16.44 34.64 14.86
C TYR B 399 17.97 34.73 14.78
N VAL B 400 18.63 33.56 14.68
CA VAL B 400 20.09 33.52 14.74
C VAL B 400 20.78 34.09 13.50
N GLU B 401 20.00 34.42 12.47
CA GLU B 401 20.58 35.06 11.29
C GLU B 401 21.15 36.41 11.69
N TYR B 402 20.53 37.05 12.67
CA TYR B 402 21.02 38.30 13.22
C TYR B 402 22.34 38.10 13.94
N LEU B 403 22.45 36.99 14.68
CA LEU B 403 23.66 36.70 15.44
C LEU B 403 24.81 36.32 14.53
N GLY B 404 24.51 35.50 13.52
CA GLY B 404 25.49 35.10 12.53
C GLY B 404 26.01 36.27 11.73
N ALA B 405 25.10 37.13 11.29
CA ALA B 405 25.49 38.32 10.53
C ALA B 405 26.23 39.31 11.42
N ASP B 406 25.91 39.29 12.71
CA ASP B 406 26.60 40.17 13.66
C ASP B 406 28.05 39.76 13.81
N TYR B 407 28.32 38.47 13.78
CA TYR B 407 29.69 37.99 13.87
C TYR B 407 30.51 38.42 12.66
N ALA B 408 29.90 38.35 11.49
CA ALA B 408 30.56 38.73 10.24
C ALA B 408 30.74 40.24 10.16
N GLU B 409 29.77 40.98 10.68
CA GLU B 409 29.81 42.43 10.66
C GLU B 409 29.52 43.01 12.04
N PRO B 410 30.52 42.94 12.94
CA PRO B 410 30.33 43.30 14.35
C PRO B 410 30.18 44.80 14.61
N THR B 411 30.34 45.63 13.58
CA THR B 411 30.23 47.07 13.76
C THR B 411 28.84 47.59 13.43
N TRP B 412 27.95 46.71 12.97
CA TRP B 412 26.65 47.13 12.48
C TRP B 412 25.56 47.22 13.53
N ASN B 413 25.64 46.36 14.55
CA ASN B 413 24.57 46.20 15.54
C ASN B 413 23.26 45.76 14.90
N LEU B 414 23.33 44.74 14.04
CA LEU B 414 22.18 44.25 13.32
C LEU B 414 21.11 43.64 14.22
N LYS B 415 21.52 43.13 15.38
CA LYS B 415 20.59 42.44 16.28
C LYS B 415 19.42 43.33 16.69
N ASP B 416 19.68 44.63 16.85
CA ASP B 416 18.65 45.59 17.24
C ASP B 416 17.51 45.67 16.25
N LEU B 417 17.82 45.48 14.97
CA LEU B 417 16.84 45.64 13.90
C LEU B 417 15.73 44.57 13.90
N MET B 418 15.89 43.53 14.72
CA MET B 418 14.92 42.45 14.75
C MET B 418 13.58 42.91 15.33
N VAL B 419 13.63 43.93 16.18
CA VAL B 419 12.41 44.46 16.78
C VAL B 419 11.50 45.05 15.71
N LEU B 420 12.09 45.78 14.77
CA LEU B 420 11.32 46.39 13.69
C LEU B 420 11.00 45.38 12.59
N ASN B 421 12.00 44.58 12.21
CA ASN B 421 11.85 43.65 11.09
C ASN B 421 10.95 42.45 11.36
N ASP B 422 11.01 41.92 12.59
CA ASP B 422 10.26 40.71 12.91
C ASP B 422 9.16 40.89 13.95
N VAL B 423 9.51 41.47 15.10
CA VAL B 423 8.56 41.56 16.21
C VAL B 423 7.32 42.40 15.86
N TYR B 424 7.55 43.68 15.55
CA TYR B 424 6.44 44.57 15.21
C TYR B 424 5.78 44.20 13.89
N ARG B 425 6.54 43.58 12.99
CA ARG B 425 5.98 43.07 11.76
C ARG B 425 4.89 42.02 12.03
N VAL B 426 5.25 40.96 12.75
CA VAL B 426 4.32 39.87 13.02
C VAL B 426 3.21 40.27 14.00
N MET B 427 3.49 41.26 14.84
CA MET B 427 2.50 41.73 15.79
C MET B 427 1.30 42.36 15.09
N ALA B 428 1.50 42.82 13.87
CA ALA B 428 0.39 43.36 13.07
C ALA B 428 -0.57 42.23 12.70
N VAL B 429 -0.01 41.06 12.37
CA VAL B 429 -0.81 39.91 11.98
C VAL B 429 -1.32 39.15 13.20
N ASP B 430 -0.46 39.02 14.21
CA ASP B 430 -0.79 38.25 15.40
C ASP B 430 -1.80 38.97 16.32
N ALA B 431 -2.09 40.22 16.02
CA ALA B 431 -3.05 40.99 16.80
C ALA B 431 -4.46 40.89 16.23
N LEU B 432 -4.66 39.97 15.30
CA LEU B 432 -5.97 39.75 14.70
C LEU B 432 -6.65 38.51 15.26
N ALA B 433 -7.97 38.45 15.14
CA ALA B 433 -8.73 37.29 15.57
C ALA B 433 -8.59 36.13 14.58
N SER B 434 -7.94 36.40 13.45
CA SER B 434 -7.78 35.42 12.39
C SER B 434 -6.40 34.76 12.43
N SER B 435 -5.62 35.12 13.44
CA SER B 435 -4.28 34.54 13.60
C SER B 435 -4.37 33.07 14.00
N HIS B 436 -3.22 32.41 14.13
CA HIS B 436 -3.18 31.01 14.50
C HIS B 436 -2.00 30.75 15.41
N PRO B 437 -2.12 29.75 16.29
CA PRO B 437 -1.02 29.42 17.21
C PRO B 437 0.22 28.99 16.45
N LEU B 438 1.37 29.26 17.06
CA LEU B 438 2.66 28.83 16.55
C LEU B 438 2.66 27.32 16.33
N SER B 439 2.16 26.59 17.32
CA SER B 439 2.16 25.14 17.28
C SER B 439 0.88 24.62 16.66
N THR B 440 0.99 23.51 15.95
CA THR B 440 -0.17 22.86 15.33
C THR B 440 -0.06 21.36 15.57
N PRO B 441 -1.18 20.72 15.93
CA PRO B 441 -1.15 19.26 16.10
C PRO B 441 -0.76 18.58 14.78
N ALA B 442 0.15 17.63 14.85
CA ALA B 442 0.67 16.97 13.64
C ALA B 442 -0.43 16.32 12.81
N SER B 443 -1.49 15.85 13.48
CA SER B 443 -2.59 15.19 12.81
C SER B 443 -3.46 16.14 11.99
N GLU B 444 -3.19 17.44 12.09
CA GLU B 444 -3.97 18.43 11.36
C GLU B 444 -3.24 18.92 10.12
N ILE B 445 -1.99 18.51 9.96
CA ILE B 445 -1.22 18.82 8.77
C ILE B 445 -0.98 17.54 7.97
N ASN B 446 -1.66 17.41 6.83
CA ASN B 446 -1.58 16.20 6.02
C ASN B 446 -1.37 16.47 4.54
N THR B 447 -2.11 17.42 4.00
CA THR B 447 -2.04 17.73 2.58
C THR B 447 -0.95 18.73 2.29
N PRO B 448 -0.45 18.76 1.04
CA PRO B 448 0.55 19.74 0.64
C PRO B 448 0.06 21.18 0.84
N ALA B 449 -1.24 21.40 0.67
CA ALA B 449 -1.82 22.73 0.86
C ALA B 449 -1.78 23.15 2.32
N GLN B 450 -2.05 22.21 3.22
CA GLN B 450 -1.97 22.47 4.66
C GLN B 450 -0.53 22.74 5.08
N ILE B 451 0.41 22.01 4.47
CA ILE B 451 1.84 22.24 4.72
C ILE B 451 2.24 23.64 4.26
N SER B 452 1.84 24.00 3.04
CA SER B 452 2.21 25.29 2.45
C SER B 452 1.73 26.48 3.25
N GLU B 453 0.57 26.35 3.89
CA GLU B 453 0.00 27.44 4.66
C GLU B 453 0.84 27.77 5.89
N LEU B 454 1.70 26.85 6.30
CA LEU B 454 2.52 27.05 7.49
C LEU B 454 3.73 27.95 7.23
N PHE B 455 4.02 28.19 5.96
CA PHE B 455 5.12 29.08 5.59
C PHE B 455 4.66 30.53 5.61
N ASP B 456 4.37 31.05 6.80
CA ASP B 456 3.86 32.41 6.93
C ASP B 456 4.66 33.24 7.93
N ALA B 457 4.15 34.43 8.24
CA ALA B 457 4.83 35.37 9.13
C ALA B 457 4.86 34.86 10.58
N ILE B 458 3.86 34.06 10.94
CA ILE B 458 3.80 33.47 12.26
C ILE B 458 4.97 32.52 12.49
N SER B 459 5.11 31.55 11.60
CA SER B 459 6.19 30.56 11.71
C SER B 459 7.57 31.20 11.69
N TYR B 460 7.76 32.19 10.80
CA TYR B 460 9.05 32.83 10.66
C TYR B 460 9.30 33.88 11.76
N SER B 461 8.49 34.92 11.76
CA SER B 461 8.74 36.08 12.62
C SER B 461 8.33 35.90 14.08
N LYS B 462 7.16 35.36 14.35
CA LYS B 462 6.78 35.09 15.72
C LYS B 462 7.67 34.01 16.30
N GLY B 463 7.96 32.99 15.50
CA GLY B 463 8.87 31.94 15.90
C GLY B 463 10.20 32.51 16.32
N ALA B 464 10.69 33.48 15.56
CA ALA B 464 11.96 34.12 15.87
C ALA B 464 11.86 34.93 17.17
N SER B 465 10.78 35.71 17.29
CA SER B 465 10.59 36.58 18.43
C SER B 465 10.48 35.78 19.73
N VAL B 466 9.68 34.73 19.68
CA VAL B 466 9.44 33.88 20.84
C VAL B 466 10.73 33.15 21.27
N LEU B 467 11.53 32.72 20.30
CA LEU B 467 12.79 32.07 20.62
C LEU B 467 13.82 33.07 21.15
N ARG B 468 13.77 34.29 20.64
CA ARG B 468 14.63 35.36 21.16
C ARG B 468 14.29 35.61 22.62
N MET B 469 12.99 35.70 22.91
CA MET B 469 12.51 35.89 24.28
C MET B 469 12.92 34.73 25.18
N LEU B 470 12.86 33.52 24.64
CA LEU B 470 13.26 32.32 25.37
C LEU B 470 14.75 32.39 25.71
N SER B 471 15.53 32.87 24.75
CA SER B 471 16.97 33.02 24.95
C SER B 471 17.26 34.21 25.87
N SER B 472 16.23 34.98 26.19
CA SER B 472 16.40 36.17 27.02
C SER B 472 16.16 35.89 28.50
N PHE B 473 15.07 35.20 28.83
CA PHE B 473 14.80 34.93 30.24
C PHE B 473 15.66 33.80 30.78
N LEU B 474 16.10 32.92 29.89
CA LEU B 474 17.25 32.06 30.15
C LEU B 474 18.42 32.91 29.70
N SER B 475 19.62 32.61 30.19
CA SER B 475 20.79 33.30 29.65
C SER B 475 20.97 32.84 28.21
N GLU B 476 21.61 33.65 27.37
CA GLU B 476 21.98 33.17 26.05
C GLU B 476 22.94 31.99 26.22
N ASP B 477 23.79 32.08 27.23
CA ASP B 477 24.80 31.05 27.48
C ASP B 477 24.16 29.72 27.85
N VAL B 478 23.10 29.75 28.65
CA VAL B 478 22.41 28.51 29.00
C VAL B 478 21.51 28.06 27.86
N PHE B 479 21.11 28.99 27.01
CA PHE B 479 20.36 28.66 25.80
C PHE B 479 21.30 27.94 24.85
N LYS B 480 22.51 28.46 24.70
CA LYS B 480 23.53 27.85 23.86
C LYS B 480 23.83 26.43 24.33
N GLN B 481 23.91 26.27 25.65
CA GLN B 481 24.18 24.96 26.24
C GLN B 481 23.13 23.94 25.83
N GLY B 482 21.87 24.30 25.99
CA GLY B 482 20.76 23.44 25.60
C GLY B 482 20.80 23.06 24.13
N LEU B 483 21.05 24.05 23.26
CA LEU B 483 21.16 23.83 21.83
C LEU B 483 22.28 22.85 21.49
N ALA B 484 23.42 23.03 22.13
CA ALA B 484 24.59 22.20 21.87
C ALA B 484 24.30 20.73 22.12
N SER B 485 23.75 20.41 23.29
CA SER B 485 23.45 19.03 23.64
C SER B 485 22.29 18.50 22.81
N TYR B 486 21.44 19.42 22.36
CA TYR B 486 20.32 19.09 21.49
C TYR B 486 20.82 18.59 20.13
N LEU B 487 21.76 19.32 19.54
CA LEU B 487 22.32 18.92 18.25
C LEU B 487 23.09 17.61 18.32
N HIS B 488 23.94 17.47 19.33
CA HIS B 488 24.77 16.29 19.50
C HIS B 488 23.90 15.03 19.65
N THR B 489 22.87 15.13 20.49
CA THR B 489 21.97 14.02 20.74
C THR B 489 21.21 13.58 19.48
N PHE B 490 20.68 14.56 18.73
CA PHE B 490 19.78 14.25 17.64
C PHE B 490 20.37 14.47 16.24
N ALA B 491 21.69 14.47 16.14
CA ALA B 491 22.36 14.62 14.85
C ALA B 491 21.93 13.51 13.88
N TYR B 492 21.68 13.90 12.63
CA TYR B 492 21.26 12.99 11.57
C TYR B 492 19.93 12.32 11.88
N GLN B 493 19.13 12.97 12.72
CA GLN B 493 17.84 12.41 13.15
C GLN B 493 16.74 13.46 13.08
N ASN B 494 15.60 13.16 13.69
CA ASN B 494 14.46 14.07 13.67
C ASN B 494 13.90 14.35 15.07
N THR B 495 13.30 15.52 15.24
CA THR B 495 12.83 15.94 16.56
C THR B 495 11.46 16.62 16.50
N ILE B 496 10.82 16.68 17.66
CA ILE B 496 9.68 17.57 17.87
C ILE B 496 10.14 18.62 18.87
N TYR B 497 9.46 19.77 18.92
CA TYR B 497 9.95 20.90 19.71
C TYR B 497 10.11 20.60 21.20
N LEU B 498 9.38 19.59 21.69
CA LEU B 498 9.51 19.17 23.08
C LEU B 498 10.89 18.61 23.38
N ASN B 499 11.56 18.12 22.34
CA ASN B 499 12.93 17.63 22.48
C ASN B 499 13.88 18.75 22.83
N LEU B 500 13.67 19.92 22.22
CA LEU B 500 14.48 21.08 22.51
C LEU B 500 14.17 21.62 23.91
N TRP B 501 12.89 21.60 24.26
CA TRP B 501 12.47 22.04 25.59
C TRP B 501 13.12 21.16 26.67
N ASP B 502 13.23 19.87 26.39
CA ASP B 502 13.85 18.94 27.34
C ASP B 502 15.31 19.27 27.61
N HIS B 503 16.07 19.57 26.55
CA HIS B 503 17.48 19.87 26.68
C HIS B 503 17.72 21.23 27.31
N LEU B 504 16.83 22.18 27.03
CA LEU B 504 16.92 23.49 27.66
C LEU B 504 16.65 23.38 29.14
N GLN B 505 15.69 22.52 29.50
CA GLN B 505 15.37 22.27 30.90
C GLN B 505 16.55 21.68 31.65
N GLU B 506 17.31 20.81 30.98
CA GLU B 506 18.52 20.24 31.55
C GLU B 506 19.59 21.30 31.73
N ALA B 507 19.65 22.25 30.79
CA ALA B 507 20.58 23.36 30.89
C ALA B 507 20.19 24.25 32.07
N VAL B 508 18.89 24.52 32.20
CA VAL B 508 18.36 25.32 33.30
C VAL B 508 18.70 24.72 34.66
N ASN B 509 18.47 23.41 34.80
CA ASN B 509 18.76 22.72 36.06
C ASN B 509 20.26 22.71 36.38
N ASN B 510 21.07 22.38 35.38
CA ASN B 510 22.51 22.31 35.54
C ASN B 510 23.13 23.66 35.89
N ARG B 511 22.46 24.74 35.48
CA ARG B 511 22.95 26.09 35.71
C ARG B 511 22.24 26.79 36.86
N SER B 512 21.30 26.08 37.48
CA SER B 512 20.56 26.58 38.63
C SER B 512 19.80 27.87 38.32
N ILE B 513 19.21 27.94 37.13
CA ILE B 513 18.43 29.10 36.71
C ILE B 513 17.03 29.08 37.33
N GLN B 514 16.65 30.18 37.98
CA GLN B 514 15.33 30.27 38.62
C GLN B 514 14.21 30.61 37.63
N LEU B 515 13.20 29.76 37.58
CA LEU B 515 12.05 29.96 36.70
C LEU B 515 10.75 29.74 37.49
N PRO B 516 9.69 30.46 37.11
CA PRO B 516 8.39 30.35 37.78
C PRO B 516 7.79 28.94 37.65
N THR B 517 8.16 28.26 36.58
CA THR B 517 7.76 26.87 36.37
C THR B 517 8.71 26.22 35.36
N THR B 518 8.31 25.10 34.78
CA THR B 518 9.15 24.40 33.82
C THR B 518 9.21 25.16 32.49
N VAL B 519 10.30 24.98 31.75
CA VAL B 519 10.48 25.59 30.44
C VAL B 519 9.31 25.24 29.53
N ARG B 520 8.90 23.98 29.58
CA ARG B 520 7.77 23.45 28.83
C ARG B 520 6.49 24.23 29.12
N ASP B 521 6.21 24.46 30.40
CA ASP B 521 4.98 25.15 30.81
C ASP B 521 4.97 26.64 30.47
N ILE B 522 6.15 27.25 30.48
CA ILE B 522 6.27 28.64 30.10
C ILE B 522 6.05 28.78 28.60
N MET B 523 6.72 27.93 27.83
CA MET B 523 6.66 28.03 26.37
C MET B 523 5.32 27.58 25.80
N ASN B 524 4.60 26.75 26.53
CA ASN B 524 3.25 26.34 26.13
C ASN B 524 2.31 27.54 25.97
N ARG B 525 2.46 28.53 26.84
CA ARG B 525 1.65 29.73 26.77
C ARG B 525 1.91 30.48 25.48
N TRP B 526 3.09 30.31 24.92
CA TRP B 526 3.53 31.10 23.77
C TRP B 526 3.44 30.35 22.44
N THR B 527 3.17 29.04 22.50
CA THR B 527 3.12 28.23 21.30
C THR B 527 1.76 27.58 21.06
N LEU B 528 1.06 27.25 22.14
CA LEU B 528 -0.23 26.55 22.02
C LEU B 528 -1.41 27.49 21.79
N GLN B 529 -1.23 28.77 22.07
CA GLN B 529 -2.29 29.75 21.81
C GLN B 529 -1.77 30.89 20.95
N MET B 530 -2.66 31.43 20.12
CA MET B 530 -2.30 32.52 19.21
C MET B 530 -2.21 33.84 19.96
N GLY B 531 -1.66 34.85 19.29
CA GLY B 531 -1.67 36.20 19.83
C GLY B 531 -0.68 36.45 20.96
N PHE B 532 -0.85 37.59 21.61
CA PHE B 532 0.07 38.04 22.65
C PHE B 532 -0.66 39.01 23.58
N PRO B 533 -0.14 39.19 24.81
CA PRO B 533 -0.81 40.09 25.75
C PRO B 533 -0.37 41.53 25.64
N VAL B 534 -1.21 42.43 26.15
CA VAL B 534 -0.78 43.79 26.45
C VAL B 534 -0.75 43.94 27.98
N ILE B 535 0.41 44.34 28.51
CA ILE B 535 0.54 44.54 29.95
C ILE B 535 0.23 45.98 30.30
N THR B 536 -0.82 46.19 31.09
CA THR B 536 -1.20 47.54 31.49
C THR B 536 -0.71 47.84 32.90
N VAL B 537 0.06 48.92 33.04
CA VAL B 537 0.66 49.27 34.31
C VAL B 537 0.00 50.47 34.96
N ASP B 538 -0.39 50.31 36.23
CA ASP B 538 -0.86 51.42 37.04
C ASP B 538 0.24 51.75 38.04
N THR B 539 1.01 52.78 37.74
CA THR B 539 2.19 53.11 38.54
C THR B 539 1.87 53.73 39.89
N SER B 540 0.59 54.05 40.11
CA SER B 540 0.18 54.62 41.39
C SER B 540 0.09 53.54 42.47
N THR B 541 -0.31 52.34 42.06
CA THR B 541 -0.45 51.23 42.99
C THR B 541 0.53 50.10 42.67
N GLY B 542 1.16 50.18 41.50
CA GLY B 542 2.13 49.19 41.07
C GLY B 542 1.48 47.89 40.65
N THR B 543 0.26 47.96 40.12
CA THR B 543 -0.43 46.76 39.69
C THR B 543 -0.23 46.47 38.20
N LEU B 544 -0.03 45.20 37.88
CA LEU B 544 0.19 44.77 36.51
C LEU B 544 -1.02 44.01 36.01
N SER B 545 -1.40 44.24 34.76
CA SER B 545 -2.60 43.65 34.20
C SER B 545 -2.38 43.20 32.75
N GLN B 546 -2.66 41.94 32.47
CA GLN B 546 -2.50 41.41 31.13
C GLN B 546 -3.82 41.02 30.48
N GLU B 547 -3.90 41.18 29.17
CA GLU B 547 -5.07 40.73 28.41
C GLU B 547 -4.70 40.56 26.94
N HIS B 548 -5.38 39.64 26.27
CA HIS B 548 -5.16 39.38 24.86
C HIS B 548 -5.28 40.67 24.04
N PHE B 549 -4.17 41.10 23.44
CA PHE B 549 -4.18 42.33 22.65
C PHE B 549 -4.78 42.14 21.26
N LEU B 550 -5.77 42.98 20.93
CA LEU B 550 -6.42 42.92 19.63
C LEU B 550 -6.51 44.31 19.01
N LEU B 551 -6.01 44.45 17.79
CA LEU B 551 -6.02 45.74 17.09
C LEU B 551 -7.43 46.25 16.87
N ASP B 552 -8.35 45.33 16.60
CA ASP B 552 -9.74 45.70 16.33
C ASP B 552 -10.51 45.79 17.64
N PRO B 553 -11.01 46.99 17.98
CA PRO B 553 -11.81 47.18 19.18
C PRO B 553 -13.09 46.33 19.14
N ASP B 554 -13.57 46.08 17.93
CA ASP B 554 -14.79 45.32 17.73
C ASP B 554 -14.49 43.88 17.31
N SER B 555 -13.29 43.41 17.64
CA SER B 555 -12.87 42.07 17.26
C SER B 555 -13.71 41.01 17.94
N ASN B 556 -13.74 39.82 17.35
CA ASN B 556 -14.50 38.71 17.91
C ASN B 556 -13.70 37.41 17.88
N VAL B 557 -12.89 37.20 18.92
CA VAL B 557 -12.09 35.99 19.02
C VAL B 557 -12.98 34.79 19.27
N THR B 558 -12.92 33.81 18.36
CA THR B 558 -13.74 32.61 18.48
C THR B 558 -12.88 31.39 18.73
N ARG B 559 -11.58 31.49 18.44
CA ARG B 559 -10.66 30.38 18.61
C ARG B 559 -10.40 30.13 20.09
N PRO B 560 -10.84 28.96 20.59
CA PRO B 560 -10.66 28.62 22.00
C PRO B 560 -9.19 28.42 22.38
N SER B 561 -8.84 28.75 23.62
CA SER B 561 -7.48 28.59 24.12
C SER B 561 -7.46 27.80 25.43
N GLU B 562 -6.49 26.89 25.55
CA GLU B 562 -6.31 26.09 26.76
C GLU B 562 -6.15 26.97 27.99
N PHE B 563 -5.54 28.13 27.80
CA PHE B 563 -5.16 28.98 28.92
C PHE B 563 -6.03 30.22 29.04
N ASN B 564 -7.10 30.28 28.25
CA ASN B 564 -8.00 31.44 28.23
C ASN B 564 -7.27 32.74 27.94
N TYR B 565 -6.27 32.65 27.05
CA TYR B 565 -5.50 33.82 26.62
C TYR B 565 -4.87 34.59 27.78
N VAL B 566 -4.16 33.87 28.64
CA VAL B 566 -3.26 34.50 29.60
C VAL B 566 -1.91 33.80 29.55
N TRP B 567 -0.85 34.60 29.57
CA TRP B 567 0.50 34.09 29.39
C TRP B 567 1.29 34.14 30.68
N ILE B 568 2.38 33.38 30.71
CA ILE B 568 3.41 33.55 31.71
C ILE B 568 4.48 34.40 31.04
N VAL B 569 4.63 35.64 31.50
CA VAL B 569 5.46 36.61 30.78
C VAL B 569 6.58 37.17 31.64
N PRO B 570 7.83 37.08 31.12
CA PRO B 570 9.02 37.62 31.78
C PRO B 570 9.09 39.13 31.62
N ILE B 571 9.07 39.85 32.74
CA ILE B 571 9.07 41.30 32.70
C ILE B 571 10.41 41.89 33.11
N THR B 572 11.13 42.47 32.15
CA THR B 572 12.26 43.32 32.47
C THR B 572 11.75 44.75 32.52
N SER B 573 12.43 45.62 33.24
CA SER B 573 11.98 47.00 33.36
C SER B 573 13.10 47.96 33.75
N ILE B 574 12.89 49.23 33.46
CA ILE B 574 13.81 50.27 33.88
C ILE B 574 13.09 51.35 34.69
N ARG B 575 13.79 51.88 35.68
CA ARG B 575 13.27 53.00 36.47
C ARG B 575 14.30 54.13 36.45
N ASP B 576 13.85 55.29 35.99
CA ASP B 576 14.71 56.47 35.86
C ASP B 576 15.98 56.20 35.06
N GLY B 577 15.86 55.38 34.01
CA GLY B 577 16.96 55.13 33.10
C GLY B 577 17.86 53.97 33.48
N ARG B 578 17.61 53.37 34.65
CA ARG B 578 18.42 52.25 35.10
C ARG B 578 17.58 51.00 35.28
N GLN B 579 18.10 49.86 34.85
CA GLN B 579 17.36 48.61 34.87
C GLN B 579 17.10 48.10 36.28
N GLN B 580 15.85 47.75 36.55
CA GLN B 580 15.47 47.15 37.83
C GLN B 580 15.71 45.64 37.78
N GLN B 581 15.26 44.95 38.82
CA GLN B 581 15.36 43.49 38.84
C GLN B 581 14.21 42.90 38.03
N ASP B 582 14.44 41.70 37.50
CA ASP B 582 13.45 41.04 36.65
C ASP B 582 12.22 40.62 37.44
N TYR B 583 11.13 40.35 36.72
CA TYR B 583 9.88 39.94 37.32
C TYR B 583 9.10 39.02 36.39
N TRP B 584 8.39 38.06 36.96
CA TRP B 584 7.55 37.16 36.18
C TRP B 584 6.07 37.40 36.48
N LEU B 585 5.30 37.72 35.44
CA LEU B 585 3.86 37.85 35.59
C LEU B 585 3.22 36.52 35.26
N ILE B 586 2.67 35.86 36.28
CA ILE B 586 2.12 34.53 36.10
C ILE B 586 0.60 34.51 36.22
N ASP B 587 0.02 35.68 36.47
CA ASP B 587 -1.43 35.80 36.67
C ASP B 587 -2.02 36.91 35.79
N VAL B 588 -3.34 36.99 35.74
CA VAL B 588 -4.03 38.02 34.99
C VAL B 588 -3.74 39.40 35.58
N ARG B 589 -3.79 39.49 36.91
CA ARG B 589 -3.49 40.72 37.61
C ARG B 589 -2.58 40.44 38.81
N ALA B 590 -1.60 41.31 39.01
CA ALA B 590 -0.67 41.18 40.14
C ALA B 590 -0.17 42.54 40.59
N GLN B 591 0.39 42.60 41.79
CA GLN B 591 0.94 43.86 42.30
C GLN B 591 2.39 43.65 42.71
N ASN B 592 3.21 44.68 42.48
CA ASN B 592 4.60 44.67 42.91
C ASN B 592 5.16 46.08 42.96
N ASP B 593 5.91 46.38 44.03
CA ASP B 593 6.44 47.72 44.23
C ASP B 593 7.45 48.14 43.17
N LEU B 594 7.93 47.17 42.40
CA LEU B 594 8.82 47.45 41.28
C LEU B 594 8.14 48.35 40.25
N PHE B 595 6.81 48.34 40.26
CA PHE B 595 6.05 49.09 39.28
C PHE B 595 5.27 50.23 39.94
N SER B 596 5.65 50.56 41.16
CA SER B 596 5.09 51.72 41.86
C SER B 596 6.03 52.90 41.69
N THR B 597 5.46 54.08 41.49
CA THR B 597 6.25 55.30 41.35
C THR B 597 5.69 56.41 42.23
N SER B 598 6.55 57.34 42.63
CA SER B 598 6.14 58.53 43.37
C SER B 598 7.02 59.70 42.97
N GLY B 599 6.46 60.89 42.99
CA GLY B 599 7.22 62.08 42.61
C GLY B 599 7.49 62.11 41.12
N ASN B 600 8.76 62.26 40.76
CA ASN B 600 9.14 62.45 39.36
C ASN B 600 9.65 61.19 38.67
N GLU B 601 9.66 60.08 39.39
CA GLU B 601 10.21 58.84 38.83
C GLU B 601 9.24 58.15 37.87
N TRP B 602 9.80 57.44 36.90
CA TRP B 602 9.02 56.73 35.91
C TRP B 602 9.58 55.33 35.67
N VAL B 603 8.70 54.40 35.34
CA VAL B 603 9.13 53.05 34.98
C VAL B 603 8.73 52.73 33.54
N LEU B 604 9.37 51.70 32.98
CA LEU B 604 9.18 51.34 31.58
C LEU B 604 9.41 49.83 31.45
N LEU B 605 8.44 49.13 30.88
CA LEU B 605 8.55 47.67 30.78
C LEU B 605 9.16 47.21 29.46
N ASN B 606 9.66 45.97 29.47
CA ASN B 606 10.18 45.30 28.28
C ASN B 606 11.42 45.99 27.69
N LEU B 607 12.53 45.88 28.40
CA LEU B 607 13.80 46.47 27.98
C LEU B 607 14.27 45.88 26.66
N ASN B 608 14.54 46.75 25.69
CA ASN B 608 14.93 46.34 24.34
C ASN B 608 13.90 45.43 23.66
N VAL B 609 12.67 45.44 24.18
CA VAL B 609 11.57 44.64 23.65
C VAL B 609 11.98 43.18 23.40
N THR B 610 12.56 42.56 24.42
CA THR B 610 12.92 41.15 24.31
C THR B 610 11.67 40.28 24.45
N GLY B 611 10.69 40.79 25.18
CA GLY B 611 9.45 40.07 25.40
C GLY B 611 8.44 40.28 24.30
N TYR B 612 7.71 39.22 23.96
CA TYR B 612 6.70 39.29 22.91
C TYR B 612 5.37 39.85 23.45
N TYR B 613 5.37 41.13 23.80
CA TYR B 613 4.18 41.77 24.31
C TYR B 613 4.24 43.29 24.20
N ARG B 614 3.09 43.94 24.31
CA ARG B 614 3.02 45.39 24.29
C ARG B 614 2.72 45.91 25.70
N VAL B 615 3.01 47.18 25.94
CA VAL B 615 2.88 47.77 27.27
C VAL B 615 2.06 49.07 27.24
N ASN B 616 1.18 49.23 28.23
CA ASN B 616 0.42 50.46 28.39
C ASN B 616 0.55 50.99 29.82
N TYR B 617 0.49 52.31 29.98
CA TYR B 617 0.65 52.92 31.29
C TYR B 617 -0.51 53.85 31.64
N ASP B 618 -0.60 54.21 32.92
CA ASP B 618 -1.54 55.21 33.37
C ASP B 618 -1.12 56.57 32.84
N GLU B 619 -2.05 57.53 32.84
CA GLU B 619 -1.78 58.86 32.28
C GLU B 619 -0.55 59.52 32.88
N GLU B 620 -0.42 59.43 34.19
CA GLU B 620 0.68 60.10 34.90
C GLU B 620 2.05 59.60 34.44
N ASN B 621 2.17 58.29 34.25
CA ASN B 621 3.45 57.72 33.83
C ASN B 621 3.78 58.03 32.38
N TRP B 622 2.76 57.97 31.51
CA TRP B 622 2.92 58.39 30.10
C TRP B 622 3.46 59.81 30.04
N ARG B 623 2.94 60.67 30.90
CA ARG B 623 3.37 62.06 30.97
C ARG B 623 4.86 62.19 31.33
N LYS B 624 5.28 61.48 32.36
CA LYS B 624 6.69 61.55 32.81
C LYS B 624 7.64 61.01 31.75
N ILE B 625 7.16 60.04 30.98
CA ILE B 625 7.93 59.47 29.89
C ILE B 625 8.14 60.48 28.77
N GLN B 626 7.09 61.22 28.46
CA GLN B 626 7.15 62.25 27.42
C GLN B 626 8.01 63.41 27.88
N THR B 627 7.94 63.73 29.17
CA THR B 627 8.77 64.76 29.75
C THR B 627 10.24 64.35 29.70
N GLN B 628 10.48 63.05 29.90
CA GLN B 628 11.82 62.49 29.80
C GLN B 628 12.35 62.59 28.37
N LEU B 629 11.49 62.25 27.41
CA LEU B 629 11.85 62.29 25.99
C LEU B 629 12.21 63.71 25.55
N GLN B 630 11.45 64.68 26.03
CA GLN B 630 11.69 66.08 25.69
C GLN B 630 12.99 66.59 26.30
N ARG B 631 13.18 66.34 27.59
CA ARG B 631 14.35 66.81 28.31
C ARG B 631 15.63 66.12 27.85
N ASP B 632 15.65 64.80 27.98
CA ASP B 632 16.84 64.02 27.63
C ASP B 632 16.44 62.61 27.21
N HIS B 633 16.15 62.44 25.92
CA HIS B 633 15.65 61.16 25.40
C HIS B 633 16.69 60.05 25.43
N SER B 634 17.96 60.42 25.52
CA SER B 634 19.04 59.43 25.53
C SER B 634 19.05 58.60 26.82
N ALA B 635 18.27 59.04 27.82
CA ALA B 635 18.15 58.30 29.07
C ALA B 635 17.28 57.06 28.89
N ILE B 636 16.55 57.01 27.78
CA ILE B 636 15.74 55.85 27.43
C ILE B 636 16.42 55.11 26.28
N PRO B 637 16.61 53.79 26.44
CA PRO B 637 17.24 52.95 25.41
C PRO B 637 16.59 53.13 24.04
N VAL B 638 17.40 53.26 23.00
CA VAL B 638 16.92 53.59 21.66
C VAL B 638 15.81 52.67 21.16
N ILE B 639 15.95 51.36 21.41
CA ILE B 639 14.92 50.40 21.02
C ILE B 639 13.61 50.68 21.76
N ASN B 640 13.72 51.07 23.03
CA ASN B 640 12.55 51.42 23.82
C ASN B 640 11.93 52.75 23.38
N ARG B 641 12.72 53.59 22.74
CA ARG B 641 12.18 54.83 22.16
C ARG B 641 11.26 54.48 21.01
N ALA B 642 11.65 53.45 20.24
CA ALA B 642 10.83 52.98 19.15
C ALA B 642 9.59 52.26 19.68
N GLN B 643 9.75 51.59 20.81
CA GLN B 643 8.65 50.88 21.46
C GLN B 643 7.56 51.86 21.89
N ILE B 644 7.98 52.93 22.54
CA ILE B 644 7.06 53.97 23.02
C ILE B 644 6.20 54.51 21.89
N ILE B 645 6.84 54.71 20.74
CA ILE B 645 6.14 55.17 19.54
C ILE B 645 5.24 54.09 18.97
N ASN B 646 5.81 52.90 18.74
CA ASN B 646 5.07 51.82 18.10
C ASN B 646 3.89 51.31 18.92
N ASP B 647 4.09 51.13 20.22
CA ASP B 647 3.02 50.63 21.08
C ASP B 647 1.86 51.62 21.12
N ALA B 648 2.18 52.90 21.29
CA ALA B 648 1.15 53.93 21.40
C ALA B 648 0.22 53.97 20.19
N PHE B 649 0.80 53.92 19.00
CA PHE B 649 -0.02 53.91 17.78
C PHE B 649 -0.93 52.69 17.72
N ASN B 650 -0.38 51.54 18.10
CA ASN B 650 -1.17 50.31 18.14
C ASN B 650 -2.23 50.31 19.24
N LEU B 651 -1.91 50.91 20.38
CA LEU B 651 -2.88 51.06 21.46
C LEU B 651 -4.02 52.00 21.07
N ALA B 652 -3.70 52.99 20.23
CA ALA B 652 -4.69 53.93 19.76
C ALA B 652 -5.72 53.22 18.88
N SER B 653 -5.23 52.41 17.96
CA SER B 653 -6.08 51.63 17.06
C SER B 653 -6.99 50.69 17.86
N ALA B 654 -6.48 50.19 18.98
CA ALA B 654 -7.25 49.28 19.82
C ALA B 654 -8.13 50.03 20.82
N HIS B 655 -8.19 51.35 20.67
CA HIS B 655 -8.96 52.22 21.57
C HIS B 655 -8.55 52.06 23.01
N LYS B 656 -7.24 51.95 23.25
CA LYS B 656 -6.73 51.83 24.61
C LYS B 656 -6.03 53.12 25.04
N VAL B 657 -5.61 53.91 24.06
CA VAL B 657 -5.14 55.27 24.30
C VAL B 657 -5.73 56.21 23.25
N PRO B 658 -5.81 57.52 23.56
CA PRO B 658 -6.21 58.48 22.54
C PRO B 658 -5.15 58.55 21.45
N VAL B 659 -5.56 58.81 20.21
CA VAL B 659 -4.61 58.92 19.11
C VAL B 659 -3.67 60.11 19.30
N THR B 660 -4.11 61.10 20.08
CA THR B 660 -3.27 62.25 20.38
C THR B 660 -2.05 61.85 21.20
N LEU B 661 -2.19 60.81 22.02
CA LEU B 661 -1.08 60.33 22.84
C LEU B 661 0.05 59.78 21.96
N ALA B 662 -0.32 58.97 20.98
CA ALA B 662 0.66 58.41 20.05
C ALA B 662 1.33 59.51 19.25
N LEU B 663 0.55 60.47 18.78
CA LEU B 663 1.08 61.60 18.05
C LEU B 663 2.02 62.43 18.93
N ASN B 664 1.66 62.57 20.21
CA ASN B 664 2.50 63.30 21.16
C ASN B 664 3.82 62.59 21.45
N ASN B 665 3.88 61.30 21.21
CA ASN B 665 5.11 60.54 21.39
C ASN B 665 6.07 60.68 20.20
N THR B 666 5.67 61.45 19.20
CA THR B 666 6.54 61.70 18.04
C THR B 666 7.10 63.11 18.07
N LEU B 667 6.64 63.91 19.04
CA LEU B 667 7.07 65.30 19.13
C LEU B 667 8.56 65.43 19.41
N PHE B 668 9.12 64.46 20.12
CA PHE B 668 10.52 64.52 20.50
C PHE B 668 11.44 64.22 19.33
N LEU B 669 10.88 63.63 18.27
CA LEU B 669 11.65 63.23 17.10
C LEU B 669 12.43 64.38 16.45
N ILE B 670 12.01 65.61 16.71
CA ILE B 670 12.65 66.78 16.14
C ILE B 670 14.08 66.95 16.68
N GLU B 671 14.43 66.16 17.69
CA GLU B 671 15.79 66.15 18.23
C GLU B 671 16.38 64.75 18.21
N GLU B 672 15.64 63.82 17.64
CA GLU B 672 16.09 62.44 17.53
C GLU B 672 16.98 62.24 16.31
N ARG B 673 18.16 61.66 16.52
CA ARG B 673 19.08 61.40 15.42
C ARG B 673 19.24 59.92 15.13
N GLN B 674 18.67 59.07 15.99
CA GLN B 674 18.74 57.63 15.79
C GLN B 674 17.79 57.14 14.71
N TYR B 675 18.18 56.07 14.04
CA TYR B 675 17.39 55.53 12.94
C TYR B 675 16.11 54.86 13.42
N MET B 676 16.23 54.05 14.47
CA MET B 676 15.13 53.20 14.91
C MET B 676 13.84 53.90 15.38
N PRO B 677 13.96 54.94 16.22
CA PRO B 677 12.72 55.63 16.60
C PRO B 677 12.04 56.32 15.43
N TRP B 678 12.81 56.92 14.53
CA TRP B 678 12.25 57.59 13.36
C TRP B 678 11.54 56.58 12.45
N GLU B 679 12.22 55.47 12.18
CA GLU B 679 11.67 54.41 11.35
C GLU B 679 10.36 53.90 11.94
N ALA B 680 10.32 53.80 13.27
CA ALA B 680 9.13 53.36 13.98
C ALA B 680 7.96 54.30 13.73
N ALA B 681 8.23 55.59 13.74
CA ALA B 681 7.20 56.60 13.53
C ALA B 681 6.78 56.69 12.07
N LEU B 682 7.75 56.63 11.16
CA LEU B 682 7.46 56.66 9.74
C LEU B 682 6.62 55.45 9.34
N SER B 683 6.93 54.30 9.94
CA SER B 683 6.21 53.07 9.66
C SER B 683 4.74 53.18 10.05
N SER B 684 4.49 53.70 11.25
CA SER B 684 3.12 53.84 11.75
C SER B 684 2.36 54.94 11.00
N LEU B 685 3.05 56.03 10.68
CA LEU B 685 2.42 57.16 10.00
C LEU B 685 2.12 56.86 8.53
N SER B 686 2.69 55.77 8.01
CA SER B 686 2.41 55.38 6.63
C SER B 686 0.96 54.98 6.48
N TYR B 687 0.37 54.46 7.54
CA TYR B 687 -1.06 54.17 7.53
C TYR B 687 -1.85 55.48 7.49
N PHE B 688 -1.33 56.50 8.18
CA PHE B 688 -1.94 57.83 8.15
C PHE B 688 -1.85 58.39 6.74
N LYS B 689 -0.70 58.17 6.09
CA LYS B 689 -0.49 58.63 4.73
C LYS B 689 -1.47 57.95 3.76
N LEU B 690 -1.64 56.64 3.92
CA LEU B 690 -2.54 55.89 3.06
C LEU B 690 -3.99 56.35 3.20
N MET B 691 -4.36 56.81 4.38
CA MET B 691 -5.73 57.24 4.62
C MET B 691 -5.98 58.70 4.20
N PHE B 692 -4.96 59.54 4.35
CA PHE B 692 -5.16 60.98 4.24
C PHE B 692 -4.55 61.67 3.01
N ASP B 693 -3.63 61.00 2.31
CA ASP B 693 -2.87 61.68 1.25
C ASP B 693 -3.68 62.04 0.00
N ARG B 694 -5.00 61.93 0.09
CA ARG B 694 -5.88 62.38 -0.96
C ARG B 694 -6.96 63.27 -0.37
N SER B 695 -6.67 63.84 0.78
CA SER B 695 -7.64 64.69 1.48
C SER B 695 -6.99 65.93 2.07
N GLU B 696 -7.80 66.76 2.70
CA GLU B 696 -7.34 68.03 3.28
C GLU B 696 -6.44 67.83 4.49
N VAL B 697 -6.43 66.62 5.02
CA VAL B 697 -5.66 66.31 6.23
C VAL B 697 -4.17 66.21 5.91
N TYR B 698 -3.85 65.85 4.67
CA TYR B 698 -2.48 65.58 4.28
C TYR B 698 -1.58 66.81 4.33
N GLY B 699 -2.17 67.97 4.06
CA GLY B 699 -1.45 69.23 4.14
C GLY B 699 -0.78 69.45 5.50
N PRO B 700 -1.59 69.56 6.56
CA PRO B 700 -1.05 69.73 7.92
C PRO B 700 -0.14 68.58 8.34
N MET B 701 -0.40 67.38 7.82
CA MET B 701 0.45 66.23 8.13
C MET B 701 1.84 66.39 7.51
N LYS B 702 1.87 66.76 6.24
CA LYS B 702 3.14 67.01 5.56
C LYS B 702 3.90 68.14 6.24
N ASN B 703 3.16 69.15 6.69
CA ASN B 703 3.76 70.28 7.38
C ASN B 703 4.41 69.86 8.69
N TYR B 704 3.77 68.93 9.40
CA TYR B 704 4.29 68.46 10.67
C TYR B 704 5.57 67.65 10.52
N LEU B 705 5.57 66.70 9.59
CA LEU B 705 6.75 65.90 9.30
C LEU B 705 7.88 66.78 8.81
N LYS B 706 7.54 67.81 8.04
CA LYS B 706 8.52 68.75 7.51
C LYS B 706 9.21 69.49 8.65
N LYS B 707 8.43 69.88 9.65
CA LYS B 707 8.97 70.58 10.82
C LYS B 707 9.87 69.67 11.66
N GLN B 708 9.47 68.40 11.78
CA GLN B 708 10.20 67.45 12.63
C GLN B 708 11.54 67.01 12.03
N VAL B 709 11.59 66.86 10.71
CA VAL B 709 12.75 66.27 10.05
C VAL B 709 13.76 67.33 9.56
N THR B 710 13.36 68.59 9.61
CA THR B 710 14.23 69.65 9.13
C THR B 710 15.55 69.82 9.92
N PRO B 711 15.47 69.87 11.27
CA PRO B 711 16.74 69.93 12.00
C PRO B 711 17.63 68.71 11.74
N LEU B 712 17.02 67.54 11.60
CA LEU B 712 17.78 66.33 11.29
C LEU B 712 18.43 66.41 9.91
N PHE B 713 17.69 66.93 8.94
CA PHE B 713 18.22 67.11 7.59
C PHE B 713 19.40 68.06 7.59
N ILE B 714 19.23 69.20 8.28
CA ILE B 714 20.31 70.17 8.41
C ILE B 714 21.51 69.54 9.10
N HIS B 715 21.23 68.78 10.15
CA HIS B 715 22.28 68.10 10.90
C HIS B 715 23.13 67.22 10.01
N PHE B 716 22.49 66.36 9.23
CA PHE B 716 23.21 65.46 8.35
C PHE B 716 24.00 66.21 7.29
N ARG B 717 23.37 67.23 6.71
CA ARG B 717 24.01 68.08 5.70
C ARG B 717 25.38 68.57 6.14
N ASN B 718 25.46 69.10 7.36
CA ASN B 718 26.73 69.56 7.91
C ASN B 718 27.61 68.40 8.37
N ASN B 719 26.97 67.36 8.90
CA ASN B 719 27.69 66.17 9.35
C ASN B 719 28.37 65.43 8.21
N THR B 720 27.71 65.37 7.06
CA THR B 720 28.19 64.61 5.93
C THR B 720 29.03 65.47 4.98
N ASN B 721 29.36 66.68 5.43
CA ASN B 721 30.16 67.61 4.64
C ASN B 721 29.52 67.92 3.28
N ASN B 722 28.27 68.38 3.33
CA ASN B 722 27.49 68.67 2.13
C ASN B 722 27.39 67.50 1.15
N TRP B 723 27.00 66.35 1.68
CA TRP B 723 26.71 65.14 0.90
C TRP B 723 27.93 64.56 0.19
N ARG B 724 29.11 65.00 0.60
CA ARG B 724 30.36 64.51 0.04
C ARG B 724 30.77 63.20 0.69
N GLU B 725 30.24 62.94 1.88
CA GLU B 725 30.57 61.75 2.65
C GLU B 725 29.32 60.99 3.04
N ILE B 726 29.51 59.77 3.58
CA ILE B 726 28.45 59.06 4.27
C ILE B 726 28.96 58.73 5.66
N PRO B 727 28.05 58.61 6.64
CA PRO B 727 28.46 58.18 7.98
C PRO B 727 29.13 56.82 7.94
N GLU B 728 29.99 56.51 8.91
CA GLU B 728 30.67 55.22 8.90
C GLU B 728 29.83 54.13 9.56
N ASN B 729 28.95 54.54 10.47
CA ASN B 729 28.08 53.59 11.13
C ASN B 729 26.81 53.29 10.32
N LEU B 730 26.47 52.00 10.25
CA LEU B 730 25.34 51.55 9.45
C LEU B 730 24.03 52.21 9.86
N MET B 731 23.78 52.25 11.17
CA MET B 731 22.54 52.82 11.69
C MET B 731 22.40 54.29 11.33
N ASP B 732 23.51 55.03 11.43
CA ASP B 732 23.52 56.43 11.09
C ASP B 732 23.30 56.63 9.58
N GLN B 733 23.80 55.70 8.78
CA GLN B 733 23.60 55.74 7.33
C GLN B 733 22.13 55.56 7.00
N TYR B 734 21.48 54.62 7.67
CA TYR B 734 20.06 54.39 7.50
C TYR B 734 19.28 55.62 7.96
N SER B 735 19.75 56.25 9.02
CA SER B 735 19.10 57.45 9.56
C SER B 735 19.19 58.59 8.55
N GLU B 736 20.35 58.75 7.92
CA GLU B 736 20.55 59.79 6.92
C GLU B 736 19.60 59.62 5.74
N VAL B 737 19.46 58.39 5.27
CA VAL B 737 18.59 58.08 4.14
C VAL B 737 17.14 58.41 4.46
N ASN B 738 16.70 58.02 5.66
CA ASN B 738 15.36 58.37 6.13
C ASN B 738 15.16 59.87 6.22
N ALA B 739 16.19 60.58 6.68
CA ALA B 739 16.13 62.03 6.83
C ALA B 739 15.95 62.72 5.47
N ILE B 740 16.69 62.24 4.47
CA ILE B 740 16.62 62.79 3.13
C ILE B 740 15.28 62.45 2.49
N SER B 741 14.90 61.18 2.58
CA SER B 741 13.65 60.71 2.01
C SER B 741 12.44 61.42 2.60
N THR B 742 12.46 61.62 3.92
CA THR B 742 11.34 62.24 4.63
C THR B 742 11.29 63.75 4.36
N ALA B 743 12.45 64.38 4.22
CA ALA B 743 12.52 65.80 3.93
C ALA B 743 11.93 66.12 2.56
N CYS B 744 12.34 65.37 1.54
CA CYS B 744 11.89 65.64 0.18
C CYS B 744 10.40 65.37 0.00
N SER B 745 9.95 64.20 0.45
CA SER B 745 8.56 63.80 0.27
C SER B 745 7.61 64.73 1.04
N ASN B 746 8.12 65.38 2.08
CA ASN B 746 7.31 66.31 2.85
C ASN B 746 7.62 67.77 2.53
N GLY B 747 8.50 67.96 1.54
CA GLY B 747 8.65 69.24 0.90
C GLY B 747 9.52 70.29 1.56
N VAL B 748 10.65 69.89 2.12
CA VAL B 748 11.64 70.89 2.53
C VAL B 748 12.39 71.32 1.26
N PRO B 749 12.48 72.63 1.03
CA PRO B 749 13.01 73.16 -0.23
C PRO B 749 14.44 72.71 -0.52
N GLU B 750 15.29 72.73 0.50
CA GLU B 750 16.71 72.42 0.31
C GLU B 750 16.95 71.01 -0.18
N CYS B 751 16.17 70.05 0.34
CA CYS B 751 16.30 68.66 -0.08
C CYS B 751 15.88 68.47 -1.53
N GLU B 752 14.80 69.12 -1.92
CA GLU B 752 14.32 69.07 -3.30
C GLU B 752 15.39 69.56 -4.27
N GLU B 753 16.06 70.64 -3.89
CA GLU B 753 17.09 71.23 -4.74
C GLU B 753 18.29 70.30 -4.92
N MET B 754 18.70 69.63 -3.84
CA MET B 754 19.91 68.83 -3.90
C MET B 754 19.72 67.50 -4.64
N VAL B 755 18.53 66.91 -4.55
CA VAL B 755 18.27 65.64 -5.22
C VAL B 755 18.11 65.81 -6.74
N SER B 756 17.58 66.97 -7.14
CA SER B 756 17.39 67.25 -8.56
C SER B 756 18.70 67.67 -9.21
N GLY B 757 19.50 68.44 -8.47
CA GLY B 757 20.80 68.86 -8.94
C GLY B 757 21.74 67.69 -9.09
N LEU B 758 21.64 66.73 -8.18
CA LEU B 758 22.44 65.51 -8.25
C LEU B 758 22.09 64.67 -9.46
N PHE B 759 20.78 64.50 -9.69
CA PHE B 759 20.29 63.71 -10.80
C PHE B 759 20.62 64.39 -12.12
N LYS B 760 20.58 65.72 -12.12
CA LYS B 760 20.95 66.48 -13.31
C LYS B 760 22.43 66.29 -13.60
N GLN B 761 23.24 66.31 -12.54
CA GLN B 761 24.67 66.09 -12.66
C GLN B 761 24.97 64.71 -13.25
N TRP B 762 24.12 63.74 -12.92
CA TRP B 762 24.24 62.40 -13.49
C TRP B 762 23.87 62.41 -14.97
N MET B 763 22.86 63.19 -15.34
CA MET B 763 22.44 63.28 -16.73
C MET B 763 23.51 63.92 -17.60
N GLU B 764 24.35 64.75 -16.99
CA GLU B 764 25.48 65.35 -17.68
C GLU B 764 26.58 64.32 -17.91
N ASN B 765 26.87 63.53 -16.87
CA ASN B 765 27.86 62.46 -16.96
C ASN B 765 27.25 61.09 -16.70
N PRO B 766 26.54 60.53 -17.69
CA PRO B 766 25.84 59.25 -17.53
C PRO B 766 26.78 58.09 -17.12
N ASN B 767 28.05 58.18 -17.49
CA ASN B 767 29.00 57.12 -17.17
C ASN B 767 29.71 57.32 -15.84
N ASN B 768 29.38 58.42 -15.15
CA ASN B 768 29.99 58.72 -13.86
C ASN B 768 28.95 59.13 -12.83
N ASN B 769 28.15 58.15 -12.40
CA ASN B 769 27.10 58.37 -11.41
C ASN B 769 27.63 58.96 -10.11
N PRO B 770 27.26 60.22 -9.81
CA PRO B 770 27.75 60.93 -8.62
C PRO B 770 26.88 60.70 -7.39
N ILE B 771 25.86 59.87 -7.51
CA ILE B 771 24.96 59.59 -6.41
C ILE B 771 25.39 58.33 -5.66
N HIS B 772 25.61 58.45 -4.36
CA HIS B 772 26.00 57.31 -3.54
C HIS B 772 24.86 56.29 -3.54
N PRO B 773 25.21 55.00 -3.66
CA PRO B 773 24.27 53.87 -3.65
C PRO B 773 23.22 53.95 -2.56
N ASN B 774 23.61 54.43 -1.37
CA ASN B 774 22.67 54.59 -0.26
C ASN B 774 21.57 55.59 -0.55
N LEU B 775 21.87 56.55 -1.43
CA LEU B 775 20.94 57.64 -1.71
C LEU B 775 20.24 57.48 -3.04
N ARG B 776 20.60 56.44 -3.79
CA ARG B 776 20.12 56.30 -5.17
C ARG B 776 18.61 56.16 -5.30
N SER B 777 18.00 55.28 -4.52
CA SER B 777 16.56 55.06 -4.64
C SER B 777 15.75 56.32 -4.26
N THR B 778 16.21 57.06 -3.25
CA THR B 778 15.51 58.25 -2.82
C THR B 778 15.77 59.44 -3.74
N VAL B 779 16.97 59.53 -4.29
CA VAL B 779 17.31 60.60 -5.22
C VAL B 779 16.65 60.39 -6.58
N TYR B 780 16.73 59.17 -7.10
CA TYR B 780 16.11 58.83 -8.38
C TYR B 780 14.62 59.14 -8.34
N CYS B 781 13.94 58.62 -7.32
CA CYS B 781 12.49 58.77 -7.18
C CYS B 781 12.04 60.23 -7.14
N ASN B 782 12.66 61.02 -6.26
CA ASN B 782 12.27 62.41 -6.11
C ASN B 782 12.58 63.26 -7.33
N ALA B 783 13.75 63.06 -7.93
CA ALA B 783 14.14 63.82 -9.10
C ALA B 783 13.19 63.54 -10.27
N ILE B 784 12.83 62.27 -10.43
CA ILE B 784 11.88 61.87 -11.45
C ILE B 784 10.52 62.52 -11.18
N ALA B 785 10.14 62.54 -9.90
CA ALA B 785 8.87 63.16 -9.49
C ALA B 785 8.84 64.67 -9.77
N GLN B 786 9.96 65.34 -9.50
CA GLN B 786 10.06 66.77 -9.71
C GLN B 786 10.22 67.11 -11.19
N GLY B 787 10.95 66.27 -11.92
CA GLY B 787 11.20 66.50 -13.33
C GLY B 787 10.05 66.08 -14.21
N GLY B 788 10.36 65.73 -15.46
CA GLY B 788 9.33 65.31 -16.40
C GLY B 788 9.78 64.20 -17.32
N GLU B 789 9.53 64.39 -18.61
CA GLU B 789 9.80 63.36 -19.61
C GLU B 789 11.30 63.10 -19.80
N GLU B 790 12.10 64.16 -19.73
CA GLU B 790 13.55 64.03 -19.91
C GLU B 790 14.20 63.15 -18.85
N GLU B 791 13.86 63.40 -17.58
CA GLU B 791 14.40 62.60 -16.48
C GLU B 791 13.91 61.17 -16.57
N TRP B 792 12.63 60.99 -16.93
CA TRP B 792 12.05 59.65 -17.00
C TRP B 792 12.70 58.83 -18.11
N ASP B 793 12.88 59.42 -19.28
CA ASP B 793 13.48 58.73 -20.42
C ASP B 793 14.93 58.36 -20.16
N PHE B 794 15.65 59.20 -19.43
CA PHE B 794 17.02 58.90 -19.03
C PHE B 794 17.02 57.68 -18.12
N ALA B 795 16.22 57.75 -17.07
CA ALA B 795 16.12 56.67 -16.10
C ALA B 795 15.65 55.38 -16.76
N TRP B 796 14.76 55.49 -17.75
CA TRP B 796 14.25 54.33 -18.45
C TRP B 796 15.34 53.64 -19.26
N GLU B 797 16.17 54.42 -19.95
CA GLU B 797 17.25 53.86 -20.74
C GLU B 797 18.31 53.24 -19.85
N GLN B 798 18.54 53.85 -18.69
CA GLN B 798 19.47 53.30 -17.71
C GLN B 798 18.99 51.94 -17.21
N PHE B 799 17.67 51.82 -17.04
CA PHE B 799 17.07 50.55 -16.63
C PHE B 799 17.19 49.50 -17.72
N ARG B 800 16.99 49.94 -18.97
CA ARG B 800 17.06 49.05 -20.12
C ARG B 800 18.48 48.58 -20.41
N ASN B 801 19.45 49.39 -20.00
CA ASN B 801 20.85 49.11 -20.27
C ASN B 801 21.54 48.49 -19.06
N ALA B 802 20.80 48.36 -17.97
CA ALA B 802 21.35 47.88 -16.70
C ALA B 802 21.82 46.42 -16.77
N THR B 803 23.00 46.18 -16.23
CA THR B 803 23.53 44.82 -16.11
C THR B 803 23.60 44.43 -14.64
N LEU B 804 23.43 45.42 -13.77
CA LEU B 804 23.46 45.21 -12.33
C LEU B 804 22.03 45.11 -11.80
N VAL B 805 21.73 43.97 -11.18
CA VAL B 805 20.36 43.68 -10.75
C VAL B 805 19.83 44.63 -9.68
N ASN B 806 20.68 44.98 -8.72
CA ASN B 806 20.30 45.90 -7.65
C ASN B 806 19.95 47.29 -8.21
N GLU B 807 20.74 47.75 -9.18
CA GLU B 807 20.52 49.05 -9.81
C GLU B 807 19.22 49.07 -10.61
N ALA B 808 18.97 48.01 -11.35
CA ALA B 808 17.76 47.89 -12.15
C ALA B 808 16.51 47.92 -11.26
N ASP B 809 16.61 47.32 -10.07
CA ASP B 809 15.51 47.31 -9.12
C ASP B 809 15.20 48.71 -8.60
N LYS B 810 16.25 49.49 -8.38
CA LYS B 810 16.08 50.85 -7.88
C LYS B 810 15.43 51.73 -8.94
N LEU B 811 15.88 51.57 -10.18
CA LEU B 811 15.34 52.32 -11.32
C LEU B 811 13.88 51.96 -11.58
N ARG B 812 13.55 50.68 -11.49
CA ARG B 812 12.18 50.22 -11.72
C ARG B 812 11.20 50.90 -10.78
N ALA B 813 11.57 50.98 -9.50
CA ALA B 813 10.72 51.60 -8.49
C ALA B 813 10.68 53.12 -8.67
N ALA B 814 11.84 53.71 -8.93
CA ALA B 814 11.96 55.15 -9.11
C ALA B 814 11.14 55.66 -10.30
N LEU B 815 11.04 54.85 -11.35
CA LEU B 815 10.29 55.23 -12.55
C LEU B 815 8.80 55.41 -12.25
N ALA B 816 8.34 54.79 -11.16
CA ALA B 816 6.93 54.86 -10.77
C ALA B 816 6.62 56.13 -9.97
N CYS B 817 7.58 57.04 -9.88
CA CYS B 817 7.40 58.26 -9.11
C CYS B 817 7.02 59.47 -9.96
N SER B 818 6.85 59.24 -11.26
CA SER B 818 6.46 60.32 -12.16
C SER B 818 5.13 60.93 -11.73
N LYS B 819 5.03 62.25 -11.83
CA LYS B 819 3.79 62.94 -11.49
C LYS B 819 3.00 63.28 -12.75
N GLU B 820 3.53 62.86 -13.90
CA GLU B 820 2.81 62.96 -15.16
C GLU B 820 1.98 61.70 -15.34
N LEU B 821 0.67 61.86 -15.43
CA LEU B 821 -0.25 60.73 -15.49
C LEU B 821 -0.06 59.89 -16.75
N TRP B 822 0.23 60.56 -17.86
CA TRP B 822 0.39 59.85 -19.13
C TRP B 822 1.64 58.96 -19.10
N ILE B 823 2.67 59.40 -18.40
CA ILE B 823 3.88 58.62 -18.24
C ILE B 823 3.61 57.37 -17.41
N LEU B 824 2.96 57.56 -16.26
CA LEU B 824 2.59 56.47 -15.38
C LEU B 824 1.74 55.44 -16.12
N ASN B 825 0.82 55.93 -16.95
CA ASN B 825 -0.05 55.06 -17.74
C ASN B 825 0.74 54.30 -18.80
N ARG B 826 1.73 54.96 -19.39
CA ARG B 826 2.59 54.32 -20.38
C ARG B 826 3.46 53.29 -19.68
N TYR B 827 3.88 53.61 -18.46
CA TYR B 827 4.71 52.70 -17.67
C TYR B 827 3.91 51.45 -17.30
N LEU B 828 2.63 51.64 -17.01
CA LEU B 828 1.74 50.54 -16.64
C LEU B 828 1.64 49.51 -17.76
N SER B 829 1.60 50.00 -19.00
CA SER B 829 1.50 49.13 -20.15
C SER B 829 2.76 48.28 -20.33
N TYR B 830 3.89 48.79 -19.85
CA TYR B 830 5.16 48.08 -19.97
C TYR B 830 5.22 46.87 -19.07
N THR B 831 4.59 46.96 -17.89
CA THR B 831 4.72 45.93 -16.86
C THR B 831 4.18 44.57 -17.28
N LEU B 832 3.35 44.55 -18.31
CA LEU B 832 2.79 43.30 -18.81
C LEU B 832 3.60 42.75 -19.97
N ASN B 833 4.57 43.54 -20.45
CA ASN B 833 5.41 43.13 -21.57
C ASN B 833 6.74 42.55 -21.10
N PRO B 834 6.93 41.24 -21.28
CA PRO B 834 8.12 40.51 -20.85
C PRO B 834 9.41 41.07 -21.45
N ASP B 835 9.31 41.77 -22.58
CA ASP B 835 10.47 42.37 -23.21
C ASP B 835 10.95 43.63 -22.48
N LEU B 836 10.01 44.37 -21.89
CA LEU B 836 10.35 45.59 -21.15
C LEU B 836 10.59 45.30 -19.66
N ILE B 837 9.56 44.81 -18.99
CA ILE B 837 9.67 44.38 -17.60
C ILE B 837 9.63 42.87 -17.54
N ARG B 838 10.58 42.27 -16.83
CA ARG B 838 10.62 40.82 -16.69
C ARG B 838 9.36 40.32 -15.99
N LYS B 839 8.97 39.09 -16.32
CA LYS B 839 7.79 38.45 -15.76
C LYS B 839 7.80 38.50 -14.23
N GLN B 840 8.98 38.27 -13.67
CA GLN B 840 9.16 38.22 -12.22
C GLN B 840 9.04 39.59 -11.55
N ASP B 841 9.10 40.65 -12.34
CA ASP B 841 9.05 42.01 -11.78
C ASP B 841 7.74 42.71 -12.12
N ALA B 842 6.78 41.96 -12.66
CA ALA B 842 5.51 42.53 -13.09
C ALA B 842 4.75 43.17 -11.93
N THR B 843 4.38 42.37 -10.93
CA THR B 843 3.57 42.86 -9.81
C THR B 843 4.22 44.00 -9.03
N SER B 844 5.47 43.80 -8.62
CA SER B 844 6.18 44.80 -7.83
C SER B 844 6.21 46.17 -8.53
N THR B 845 6.37 46.15 -9.85
CA THR B 845 6.37 47.38 -10.63
C THR B 845 4.99 48.03 -10.62
N ILE B 846 3.97 47.23 -10.82
CA ILE B 846 2.60 47.73 -10.76
C ILE B 846 2.32 48.23 -9.35
N ILE B 847 2.70 47.45 -8.34
CA ILE B 847 2.53 47.84 -6.94
C ILE B 847 3.22 49.16 -6.62
N SER B 848 4.42 49.37 -7.18
CA SER B 848 5.13 50.63 -7.01
C SER B 848 4.35 51.78 -7.63
N ILE B 849 3.58 51.49 -8.67
CA ILE B 849 2.78 52.51 -9.32
C ILE B 849 1.58 52.93 -8.46
N THR B 850 0.95 51.97 -7.80
CA THR B 850 -0.17 52.29 -6.93
C THR B 850 0.24 53.01 -5.64
N ASN B 851 1.53 52.96 -5.30
CA ASN B 851 2.04 53.71 -4.16
C ASN B 851 2.00 55.21 -4.44
N ASN B 852 1.99 55.54 -5.72
CA ASN B 852 1.84 56.92 -6.18
C ASN B 852 0.37 57.32 -6.13
N VAL B 853 0.06 58.47 -5.53
CA VAL B 853 -1.32 58.96 -5.45
C VAL B 853 -2.00 59.03 -6.81
N ILE B 854 -1.23 59.41 -7.82
CA ILE B 854 -1.75 59.50 -9.18
C ILE B 854 -1.86 58.10 -9.78
N GLY B 855 -1.05 57.18 -9.27
CA GLY B 855 -1.04 55.82 -9.77
C GLY B 855 -2.15 54.96 -9.18
N GLN B 856 -2.65 55.36 -8.01
CA GLN B 856 -3.73 54.65 -7.34
C GLN B 856 -4.93 54.44 -8.25
N GLY B 857 -5.41 55.52 -8.86
CA GLY B 857 -6.56 55.46 -9.74
C GLY B 857 -6.29 54.73 -11.03
N LEU B 858 -5.08 54.84 -11.55
CA LEU B 858 -4.70 54.17 -12.79
C LEU B 858 -4.74 52.66 -12.64
N VAL B 859 -4.14 52.17 -11.56
CA VAL B 859 -4.03 50.73 -11.32
C VAL B 859 -5.39 50.14 -10.93
N TRP B 860 -6.16 50.87 -10.13
CA TRP B 860 -7.46 50.37 -9.70
C TRP B 860 -8.44 50.27 -10.87
N ASP B 861 -8.40 51.24 -11.78
CA ASP B 861 -9.20 51.16 -13.00
C ASP B 861 -8.70 50.00 -13.84
N PHE B 862 -7.37 49.84 -13.88
CA PHE B 862 -6.74 48.76 -14.63
C PHE B 862 -7.17 47.40 -14.09
N VAL B 863 -7.14 47.23 -12.77
CA VAL B 863 -7.53 45.98 -12.14
C VAL B 863 -8.98 45.64 -12.45
N GLN B 864 -9.87 46.62 -12.30
CA GLN B 864 -11.29 46.41 -12.58
C GLN B 864 -11.55 46.13 -14.05
N SER B 865 -10.85 46.84 -14.93
CA SER B 865 -11.07 46.74 -16.36
C SER B 865 -10.75 45.36 -16.93
N ASN B 866 -9.48 44.99 -16.94
CA ASN B 866 -9.07 43.71 -17.52
C ASN B 866 -8.57 42.69 -16.51
N TRP B 867 -9.38 42.41 -15.50
CA TRP B 867 -9.06 41.35 -14.54
C TRP B 867 -9.26 39.99 -15.19
N LYS B 868 -10.30 39.87 -16.00
CA LYS B 868 -10.64 38.62 -16.67
C LYS B 868 -9.51 38.11 -17.57
N LYS B 869 -8.75 39.02 -18.14
CA LYS B 869 -7.63 38.64 -18.99
C LYS B 869 -6.33 38.67 -18.20
N LEU B 870 -6.38 39.25 -17.01
CA LEU B 870 -5.21 39.30 -16.14
C LEU B 870 -5.05 37.96 -15.42
N PHE B 871 -6.17 37.29 -15.16
CA PHE B 871 -6.14 36.02 -14.46
C PHE B 871 -5.90 34.86 -15.41
N ASN B 872 -6.46 34.96 -16.61
CA ASN B 872 -6.29 33.92 -17.62
C ASN B 872 -4.85 33.86 -18.15
N ASP B 873 -4.26 35.02 -18.40
CA ASP B 873 -2.94 35.10 -18.99
C ASP B 873 -1.82 34.99 -17.96
N TYR B 874 -2.19 34.75 -16.70
CA TYR B 874 -1.20 34.63 -15.63
C TYR B 874 -1.61 33.56 -14.61
N GLY B 875 -1.18 32.33 -14.85
CA GLY B 875 -1.50 31.22 -13.98
C GLY B 875 -0.33 30.77 -13.14
N GLY B 876 0.86 31.25 -13.49
CA GLY B 876 2.07 30.91 -12.76
C GLY B 876 2.34 31.91 -11.64
N GLY B 877 3.57 32.42 -11.58
CA GLY B 877 3.94 33.37 -10.56
C GLY B 877 4.99 34.38 -11.01
N SER B 878 5.12 35.48 -10.26
CA SER B 878 4.32 35.75 -9.08
C SER B 878 4.14 37.25 -8.84
N PHE B 879 2.95 37.83 -9.07
CA PHE B 879 1.71 37.22 -9.61
C PHE B 879 1.23 35.87 -9.06
N SER B 880 0.76 35.77 -7.81
CA SER B 880 0.55 36.86 -6.83
C SER B 880 -0.41 37.98 -7.21
N PHE B 881 -1.67 37.61 -7.42
CA PHE B 881 -2.74 38.59 -7.49
C PHE B 881 -3.02 39.04 -6.06
N SER B 882 -2.56 38.22 -5.11
CA SER B 882 -2.72 38.49 -3.69
C SER B 882 -2.10 39.82 -3.28
N ASN B 883 -0.84 40.02 -3.62
CA ASN B 883 -0.15 41.27 -3.29
C ASN B 883 -0.73 42.45 -4.04
N LEU B 884 -1.14 42.21 -5.29
CA LEU B 884 -1.71 43.24 -6.13
C LEU B 884 -3.02 43.73 -5.53
N ILE B 885 -3.85 42.80 -5.09
CA ILE B 885 -5.12 43.14 -4.45
C ILE B 885 -4.88 43.88 -3.14
N GLN B 886 -3.94 43.39 -2.34
CA GLN B 886 -3.60 44.04 -1.08
C GLN B 886 -3.10 45.47 -1.32
N ALA B 887 -2.19 45.63 -2.27
CA ALA B 887 -1.59 46.93 -2.55
C ALA B 887 -2.61 47.94 -3.08
N VAL B 888 -3.43 47.51 -4.02
CA VAL B 888 -4.35 48.43 -4.70
C VAL B 888 -5.50 48.88 -3.79
N THR B 889 -5.78 48.11 -2.74
CA THR B 889 -6.90 48.42 -1.85
C THR B 889 -6.46 49.03 -0.52
N ARG B 890 -5.17 49.26 -0.35
CA ARG B 890 -4.63 49.81 0.89
C ARG B 890 -5.20 51.18 1.24
N ARG B 891 -5.42 52.01 0.23
CA ARG B 891 -5.90 53.36 0.46
C ARG B 891 -7.41 53.44 0.73
N PHE B 892 -8.12 52.37 0.40
CA PHE B 892 -9.59 52.35 0.47
C PHE B 892 -10.12 52.71 1.86
N SER B 893 -10.91 53.77 1.93
CA SER B 893 -11.38 54.29 3.22
C SER B 893 -12.78 54.89 3.12
N THR B 894 -13.41 54.80 1.96
CA THR B 894 -14.74 55.36 1.76
C THR B 894 -15.76 54.29 1.42
N GLU B 895 -17.04 54.63 1.59
CA GLU B 895 -18.12 53.72 1.24
C GLU B 895 -18.18 53.48 -0.27
N TYR B 896 -17.87 54.52 -1.04
CA TYR B 896 -17.85 54.41 -2.50
C TYR B 896 -16.81 53.40 -2.96
N GLU B 897 -15.62 53.48 -2.39
CA GLU B 897 -14.55 52.54 -2.71
C GLU B 897 -14.92 51.11 -2.32
N LEU B 898 -15.51 50.96 -1.14
CA LEU B 898 -15.97 49.67 -0.66
C LEU B 898 -16.98 49.05 -1.63
N GLN B 899 -17.85 49.90 -2.16
CA GLN B 899 -18.87 49.45 -3.11
C GLN B 899 -18.22 48.96 -4.40
N GLN B 900 -17.20 49.67 -4.87
CA GLN B 900 -16.47 49.26 -6.07
C GLN B 900 -15.82 47.90 -5.85
N LEU B 901 -15.31 47.69 -4.64
CA LEU B 901 -14.65 46.43 -4.28
C LEU B 901 -15.67 45.29 -4.23
N GLU B 902 -16.79 45.55 -3.58
CA GLU B 902 -17.85 44.55 -3.43
C GLU B 902 -18.42 44.17 -4.80
N GLN B 903 -18.39 45.11 -5.75
CA GLN B 903 -18.86 44.84 -7.09
C GLN B 903 -17.78 44.12 -7.91
N PHE B 904 -16.53 44.45 -7.62
CA PHE B 904 -15.38 43.80 -8.25
C PHE B 904 -15.40 42.31 -7.98
N LYS B 905 -15.84 41.93 -6.78
CA LYS B 905 -15.95 40.52 -6.40
C LYS B 905 -17.09 39.84 -7.14
N LYS B 906 -18.20 40.56 -7.30
CA LYS B 906 -19.38 40.02 -7.98
C LYS B 906 -19.16 39.90 -9.49
N ASP B 907 -18.54 40.91 -10.08
CA ASP B 907 -18.33 40.96 -11.52
C ASP B 907 -17.34 39.91 -12.04
N ASN B 908 -16.49 39.40 -11.16
CA ASN B 908 -15.50 38.42 -11.55
C ASN B 908 -15.61 37.10 -10.80
N GLU B 909 -16.84 36.70 -10.49
CA GLU B 909 -17.09 35.42 -9.83
C GLU B 909 -16.96 34.28 -10.83
N GLU B 910 -17.07 34.63 -12.11
CA GLU B 910 -16.87 33.67 -13.18
C GLU B 910 -15.40 33.26 -13.25
N THR B 911 -14.54 34.15 -12.75
CA THR B 911 -13.10 33.93 -12.78
C THR B 911 -12.60 33.23 -11.50
N GLY B 912 -12.54 33.96 -10.39
CA GLY B 912 -12.23 33.32 -9.11
C GLY B 912 -11.14 33.93 -8.24
N PHE B 913 -10.29 34.77 -8.84
CA PHE B 913 -9.20 35.45 -8.12
C PHE B 913 -8.04 34.54 -7.66
N GLY B 914 -8.26 33.22 -7.72
CA GLY B 914 -7.20 32.25 -7.44
C GLY B 914 -6.54 32.38 -6.09
N SER B 915 -5.22 32.61 -6.10
CA SER B 915 -4.44 32.71 -4.88
C SER B 915 -4.80 33.99 -4.11
N GLY B 916 -5.35 34.97 -4.81
CA GLY B 916 -5.72 36.23 -4.21
C GLY B 916 -7.16 36.25 -3.74
N THR B 917 -7.79 35.08 -3.69
CA THR B 917 -9.17 34.97 -3.25
C THR B 917 -9.30 35.34 -1.77
N ARG B 918 -8.35 34.88 -0.97
CA ARG B 918 -8.34 35.16 0.46
C ARG B 918 -7.94 36.60 0.74
N ALA B 919 -7.06 37.14 -0.10
CA ALA B 919 -6.60 38.53 0.03
C ALA B 919 -7.75 39.51 -0.23
N LEU B 920 -8.69 39.09 -1.09
CA LEU B 920 -9.83 39.92 -1.44
C LEU B 920 -10.76 40.06 -0.25
N GLU B 921 -10.94 38.97 0.50
CA GLU B 921 -11.80 38.97 1.68
C GLU B 921 -11.20 39.83 2.79
N GLN B 922 -9.88 39.86 2.84
CA GLN B 922 -9.18 40.68 3.83
C GLN B 922 -9.31 42.15 3.46
N ALA B 923 -9.23 42.44 2.17
CA ALA B 923 -9.36 43.81 1.69
C ALA B 923 -10.75 44.37 1.99
N LEU B 924 -11.75 43.50 1.93
CA LEU B 924 -13.13 43.88 2.24
C LEU B 924 -13.29 44.21 3.73
N GLU B 925 -12.69 43.37 4.57
CA GLU B 925 -12.73 43.57 6.01
C GLU B 925 -11.93 44.80 6.40
N LYS B 926 -10.77 44.97 5.76
CA LYS B 926 -9.86 46.08 6.05
C LYS B 926 -10.47 47.42 5.66
N THR B 927 -11.13 47.44 4.49
CA THR B 927 -11.79 48.65 4.00
C THR B 927 -12.90 49.09 4.93
N LYS B 928 -13.71 48.14 5.38
CA LYS B 928 -14.78 48.42 6.34
C LYS B 928 -14.21 49.06 7.60
N ALA B 929 -13.10 48.51 8.10
CA ALA B 929 -12.45 49.04 9.28
C ALA B 929 -11.91 50.44 9.03
N ASN B 930 -11.35 50.65 7.84
CA ASN B 930 -10.78 51.94 7.48
C ASN B 930 -11.83 53.06 7.45
N ILE B 931 -12.98 52.75 6.87
CA ILE B 931 -14.10 53.70 6.82
C ILE B 931 -14.47 54.12 8.24
N LYS B 932 -14.43 53.16 9.16
CA LYS B 932 -14.75 53.41 10.56
C LYS B 932 -13.66 54.23 11.23
N TRP B 933 -12.41 53.94 10.88
CA TRP B 933 -11.27 54.63 11.50
C TRP B 933 -11.25 56.10 11.08
N VAL B 934 -11.39 56.33 9.78
CA VAL B 934 -11.34 57.68 9.23
C VAL B 934 -12.38 58.61 9.86
N LYS B 935 -13.62 58.15 10.00
CA LYS B 935 -14.66 58.98 10.57
C LYS B 935 -14.44 59.23 12.06
N GLU B 936 -13.76 58.30 12.73
CA GLU B 936 -13.50 58.43 14.16
C GLU B 936 -12.35 59.40 14.45
N ASN B 937 -11.37 59.46 13.55
CA ASN B 937 -10.14 60.18 13.82
C ASN B 937 -9.81 61.33 12.88
N LYS B 938 -10.71 61.64 11.95
CA LYS B 938 -10.44 62.69 10.96
C LYS B 938 -10.21 64.05 11.62
N GLU B 939 -11.19 64.50 12.39
CA GLU B 939 -11.15 65.83 13.00
C GLU B 939 -9.97 65.98 13.96
N VAL B 940 -9.81 64.99 14.84
CA VAL B 940 -8.77 65.03 15.87
C VAL B 940 -7.36 65.07 15.28
N VAL B 941 -7.13 64.27 14.24
CA VAL B 941 -5.83 64.20 13.59
C VAL B 941 -5.52 65.48 12.79
N LEU B 942 -6.51 65.95 12.04
CA LEU B 942 -6.37 67.19 11.29
C LEU B 942 -6.03 68.34 12.22
N GLN B 943 -6.72 68.38 13.35
CA GLN B 943 -6.52 69.45 14.32
C GLN B 943 -5.15 69.34 14.98
N TRP B 944 -4.73 68.12 15.28
CA TRP B 944 -3.45 67.89 15.94
C TRP B 944 -2.28 68.30 15.05
N PHE B 945 -2.31 67.85 13.79
CA PHE B 945 -1.26 68.17 12.84
C PHE B 945 -1.19 69.68 12.63
N THR B 946 -2.35 70.31 12.57
CA THR B 946 -2.44 71.75 12.40
C THR B 946 -1.79 72.49 13.58
N GLU B 947 -2.18 72.10 14.79
CA GLU B 947 -1.69 72.76 16.00
C GLU B 947 -0.20 72.55 16.25
N ASN B 948 0.33 71.40 15.82
CA ASN B 948 1.74 71.10 16.04
C ASN B 948 2.64 71.37 14.83
N SER B 949 2.12 72.16 13.89
CA SER B 949 2.90 72.61 12.74
C SER B 949 3.19 74.10 12.85
N LYS B 950 3.97 74.46 13.86
CA LYS B 950 4.25 75.86 14.15
C LYS B 950 5.40 76.38 13.30
N THR C 46 1.77 -22.28 -68.51
CA THR C 46 1.18 -21.74 -67.29
C THR C 46 1.72 -22.48 -66.06
N THR C 47 2.50 -23.53 -66.30
CA THR C 47 3.07 -24.32 -65.22
C THR C 47 4.60 -24.31 -65.27
N LEU C 48 5.21 -23.88 -64.18
CA LEU C 48 6.67 -23.84 -64.08
C LEU C 48 7.21 -25.14 -63.48
N ASP C 49 8.49 -25.39 -63.70
CA ASP C 49 9.14 -26.60 -63.21
C ASP C 49 9.05 -26.71 -61.70
N GLN C 50 8.21 -27.62 -61.23
CA GLN C 50 7.94 -27.78 -59.80
C GLN C 50 9.08 -28.44 -59.04
N SER C 51 10.12 -28.85 -59.75
CA SER C 51 11.28 -29.46 -59.10
C SER C 51 12.21 -28.41 -58.51
N LYS C 52 12.08 -27.17 -58.99
CA LYS C 52 12.86 -26.06 -58.45
C LYS C 52 12.10 -25.43 -57.30
N ALA C 53 12.81 -25.17 -56.20
CA ALA C 53 12.19 -24.67 -54.98
C ALA C 53 11.54 -23.30 -55.16
N TRP C 54 12.14 -22.46 -55.99
CA TRP C 54 11.62 -21.11 -56.21
C TRP C 54 10.37 -21.09 -57.09
N ASN C 55 9.88 -22.27 -57.43
CA ASN C 55 8.65 -22.39 -58.21
C ASN C 55 7.48 -22.94 -57.38
N ARG C 56 7.75 -23.23 -56.12
CA ARG C 56 6.71 -23.70 -55.20
C ARG C 56 6.30 -22.56 -54.27
N TYR C 57 5.03 -22.54 -53.88
CA TYR C 57 4.49 -21.42 -53.11
C TYR C 57 4.90 -21.39 -51.63
N ARG C 58 5.25 -22.54 -51.08
CA ARG C 58 5.69 -22.60 -49.69
C ARG C 58 7.21 -22.45 -49.60
N LEU C 59 7.66 -21.61 -48.65
CA LEU C 59 9.08 -21.41 -48.41
C LEU C 59 9.78 -22.71 -48.05
N PRO C 60 11.06 -22.83 -48.41
CA PRO C 60 11.84 -23.97 -47.93
C PRO C 60 12.11 -23.85 -46.43
N ASN C 61 12.28 -24.99 -45.77
CA ASN C 61 12.49 -25.00 -44.32
C ASN C 61 13.97 -24.87 -43.96
N THR C 62 14.78 -24.50 -44.94
CA THR C 62 16.23 -24.46 -44.79
C THR C 62 16.73 -23.22 -44.05
N LEU C 63 16.00 -22.11 -44.20
CA LEU C 63 16.39 -20.86 -43.56
C LEU C 63 15.27 -20.33 -42.68
N LYS C 64 15.64 -19.69 -41.57
CA LYS C 64 14.66 -19.14 -40.65
C LYS C 64 15.19 -17.85 -40.03
N PRO C 65 14.45 -16.74 -40.20
CA PRO C 65 14.89 -15.41 -39.75
C PRO C 65 14.88 -15.25 -38.24
N ASP C 66 15.70 -14.34 -37.74
CA ASP C 66 15.78 -14.06 -36.31
C ASP C 66 15.32 -12.65 -36.00
N SER C 67 15.85 -11.67 -36.73
CA SER C 67 15.40 -10.28 -36.57
C SER C 67 15.65 -9.47 -37.84
N TYR C 68 14.80 -8.47 -38.06
CA TYR C 68 14.93 -7.60 -39.24
C TYR C 68 15.28 -6.18 -38.84
N ARG C 69 15.98 -5.49 -39.74
CA ARG C 69 16.04 -4.04 -39.72
C ARG C 69 15.32 -3.58 -40.97
N VAL C 70 14.39 -2.66 -40.82
CA VAL C 70 13.67 -2.12 -41.97
C VAL C 70 13.55 -0.60 -41.83
N THR C 71 13.94 0.11 -42.88
CA THR C 71 13.72 1.55 -42.95
C THR C 71 12.85 1.87 -44.15
N LEU C 72 11.73 2.55 -43.92
CA LEU C 72 10.85 2.92 -45.02
C LEU C 72 10.65 4.44 -45.08
N ARG C 73 10.64 4.96 -46.31
CA ARG C 73 10.48 6.38 -46.54
C ARG C 73 9.45 6.64 -47.64
N PRO C 74 8.21 6.94 -47.26
CA PRO C 74 7.18 7.24 -48.24
C PRO C 74 7.31 8.67 -48.78
N TYR C 75 7.03 8.85 -50.07
CA TYR C 75 7.01 10.18 -50.66
C TYR C 75 5.58 10.58 -50.97
N LEU C 76 5.01 11.41 -50.10
CA LEU C 76 3.59 11.75 -50.17
C LEU C 76 3.26 12.83 -51.21
N THR C 77 4.26 13.27 -51.95
CA THR C 77 4.02 14.11 -53.12
C THR C 77 4.44 13.34 -54.37
N PRO C 78 3.58 13.33 -55.39
CA PRO C 78 3.86 12.54 -56.58
C PRO C 78 4.82 13.27 -57.52
N ASN C 79 5.22 12.61 -58.60
CA ASN C 79 6.04 13.26 -59.61
C ASN C 79 5.17 13.94 -60.67
N ASP C 80 5.78 14.35 -61.77
CA ASP C 80 5.06 15.04 -62.85
C ASP C 80 4.00 14.16 -63.48
N ARG C 81 4.13 12.85 -63.30
CA ARG C 81 3.26 11.89 -63.97
C ARG C 81 2.27 11.26 -62.98
N GLY C 82 2.21 11.82 -61.77
CA GLY C 82 1.24 11.39 -60.78
C GLY C 82 1.58 10.10 -60.06
N LEU C 83 2.85 9.69 -60.13
CA LEU C 83 3.26 8.45 -59.46
C LEU C 83 3.72 8.70 -58.03
N TYR C 84 3.25 7.86 -57.12
CA TYR C 84 3.67 7.92 -55.72
C TYR C 84 4.63 6.76 -55.41
N VAL C 85 5.71 7.06 -54.71
CA VAL C 85 6.78 6.09 -54.51
C VAL C 85 7.22 6.05 -53.04
N PHE C 86 7.59 4.86 -52.57
CA PHE C 86 8.27 4.73 -51.29
C PHE C 86 9.63 4.07 -51.49
N LYS C 87 10.65 4.61 -50.83
CA LYS C 87 11.98 3.99 -50.86
C LYS C 87 12.21 3.25 -49.55
N GLY C 88 13.05 2.22 -49.59
CA GLY C 88 13.32 1.43 -48.41
C GLY C 88 14.64 0.70 -48.43
N SER C 89 15.15 0.39 -47.24
CA SER C 89 16.33 -0.44 -47.10
C SER C 89 16.12 -1.40 -45.94
N SER C 90 16.77 -2.55 -45.99
CA SER C 90 16.52 -3.57 -44.98
C SER C 90 17.70 -4.51 -44.75
N THR C 91 17.80 -4.99 -43.51
CA THR C 91 18.74 -6.03 -43.15
C THR C 91 18.01 -7.16 -42.44
N VAL C 92 18.15 -8.37 -42.95
CA VAL C 92 17.54 -9.52 -42.29
C VAL C 92 18.61 -10.51 -41.81
N ARG C 93 18.62 -10.76 -40.50
CA ARG C 93 19.51 -11.77 -39.93
C ARG C 93 18.76 -13.09 -39.80
N PHE C 94 19.25 -14.10 -40.51
CA PHE C 94 18.58 -15.40 -40.51
C PHE C 94 19.55 -16.52 -40.15
N THR C 95 19.00 -17.66 -39.77
CA THR C 95 19.78 -18.82 -39.39
C THR C 95 19.57 -19.95 -40.39
N CYS C 96 20.66 -20.57 -40.82
CA CYS C 96 20.59 -21.72 -41.70
C CYS C 96 20.23 -22.96 -40.88
N LYS C 97 19.06 -23.53 -41.14
CA LYS C 97 18.62 -24.72 -40.43
C LYS C 97 19.15 -25.99 -41.10
N GLU C 98 19.15 -25.97 -42.43
CA GLU C 98 19.71 -27.05 -43.23
C GLU C 98 20.54 -26.43 -44.33
N ALA C 99 21.69 -27.02 -44.62
CA ALA C 99 22.60 -26.49 -45.65
C ALA C 99 21.88 -26.28 -46.98
N THR C 100 22.08 -25.11 -47.57
CA THR C 100 21.50 -24.78 -48.87
C THR C 100 22.38 -23.80 -49.64
N ASP C 101 22.31 -23.85 -50.97
CA ASP C 101 23.10 -22.95 -51.80
C ASP C 101 22.23 -21.88 -52.46
N VAL C 102 21.06 -21.65 -51.89
CA VAL C 102 20.14 -20.65 -52.43
C VAL C 102 19.33 -20.00 -51.31
N ILE C 103 19.18 -18.68 -51.39
CA ILE C 103 18.35 -17.96 -50.43
C ILE C 103 17.05 -17.56 -51.12
N ILE C 104 15.94 -18.11 -50.63
CA ILE C 104 14.63 -17.81 -51.19
C ILE C 104 13.81 -16.98 -50.21
N ILE C 105 13.51 -15.75 -50.61
CA ILE C 105 12.81 -14.82 -49.75
C ILE C 105 11.68 -14.13 -50.54
N HIS C 106 10.62 -13.75 -49.85
CA HIS C 106 9.46 -13.14 -50.52
C HIS C 106 9.73 -11.71 -50.97
N SER C 107 9.27 -11.38 -52.17
CA SER C 107 9.41 -10.04 -52.72
C SER C 107 8.33 -9.79 -53.75
N LYS C 108 7.55 -8.72 -53.55
CA LYS C 108 6.42 -8.43 -54.42
C LYS C 108 6.46 -6.99 -54.90
N LYS C 109 6.72 -6.83 -56.19
CA LYS C 109 6.74 -5.51 -56.83
C LYS C 109 7.71 -4.54 -56.16
N LEU C 110 8.94 -5.00 -55.98
CA LEU C 110 10.01 -4.15 -55.44
C LEU C 110 11.18 -4.13 -56.40
N ASN C 111 11.68 -2.92 -56.68
CA ASN C 111 12.89 -2.76 -57.48
C ASN C 111 14.07 -2.53 -56.57
N TYR C 112 15.13 -3.31 -56.75
CA TYR C 112 16.29 -3.22 -55.87
C TYR C 112 17.43 -2.46 -56.50
N THR C 113 18.06 -1.58 -55.71
CA THR C 113 19.28 -0.92 -56.11
C THR C 113 20.38 -1.96 -56.16
N LEU C 114 21.14 -2.00 -57.27
CA LEU C 114 22.21 -2.97 -57.40
C LEU C 114 23.44 -2.54 -56.61
N SER C 115 23.85 -3.38 -55.66
CA SER C 115 25.03 -3.11 -54.85
C SER C 115 26.12 -4.10 -55.21
N GLN C 116 27.29 -3.58 -55.61
CA GLN C 116 28.43 -4.39 -55.99
C GLN C 116 28.08 -5.40 -57.09
N GLY C 117 27.12 -5.03 -57.93
CA GLY C 117 26.72 -5.87 -59.05
C GLY C 117 25.47 -6.70 -58.83
N HIS C 118 25.09 -6.91 -57.56
CA HIS C 118 23.97 -7.79 -57.25
C HIS C 118 22.80 -7.13 -56.51
N ARG C 119 21.65 -7.78 -56.60
CA ARG C 119 20.38 -7.28 -56.06
C ARG C 119 20.41 -7.21 -54.53
N VAL C 120 21.37 -7.90 -53.93
CA VAL C 120 21.42 -8.02 -52.48
C VAL C 120 22.86 -8.14 -52.00
N VAL C 121 23.11 -7.82 -50.73
CA VAL C 121 24.43 -7.98 -50.14
C VAL C 121 24.41 -9.03 -49.03
N LEU C 122 25.32 -9.98 -49.11
CA LEU C 122 25.40 -11.05 -48.12
C LEU C 122 26.55 -10.81 -47.13
N ARG C 123 26.26 -10.98 -45.84
CA ARG C 123 27.27 -10.81 -44.80
C ARG C 123 27.18 -11.92 -43.75
N GLY C 124 28.32 -12.31 -43.21
CA GLY C 124 28.34 -13.30 -42.15
C GLY C 124 28.21 -12.65 -40.78
N VAL C 125 27.80 -13.45 -39.80
CA VAL C 125 27.78 -13.01 -38.41
C VAL C 125 28.38 -14.09 -37.51
N GLY C 126 29.07 -13.66 -36.45
CA GLY C 126 29.64 -14.58 -35.49
C GLY C 126 30.76 -15.44 -36.05
N GLY C 127 31.39 -14.99 -37.12
CA GLY C 127 32.51 -15.71 -37.69
C GLY C 127 32.20 -16.45 -38.97
N SER C 128 30.91 -16.56 -39.30
CA SER C 128 30.49 -17.28 -40.48
C SER C 128 30.98 -16.58 -41.75
N GLN C 129 31.35 -17.37 -42.75
CA GLN C 129 31.87 -16.83 -44.01
C GLN C 129 30.95 -17.20 -45.16
N PRO C 130 30.02 -16.29 -45.51
CA PRO C 130 29.04 -16.54 -46.57
C PRO C 130 29.68 -16.68 -47.94
N PRO C 131 29.20 -17.65 -48.74
CA PRO C 131 29.69 -17.85 -50.11
C PRO C 131 29.36 -16.64 -50.98
N ASP C 132 30.12 -16.45 -52.06
CA ASP C 132 29.83 -15.36 -52.99
C ASP C 132 28.50 -15.60 -53.70
N ILE C 133 27.85 -14.53 -54.11
CA ILE C 133 26.60 -14.62 -54.84
C ILE C 133 26.87 -14.90 -56.32
N ASP C 134 26.22 -15.94 -56.85
CA ASP C 134 26.34 -16.24 -58.27
C ASP C 134 25.43 -15.30 -59.06
N LYS C 135 24.15 -15.28 -58.72
CA LYS C 135 23.19 -14.40 -59.38
C LYS C 135 21.92 -14.28 -58.54
N THR C 136 21.10 -13.30 -58.89
CA THR C 136 19.79 -13.14 -58.26
C THR C 136 18.72 -13.01 -59.34
N GLU C 137 17.51 -13.38 -59.00
CA GLU C 137 16.38 -13.25 -59.92
C GLU C 137 15.07 -13.08 -59.16
N LEU C 138 14.12 -12.43 -59.80
CA LEU C 138 12.79 -12.26 -59.22
C LEU C 138 11.81 -13.21 -59.90
N VAL C 139 11.28 -14.15 -59.13
CA VAL C 139 10.28 -15.07 -59.65
C VAL C 139 8.89 -14.55 -59.30
N GLU C 140 8.19 -14.03 -60.31
CA GLU C 140 6.92 -13.34 -60.09
C GLU C 140 5.73 -14.17 -59.59
N PRO C 141 5.45 -15.34 -60.22
CA PRO C 141 4.27 -16.10 -59.76
C PRO C 141 4.35 -16.49 -58.28
N THR C 142 5.54 -16.84 -57.82
CA THR C 142 5.73 -17.26 -56.44
C THR C 142 6.20 -16.10 -55.57
N GLU C 143 6.29 -14.92 -56.16
CA GLU C 143 6.68 -13.70 -55.45
C GLU C 143 7.93 -13.86 -54.61
N TYR C 144 8.99 -14.38 -55.24
CA TYR C 144 10.25 -14.63 -54.55
C TYR C 144 11.38 -13.73 -55.04
N LEU C 145 12.25 -13.35 -54.12
CA LEU C 145 13.58 -12.87 -54.48
C LEU C 145 14.53 -14.02 -54.24
N VAL C 146 15.23 -14.45 -55.30
CA VAL C 146 16.06 -15.64 -55.23
C VAL C 146 17.55 -15.32 -55.34
N VAL C 147 18.30 -15.63 -54.29
CA VAL C 147 19.74 -15.42 -54.32
C VAL C 147 20.50 -16.73 -54.44
N HIS C 148 21.07 -16.98 -55.62
CA HIS C 148 21.85 -18.18 -55.88
C HIS C 148 23.29 -17.99 -55.43
N LEU C 149 23.73 -18.82 -54.47
CA LEU C 149 25.09 -18.72 -53.95
C LEU C 149 26.05 -19.63 -54.71
N LYS C 150 27.34 -19.30 -54.66
CA LYS C 150 28.37 -20.11 -55.28
C LYS C 150 28.78 -21.28 -54.39
N GLY C 151 28.11 -21.41 -53.25
CA GLY C 151 28.38 -22.48 -52.32
C GLY C 151 27.24 -22.64 -51.33
N SER C 152 27.41 -23.53 -50.37
CA SER C 152 26.36 -23.78 -49.38
C SER C 152 26.62 -23.07 -48.06
N LEU C 153 25.57 -22.55 -47.45
CA LEU C 153 25.64 -22.02 -46.10
C LEU C 153 25.84 -23.20 -45.15
N VAL C 154 26.34 -22.93 -43.96
CA VAL C 154 26.57 -24.01 -43.00
C VAL C 154 25.47 -24.06 -41.94
N LYS C 155 25.09 -25.27 -41.55
CA LYS C 155 24.02 -25.49 -40.59
C LYS C 155 24.30 -24.83 -39.25
N ASP C 156 23.27 -24.24 -38.67
CA ASP C 156 23.32 -23.55 -37.38
C ASP C 156 24.03 -22.19 -37.39
N SER C 157 24.64 -21.83 -38.52
CA SER C 157 25.29 -20.53 -38.66
C SER C 157 24.28 -19.42 -38.98
N GLN C 158 24.65 -18.18 -38.66
CA GLN C 158 23.81 -17.02 -38.97
C GLN C 158 24.42 -16.17 -40.07
N TYR C 159 23.55 -15.50 -40.83
CA TYR C 159 23.99 -14.58 -41.87
C TYR C 159 23.07 -13.36 -41.89
N GLU C 160 23.59 -12.24 -42.40
CA GLU C 160 22.78 -11.06 -42.60
C GLU C 160 22.75 -10.69 -44.08
N MET C 161 21.59 -10.25 -44.56
CA MET C 161 21.42 -9.91 -45.97
C MET C 161 20.84 -8.50 -46.10
N ASP C 162 21.56 -7.64 -46.80
CA ASP C 162 21.15 -6.24 -46.95
C ASP C 162 20.52 -5.97 -48.29
N SER C 163 19.42 -5.21 -48.30
CA SER C 163 18.77 -4.83 -49.54
C SER C 163 18.36 -3.36 -49.52
N GLU C 164 18.38 -2.74 -50.70
CA GLU C 164 17.97 -1.36 -50.85
C GLU C 164 17.01 -1.26 -52.04
N PHE C 165 15.79 -0.83 -51.78
CA PHE C 165 14.70 -1.00 -52.74
C PHE C 165 13.76 0.20 -52.82
N GLU C 166 12.89 0.19 -53.83
CA GLU C 166 11.80 1.14 -53.91
C GLU C 166 10.59 0.46 -54.54
N GLY C 167 9.40 1.00 -54.28
CA GLY C 167 8.18 0.47 -54.84
C GLY C 167 7.12 1.54 -54.92
N GLU C 168 6.01 1.23 -55.57
CA GLU C 168 4.95 2.21 -55.72
C GLU C 168 4.10 2.29 -54.46
N LEU C 169 3.91 3.52 -53.97
CA LEU C 169 2.95 3.77 -52.90
C LEU C 169 1.59 3.97 -53.55
N ALA C 170 0.95 2.87 -53.92
CA ALA C 170 -0.24 2.90 -54.75
C ALA C 170 -1.54 3.04 -53.97
N ASP C 171 -2.62 3.33 -54.71
CA ASP C 171 -3.95 3.41 -54.16
C ASP C 171 -4.59 2.01 -54.26
N ASP C 172 -4.01 1.04 -53.56
CA ASP C 172 -4.40 -0.36 -53.75
C ASP C 172 -4.69 -1.16 -52.48
N LEU C 173 -4.58 -0.50 -51.33
CA LEU C 173 -4.86 -1.13 -50.03
C LEU C 173 -4.04 -2.40 -49.78
N ALA C 174 -2.84 -2.45 -50.34
CA ALA C 174 -1.96 -3.61 -50.20
C ALA C 174 -0.54 -3.20 -49.87
N GLY C 175 0.04 -3.86 -48.86
CA GLY C 175 1.39 -3.55 -48.41
C GLY C 175 1.50 -2.13 -47.89
N PHE C 176 2.55 -1.43 -48.31
CA PHE C 176 2.70 -0.02 -47.99
C PHE C 176 2.01 0.78 -49.08
N TYR C 177 0.87 1.37 -48.76
CA TYR C 177 0.07 2.06 -49.77
C TYR C 177 -0.36 3.45 -49.32
N ARG C 178 -0.99 4.19 -50.22
CA ARG C 178 -1.48 5.53 -49.89
C ARG C 178 -3.00 5.55 -49.80
N SER C 179 -3.50 6.29 -48.82
CA SER C 179 -4.94 6.41 -48.62
C SER C 179 -5.32 7.88 -48.74
N GLU C 180 -6.21 8.18 -49.68
CA GLU C 180 -6.57 9.56 -49.95
C GLU C 180 -7.95 9.91 -49.41
N TYR C 181 -8.08 11.12 -48.89
CA TYR C 181 -9.35 11.61 -48.37
C TYR C 181 -9.41 13.12 -48.46
N MET C 182 -10.63 13.66 -48.54
CA MET C 182 -10.81 15.10 -48.66
C MET C 182 -11.12 15.73 -47.30
N GLU C 183 -10.42 16.81 -46.99
CA GLU C 183 -10.67 17.58 -45.78
C GLU C 183 -11.20 18.95 -46.19
N GLY C 184 -12.47 18.99 -46.60
CA GLY C 184 -13.07 20.19 -47.13
C GLY C 184 -12.78 20.33 -48.61
N ASN C 185 -12.00 21.35 -48.97
CA ASN C 185 -11.54 21.51 -50.34
C ASN C 185 -10.08 21.10 -50.47
N VAL C 186 -9.54 20.54 -49.39
CA VAL C 186 -8.13 20.13 -49.35
C VAL C 186 -8.01 18.61 -49.50
N ARG C 187 -7.08 18.18 -50.34
CA ARG C 187 -6.84 16.76 -50.58
C ARG C 187 -5.67 16.26 -49.74
N LYS C 188 -5.98 15.49 -48.70
CA LYS C 188 -4.94 14.95 -47.82
C LYS C 188 -4.62 13.52 -48.21
N VAL C 189 -3.36 13.13 -48.00
CA VAL C 189 -2.91 11.78 -48.32
C VAL C 189 -2.13 11.18 -47.16
N VAL C 190 -2.51 9.97 -46.74
CA VAL C 190 -1.83 9.28 -45.65
C VAL C 190 -1.21 7.96 -46.11
N ALA C 191 0.06 7.75 -45.75
CA ALA C 191 0.74 6.50 -46.04
C ALA C 191 0.55 5.51 -44.89
N THR C 192 -0.05 4.37 -45.21
CA THR C 192 -0.38 3.37 -44.20
C THR C 192 -0.12 1.96 -44.74
N THR C 193 -0.40 0.95 -43.92
CA THR C 193 -0.11 -0.43 -44.31
C THR C 193 -1.28 -1.39 -44.16
N GLN C 194 -1.25 -2.45 -44.95
CA GLN C 194 -2.17 -3.55 -44.82
C GLN C 194 -1.44 -4.80 -45.29
N MET C 195 -0.96 -5.60 -44.34
CA MET C 195 -0.09 -6.72 -44.66
C MET C 195 -0.84 -8.04 -44.89
N GLN C 196 -1.94 -8.23 -44.18
CA GLN C 196 -2.69 -9.47 -44.27
C GLN C 196 -3.21 -9.70 -45.68
N ALA C 197 -2.95 -10.88 -46.23
CA ALA C 197 -2.23 -11.94 -45.52
C ALA C 197 -0.77 -12.04 -45.98
N ALA C 198 -0.54 -11.79 -47.25
CA ALA C 198 0.79 -11.98 -47.83
C ALA C 198 1.26 -10.76 -48.60
N ASP C 199 1.20 -9.59 -47.95
CA ASP C 199 1.62 -8.35 -48.60
C ASP C 199 2.71 -7.59 -47.86
N ALA C 200 3.25 -8.17 -46.79
CA ALA C 200 4.41 -7.59 -46.14
C ALA C 200 5.56 -7.59 -47.15
N ARG C 201 5.57 -8.61 -48.00
CA ARG C 201 6.56 -8.79 -49.05
C ARG C 201 6.49 -7.70 -50.11
N LYS C 202 5.43 -6.88 -50.04
CA LYS C 202 5.21 -5.81 -50.99
C LYS C 202 5.87 -4.51 -50.51
N SER C 203 6.23 -4.47 -49.22
CA SER C 203 6.84 -3.29 -48.63
C SER C 203 8.34 -3.48 -48.41
N PHE C 204 8.74 -4.71 -48.12
CA PHE C 204 10.15 -5.05 -47.95
C PHE C 204 10.33 -6.57 -48.09
N PRO C 205 11.54 -7.01 -48.51
CA PRO C 205 11.78 -8.45 -48.62
C PRO C 205 11.84 -9.12 -47.25
N CYS C 206 11.10 -10.22 -47.11
CA CYS C 206 10.99 -10.91 -45.84
C CYS C 206 10.50 -12.33 -46.07
N PHE C 207 10.67 -13.20 -45.06
CA PHE C 207 10.13 -14.54 -45.14
C PHE C 207 8.66 -14.49 -44.74
N ASP C 208 7.84 -14.10 -45.70
CA ASP C 208 6.46 -13.70 -45.43
C ASP C 208 5.51 -14.86 -45.19
N GLU C 209 5.78 -15.62 -44.13
CA GLU C 209 4.84 -16.62 -43.65
C GLU C 209 4.68 -16.47 -42.13
N PRO C 210 3.45 -16.65 -41.62
CA PRO C 210 3.12 -16.37 -40.22
C PRO C 210 3.95 -17.15 -39.19
N ALA C 211 4.52 -18.28 -39.58
CA ALA C 211 5.32 -19.08 -38.63
C ALA C 211 6.81 -18.76 -38.72
N MET C 212 7.17 -17.81 -39.58
CA MET C 212 8.53 -17.31 -39.66
C MET C 212 8.69 -16.08 -38.77
N LYS C 213 8.37 -16.23 -37.48
CA LYS C 213 8.39 -15.10 -36.56
C LYS C 213 9.79 -14.53 -36.34
N ALA C 214 9.84 -13.23 -36.09
CA ALA C 214 11.10 -12.55 -35.84
C ALA C 214 10.85 -11.24 -35.11
N GLU C 215 11.93 -10.57 -34.74
CA GLU C 215 11.83 -9.25 -34.13
C GLU C 215 12.09 -8.21 -35.20
N PHE C 216 11.40 -7.09 -35.14
CA PHE C 216 11.53 -6.08 -36.17
C PHE C 216 11.94 -4.73 -35.62
N ASN C 217 13.07 -4.21 -36.10
CA ASN C 217 13.49 -2.86 -35.78
C ASN C 217 13.05 -1.91 -36.88
N ILE C 218 12.01 -1.12 -36.64
CA ILE C 218 11.42 -0.28 -37.66
C ILE C 218 11.90 1.18 -37.58
N THR C 219 12.27 1.74 -38.73
CA THR C 219 12.61 3.16 -38.83
C THR C 219 11.79 3.81 -39.94
N LEU C 220 11.15 4.92 -39.63
CA LEU C 220 10.33 5.64 -40.59
C LEU C 220 10.93 7.02 -40.88
N ILE C 221 11.16 7.30 -42.16
CA ILE C 221 11.59 8.62 -42.58
C ILE C 221 10.40 9.34 -43.19
N HIS C 222 10.02 10.45 -42.57
CA HIS C 222 8.75 11.10 -42.89
C HIS C 222 8.89 12.62 -42.82
N PRO C 223 8.00 13.36 -43.50
CA PRO C 223 8.02 14.82 -43.43
C PRO C 223 7.97 15.34 -42.00
N LYS C 224 8.59 16.50 -41.79
CA LYS C 224 8.72 17.15 -40.48
C LYS C 224 7.42 17.25 -39.70
N ASP C 225 6.33 17.59 -40.38
CA ASP C 225 5.08 17.88 -39.69
C ASP C 225 4.06 16.74 -39.76
N LEU C 226 4.55 15.51 -39.96
CA LEU C 226 3.67 14.34 -39.98
C LEU C 226 4.09 13.31 -38.94
N THR C 227 3.10 12.77 -38.24
CA THR C 227 3.36 11.81 -37.18
C THR C 227 3.58 10.40 -37.72
N ALA C 228 4.64 9.75 -37.26
CA ALA C 228 4.92 8.38 -37.64
C ALA C 228 4.45 7.41 -36.55
N LEU C 229 3.72 6.39 -36.95
CA LEU C 229 3.24 5.39 -36.01
C LEU C 229 3.67 4.00 -36.46
N SER C 230 3.97 3.14 -35.49
CA SER C 230 4.31 1.75 -35.79
C SER C 230 3.85 0.84 -34.66
N ASN C 231 4.25 -0.43 -34.71
CA ASN C 231 3.80 -1.41 -33.72
C ASN C 231 4.24 -1.04 -32.31
N MET C 232 5.43 -0.45 -32.18
CA MET C 232 5.97 -0.08 -30.89
C MET C 232 6.08 1.43 -30.73
N LEU C 233 6.62 1.86 -29.60
CA LEU C 233 6.87 3.28 -29.35
C LEU C 233 8.22 3.68 -29.91
N PRO C 234 8.39 4.98 -30.25
CA PRO C 234 9.68 5.51 -30.69
C PRO C 234 10.77 5.29 -29.65
N LYS C 235 11.97 4.93 -30.11
CA LYS C 235 13.09 4.65 -29.22
C LYS C 235 13.51 5.91 -28.49
N GLY C 236 13.59 7.01 -29.23
CA GLY C 236 13.90 8.30 -28.66
C GLY C 236 13.19 9.39 -29.45
N PRO C 237 13.63 10.64 -29.30
CA PRO C 237 13.04 11.75 -30.05
C PRO C 237 13.29 11.62 -31.56
N SER C 238 12.32 12.04 -32.35
CA SER C 238 12.46 12.03 -33.80
C SER C 238 13.48 13.08 -34.21
N THR C 239 14.51 12.68 -34.94
CA THR C 239 15.56 13.59 -35.38
C THR C 239 15.43 13.95 -36.85
N PRO C 240 15.74 15.21 -37.19
CA PRO C 240 15.71 15.64 -38.59
C PRO C 240 16.73 14.88 -39.44
N LEU C 241 16.34 14.51 -40.66
CA LEU C 241 17.27 13.92 -41.60
C LEU C 241 18.35 14.95 -41.95
N PRO C 242 19.63 14.60 -41.74
CA PRO C 242 20.71 15.58 -41.85
C PRO C 242 20.95 16.08 -43.26
N GLU C 243 20.40 15.39 -44.25
CA GLU C 243 20.56 15.80 -45.64
C GLU C 243 19.36 16.62 -46.13
N ASP C 244 18.33 16.68 -45.30
CA ASP C 244 17.12 17.45 -45.60
C ASP C 244 16.25 17.53 -44.34
N PRO C 245 16.46 18.56 -43.51
CA PRO C 245 15.72 18.80 -42.26
C PRO C 245 14.20 18.84 -42.44
N ASN C 246 13.72 19.01 -43.68
CA ASN C 246 12.31 18.89 -43.98
C ASN C 246 11.75 17.51 -43.60
N TRP C 247 12.64 16.52 -43.59
CA TRP C 247 12.27 15.16 -43.20
C TRP C 247 12.76 14.85 -41.79
N ASN C 248 12.01 14.01 -41.09
CA ASN C 248 12.43 13.51 -39.78
C ASN C 248 12.73 12.01 -39.85
N VAL C 249 13.54 11.54 -38.91
CA VAL C 249 13.84 10.12 -38.80
C VAL C 249 13.36 9.59 -37.45
N THR C 250 12.34 8.74 -37.48
CA THR C 250 11.80 8.16 -36.27
C THR C 250 12.11 6.67 -36.20
N GLU C 251 12.86 6.28 -35.18
CA GLU C 251 13.18 4.87 -34.95
C GLU C 251 12.34 4.31 -33.81
N PHE C 252 11.77 3.13 -34.02
CA PHE C 252 10.92 2.51 -33.00
C PHE C 252 11.63 1.39 -32.26
N HIS C 253 11.20 1.12 -31.04
CA HIS C 253 11.75 0.04 -30.23
C HIS C 253 11.57 -1.30 -30.93
N THR C 254 12.42 -2.26 -30.59
CA THR C 254 12.31 -3.61 -31.14
C THR C 254 10.98 -4.22 -30.74
N THR C 255 10.30 -4.82 -31.71
CA THR C 255 9.06 -5.53 -31.42
C THR C 255 9.41 -6.88 -30.81
N PRO C 256 8.45 -7.50 -30.11
CA PRO C 256 8.66 -8.90 -29.71
C PRO C 256 8.61 -9.79 -30.95
N LYS C 257 8.88 -11.09 -30.77
CA LYS C 257 8.79 -12.00 -31.90
C LYS C 257 7.37 -12.04 -32.44
N MET C 258 7.21 -11.75 -33.73
CA MET C 258 5.88 -11.63 -34.31
C MET C 258 5.89 -12.00 -35.79
N SER C 259 4.70 -12.16 -36.36
CA SER C 259 4.56 -12.50 -37.77
C SER C 259 4.60 -11.24 -38.63
N THR C 260 5.07 -11.38 -39.86
CA THR C 260 5.18 -10.23 -40.77
C THR C 260 3.82 -9.60 -41.08
N TYR C 261 2.77 -10.41 -41.10
CA TYR C 261 1.46 -9.91 -41.51
C TYR C 261 0.82 -8.97 -40.49
N LEU C 262 1.47 -8.80 -39.34
CA LEU C 262 0.93 -7.98 -38.27
C LEU C 262 1.71 -6.68 -38.08
N LEU C 263 2.68 -6.43 -38.95
CA LEU C 263 3.44 -5.20 -38.93
C LEU C 263 2.60 -4.02 -39.44
N ALA C 264 2.94 -2.81 -38.99
CA ALA C 264 2.21 -1.63 -39.41
C ALA C 264 3.07 -0.37 -39.37
N PHE C 265 3.02 0.40 -40.46
CA PHE C 265 3.71 1.68 -40.54
C PHE C 265 2.76 2.74 -41.09
N ILE C 266 2.52 3.79 -40.30
CA ILE C 266 1.58 4.83 -40.71
C ILE C 266 2.17 6.23 -40.60
N VAL C 267 2.03 7.01 -41.67
CA VAL C 267 2.44 8.41 -41.67
C VAL C 267 1.25 9.30 -42.02
N SER C 268 0.86 10.17 -41.10
CA SER C 268 -0.30 11.03 -41.32
C SER C 268 -0.22 12.31 -40.51
N GLU C 269 -1.26 13.14 -40.63
CA GLU C 269 -1.38 14.37 -39.85
C GLU C 269 -2.48 14.21 -38.81
N PHE C 270 -2.79 12.96 -38.48
CA PHE C 270 -3.88 12.66 -37.56
C PHE C 270 -3.61 13.15 -36.15
N ASP C 271 -4.68 13.46 -35.43
CA ASP C 271 -4.57 13.84 -34.02
C ASP C 271 -4.93 12.64 -33.14
N TYR C 272 -4.81 12.80 -31.83
CA TYR C 272 -5.03 11.68 -30.91
C TYR C 272 -5.66 12.11 -29.60
N VAL C 273 -6.42 11.18 -29.00
CA VAL C 273 -6.81 11.28 -27.60
C VAL C 273 -6.14 10.15 -26.85
N GLU C 274 -5.61 10.45 -25.67
CA GLU C 274 -4.83 9.46 -24.93
C GLU C 274 -5.34 9.26 -23.51
N LYS C 275 -5.17 8.04 -23.02
CA LYS C 275 -5.55 7.69 -21.66
C LYS C 275 -4.54 6.68 -21.17
N GLN C 276 -4.14 6.80 -19.91
CA GLN C 276 -3.22 5.84 -19.33
C GLN C 276 -3.99 4.81 -18.52
N ALA C 277 -3.80 3.53 -18.84
CA ALA C 277 -4.40 2.46 -18.06
C ALA C 277 -3.80 2.44 -16.66
N SER C 278 -4.50 1.81 -15.71
CA SER C 278 -4.08 1.77 -14.32
C SER C 278 -2.64 1.29 -14.18
N ASN C 279 -2.30 0.25 -14.94
CA ASN C 279 -0.99 -0.37 -14.84
C ASN C 279 0.11 0.33 -15.65
N GLY C 280 -0.26 1.40 -16.35
CA GLY C 280 0.75 2.21 -17.02
C GLY C 280 0.88 2.02 -18.52
N VAL C 281 0.14 1.09 -19.10
CA VAL C 281 0.16 0.95 -20.56
C VAL C 281 -0.56 2.14 -21.22
N LEU C 282 0.12 2.75 -22.18
CA LEU C 282 -0.42 3.90 -22.89
C LEU C 282 -1.53 3.51 -23.86
N ILE C 283 -2.66 4.18 -23.77
CA ILE C 283 -3.79 3.92 -24.66
C ILE C 283 -4.12 5.17 -25.46
N ARG C 284 -3.91 5.10 -26.77
CA ARG C 284 -4.14 6.25 -27.63
C ARG C 284 -5.06 5.91 -28.79
N ILE C 285 -5.81 6.92 -29.26
CA ILE C 285 -6.71 6.73 -30.37
C ILE C 285 -6.58 7.85 -31.40
N TRP C 286 -6.26 7.47 -32.63
CA TRP C 286 -5.95 8.44 -33.68
C TRP C 286 -7.05 8.55 -34.71
N ALA C 287 -7.31 9.78 -35.16
CA ALA C 287 -8.29 10.05 -36.21
C ALA C 287 -7.99 11.40 -36.85
N ARG C 288 -8.82 11.77 -37.82
CA ARG C 288 -8.73 13.10 -38.43
C ARG C 288 -8.77 14.17 -37.33
N PRO C 289 -7.88 15.17 -37.41
CA PRO C 289 -7.76 16.21 -36.39
C PRO C 289 -9.07 16.89 -36.04
N SER C 290 -9.96 17.04 -37.02
CA SER C 290 -11.26 17.68 -36.78
C SER C 290 -12.21 16.76 -36.00
N ALA C 291 -12.20 15.48 -36.33
CA ALA C 291 -13.06 14.51 -35.65
C ALA C 291 -12.65 14.29 -34.19
N ILE C 292 -11.36 14.48 -33.92
CA ILE C 292 -10.84 14.36 -32.58
C ILE C 292 -11.17 15.61 -31.77
N ALA C 293 -11.10 16.77 -32.43
CA ALA C 293 -11.39 18.05 -31.79
C ALA C 293 -12.84 18.11 -31.28
N ALA C 294 -13.76 17.52 -32.04
CA ALA C 294 -15.16 17.47 -31.64
C ALA C 294 -15.39 16.38 -30.59
N GLY C 295 -14.41 15.50 -30.44
CA GLY C 295 -14.47 14.45 -29.42
C GLY C 295 -15.07 13.13 -29.89
N HIS C 296 -15.01 12.88 -31.19
CA HIS C 296 -15.63 11.69 -31.77
C HIS C 296 -14.81 10.43 -31.56
N GLY C 297 -13.66 10.56 -30.90
CA GLY C 297 -12.84 9.40 -30.57
C GLY C 297 -12.93 9.04 -29.09
N ASP C 298 -13.71 9.83 -28.35
CA ASP C 298 -13.81 9.69 -26.90
C ASP C 298 -14.39 8.35 -26.44
N TYR C 299 -15.48 7.92 -27.06
CA TYR C 299 -16.15 6.69 -26.65
C TYR C 299 -15.23 5.48 -26.84
N ALA C 300 -14.54 5.45 -27.97
CA ALA C 300 -13.62 4.36 -28.27
C ALA C 300 -12.49 4.33 -27.24
N LEU C 301 -12.08 5.50 -26.77
CA LEU C 301 -11.08 5.59 -25.72
C LEU C 301 -11.61 5.03 -24.41
N ASN C 302 -12.84 5.41 -24.07
CA ASN C 302 -13.49 4.96 -22.84
C ASN C 302 -13.60 3.44 -22.70
N VAL C 303 -13.84 2.75 -23.81
CA VAL C 303 -14.12 1.32 -23.76
C VAL C 303 -12.87 0.45 -23.88
N THR C 304 -11.80 1.02 -24.44
CA THR C 304 -10.58 0.25 -24.69
C THR C 304 -9.93 -0.24 -23.40
N GLY C 305 -9.83 0.64 -22.41
CA GLY C 305 -9.33 0.27 -21.09
C GLY C 305 -10.02 -0.95 -20.51
N PRO C 306 -11.34 -0.85 -20.28
CA PRO C 306 -12.14 -1.97 -19.79
C PRO C 306 -11.99 -3.24 -20.63
N ILE C 307 -11.98 -3.09 -21.95
CA ILE C 307 -11.86 -4.26 -22.83
C ILE C 307 -10.50 -4.95 -22.66
N LEU C 308 -9.44 -4.15 -22.56
CA LEU C 308 -8.10 -4.71 -22.33
C LEU C 308 -8.03 -5.42 -20.98
N ASN C 309 -8.63 -4.82 -19.96
CA ASN C 309 -8.68 -5.41 -18.63
C ASN C 309 -9.44 -6.72 -18.63
N PHE C 310 -10.52 -6.78 -19.41
CA PHE C 310 -11.32 -7.99 -19.49
C PHE C 310 -10.48 -9.15 -20.03
N PHE C 311 -9.83 -8.94 -21.16
CA PHE C 311 -9.08 -10.00 -21.79
C PHE C 311 -7.88 -10.43 -20.95
N ALA C 312 -7.26 -9.50 -20.24
CA ALA C 312 -6.13 -9.83 -19.38
C ALA C 312 -6.56 -10.78 -18.26
N GLY C 313 -7.81 -10.65 -17.80
CA GLY C 313 -8.33 -11.52 -16.78
C GLY C 313 -8.95 -12.78 -17.37
N HIS C 314 -9.66 -12.60 -18.46
CA HIS C 314 -10.30 -13.71 -19.18
C HIS C 314 -9.24 -14.71 -19.67
N TYR C 315 -8.10 -14.20 -20.12
CA TYR C 315 -7.01 -15.03 -20.62
C TYR C 315 -6.03 -15.43 -19.52
N ASP C 316 -6.07 -14.73 -18.39
CA ASP C 316 -5.09 -14.92 -17.31
C ASP C 316 -3.66 -14.69 -17.79
N THR C 317 -3.50 -13.82 -18.78
CA THR C 317 -2.17 -13.38 -19.19
C THR C 317 -2.21 -11.89 -19.55
N PRO C 318 -1.24 -11.12 -19.05
CA PRO C 318 -1.26 -9.66 -19.21
C PRO C 318 -1.04 -9.22 -20.66
N TYR C 319 -1.52 -8.01 -20.97
CA TYR C 319 -1.30 -7.39 -22.26
C TYR C 319 0.19 -7.33 -22.55
N PRO C 320 0.61 -7.88 -23.70
CA PRO C 320 2.03 -8.12 -23.99
C PRO C 320 2.77 -6.90 -24.52
N LEU C 321 2.10 -5.76 -24.69
CA LEU C 321 2.69 -4.60 -25.34
C LEU C 321 2.69 -3.36 -24.44
N PRO C 322 3.62 -2.42 -24.68
CA PRO C 322 3.71 -1.22 -23.84
C PRO C 322 2.58 -0.23 -24.14
N LYS C 323 1.97 -0.33 -25.31
CA LYS C 323 0.93 0.61 -25.69
C LYS C 323 -0.10 0.01 -26.65
N SER C 324 -1.28 0.62 -26.69
CA SER C 324 -2.30 0.26 -27.66
C SER C 324 -2.67 1.47 -28.50
N ASP C 325 -2.45 1.36 -29.81
CA ASP C 325 -2.89 2.40 -30.74
C ASP C 325 -4.02 1.87 -31.61
N GLN C 326 -5.06 2.69 -31.76
CA GLN C 326 -6.14 2.40 -32.70
C GLN C 326 -6.37 3.63 -33.55
N ILE C 327 -6.39 3.44 -34.87
CA ILE C 327 -6.48 4.57 -35.79
C ILE C 327 -7.67 4.41 -36.73
N GLY C 328 -8.40 5.50 -36.93
CA GLY C 328 -9.58 5.49 -37.77
C GLY C 328 -9.34 6.12 -39.13
N LEU C 329 -9.20 5.29 -40.15
CA LEU C 329 -8.91 5.76 -41.50
C LEU C 329 -10.21 6.01 -42.26
N PRO C 330 -10.28 7.13 -43.00
CA PRO C 330 -11.42 7.47 -43.84
C PRO C 330 -11.76 6.35 -44.84
N ASP C 331 -10.75 5.79 -45.48
CA ASP C 331 -10.95 4.71 -46.43
C ASP C 331 -10.23 3.44 -45.99
N PHE C 332 -11.00 2.38 -45.75
CA PHE C 332 -10.43 1.10 -45.33
C PHE C 332 -11.42 -0.03 -45.59
N ASN C 333 -11.31 -0.65 -46.76
CA ASN C 333 -12.25 -1.69 -47.18
C ASN C 333 -12.22 -2.93 -46.31
N ALA C 334 -11.06 -3.21 -45.71
CA ALA C 334 -10.88 -4.42 -44.90
C ALA C 334 -11.67 -4.38 -43.59
N GLY C 335 -12.30 -3.23 -43.31
CA GLY C 335 -13.05 -3.06 -42.08
C GLY C 335 -12.14 -2.76 -40.91
N ALA C 336 -11.42 -3.79 -40.46
CA ALA C 336 -10.46 -3.62 -39.37
C ALA C 336 -9.33 -4.63 -39.48
N MET C 337 -8.13 -4.22 -39.09
CA MET C 337 -6.97 -5.12 -39.12
C MET C 337 -6.20 -5.06 -37.80
N GLU C 338 -5.90 -6.22 -37.25
CA GLU C 338 -5.43 -6.34 -35.87
C GLU C 338 -3.91 -6.20 -35.65
N ASN C 339 -3.26 -5.33 -36.42
CA ASN C 339 -1.81 -5.12 -36.28
C ASN C 339 -1.40 -4.94 -34.82
N TRP C 340 -0.34 -5.64 -34.42
CA TRP C 340 0.03 -5.71 -33.01
C TRP C 340 0.43 -4.35 -32.45
N GLY C 341 -0.44 -3.76 -31.64
CA GLY C 341 -0.16 -2.49 -31.00
C GLY C 341 -0.56 -1.28 -31.81
N LEU C 342 -1.11 -1.52 -33.00
CA LEU C 342 -1.55 -0.44 -33.89
C LEU C 342 -2.69 -0.94 -34.79
N VAL C 343 -3.90 -1.01 -34.23
CA VAL C 343 -5.04 -1.53 -34.96
C VAL C 343 -5.63 -0.47 -35.88
N THR C 344 -5.82 -0.82 -37.15
CA THR C 344 -6.42 0.08 -38.12
C THR C 344 -7.91 -0.19 -38.29
N TYR C 345 -8.71 0.86 -38.30
CA TYR C 345 -10.15 0.75 -38.42
C TYR C 345 -10.69 1.62 -39.55
N ARG C 346 -11.78 1.18 -40.15
CA ARG C 346 -12.56 2.04 -41.02
C ARG C 346 -13.23 3.10 -40.13
N GLU C 347 -13.00 4.35 -40.47
CA GLU C 347 -13.44 5.51 -39.69
C GLU C 347 -14.82 5.42 -39.04
N ASN C 348 -15.80 4.90 -39.77
CA ASN C 348 -17.17 4.83 -39.27
C ASN C 348 -17.44 3.68 -38.29
N SER C 349 -16.42 2.89 -38.00
CA SER C 349 -16.54 1.82 -37.03
C SER C 349 -15.83 2.17 -35.73
N LEU C 350 -15.04 3.24 -35.76
CA LEU C 350 -14.26 3.64 -34.59
C LEU C 350 -14.83 4.92 -33.96
N LEU C 351 -15.19 5.87 -34.81
CA LEU C 351 -15.72 7.15 -34.34
C LEU C 351 -17.17 7.07 -33.90
N PHE C 352 -17.51 7.82 -32.87
CA PHE C 352 -18.87 7.85 -32.36
C PHE C 352 -19.23 9.26 -31.92
N ASP C 353 -20.41 9.73 -32.34
CA ASP C 353 -20.90 11.05 -31.94
C ASP C 353 -22.17 10.87 -31.12
N PRO C 354 -22.09 11.13 -29.81
CA PRO C 354 -23.21 10.92 -28.88
C PRO C 354 -24.43 11.80 -29.20
N LEU C 355 -24.26 12.72 -30.15
CA LEU C 355 -25.33 13.65 -30.50
C LEU C 355 -26.03 13.28 -31.81
N SER C 356 -25.47 12.33 -32.56
CA SER C 356 -26.03 11.98 -33.87
C SER C 356 -25.85 10.51 -34.27
N SER C 357 -24.92 9.81 -33.62
CA SER C 357 -24.75 8.40 -33.88
C SER C 357 -25.80 7.57 -33.14
N SER C 358 -26.23 6.48 -33.75
CA SER C 358 -27.26 5.63 -33.15
C SER C 358 -26.66 4.63 -32.19
N SER C 359 -27.53 3.92 -31.47
CA SER C 359 -27.09 2.84 -30.59
C SER C 359 -26.47 1.71 -31.39
N SER C 360 -26.96 1.50 -32.60
CA SER C 360 -26.38 0.49 -33.49
C SER C 360 -24.96 0.87 -33.89
N ASN C 361 -24.76 2.17 -34.12
CA ASN C 361 -23.41 2.67 -34.37
C ASN C 361 -22.54 2.42 -33.15
N LYS C 362 -23.12 2.64 -31.97
CA LYS C 362 -22.41 2.43 -30.71
C LYS C 362 -22.05 0.95 -30.54
N GLU C 363 -23.00 0.08 -30.82
CA GLU C 363 -22.77 -1.37 -30.74
C GLU C 363 -21.65 -1.79 -31.69
N ARG C 364 -21.66 -1.23 -32.90
CA ARG C 364 -20.61 -1.53 -33.89
C ARG C 364 -19.22 -1.20 -33.36
N VAL C 365 -19.10 -0.05 -32.70
CA VAL C 365 -17.81 0.41 -32.19
C VAL C 365 -17.23 -0.53 -31.12
N VAL C 366 -18.04 -0.86 -30.11
CA VAL C 366 -17.57 -1.72 -29.02
C VAL C 366 -17.19 -3.11 -29.51
N THR C 367 -18.01 -3.66 -30.40
CA THR C 367 -17.83 -5.04 -30.86
C THR C 367 -16.62 -5.18 -31.79
N VAL C 368 -16.44 -4.21 -32.69
CA VAL C 368 -15.30 -4.23 -33.58
C VAL C 368 -14.00 -4.04 -32.79
N ILE C 369 -14.02 -3.11 -31.83
CA ILE C 369 -12.88 -2.90 -30.95
C ILE C 369 -12.57 -4.16 -30.13
N ALA C 370 -13.59 -4.75 -29.53
CA ALA C 370 -13.41 -5.96 -28.72
C ALA C 370 -12.90 -7.12 -29.56
N HIS C 371 -13.31 -7.17 -30.82
CA HIS C 371 -12.84 -8.20 -31.73
C HIS C 371 -11.35 -8.05 -31.98
N GLU C 372 -10.94 -6.84 -32.36
CA GLU C 372 -9.56 -6.59 -32.75
C GLU C 372 -8.59 -6.65 -31.58
N LEU C 373 -9.03 -6.20 -30.40
CA LEU C 373 -8.21 -6.24 -29.19
C LEU C 373 -8.03 -7.68 -28.69
N ALA C 374 -9.02 -8.52 -28.97
CA ALA C 374 -8.93 -9.93 -28.61
C ALA C 374 -7.74 -10.58 -29.30
N HIS C 375 -7.52 -10.21 -30.57
CA HIS C 375 -6.42 -10.74 -31.35
C HIS C 375 -5.04 -10.41 -30.74
N GLN C 376 -4.97 -9.34 -29.96
CA GLN C 376 -3.69 -8.90 -29.39
C GLN C 376 -3.05 -10.00 -28.55
N TRP C 377 -3.89 -10.87 -27.97
CA TRP C 377 -3.44 -12.12 -27.37
C TRP C 377 -3.63 -13.26 -28.36
N PHE C 378 -4.88 -13.60 -28.59
CA PHE C 378 -5.24 -14.76 -29.42
C PHE C 378 -5.13 -14.44 -30.91
N GLY C 379 -3.96 -14.73 -31.48
CA GLY C 379 -3.72 -14.45 -32.89
C GLY C 379 -2.38 -13.77 -33.10
N ASN C 380 -2.07 -12.82 -32.22
CA ASN C 380 -0.82 -12.06 -32.32
C ASN C 380 0.26 -12.58 -31.40
N LEU C 381 -0.08 -12.82 -30.14
CA LEU C 381 0.85 -13.41 -29.19
C LEU C 381 1.05 -14.89 -29.55
N VAL C 382 -0.06 -15.59 -29.72
CA VAL C 382 -0.05 -16.96 -30.23
C VAL C 382 -0.69 -16.94 -31.60
N THR C 383 0.08 -17.27 -32.63
CA THR C 383 -0.36 -17.13 -34.01
C THR C 383 -0.54 -18.49 -34.68
N ILE C 384 -1.44 -18.57 -35.66
CA ILE C 384 -1.65 -19.81 -36.40
C ILE C 384 -0.38 -20.24 -37.13
N GLU C 385 -0.21 -21.54 -37.30
CA GLU C 385 0.92 -22.11 -38.02
C GLU C 385 0.83 -21.79 -39.50
N TRP C 386 -0.38 -21.89 -40.04
CA TRP C 386 -0.60 -21.62 -41.46
C TRP C 386 -2.05 -21.22 -41.72
N TRP C 387 -2.31 -20.61 -42.86
CA TRP C 387 -3.60 -19.97 -43.13
C TRP C 387 -4.80 -20.92 -43.14
N ASN C 388 -4.54 -22.22 -43.25
CA ASN C 388 -5.62 -23.20 -43.19
C ASN C 388 -6.34 -23.24 -41.84
N ASP C 389 -5.72 -22.67 -40.82
CA ASP C 389 -6.34 -22.62 -39.49
C ASP C 389 -6.93 -21.25 -39.16
N LEU C 390 -7.14 -20.45 -40.20
CA LEU C 390 -7.70 -19.10 -40.04
C LEU C 390 -9.01 -19.10 -39.26
N TRP C 391 -9.82 -20.14 -39.46
CA TRP C 391 -11.11 -20.25 -38.78
C TRP C 391 -10.96 -20.24 -37.27
N LEU C 392 -9.86 -20.80 -36.77
CA LEU C 392 -9.61 -20.84 -35.34
C LEU C 392 -9.34 -19.42 -34.85
N ASN C 393 -8.52 -18.70 -35.59
CA ASN C 393 -8.17 -17.33 -35.24
C ASN C 393 -9.36 -16.38 -35.37
N GLU C 394 -9.96 -16.32 -36.56
CA GLU C 394 -11.06 -15.40 -36.80
C GLU C 394 -12.35 -15.85 -36.13
N GLY C 395 -12.50 -17.16 -35.94
CA GLY C 395 -13.67 -17.69 -35.26
C GLY C 395 -13.68 -17.32 -33.79
N PHE C 396 -12.53 -17.43 -33.16
CA PHE C 396 -12.42 -17.12 -31.73
C PHE C 396 -12.70 -15.64 -31.45
N ALA C 397 -12.10 -14.76 -32.24
CA ALA C 397 -12.31 -13.33 -32.06
C ALA C 397 -13.77 -12.95 -32.32
N SER C 398 -14.39 -13.61 -33.28
CA SER C 398 -15.78 -13.33 -33.62
C SER C 398 -16.73 -13.77 -32.49
N TYR C 399 -16.26 -14.71 -31.67
CA TYR C 399 -17.04 -15.17 -30.53
C TYR C 399 -16.81 -14.30 -29.31
N VAL C 400 -15.55 -14.11 -28.94
CA VAL C 400 -15.22 -13.41 -27.71
C VAL C 400 -15.38 -11.90 -27.82
N GLU C 401 -15.67 -11.40 -29.01
CA GLU C 401 -15.98 -9.99 -29.17
C GLU C 401 -17.24 -9.65 -28.39
N TYR C 402 -18.14 -10.63 -28.30
CA TYR C 402 -19.37 -10.46 -27.53
C TYR C 402 -19.05 -10.41 -26.04
N LEU C 403 -18.12 -11.26 -25.61
CA LEU C 403 -17.73 -11.31 -24.20
C LEU C 403 -17.02 -10.02 -23.80
N GLY C 404 -16.12 -9.55 -24.64
CA GLY C 404 -15.40 -8.32 -24.39
C GLY C 404 -16.31 -7.11 -24.36
N ALA C 405 -17.16 -6.99 -25.37
CA ALA C 405 -18.10 -5.88 -25.44
C ALA C 405 -19.06 -5.88 -24.25
N ASP C 406 -19.54 -7.06 -23.88
CA ASP C 406 -20.46 -7.19 -22.75
C ASP C 406 -19.83 -6.71 -21.45
N TYR C 407 -18.52 -6.84 -21.34
CA TYR C 407 -17.82 -6.34 -20.16
C TYR C 407 -17.82 -4.81 -20.11
N ALA C 408 -17.61 -4.19 -21.26
CA ALA C 408 -17.59 -2.73 -21.35
C ALA C 408 -19.00 -2.15 -21.17
N GLU C 409 -20.00 -2.84 -21.72
CA GLU C 409 -21.38 -2.38 -21.63
C GLU C 409 -22.29 -3.47 -21.07
N PRO C 410 -22.16 -3.76 -19.76
CA PRO C 410 -22.85 -4.89 -19.13
C PRO C 410 -24.38 -4.81 -19.16
N THR C 411 -24.94 -3.63 -19.39
CA THR C 411 -26.38 -3.47 -19.36
C THR C 411 -27.07 -3.80 -20.68
N TRP C 412 -26.28 -4.08 -21.71
CA TRP C 412 -26.82 -4.29 -23.05
C TRP C 412 -27.28 -5.71 -23.33
N ASN C 413 -26.66 -6.68 -22.66
CA ASN C 413 -26.88 -8.09 -22.93
C ASN C 413 -26.60 -8.44 -24.40
N LEU C 414 -25.47 -7.96 -24.90
CA LEU C 414 -25.08 -8.15 -26.30
C LEU C 414 -24.91 -9.61 -26.71
N LYS C 415 -24.53 -10.46 -25.76
CA LYS C 415 -24.22 -11.86 -26.04
C LYS C 415 -25.37 -12.61 -26.72
N ASP C 416 -26.59 -12.20 -26.43
CA ASP C 416 -27.77 -12.84 -27.02
C ASP C 416 -27.85 -12.64 -28.53
N LEU C 417 -27.27 -11.55 -29.01
CA LEU C 417 -27.38 -11.17 -30.42
C LEU C 417 -26.59 -12.08 -31.37
N MET C 418 -25.71 -12.91 -30.80
CA MET C 418 -24.85 -13.76 -31.63
C MET C 418 -25.64 -14.81 -32.40
N VAL C 419 -26.76 -15.27 -31.83
CA VAL C 419 -27.59 -16.27 -32.47
C VAL C 419 -28.10 -15.76 -33.82
N LEU C 420 -28.49 -14.49 -33.87
CA LEU C 420 -28.96 -13.89 -35.11
C LEU C 420 -27.80 -13.47 -36.00
N ASN C 421 -26.84 -12.75 -35.43
CA ASN C 421 -25.73 -12.19 -36.19
C ASN C 421 -24.75 -13.20 -36.77
N ASP C 422 -24.54 -14.31 -36.06
CA ASP C 422 -23.54 -15.29 -36.50
C ASP C 422 -24.10 -16.67 -36.82
N VAL C 423 -24.86 -17.25 -35.88
CA VAL C 423 -25.33 -18.62 -36.04
C VAL C 423 -26.27 -18.76 -37.23
N TYR C 424 -27.41 -18.08 -37.17
CA TYR C 424 -28.41 -18.17 -38.23
C TYR C 424 -27.92 -17.53 -39.54
N ARG C 425 -27.00 -16.58 -39.43
CA ARG C 425 -26.40 -15.99 -40.62
C ARG C 425 -25.59 -17.04 -41.39
N VAL C 426 -24.75 -17.78 -40.68
CA VAL C 426 -23.88 -18.75 -41.32
C VAL C 426 -24.61 -20.06 -41.62
N MET C 427 -25.71 -20.31 -40.91
CA MET C 427 -26.52 -21.50 -41.15
C MET C 427 -27.17 -21.46 -42.52
N ALA C 428 -27.32 -20.26 -43.08
CA ALA C 428 -27.86 -20.10 -44.42
C ALA C 428 -26.85 -20.59 -45.44
N VAL C 429 -25.58 -20.34 -45.16
CA VAL C 429 -24.49 -20.74 -46.05
C VAL C 429 -24.17 -22.23 -45.88
N ASP C 430 -24.09 -22.68 -44.62
CA ASP C 430 -23.64 -24.02 -44.31
C ASP C 430 -24.68 -25.09 -44.63
N ALA C 431 -25.93 -24.67 -44.82
CA ALA C 431 -27.00 -25.61 -45.16
C ALA C 431 -27.06 -25.87 -46.66
N LEU C 432 -26.01 -25.50 -47.36
CA LEU C 432 -25.92 -25.72 -48.80
C LEU C 432 -24.94 -26.85 -49.11
N ALA C 433 -25.11 -27.49 -50.25
CA ALA C 433 -24.22 -28.58 -50.67
C ALA C 433 -22.88 -28.04 -51.13
N SER C 434 -22.82 -26.73 -51.37
CA SER C 434 -21.62 -26.09 -51.89
C SER C 434 -20.78 -25.48 -50.78
N SER C 435 -21.00 -25.94 -49.56
CA SER C 435 -20.25 -25.44 -48.43
C SER C 435 -18.89 -26.14 -48.33
N HIS C 436 -18.12 -25.79 -47.31
CA HIS C 436 -16.84 -26.44 -47.07
C HIS C 436 -16.61 -26.60 -45.58
N PRO C 437 -15.87 -27.66 -45.19
CA PRO C 437 -15.60 -27.90 -43.77
C PRO C 437 -14.81 -26.75 -43.16
N LEU C 438 -14.90 -26.62 -41.84
CA LEU C 438 -14.16 -25.60 -41.11
C LEU C 438 -12.67 -25.81 -41.30
N SER C 439 -12.24 -27.07 -41.21
CA SER C 439 -10.83 -27.42 -41.33
C SER C 439 -10.43 -27.71 -42.78
N THR C 440 -9.25 -27.23 -43.16
CA THR C 440 -8.70 -27.47 -44.49
C THR C 440 -7.30 -28.02 -44.34
N PRO C 441 -6.98 -29.10 -45.07
CA PRO C 441 -5.61 -29.61 -45.05
C PRO C 441 -4.63 -28.53 -45.48
N ALA C 442 -3.53 -28.39 -44.75
CA ALA C 442 -2.56 -27.32 -45.02
C ALA C 442 -2.02 -27.37 -46.44
N SER C 443 -1.94 -28.58 -46.98
CA SER C 443 -1.37 -28.79 -48.31
C SER C 443 -2.27 -28.27 -49.43
N GLU C 444 -3.48 -27.87 -49.10
CA GLU C 444 -4.43 -27.38 -50.10
C GLU C 444 -4.48 -25.85 -50.15
N ILE C 445 -3.82 -25.21 -49.19
CA ILE C 445 -3.74 -23.76 -49.17
C ILE C 445 -2.30 -23.30 -49.44
N ASN C 446 -2.04 -22.90 -50.69
CA ASN C 446 -0.69 -22.54 -51.10
C ASN C 446 -0.57 -21.16 -51.71
N THR C 447 -1.49 -20.84 -52.62
CA THR C 447 -1.49 -19.55 -53.31
C THR C 447 -2.24 -18.50 -52.51
N PRO C 448 -1.90 -17.22 -52.73
CA PRO C 448 -2.63 -16.12 -52.09
C PRO C 448 -4.13 -16.17 -52.37
N ALA C 449 -4.50 -16.63 -53.56
CA ALA C 449 -5.91 -16.77 -53.92
C ALA C 449 -6.59 -17.79 -53.01
N GLN C 450 -5.93 -18.93 -52.81
CA GLN C 450 -6.46 -19.97 -51.93
C GLN C 450 -6.55 -19.49 -50.48
N ILE C 451 -5.61 -18.64 -50.09
CA ILE C 451 -5.61 -18.07 -48.74
C ILE C 451 -6.78 -17.09 -48.58
N SER C 452 -6.98 -16.25 -49.59
CA SER C 452 -8.03 -15.24 -49.55
C SER C 452 -9.42 -15.83 -49.42
N GLU C 453 -9.64 -16.96 -50.09
CA GLU C 453 -10.96 -17.59 -50.09
C GLU C 453 -11.38 -18.09 -48.71
N LEU C 454 -10.42 -18.21 -47.80
CA LEU C 454 -10.71 -18.68 -46.45
C LEU C 454 -11.32 -17.59 -45.57
N PHE C 455 -11.17 -16.34 -45.98
CA PHE C 455 -11.73 -15.22 -45.23
C PHE C 455 -13.23 -15.06 -45.51
N ASP C 456 -14.02 -16.07 -45.14
CA ASP C 456 -15.44 -16.07 -45.45
C ASP C 456 -16.32 -16.23 -44.21
N ALA C 457 -17.62 -16.36 -44.42
CA ALA C 457 -18.59 -16.46 -43.33
C ALA C 457 -18.39 -17.73 -42.50
N ILE C 458 -17.92 -18.79 -43.16
CA ILE C 458 -17.69 -20.06 -42.49
C ILE C 458 -16.60 -19.94 -41.43
N SER C 459 -15.46 -19.38 -41.83
CA SER C 459 -14.34 -19.19 -40.91
C SER C 459 -14.70 -18.29 -39.75
N TYR C 460 -15.42 -17.21 -40.03
CA TYR C 460 -15.77 -16.22 -39.02
C TYR C 460 -16.95 -16.65 -38.16
N SER C 461 -18.10 -16.87 -38.79
CA SER C 461 -19.32 -17.11 -38.06
C SER C 461 -19.54 -18.55 -37.61
N LYS C 462 -19.24 -19.53 -38.46
CA LYS C 462 -19.33 -20.92 -38.03
C LYS C 462 -18.22 -21.22 -37.02
N GLY C 463 -17.05 -20.64 -37.25
CA GLY C 463 -15.94 -20.76 -36.33
C GLY C 463 -16.33 -20.27 -34.95
N ALA C 464 -17.04 -19.15 -34.90
CA ALA C 464 -17.48 -18.58 -33.64
C ALA C 464 -18.58 -19.43 -32.99
N SER C 465 -19.55 -19.84 -33.80
CA SER C 465 -20.68 -20.63 -33.32
C SER C 465 -20.20 -21.94 -32.72
N VAL C 466 -19.26 -22.57 -33.41
CA VAL C 466 -18.71 -23.85 -33.00
C VAL C 466 -17.89 -23.73 -31.70
N LEU C 467 -17.14 -22.64 -31.57
CA LEU C 467 -16.35 -22.42 -30.36
C LEU C 467 -17.23 -22.06 -29.16
N ARG C 468 -18.34 -21.36 -29.41
CA ARG C 468 -19.28 -21.05 -28.35
C ARG C 468 -19.91 -22.33 -27.84
N MET C 469 -20.22 -23.24 -28.75
CA MET C 469 -20.77 -24.55 -28.39
C MET C 469 -19.76 -25.33 -27.54
N LEU C 470 -18.50 -25.31 -27.95
CA LEU C 470 -17.42 -25.96 -27.23
C LEU C 470 -17.29 -25.42 -25.81
N SER C 471 -17.28 -24.10 -25.69
CA SER C 471 -17.22 -23.46 -24.39
C SER C 471 -18.49 -23.73 -23.57
N SER C 472 -19.54 -24.16 -24.25
CA SER C 472 -20.81 -24.41 -23.59
C SER C 472 -20.88 -25.81 -22.99
N PHE C 473 -20.48 -26.83 -23.74
CA PHE C 473 -20.56 -28.19 -23.21
C PHE C 473 -19.44 -28.54 -22.22
N LEU C 474 -18.32 -27.83 -22.33
CA LEU C 474 -17.39 -27.73 -21.22
C LEU C 474 -17.91 -26.57 -20.41
N SER C 475 -17.47 -26.41 -19.17
CA SER C 475 -17.81 -25.17 -18.47
C SER C 475 -17.03 -24.06 -19.16
N GLU C 476 -17.50 -22.82 -19.05
CA GLU C 476 -16.69 -21.70 -19.52
C GLU C 476 -15.44 -21.62 -18.65
N ASP C 477 -15.60 -22.01 -17.38
CA ASP C 477 -14.51 -21.99 -16.42
C ASP C 477 -13.37 -22.91 -16.84
N VAL C 478 -13.70 -24.13 -17.27
CA VAL C 478 -12.65 -25.05 -17.73
C VAL C 478 -12.20 -24.68 -19.13
N PHE C 479 -13.08 -24.04 -19.91
CA PHE C 479 -12.71 -23.55 -21.23
C PHE C 479 -11.65 -22.48 -21.08
N LYS C 480 -11.90 -21.53 -20.17
CA LYS C 480 -10.94 -20.47 -19.87
C LYS C 480 -9.63 -21.03 -19.34
N GLN C 481 -9.73 -22.10 -18.55
CA GLN C 481 -8.56 -22.72 -17.97
C GLN C 481 -7.67 -23.33 -19.06
N GLY C 482 -8.30 -23.91 -20.06
CA GLY C 482 -7.58 -24.44 -21.21
C GLY C 482 -6.93 -23.33 -22.02
N LEU C 483 -7.65 -22.23 -22.22
CA LEU C 483 -7.15 -21.08 -22.98
C LEU C 483 -5.90 -20.48 -22.35
N ALA C 484 -5.92 -20.35 -21.03
CA ALA C 484 -4.82 -19.73 -20.29
C ALA C 484 -3.52 -20.50 -20.44
N SER C 485 -3.57 -21.82 -20.30
CA SER C 485 -2.37 -22.64 -20.39
C SER C 485 -1.91 -22.71 -21.85
N TYR C 486 -2.88 -22.65 -22.76
CA TYR C 486 -2.59 -22.59 -24.19
C TYR C 486 -1.78 -21.34 -24.52
N LEU C 487 -2.21 -20.20 -24.00
CA LEU C 487 -1.49 -18.95 -24.23
C LEU C 487 -0.12 -18.94 -23.58
N HIS C 488 -0.05 -19.40 -22.34
CA HIS C 488 1.21 -19.43 -21.60
C HIS C 488 2.22 -20.35 -22.26
N THR C 489 1.76 -21.48 -22.75
CA THR C 489 2.63 -22.47 -23.38
C THR C 489 3.18 -21.97 -24.73
N PHE C 490 2.29 -21.46 -25.56
CA PHE C 490 2.65 -21.14 -26.94
C PHE C 490 2.85 -19.65 -27.21
N ALA C 491 3.06 -18.87 -26.15
CA ALA C 491 3.31 -17.44 -26.30
C ALA C 491 4.50 -17.18 -27.23
N TYR C 492 4.35 -16.20 -28.12
CA TYR C 492 5.36 -15.84 -29.11
C TYR C 492 5.70 -16.99 -30.06
N GLN C 493 4.78 -17.94 -30.18
CA GLN C 493 5.00 -19.09 -31.08
C GLN C 493 3.80 -19.30 -32.01
N ASN C 494 3.81 -20.44 -32.69
CA ASN C 494 2.75 -20.78 -33.62
C ASN C 494 2.07 -22.10 -33.28
N THR C 495 0.79 -22.23 -33.61
CA THR C 495 0.00 -23.40 -33.23
C THR C 495 -0.92 -23.88 -34.34
N ILE C 496 -1.38 -25.13 -34.20
CA ILE C 496 -2.50 -25.63 -35.01
C ILE C 496 -3.66 -25.85 -34.05
N TYR C 497 -4.86 -26.05 -34.59
CA TYR C 497 -6.04 -26.14 -33.73
C TYR C 497 -5.98 -27.35 -32.77
N LEU C 498 -5.24 -28.38 -33.15
CA LEU C 498 -5.07 -29.54 -32.29
C LEU C 498 -4.38 -29.18 -30.98
N ASN C 499 -3.51 -28.17 -31.03
CA ASN C 499 -2.83 -27.68 -29.84
C ASN C 499 -3.85 -27.17 -28.82
N LEU C 500 -4.87 -26.46 -29.30
CA LEU C 500 -5.91 -25.93 -28.44
C LEU C 500 -6.79 -27.04 -27.88
N TRP C 501 -7.12 -28.02 -28.73
CA TRP C 501 -7.89 -29.17 -28.28
C TRP C 501 -7.15 -29.88 -27.15
N ASP C 502 -5.82 -29.98 -27.29
CA ASP C 502 -5.00 -30.65 -26.29
C ASP C 502 -5.09 -29.98 -24.93
N HIS C 503 -4.91 -28.66 -24.91
CA HIS C 503 -4.94 -27.93 -23.66
C HIS C 503 -6.33 -27.88 -23.02
N LEU C 504 -7.36 -27.89 -23.85
CA LEU C 504 -8.72 -28.00 -23.35
C LEU C 504 -8.95 -29.39 -22.76
N GLN C 505 -8.35 -30.39 -23.40
CA GLN C 505 -8.44 -31.77 -22.93
C GLN C 505 -7.78 -31.93 -21.57
N GLU C 506 -6.64 -31.27 -21.38
CA GLU C 506 -5.95 -31.27 -20.09
C GLU C 506 -6.81 -30.65 -19.02
N ALA C 507 -7.48 -29.55 -19.37
CA ALA C 507 -8.40 -28.89 -18.45
C ALA C 507 -9.56 -29.82 -18.10
N VAL C 508 -10.10 -30.49 -19.11
CA VAL C 508 -11.15 -31.49 -18.91
C VAL C 508 -10.72 -32.60 -17.94
N ASN C 509 -9.54 -33.15 -18.19
CA ASN C 509 -8.99 -34.18 -17.31
C ASN C 509 -8.72 -33.64 -15.92
N ASN C 510 -8.18 -32.42 -15.86
CA ASN C 510 -7.85 -31.76 -14.61
C ASN C 510 -9.08 -31.53 -13.75
N ARG C 511 -10.20 -31.25 -14.40
CA ARG C 511 -11.44 -30.88 -13.71
C ARG C 511 -12.44 -32.03 -13.67
N SER C 512 -12.02 -33.21 -14.14
CA SER C 512 -12.87 -34.40 -14.12
C SER C 512 -14.21 -34.21 -14.85
N ILE C 513 -14.22 -33.35 -15.86
CA ILE C 513 -15.41 -33.15 -16.68
C ILE C 513 -15.73 -34.41 -17.48
N GLN C 514 -16.97 -34.88 -17.43
CA GLN C 514 -17.38 -36.08 -18.12
C GLN C 514 -17.81 -35.80 -19.56
N LEU C 515 -17.25 -36.55 -20.50
CA LEU C 515 -17.55 -36.38 -21.92
C LEU C 515 -17.76 -37.76 -22.54
N PRO C 516 -18.52 -37.83 -23.64
CA PRO C 516 -18.74 -39.12 -24.31
C PRO C 516 -17.45 -39.65 -24.93
N THR C 517 -16.52 -38.76 -25.20
CA THR C 517 -15.20 -39.13 -25.71
C THR C 517 -14.24 -37.97 -25.52
N THR C 518 -13.15 -37.95 -26.28
CA THR C 518 -12.16 -36.89 -26.18
C THR C 518 -12.69 -35.60 -26.79
N VAL C 519 -12.09 -34.47 -26.41
CA VAL C 519 -12.44 -33.17 -26.99
C VAL C 519 -12.14 -33.19 -28.49
N ARG C 520 -10.98 -33.77 -28.82
CA ARG C 520 -10.52 -33.93 -30.20
C ARG C 520 -11.57 -34.61 -31.07
N ASP C 521 -12.08 -35.74 -30.59
CA ASP C 521 -13.05 -36.55 -31.35
C ASP C 521 -14.39 -35.85 -31.55
N ILE C 522 -14.84 -35.12 -30.52
CA ILE C 522 -16.10 -34.39 -30.63
C ILE C 522 -15.98 -33.28 -31.66
N MET C 523 -14.93 -32.47 -31.55
CA MET C 523 -14.73 -31.33 -32.45
C MET C 523 -14.44 -31.74 -33.89
N ASN C 524 -13.89 -32.94 -34.08
CA ASN C 524 -13.67 -33.46 -35.42
C ASN C 524 -14.96 -33.54 -36.23
N ARG C 525 -16.07 -33.80 -35.56
CA ARG C 525 -17.37 -33.87 -36.23
C ARG C 525 -17.79 -32.48 -36.73
N TRP C 526 -17.25 -31.44 -36.13
CA TRP C 526 -17.68 -30.08 -36.43
C TRP C 526 -16.66 -29.30 -37.26
N THR C 527 -15.49 -29.89 -37.51
CA THR C 527 -14.45 -29.20 -38.26
C THR C 527 -14.01 -29.94 -39.52
N LEU C 528 -14.11 -31.27 -39.51
CA LEU C 528 -13.66 -32.08 -40.63
C LEU C 528 -14.74 -32.31 -41.69
N GLN C 529 -15.99 -32.06 -41.33
CA GLN C 529 -17.09 -32.16 -42.29
C GLN C 529 -17.92 -30.89 -42.29
N MET C 530 -18.51 -30.57 -43.44
CA MET C 530 -19.31 -29.35 -43.58
C MET C 530 -20.71 -29.53 -43.04
N GLY C 531 -21.49 -28.45 -43.06
CA GLY C 531 -22.89 -28.50 -42.69
C GLY C 531 -23.14 -28.69 -41.21
N PHE C 532 -24.39 -29.03 -40.89
CA PHE C 532 -24.81 -29.23 -39.51
C PHE C 532 -26.07 -30.10 -39.51
N PRO C 533 -26.31 -30.82 -38.40
CA PRO C 533 -27.46 -31.74 -38.37
C PRO C 533 -28.78 -31.02 -38.10
N VAL C 534 -29.87 -31.67 -38.46
CA VAL C 534 -31.18 -31.32 -37.95
C VAL C 534 -31.60 -32.44 -36.99
N ILE C 535 -31.96 -32.07 -35.78
CA ILE C 535 -32.40 -33.05 -34.79
C ILE C 535 -33.93 -33.12 -34.77
N THR C 536 -34.47 -34.25 -35.20
CA THR C 536 -35.91 -34.47 -35.16
C THR C 536 -36.32 -35.22 -33.90
N VAL C 537 -37.26 -34.66 -33.15
CA VAL C 537 -37.69 -35.25 -31.89
C VAL C 537 -39.10 -35.85 -31.99
N ASP C 538 -39.23 -37.10 -31.55
CA ASP C 538 -40.54 -37.74 -31.45
C ASP C 538 -40.95 -37.83 -29.99
N THR C 539 -41.80 -36.90 -29.56
CA THR C 539 -42.15 -36.77 -28.15
C THR C 539 -43.07 -37.88 -27.65
N SER C 540 -43.61 -38.68 -28.55
CA SER C 540 -44.48 -39.79 -28.17
C SER C 540 -43.66 -40.98 -27.69
N THR C 541 -42.53 -41.21 -28.36
CA THR C 541 -41.68 -42.36 -28.04
C THR C 541 -40.37 -41.93 -27.40
N GLY C 542 -40.07 -40.63 -27.47
CA GLY C 542 -38.88 -40.07 -26.86
C GLY C 542 -37.61 -40.37 -27.63
N THR C 543 -37.73 -40.51 -28.94
CA THR C 543 -36.58 -40.81 -29.78
C THR C 543 -36.01 -39.57 -30.46
N LEU C 544 -34.69 -39.52 -30.55
CA LEU C 544 -33.99 -38.44 -31.25
C LEU C 544 -33.45 -38.96 -32.58
N SER C 545 -33.42 -38.10 -33.58
CA SER C 545 -32.93 -38.48 -34.89
C SER C 545 -32.20 -37.32 -35.56
N GLN C 546 -31.01 -37.60 -36.09
CA GLN C 546 -30.22 -36.58 -36.76
C GLN C 546 -29.93 -36.93 -38.21
N GLU C 547 -29.85 -35.91 -39.05
CA GLU C 547 -29.40 -36.07 -40.42
C GLU C 547 -28.86 -34.74 -40.93
N HIS C 548 -28.04 -34.80 -41.97
CA HIS C 548 -27.43 -33.60 -42.55
C HIS C 548 -28.51 -32.66 -43.07
N PHE C 549 -28.55 -31.45 -42.53
CA PHE C 549 -29.57 -30.48 -42.93
C PHE C 549 -29.22 -29.74 -44.22
N LEU C 550 -30.13 -29.79 -45.19
CA LEU C 550 -29.95 -29.10 -46.45
C LEU C 550 -31.18 -28.27 -46.80
N LEU C 551 -30.98 -26.97 -46.96
CA LEU C 551 -32.07 -26.05 -47.27
C LEU C 551 -32.78 -26.42 -48.57
N ASP C 552 -32.02 -26.88 -49.55
CA ASP C 552 -32.57 -27.22 -50.85
C ASP C 552 -32.98 -28.69 -50.87
N PRO C 553 -34.29 -28.96 -51.03
CA PRO C 553 -34.82 -30.32 -51.07
C PRO C 553 -34.28 -31.09 -52.28
N ASP C 554 -33.80 -30.35 -53.28
CA ASP C 554 -33.24 -30.94 -54.49
C ASP C 554 -31.74 -30.67 -54.57
N SER C 555 -31.09 -30.68 -53.41
CA SER C 555 -29.64 -30.49 -53.35
C SER C 555 -28.92 -31.77 -53.75
N ASN C 556 -27.70 -31.61 -54.26
CA ASN C 556 -26.88 -32.75 -54.65
C ASN C 556 -25.53 -32.71 -53.95
N VAL C 557 -25.47 -33.27 -52.74
CA VAL C 557 -24.23 -33.30 -51.99
C VAL C 557 -23.25 -34.31 -52.58
N THR C 558 -22.07 -33.84 -52.95
CA THR C 558 -21.07 -34.70 -53.57
C THR C 558 -19.77 -34.77 -52.75
N ARG C 559 -19.59 -33.82 -51.85
CA ARG C 559 -18.42 -33.82 -50.97
C ARG C 559 -18.55 -34.90 -49.90
N PRO C 560 -17.67 -35.92 -49.96
CA PRO C 560 -17.74 -37.02 -48.99
C PRO C 560 -17.34 -36.58 -47.59
N SER C 561 -17.64 -37.40 -46.60
CA SER C 561 -17.31 -37.09 -45.20
C SER C 561 -16.79 -38.33 -44.49
N GLU C 562 -15.77 -38.15 -43.66
CA GLU C 562 -15.18 -39.26 -42.91
C GLU C 562 -16.22 -39.90 -42.01
N PHE C 563 -17.12 -39.08 -41.49
CA PHE C 563 -18.11 -39.55 -40.53
C PHE C 563 -19.46 -39.77 -41.16
N ASN C 564 -19.51 -39.68 -42.50
CA ASN C 564 -20.74 -39.85 -43.26
C ASN C 564 -21.87 -38.92 -42.80
N TYR C 565 -21.49 -37.69 -42.43
CA TYR C 565 -22.43 -36.67 -42.01
C TYR C 565 -23.31 -37.03 -40.82
N VAL C 566 -22.69 -37.63 -39.80
CA VAL C 566 -23.34 -37.75 -38.50
C VAL C 566 -22.48 -37.06 -37.44
N TRP C 567 -23.12 -36.41 -36.48
CA TRP C 567 -22.40 -35.61 -35.50
C TRP C 567 -22.52 -36.17 -34.08
N ILE C 568 -21.52 -35.86 -33.26
CA ILE C 568 -21.63 -36.01 -31.82
C ILE C 568 -22.08 -34.66 -31.29
N VAL C 569 -23.36 -34.58 -30.91
CA VAL C 569 -23.95 -33.29 -30.61
C VAL C 569 -24.45 -33.20 -29.16
N PRO C 570 -24.08 -32.11 -28.46
CA PRO C 570 -24.55 -31.86 -27.10
C PRO C 570 -25.99 -31.35 -27.10
N ILE C 571 -26.84 -31.95 -26.27
CA ILE C 571 -28.26 -31.61 -26.26
C ILE C 571 -28.70 -31.06 -24.92
N THR C 572 -29.00 -29.76 -24.90
CA THR C 572 -29.68 -29.15 -23.76
C THR C 572 -31.15 -29.04 -24.09
N SER C 573 -32.01 -29.06 -23.07
CA SER C 573 -33.44 -29.01 -23.30
C SER C 573 -34.22 -28.48 -22.13
N ILE C 574 -35.45 -28.04 -22.39
CA ILE C 574 -36.37 -27.61 -21.35
C ILE C 574 -37.71 -28.32 -21.50
N ARG C 575 -38.35 -28.56 -20.36
CA ARG C 575 -39.67 -29.18 -20.33
C ARG C 575 -40.61 -28.29 -19.52
N ASP C 576 -41.65 -27.79 -20.17
CA ASP C 576 -42.59 -26.86 -19.55
C ASP C 576 -41.91 -25.63 -18.94
N GLY C 577 -40.82 -25.19 -19.55
CA GLY C 577 -40.12 -24.00 -19.11
C GLY C 577 -38.87 -24.23 -18.28
N ARG C 578 -38.77 -25.39 -17.64
CA ARG C 578 -37.61 -25.68 -16.79
C ARG C 578 -36.63 -26.62 -17.48
N GLN C 579 -35.33 -26.30 -17.34
CA GLN C 579 -34.27 -27.06 -17.99
C GLN C 579 -34.15 -28.48 -17.47
N GLN C 580 -33.83 -29.42 -18.37
CA GLN C 580 -33.64 -30.81 -17.99
C GLN C 580 -32.15 -31.15 -17.91
N GLN C 581 -31.85 -32.42 -17.66
CA GLN C 581 -30.46 -32.88 -17.66
C GLN C 581 -29.87 -32.82 -19.06
N ASP C 582 -28.58 -32.53 -19.13
CA ASP C 582 -27.88 -32.54 -20.42
C ASP C 582 -27.89 -33.94 -21.01
N TYR C 583 -27.76 -34.00 -22.33
CA TYR C 583 -27.72 -35.27 -23.04
C TYR C 583 -26.77 -35.22 -24.22
N TRP C 584 -26.10 -36.32 -24.50
CA TRP C 584 -25.20 -36.41 -25.64
C TRP C 584 -25.75 -37.35 -26.70
N LEU C 585 -26.05 -36.82 -27.87
CA LEU C 585 -26.44 -37.63 -29.01
C LEU C 585 -25.18 -38.05 -29.75
N ILE C 586 -24.88 -39.36 -29.70
CA ILE C 586 -23.65 -39.87 -30.28
C ILE C 586 -23.93 -40.83 -31.42
N ASP C 587 -25.20 -40.95 -31.79
CA ASP C 587 -25.62 -41.84 -32.87
C ASP C 587 -26.60 -41.16 -33.81
N VAL C 588 -26.93 -41.84 -34.90
CA VAL C 588 -27.92 -41.32 -35.84
C VAL C 588 -29.30 -41.29 -35.19
N ARG C 589 -29.61 -42.34 -34.43
CA ARG C 589 -30.88 -42.43 -33.73
C ARG C 589 -30.66 -42.89 -32.29
N ALA C 590 -31.41 -42.32 -31.37
CA ALA C 590 -31.29 -42.67 -29.96
C ALA C 590 -32.61 -42.47 -29.24
N GLN C 591 -32.75 -43.09 -28.07
CA GLN C 591 -33.97 -42.95 -27.29
C GLN C 591 -33.65 -42.59 -25.85
N ASN C 592 -34.42 -41.66 -25.30
CA ASN C 592 -34.28 -41.27 -23.91
C ASN C 592 -35.56 -40.62 -23.41
N ASP C 593 -35.94 -40.92 -22.16
CA ASP C 593 -37.19 -40.41 -21.61
C ASP C 593 -37.19 -38.90 -21.41
N LEU C 594 -36.02 -38.29 -21.51
CA LEU C 594 -35.89 -36.84 -21.42
C LEU C 594 -36.68 -36.14 -22.53
N PHE C 595 -37.01 -36.89 -23.57
CA PHE C 595 -37.69 -36.33 -24.73
C PHE C 595 -39.07 -36.97 -24.95
N SER C 596 -39.62 -37.55 -23.88
CA SER C 596 -40.97 -38.11 -23.92
C SER C 596 -41.94 -37.17 -23.22
N THR C 597 -43.12 -36.99 -23.81
CA THR C 597 -44.14 -36.13 -23.22
C THR C 597 -45.48 -36.86 -23.11
N SER C 598 -46.30 -36.41 -22.16
CA SER C 598 -47.65 -36.93 -21.99
C SER C 598 -48.54 -35.84 -21.40
N GLY C 599 -49.78 -35.78 -21.85
CA GLY C 599 -50.67 -34.73 -21.40
C GLY C 599 -50.33 -33.40 -22.06
N ASN C 600 -50.22 -32.36 -21.25
CA ASN C 600 -49.99 -31.01 -21.77
C ASN C 600 -48.53 -30.60 -21.85
N GLU C 601 -47.64 -31.45 -21.36
CA GLU C 601 -46.23 -31.10 -21.30
C GLU C 601 -45.57 -31.08 -22.68
N TRP C 602 -44.72 -30.08 -22.90
CA TRP C 602 -43.98 -29.96 -24.14
C TRP C 602 -42.48 -29.86 -23.84
N VAL C 603 -41.65 -30.20 -24.83
CA VAL C 603 -40.22 -30.08 -24.68
C VAL C 603 -39.62 -29.24 -25.81
N LEU C 604 -38.42 -28.73 -25.56
CA LEU C 604 -37.75 -27.85 -26.50
C LEU C 604 -36.27 -28.12 -26.42
N LEU C 605 -35.62 -28.40 -27.55
CA LEU C 605 -34.19 -28.66 -27.55
C LEU C 605 -33.38 -27.40 -27.82
N ASN C 606 -32.09 -27.48 -27.47
CA ASN C 606 -31.12 -26.41 -27.74
C ASN C 606 -31.41 -25.10 -27.02
N LEU C 607 -31.27 -25.12 -25.69
CA LEU C 607 -31.51 -23.95 -24.86
C LEU C 607 -30.59 -22.79 -25.26
N ASN C 608 -31.21 -21.63 -25.51
CA ASN C 608 -30.49 -20.43 -25.96
C ASN C 608 -29.66 -20.63 -27.23
N VAL C 609 -30.00 -21.69 -27.98
CA VAL C 609 -29.32 -22.05 -29.21
C VAL C 609 -27.80 -22.02 -29.06
N THR C 610 -27.30 -22.72 -28.04
CA THR C 610 -25.87 -22.79 -27.80
C THR C 610 -25.23 -23.83 -28.73
N GLY C 611 -26.04 -24.79 -29.17
CA GLY C 611 -25.57 -25.83 -30.05
C GLY C 611 -25.78 -25.46 -31.51
N TYR C 612 -24.86 -25.89 -32.36
CA TYR C 612 -24.91 -25.55 -33.77
C TYR C 612 -25.74 -26.57 -34.55
N TYR C 613 -27.05 -26.48 -34.40
CA TYR C 613 -27.97 -27.38 -35.09
C TYR C 613 -29.42 -26.87 -35.07
N ARG C 614 -30.24 -27.40 -35.97
CA ARG C 614 -31.66 -27.05 -36.02
C ARG C 614 -32.52 -28.17 -35.46
N VAL C 615 -33.66 -27.81 -34.88
CA VAL C 615 -34.52 -28.80 -34.24
C VAL C 615 -35.90 -28.85 -34.87
N ASN C 616 -36.40 -30.06 -35.14
CA ASN C 616 -37.76 -30.26 -35.60
C ASN C 616 -38.52 -31.20 -34.65
N TYR C 617 -39.83 -31.03 -34.57
CA TYR C 617 -40.63 -31.84 -33.65
C TYR C 617 -41.78 -32.55 -34.36
N ASP C 618 -42.42 -33.48 -33.65
CA ASP C 618 -43.63 -34.11 -34.13
C ASP C 618 -44.77 -33.11 -34.10
N GLU C 619 -45.87 -33.42 -34.77
CA GLU C 619 -47.00 -32.49 -34.85
C GLU C 619 -47.60 -32.16 -33.49
N GLU C 620 -47.69 -33.16 -32.63
CA GLU C 620 -48.28 -32.98 -31.30
C GLU C 620 -47.53 -31.93 -30.50
N ASN C 621 -46.20 -32.04 -30.47
CA ASN C 621 -45.38 -31.12 -29.69
C ASN C 621 -45.37 -29.71 -30.27
N TRP C 622 -45.44 -29.61 -31.60
CA TRP C 622 -45.50 -28.31 -32.26
C TRP C 622 -46.75 -27.54 -31.86
N ARG C 623 -47.87 -28.26 -31.70
CA ARG C 623 -49.11 -27.63 -31.28
C ARG C 623 -49.04 -27.11 -29.85
N LYS C 624 -48.49 -27.93 -28.96
CA LYS C 624 -48.34 -27.53 -27.56
C LYS C 624 -47.43 -26.31 -27.44
N ILE C 625 -46.44 -26.25 -28.32
CA ILE C 625 -45.52 -25.11 -28.38
C ILE C 625 -46.26 -23.85 -28.82
N GLN C 626 -47.08 -23.98 -29.85
CA GLN C 626 -47.86 -22.86 -30.36
C GLN C 626 -48.92 -22.42 -29.35
N THR C 627 -49.54 -23.39 -28.70
CA THR C 627 -50.51 -23.11 -27.64
C THR C 627 -49.83 -22.35 -26.51
N GLN C 628 -48.59 -22.72 -26.21
CA GLN C 628 -47.81 -22.07 -25.17
C GLN C 628 -47.52 -20.61 -25.54
N LEU C 629 -47.11 -20.39 -26.78
CA LEU C 629 -46.84 -19.04 -27.27
C LEU C 629 -48.08 -18.16 -27.23
N GLN C 630 -49.24 -18.76 -27.51
CA GLN C 630 -50.50 -18.03 -27.51
C GLN C 630 -50.93 -17.68 -26.08
N ARG C 631 -50.85 -18.66 -25.18
CA ARG C 631 -51.22 -18.46 -23.78
C ARG C 631 -50.26 -17.51 -23.08
N ASP C 632 -49.01 -17.93 -22.95
CA ASP C 632 -47.98 -17.16 -22.24
C ASP C 632 -46.61 -17.40 -22.87
N HIS C 633 -46.26 -16.55 -23.83
CA HIS C 633 -45.03 -16.74 -24.59
C HIS C 633 -43.76 -16.45 -23.79
N SER C 634 -43.94 -15.85 -22.62
CA SER C 634 -42.79 -15.53 -21.76
C SER C 634 -42.24 -16.79 -21.07
N ALA C 635 -43.02 -17.86 -21.07
CA ALA C 635 -42.59 -19.12 -20.48
C ALA C 635 -41.48 -19.78 -21.29
N ILE C 636 -41.37 -19.38 -22.56
CA ILE C 636 -40.31 -19.85 -23.43
C ILE C 636 -39.24 -18.77 -23.52
N PRO C 637 -37.97 -19.13 -23.28
CA PRO C 637 -36.85 -18.18 -23.31
C PRO C 637 -36.84 -17.39 -24.61
N VAL C 638 -36.46 -16.12 -24.54
CA VAL C 638 -36.55 -15.22 -25.68
C VAL C 638 -35.76 -15.71 -26.91
N ILE C 639 -34.59 -16.29 -26.68
CA ILE C 639 -33.76 -16.78 -27.76
C ILE C 639 -34.39 -17.99 -28.43
N ASN C 640 -35.04 -18.85 -27.64
CA ASN C 640 -35.75 -19.99 -28.19
C ASN C 640 -37.02 -19.61 -28.92
N ARG C 641 -37.59 -18.46 -28.55
CA ARG C 641 -38.74 -17.93 -29.28
C ARG C 641 -38.32 -17.53 -30.70
N ALA C 642 -37.10 -17.04 -30.82
CA ALA C 642 -36.55 -16.72 -32.14
C ALA C 642 -36.17 -18.00 -32.87
N GLN C 643 -35.75 -19.00 -32.10
CA GLN C 643 -35.38 -20.29 -32.67
C GLN C 643 -36.59 -20.96 -33.32
N ILE C 644 -37.68 -21.04 -32.57
CA ILE C 644 -38.93 -21.63 -33.06
C ILE C 644 -39.33 -21.02 -34.40
N ILE C 645 -39.23 -19.70 -34.50
CA ILE C 645 -39.52 -19.01 -35.76
C ILE C 645 -38.52 -19.36 -36.85
N ASN C 646 -37.23 -19.11 -36.59
CA ASN C 646 -36.19 -19.31 -37.60
C ASN C 646 -36.07 -20.75 -38.06
N ASP C 647 -36.14 -21.69 -37.13
CA ASP C 647 -36.06 -23.11 -37.46
C ASP C 647 -37.20 -23.54 -38.37
N ALA C 648 -38.43 -23.20 -37.99
CA ALA C 648 -39.61 -23.62 -38.76
C ALA C 648 -39.58 -23.12 -40.19
N PHE C 649 -39.16 -21.87 -40.38
CA PHE C 649 -39.08 -21.29 -41.72
C PHE C 649 -38.05 -22.04 -42.57
N ASN C 650 -36.89 -22.32 -41.98
CA ASN C 650 -35.86 -23.06 -42.68
C ASN C 650 -36.28 -24.50 -42.94
N LEU C 651 -36.97 -25.10 -41.97
CA LEU C 651 -37.49 -26.46 -42.11
C LEU C 651 -38.55 -26.51 -43.21
N ALA C 652 -39.26 -25.40 -43.40
CA ALA C 652 -40.28 -25.32 -44.45
C ALA C 652 -39.65 -25.33 -45.84
N SER C 653 -38.58 -24.54 -46.01
CA SER C 653 -37.85 -24.51 -47.26
C SER C 653 -37.23 -25.87 -47.60
N ALA C 654 -36.95 -26.66 -46.57
CA ALA C 654 -36.34 -27.96 -46.75
C ALA C 654 -37.38 -29.07 -46.87
N HIS C 655 -38.65 -28.68 -46.99
CA HIS C 655 -39.77 -29.62 -47.09
C HIS C 655 -39.87 -30.55 -45.88
N LYS C 656 -39.53 -30.04 -44.70
CA LYS C 656 -39.56 -30.85 -43.49
C LYS C 656 -40.73 -30.48 -42.57
N VAL C 657 -41.25 -29.27 -42.73
CA VAL C 657 -42.52 -28.88 -42.13
C VAL C 657 -43.33 -28.09 -43.15
N PRO C 658 -44.67 -28.12 -43.03
CA PRO C 658 -45.51 -27.27 -43.89
C PRO C 658 -45.18 -25.80 -43.68
N VAL C 659 -45.24 -25.00 -44.75
CA VAL C 659 -44.90 -23.59 -44.66
C VAL C 659 -45.90 -22.85 -43.76
N THR C 660 -47.10 -23.41 -43.61
CA THR C 660 -48.11 -22.83 -42.74
C THR C 660 -47.73 -22.98 -41.26
N LEU C 661 -46.95 -24.02 -40.94
CA LEU C 661 -46.45 -24.19 -39.57
C LEU C 661 -45.49 -23.06 -39.23
N ALA C 662 -44.61 -22.73 -40.17
CA ALA C 662 -43.70 -21.61 -40.00
C ALA C 662 -44.49 -20.32 -39.85
N LEU C 663 -45.46 -20.11 -40.74
CA LEU C 663 -46.30 -18.92 -40.68
C LEU C 663 -47.09 -18.84 -39.38
N ASN C 664 -47.66 -19.96 -38.95
CA ASN C 664 -48.40 -20.03 -37.68
C ASN C 664 -47.55 -19.66 -36.47
N ASN C 665 -46.24 -19.89 -36.56
CA ASN C 665 -45.32 -19.58 -35.46
C ASN C 665 -45.05 -18.08 -35.34
N THR C 666 -45.68 -17.28 -36.20
CA THR C 666 -45.51 -15.84 -36.15
C THR C 666 -46.77 -15.17 -35.59
N LEU C 667 -47.83 -15.95 -35.44
CA LEU C 667 -49.11 -15.43 -34.95
C LEU C 667 -49.00 -14.77 -33.58
N PHE C 668 -48.10 -15.29 -32.75
CA PHE C 668 -47.96 -14.79 -31.38
C PHE C 668 -47.27 -13.42 -31.33
N LEU C 669 -46.64 -13.02 -32.43
CA LEU C 669 -45.86 -11.79 -32.47
C LEU C 669 -46.69 -10.53 -32.21
N ILE C 670 -48.01 -10.67 -32.33
CA ILE C 670 -48.91 -9.54 -32.11
C ILE C 670 -48.87 -9.09 -30.65
N GLU C 671 -48.39 -9.96 -29.77
CA GLU C 671 -48.24 -9.61 -28.35
C GLU C 671 -46.79 -9.75 -27.89
N GLU C 672 -45.89 -9.92 -28.85
CA GLU C 672 -44.46 -9.99 -28.56
C GLU C 672 -43.82 -8.61 -28.70
N ARG C 673 -43.20 -8.14 -27.63
CA ARG C 673 -42.55 -6.83 -27.66
C ARG C 673 -41.03 -6.90 -27.55
N GLN C 674 -40.51 -8.12 -27.45
CA GLN C 674 -39.06 -8.33 -27.43
C GLN C 674 -38.47 -8.18 -28.83
N TYR C 675 -37.26 -7.65 -28.90
CA TYR C 675 -36.60 -7.42 -30.18
C TYR C 675 -36.32 -8.72 -30.94
N MET C 676 -35.71 -9.68 -30.24
CA MET C 676 -35.14 -10.86 -30.89
C MET C 676 -36.12 -11.71 -31.72
N PRO C 677 -37.28 -12.10 -31.14
CA PRO C 677 -38.19 -12.93 -31.94
C PRO C 677 -38.74 -12.19 -33.17
N TRP C 678 -38.97 -10.89 -33.04
CA TRP C 678 -39.45 -10.09 -34.17
C TRP C 678 -38.43 -10.04 -35.30
N GLU C 679 -37.17 -9.80 -34.95
CA GLU C 679 -36.10 -9.74 -35.94
C GLU C 679 -35.97 -11.06 -36.70
N ALA C 680 -36.11 -12.16 -35.98
CA ALA C 680 -36.04 -13.48 -36.59
C ALA C 680 -37.13 -13.66 -37.65
N ALA C 681 -38.35 -13.24 -37.32
CA ALA C 681 -39.47 -13.36 -38.25
C ALA C 681 -39.29 -12.43 -39.44
N LEU C 682 -38.86 -11.20 -39.17
CA LEU C 682 -38.65 -10.22 -40.24
C LEU C 682 -37.54 -10.66 -41.18
N SER C 683 -36.47 -11.21 -40.61
CA SER C 683 -35.35 -11.70 -41.40
C SER C 683 -35.79 -12.84 -42.32
N SER C 684 -36.62 -13.74 -41.80
CA SER C 684 -37.11 -14.87 -42.57
C SER C 684 -38.13 -14.44 -43.61
N LEU C 685 -39.04 -13.54 -43.22
CA LEU C 685 -40.08 -13.06 -44.11
C LEU C 685 -39.53 -12.15 -45.23
N SER C 686 -38.27 -11.73 -45.09
CA SER C 686 -37.65 -10.91 -46.11
C SER C 686 -37.54 -11.70 -47.42
N TYR C 687 -37.35 -13.00 -47.30
CA TYR C 687 -37.31 -13.87 -48.48
C TYR C 687 -38.70 -13.94 -49.13
N PHE C 688 -39.75 -13.95 -48.32
CA PHE C 688 -41.11 -13.93 -48.83
C PHE C 688 -41.35 -12.62 -49.58
N LYS C 689 -40.83 -11.53 -49.04
CA LYS C 689 -40.92 -10.23 -49.67
C LYS C 689 -40.21 -10.21 -51.01
N LEU C 690 -39.00 -10.76 -51.03
CA LEU C 690 -38.18 -10.79 -52.25
C LEU C 690 -38.81 -11.63 -53.36
N MET C 691 -39.71 -12.54 -52.98
CA MET C 691 -40.36 -13.41 -53.94
C MET C 691 -41.71 -12.86 -54.41
N PHE C 692 -42.36 -12.08 -53.55
CA PHE C 692 -43.78 -11.75 -53.75
C PHE C 692 -44.09 -10.25 -53.94
N ASP C 693 -43.13 -9.38 -53.66
CA ASP C 693 -43.42 -7.93 -53.67
C ASP C 693 -43.66 -7.33 -55.06
N ARG C 694 -43.78 -8.20 -56.06
CA ARG C 694 -44.18 -7.78 -57.40
C ARG C 694 -45.33 -8.68 -57.86
N SER C 695 -46.07 -9.22 -56.90
CA SER C 695 -47.16 -10.13 -57.20
C SER C 695 -48.41 -9.84 -56.37
N GLU C 696 -49.49 -10.56 -56.66
CA GLU C 696 -50.75 -10.39 -55.94
C GLU C 696 -50.66 -10.85 -54.49
N VAL C 697 -49.59 -11.58 -54.16
CA VAL C 697 -49.41 -12.13 -52.82
C VAL C 697 -49.00 -11.04 -51.82
N TYR C 698 -48.33 -10.01 -52.33
CA TYR C 698 -47.77 -8.97 -51.46
C TYR C 698 -48.82 -8.18 -50.70
N GLY C 699 -49.99 -8.01 -51.32
CA GLY C 699 -51.10 -7.33 -50.68
C GLY C 699 -51.47 -7.92 -49.33
N PRO C 700 -51.93 -9.19 -49.33
CA PRO C 700 -52.27 -9.87 -48.07
C PRO C 700 -51.09 -10.02 -47.13
N MET C 701 -49.87 -10.09 -47.66
CA MET C 701 -48.69 -10.19 -46.81
C MET C 701 -48.47 -8.89 -46.03
N LYS C 702 -48.61 -7.77 -46.73
CA LYS C 702 -48.47 -6.46 -46.10
C LYS C 702 -49.55 -6.24 -45.06
N ASN C 703 -50.76 -6.74 -45.34
CA ASN C 703 -51.88 -6.60 -44.42
C ASN C 703 -51.69 -7.46 -43.17
N TYR C 704 -51.05 -8.60 -43.33
CA TYR C 704 -50.75 -9.48 -42.20
C TYR C 704 -49.77 -8.82 -41.24
N LEU C 705 -48.66 -8.31 -41.78
CA LEU C 705 -47.65 -7.66 -40.96
C LEU C 705 -48.22 -6.41 -40.30
N LYS C 706 -49.07 -5.70 -41.03
CA LYS C 706 -49.72 -4.50 -40.52
C LYS C 706 -50.50 -4.81 -39.25
N LYS C 707 -51.26 -5.89 -39.30
CA LYS C 707 -52.06 -6.33 -38.16
C LYS C 707 -51.18 -6.75 -36.98
N GLN C 708 -50.11 -7.47 -37.26
CA GLN C 708 -49.24 -8.03 -36.22
C GLN C 708 -48.39 -6.98 -35.51
N VAL C 709 -48.08 -5.88 -36.20
CA VAL C 709 -47.15 -4.90 -35.68
C VAL C 709 -47.84 -3.68 -35.08
N THR C 710 -49.11 -3.49 -35.43
CA THR C 710 -49.84 -2.30 -34.99
C THR C 710 -49.95 -2.13 -33.47
N PRO C 711 -50.36 -3.18 -32.72
CA PRO C 711 -50.40 -2.99 -31.26
C PRO C 711 -49.03 -2.66 -30.69
N LEU C 712 -47.98 -3.24 -31.27
CA LEU C 712 -46.62 -2.96 -30.83
C LEU C 712 -46.23 -1.50 -31.11
N PHE C 713 -46.61 -1.02 -32.28
CA PHE C 713 -46.35 0.37 -32.66
C PHE C 713 -47.08 1.31 -31.70
N ILE C 714 -48.35 1.02 -31.45
CA ILE C 714 -49.16 1.76 -30.50
C ILE C 714 -48.53 1.70 -29.10
N HIS C 715 -48.08 0.51 -28.72
CA HIS C 715 -47.42 0.32 -27.44
C HIS C 715 -46.23 1.26 -27.29
N PHE C 716 -45.37 1.30 -28.30
CA PHE C 716 -44.20 2.15 -28.26
C PHE C 716 -44.58 3.63 -28.24
N ARG C 717 -45.53 4.02 -29.09
CA ARG C 717 -45.99 5.40 -29.15
C ARG C 717 -46.46 5.91 -27.79
N ASN C 718 -47.13 5.04 -27.05
CA ASN C 718 -47.59 5.37 -25.69
C ASN C 718 -46.44 5.35 -24.70
N ASN C 719 -45.53 4.39 -24.87
CA ASN C 719 -44.42 4.18 -23.96
C ASN C 719 -43.38 5.30 -24.00
N THR C 720 -43.12 5.81 -25.19
CA THR C 720 -42.09 6.83 -25.39
C THR C 720 -42.63 8.25 -25.26
N ASN C 721 -43.89 8.36 -24.83
CA ASN C 721 -44.56 9.66 -24.72
C ASN C 721 -44.55 10.42 -26.05
N ASN C 722 -45.12 9.81 -27.08
CA ASN C 722 -45.14 10.37 -28.43
C ASN C 722 -43.76 10.71 -28.99
N TRP C 723 -42.87 9.72 -28.95
CA TRP C 723 -41.55 9.78 -29.58
C TRP C 723 -40.65 10.87 -29.03
N ARG C 724 -40.85 11.24 -27.78
CA ARG C 724 -40.02 12.27 -27.14
C ARG C 724 -38.86 11.64 -26.40
N GLU C 725 -38.98 10.33 -26.14
CA GLU C 725 -37.92 9.60 -25.44
C GLU C 725 -37.56 8.34 -26.22
N ILE C 726 -36.49 7.68 -25.80
CA ILE C 726 -36.20 6.34 -26.29
C ILE C 726 -36.11 5.42 -25.09
N PRO C 727 -36.41 4.11 -25.28
CA PRO C 727 -36.28 3.15 -24.18
C PRO C 727 -34.85 3.11 -23.68
N GLU C 728 -34.64 2.82 -22.39
CA GLU C 728 -33.28 2.81 -21.85
C GLU C 728 -32.57 1.49 -22.17
N ASN C 729 -33.35 0.42 -22.34
CA ASN C 729 -32.79 -0.88 -22.69
C ASN C 729 -32.50 -0.98 -24.19
N LEU C 730 -31.30 -1.43 -24.52
CA LEU C 730 -30.85 -1.51 -25.91
C LEU C 730 -31.77 -2.37 -26.78
N MET C 731 -32.18 -3.52 -26.25
CA MET C 731 -33.08 -4.41 -26.96
C MET C 731 -34.44 -3.77 -27.20
N ASP C 732 -34.88 -2.98 -26.23
CA ASP C 732 -36.14 -2.27 -26.37
C ASP C 732 -36.04 -1.14 -27.41
N GLN C 733 -34.86 -0.56 -27.51
CA GLN C 733 -34.60 0.46 -28.53
C GLN C 733 -34.67 -0.15 -29.92
N TYR C 734 -33.98 -1.27 -30.11
CA TYR C 734 -33.98 -1.98 -31.37
C TYR C 734 -35.38 -2.45 -31.72
N SER C 735 -36.11 -2.90 -30.70
CA SER C 735 -37.48 -3.36 -30.87
C SER C 735 -38.37 -2.25 -31.45
N GLU C 736 -38.23 -1.04 -30.88
CA GLU C 736 -38.99 0.12 -31.33
C GLU C 736 -38.70 0.45 -32.79
N VAL C 737 -37.41 0.43 -33.14
CA VAL C 737 -36.97 0.72 -34.50
C VAL C 737 -37.59 -0.26 -35.49
N ASN C 738 -37.54 -1.55 -35.15
CA ASN C 738 -38.18 -2.58 -35.98
C ASN C 738 -39.68 -2.41 -36.06
N ALA C 739 -40.28 -1.91 -35.00
CA ALA C 739 -41.72 -1.68 -34.96
C ALA C 739 -42.11 -0.52 -35.87
N ILE C 740 -41.37 0.58 -35.79
CA ILE C 740 -41.60 1.74 -36.64
C ILE C 740 -41.38 1.40 -38.11
N SER C 741 -40.27 0.72 -38.39
CA SER C 741 -39.93 0.33 -39.75
C SER C 741 -40.95 -0.63 -40.36
N THR C 742 -41.47 -1.54 -39.54
CA THR C 742 -42.43 -2.53 -40.01
C THR C 742 -43.81 -1.90 -40.20
N ALA C 743 -44.17 -1.02 -39.30
CA ALA C 743 -45.46 -0.33 -39.37
C ALA C 743 -45.58 0.51 -40.63
N CYS C 744 -44.52 1.25 -40.96
CA CYS C 744 -44.55 2.15 -42.12
C CYS C 744 -44.53 1.40 -43.44
N SER C 745 -43.65 0.42 -43.55
CA SER C 745 -43.47 -0.27 -44.83
C SER C 745 -44.59 -1.27 -45.11
N ASN C 746 -45.51 -1.43 -44.16
CA ASN C 746 -46.67 -2.29 -44.36
C ASN C 746 -47.98 -1.53 -44.29
N GLY C 747 -47.89 -0.21 -44.17
CA GLY C 747 -49.03 0.64 -44.41
C GLY C 747 -49.94 0.97 -43.24
N VAL C 748 -49.38 1.14 -42.05
CA VAL C 748 -50.19 1.71 -40.97
C VAL C 748 -50.12 3.23 -41.11
N PRO C 749 -51.30 3.88 -41.14
CA PRO C 749 -51.39 5.32 -41.41
C PRO C 749 -50.64 6.16 -40.38
N GLU C 750 -50.79 5.82 -39.11
CA GLU C 750 -50.22 6.60 -38.02
C GLU C 750 -48.69 6.70 -38.10
N CYS C 751 -48.05 5.64 -38.57
CA CYS C 751 -46.59 5.65 -38.72
C CYS C 751 -46.15 6.55 -39.87
N GLU C 752 -46.81 6.38 -41.01
CA GLU C 752 -46.56 7.22 -42.17
C GLU C 752 -46.66 8.70 -41.82
N GLU C 753 -47.68 9.04 -41.06
CA GLU C 753 -47.92 10.42 -40.65
C GLU C 753 -46.78 10.98 -39.82
N MET C 754 -46.32 10.20 -38.84
CA MET C 754 -45.32 10.69 -37.91
C MET C 754 -43.93 10.81 -38.55
N VAL C 755 -43.60 9.91 -39.47
CA VAL C 755 -42.29 9.97 -40.12
C VAL C 755 -42.21 11.12 -41.12
N SER C 756 -43.29 11.36 -41.85
CA SER C 756 -43.32 12.47 -42.80
C SER C 756 -43.45 13.79 -42.04
N GLY C 757 -44.05 13.73 -40.86
CA GLY C 757 -44.17 14.89 -40.00
C GLY C 757 -42.83 15.31 -39.42
N LEU C 758 -42.05 14.34 -38.95
CA LEU C 758 -40.75 14.62 -38.36
C LEU C 758 -39.79 15.20 -39.40
N PHE C 759 -39.77 14.59 -40.57
CA PHE C 759 -38.87 15.02 -41.65
C PHE C 759 -39.22 16.43 -42.10
N LYS C 760 -40.51 16.72 -42.19
CA LYS C 760 -40.96 18.05 -42.57
C LYS C 760 -40.49 19.06 -41.54
N GLN C 761 -40.60 18.69 -40.27
CA GLN C 761 -40.15 19.53 -39.17
C GLN C 761 -38.66 19.79 -39.27
N TRP C 762 -37.92 18.77 -39.74
CA TRP C 762 -36.49 18.91 -39.95
C TRP C 762 -36.17 19.85 -41.12
N MET C 763 -36.94 19.74 -42.19
CA MET C 763 -36.71 20.58 -43.36
C MET C 763 -36.92 22.07 -43.03
N GLU C 764 -37.76 22.33 -42.04
CA GLU C 764 -38.02 23.69 -41.59
C GLU C 764 -36.96 24.16 -40.59
N ASN C 765 -36.42 23.22 -39.82
CA ASN C 765 -35.30 23.49 -38.91
C ASN C 765 -34.06 22.68 -39.28
N PRO C 766 -33.43 23.00 -40.41
CA PRO C 766 -32.32 22.18 -40.92
C PRO C 766 -31.14 22.06 -39.95
N ASN C 767 -30.98 23.04 -39.06
CA ASN C 767 -29.87 23.02 -38.10
C ASN C 767 -30.21 22.28 -36.80
N ASN C 768 -31.50 22.11 -36.52
CA ASN C 768 -31.94 21.43 -35.32
C ASN C 768 -32.72 20.15 -35.64
N ASN C 769 -31.97 19.10 -35.97
CA ASN C 769 -32.56 17.81 -36.32
C ASN C 769 -33.36 17.23 -35.14
N PRO C 770 -34.69 17.14 -35.31
CA PRO C 770 -35.58 16.67 -34.26
C PRO C 770 -35.73 15.15 -34.26
N ILE C 771 -34.97 14.46 -35.12
CA ILE C 771 -35.08 13.02 -35.24
C ILE C 771 -33.95 12.32 -34.48
N HIS C 772 -34.32 11.47 -33.54
CA HIS C 772 -33.34 10.72 -32.76
C HIS C 772 -32.54 9.80 -33.67
N PRO C 773 -31.21 9.75 -33.47
CA PRO C 773 -30.30 8.91 -34.25
C PRO C 773 -30.80 7.49 -34.47
N ASN C 774 -31.39 6.89 -33.43
CA ASN C 774 -31.95 5.55 -33.54
C ASN C 774 -33.05 5.44 -34.61
N LEU C 775 -33.72 6.56 -34.87
CA LEU C 775 -34.87 6.56 -35.77
C LEU C 775 -34.55 7.14 -37.14
N ARG C 776 -33.36 7.72 -37.30
CA ARG C 776 -33.00 8.44 -38.52
C ARG C 776 -33.12 7.61 -39.81
N SER C 777 -32.58 6.41 -39.80
CA SER C 777 -32.63 5.55 -40.99
C SER C 777 -34.05 5.30 -41.46
N THR C 778 -34.91 4.85 -40.55
CA THR C 778 -36.27 4.48 -40.91
C THR C 778 -37.14 5.70 -41.19
N VAL C 779 -36.81 6.83 -40.56
CA VAL C 779 -37.56 8.06 -40.78
C VAL C 779 -37.14 8.74 -42.09
N TYR C 780 -35.83 8.79 -42.35
CA TYR C 780 -35.32 9.35 -43.60
C TYR C 780 -35.85 8.58 -44.79
N CYS C 781 -35.87 7.25 -44.66
CA CYS C 781 -36.23 6.36 -45.76
C CYS C 781 -37.70 6.49 -46.14
N ASN C 782 -38.57 6.36 -45.15
CA ASN C 782 -40.01 6.40 -45.40
C ASN C 782 -40.53 7.80 -45.75
N ALA C 783 -39.90 8.84 -45.22
CA ALA C 783 -40.29 10.20 -45.53
C ALA C 783 -39.95 10.56 -46.97
N ILE C 784 -38.80 10.07 -47.42
CA ILE C 784 -38.39 10.24 -48.80
C ILE C 784 -39.31 9.46 -49.73
N ALA C 785 -39.60 8.22 -49.35
CA ALA C 785 -40.50 7.35 -50.10
C ALA C 785 -41.90 7.94 -50.24
N GLN C 786 -42.38 8.59 -49.19
CA GLN C 786 -43.71 9.19 -49.20
C GLN C 786 -43.70 10.58 -49.81
N GLY C 787 -42.53 11.21 -49.83
CA GLY C 787 -42.39 12.55 -50.37
C GLY C 787 -41.98 12.54 -51.82
N GLY C 788 -41.37 13.64 -52.26
CA GLY C 788 -40.99 13.77 -53.66
C GLY C 788 -39.65 14.44 -53.85
N GLU C 789 -39.51 15.20 -54.92
CA GLU C 789 -38.25 15.87 -55.27
C GLU C 789 -37.75 16.78 -54.14
N GLU C 790 -38.67 17.44 -53.46
CA GLU C 790 -38.30 18.36 -52.38
C GLU C 790 -37.57 17.64 -51.24
N GLU C 791 -38.17 16.56 -50.75
CA GLU C 791 -37.57 15.78 -49.69
C GLU C 791 -36.25 15.16 -50.13
N TRP C 792 -36.21 14.67 -51.36
CA TRP C 792 -35.02 14.03 -51.87
C TRP C 792 -33.86 15.02 -51.99
N ASP C 793 -34.12 16.15 -52.62
CA ASP C 793 -33.12 17.20 -52.77
C ASP C 793 -32.56 17.65 -51.42
N PHE C 794 -33.43 17.76 -50.43
CA PHE C 794 -33.04 18.18 -49.09
C PHE C 794 -32.09 17.17 -48.46
N ALA C 795 -32.47 15.90 -48.54
CA ALA C 795 -31.66 14.81 -47.99
C ALA C 795 -30.34 14.71 -48.76
N TRP C 796 -30.38 15.05 -50.04
CA TRP C 796 -29.21 15.02 -50.89
C TRP C 796 -28.20 16.08 -50.46
N GLU C 797 -28.70 17.28 -50.16
CA GLU C 797 -27.84 18.36 -49.72
C GLU C 797 -27.26 18.09 -48.34
N GLN C 798 -28.07 17.49 -47.47
CA GLN C 798 -27.59 17.07 -46.16
C GLN C 798 -26.47 16.03 -46.32
N PHE C 799 -26.59 15.19 -47.34
CA PHE C 799 -25.57 14.19 -47.63
C PHE C 799 -24.28 14.82 -48.15
N ARG C 800 -24.40 15.73 -49.10
CA ARG C 800 -23.24 16.38 -49.71
C ARG C 800 -22.40 17.14 -48.69
N ASN C 801 -23.07 17.80 -47.74
CA ASN C 801 -22.38 18.62 -46.75
C ASN C 801 -22.15 17.89 -45.42
N ALA C 802 -22.14 16.55 -45.46
CA ALA C 802 -21.99 15.76 -44.25
C ALA C 802 -20.56 15.75 -43.72
N THR C 803 -20.42 15.90 -42.42
CA THR C 803 -19.12 15.82 -41.77
C THR C 803 -19.12 14.67 -40.77
N LEU C 804 -20.27 14.01 -40.66
CA LEU C 804 -20.43 12.85 -39.78
C LEU C 804 -20.69 11.62 -40.64
N VAL C 805 -19.77 10.67 -40.61
CA VAL C 805 -19.82 9.51 -41.50
C VAL C 805 -21.06 8.66 -41.31
N ASN C 806 -21.44 8.44 -40.05
CA ASN C 806 -22.64 7.67 -39.73
C ASN C 806 -23.89 8.29 -40.35
N GLU C 807 -23.98 9.61 -40.29
CA GLU C 807 -25.11 10.34 -40.85
C GLU C 807 -25.16 10.26 -42.37
N ALA C 808 -23.99 10.41 -43.00
CA ALA C 808 -23.90 10.31 -44.45
C ALA C 808 -24.33 8.92 -44.94
N ASP C 809 -23.91 7.89 -44.21
CA ASP C 809 -24.30 6.51 -44.53
C ASP C 809 -25.82 6.33 -44.48
N LYS C 810 -26.44 6.90 -43.44
CA LYS C 810 -27.89 6.83 -43.31
C LYS C 810 -28.57 7.53 -44.46
N LEU C 811 -28.08 8.72 -44.80
CA LEU C 811 -28.64 9.51 -45.90
C LEU C 811 -28.45 8.82 -47.24
N ARG C 812 -27.28 8.23 -47.44
CA ARG C 812 -26.96 7.56 -48.70
C ARG C 812 -27.96 6.44 -49.00
N ALA C 813 -28.25 5.62 -47.99
CA ALA C 813 -29.18 4.50 -48.14
C ALA C 813 -30.64 4.96 -48.21
N ALA C 814 -30.96 6.02 -47.48
CA ALA C 814 -32.32 6.55 -47.45
C ALA C 814 -32.74 7.10 -48.80
N LEU C 815 -31.79 7.70 -49.51
CA LEU C 815 -32.07 8.30 -50.81
C LEU C 815 -32.50 7.25 -51.84
N ALA C 816 -32.17 5.99 -51.58
CA ALA C 816 -32.51 4.92 -52.49
C ALA C 816 -33.95 4.43 -52.28
N CYS C 817 -34.68 5.12 -51.40
CA CYS C 817 -36.06 4.75 -51.09
C CYS C 817 -37.08 5.55 -51.90
N SER C 818 -36.59 6.39 -52.80
CA SER C 818 -37.47 7.19 -53.65
C SER C 818 -38.38 6.30 -54.48
N LYS C 819 -39.63 6.74 -54.66
CA LYS C 819 -40.57 6.00 -55.48
C LYS C 819 -40.72 6.63 -56.85
N GLU C 820 -39.97 7.71 -57.09
CA GLU C 820 -39.90 8.32 -58.40
C GLU C 820 -38.81 7.63 -59.21
N LEU C 821 -39.19 7.00 -60.32
CA LEU C 821 -38.26 6.25 -61.14
C LEU C 821 -37.15 7.13 -61.69
N TRP C 822 -37.51 8.34 -62.13
CA TRP C 822 -36.53 9.25 -62.70
C TRP C 822 -35.52 9.69 -61.64
N ILE C 823 -35.97 9.82 -60.39
CA ILE C 823 -35.09 10.16 -59.29
C ILE C 823 -34.13 9.00 -58.98
N LEU C 824 -34.65 7.78 -58.99
CA LEU C 824 -33.82 6.60 -58.77
C LEU C 824 -32.79 6.44 -59.87
N ASN C 825 -33.19 6.74 -61.11
CA ASN C 825 -32.29 6.64 -62.23
C ASN C 825 -31.15 7.64 -62.14
N ARG C 826 -31.49 8.87 -61.74
CA ARG C 826 -30.49 9.92 -61.57
C ARG C 826 -29.53 9.53 -60.46
N TYR C 827 -30.06 8.88 -59.44
CA TYR C 827 -29.27 8.46 -58.29
C TYR C 827 -28.31 7.35 -58.69
N LEU C 828 -28.77 6.46 -59.57
CA LEU C 828 -27.93 5.37 -60.09
C LEU C 828 -26.68 5.94 -60.75
N SER C 829 -26.87 6.96 -61.59
CA SER C 829 -25.76 7.59 -62.29
C SER C 829 -24.79 8.25 -61.32
N TYR C 830 -25.31 8.71 -60.19
CA TYR C 830 -24.47 9.34 -59.16
C TYR C 830 -23.50 8.34 -58.52
N THR C 831 -23.93 7.09 -58.43
CA THR C 831 -23.16 6.05 -57.72
C THR C 831 -21.79 5.79 -58.36
N LEU C 832 -21.69 6.01 -59.66
CA LEU C 832 -20.44 5.74 -60.37
C LEU C 832 -19.56 6.99 -60.44
N ASN C 833 -20.08 8.12 -59.99
CA ASN C 833 -19.33 9.36 -59.94
C ASN C 833 -18.58 9.48 -58.62
N PRO C 834 -17.26 9.34 -58.65
CA PRO C 834 -16.42 9.36 -57.44
C PRO C 834 -16.47 10.71 -56.71
N ASP C 835 -16.94 11.74 -57.40
CA ASP C 835 -17.06 13.06 -56.79
C ASP C 835 -18.37 13.22 -56.03
N LEU C 836 -19.35 12.39 -56.37
CA LEU C 836 -20.66 12.46 -55.74
C LEU C 836 -20.85 11.34 -54.73
N ILE C 837 -20.53 10.12 -55.14
CA ILE C 837 -20.53 8.97 -54.24
C ILE C 837 -19.13 8.40 -54.16
N ARG C 838 -18.59 8.30 -52.95
CA ARG C 838 -17.25 7.77 -52.75
C ARG C 838 -17.11 6.38 -53.34
N LYS C 839 -15.96 6.11 -53.95
CA LYS C 839 -15.69 4.85 -54.62
C LYS C 839 -15.97 3.64 -53.73
N GLN C 840 -15.63 3.74 -52.45
CA GLN C 840 -15.83 2.65 -51.51
C GLN C 840 -17.31 2.45 -51.15
N ASP C 841 -18.16 3.35 -51.61
CA ASP C 841 -19.58 3.27 -51.29
C ASP C 841 -20.46 3.00 -52.52
N ALA C 842 -19.83 2.86 -53.68
CA ALA C 842 -20.56 2.70 -54.94
C ALA C 842 -21.51 1.50 -54.94
N THR C 843 -20.99 0.31 -54.66
CA THR C 843 -21.79 -0.90 -54.74
C THR C 843 -22.91 -0.94 -53.70
N SER C 844 -22.61 -0.55 -52.47
CA SER C 844 -23.60 -0.57 -51.40
C SER C 844 -24.77 0.36 -51.72
N THR C 845 -24.47 1.48 -52.37
CA THR C 845 -25.51 2.40 -52.77
C THR C 845 -26.34 1.80 -53.90
N ILE C 846 -25.67 1.15 -54.85
CA ILE C 846 -26.35 0.46 -55.93
C ILE C 846 -27.21 -0.68 -55.38
N ILE C 847 -26.70 -1.37 -54.36
CA ILE C 847 -27.44 -2.44 -53.71
C ILE C 847 -28.66 -1.88 -52.95
N SER C 848 -28.52 -0.68 -52.41
CA SER C 848 -29.64 -0.02 -51.75
C SER C 848 -30.76 0.31 -52.74
N ILE C 849 -30.37 0.65 -53.96
CA ILE C 849 -31.34 0.98 -55.00
C ILE C 849 -32.09 -0.26 -55.47
N THR C 850 -31.38 -1.36 -55.66
CA THR C 850 -32.03 -2.59 -56.12
C THR C 850 -32.92 -3.21 -55.04
N ASN C 851 -32.73 -2.80 -53.79
CA ASN C 851 -33.62 -3.22 -52.71
C ASN C 851 -35.02 -2.62 -52.90
N ASN C 852 -35.07 -1.46 -53.53
CA ASN C 852 -36.32 -0.82 -53.91
C ASN C 852 -36.95 -1.63 -55.03
N VAL C 853 -38.26 -1.84 -54.96
CA VAL C 853 -38.97 -2.58 -56.03
C VAL C 853 -38.82 -1.90 -57.39
N ILE C 854 -38.80 -0.57 -57.39
CA ILE C 854 -38.71 0.18 -58.64
C ILE C 854 -37.28 0.19 -59.17
N GLY C 855 -36.31 0.17 -58.25
CA GLY C 855 -34.91 0.14 -58.63
C GLY C 855 -34.47 -1.22 -59.14
N GLN C 856 -35.23 -2.25 -58.79
CA GLN C 856 -34.93 -3.63 -59.16
C GLN C 856 -34.74 -3.80 -60.66
N GLY C 857 -35.75 -3.43 -61.44
CA GLY C 857 -35.66 -3.53 -62.89
C GLY C 857 -34.63 -2.57 -63.44
N LEU C 858 -34.50 -1.42 -62.78
CA LEU C 858 -33.55 -0.39 -63.20
C LEU C 858 -32.11 -0.86 -63.11
N VAL C 859 -31.72 -1.38 -61.96
CA VAL C 859 -30.36 -1.86 -61.74
C VAL C 859 -30.07 -3.09 -62.61
N TRP C 860 -31.04 -4.00 -62.69
CA TRP C 860 -30.89 -5.20 -63.48
C TRP C 860 -30.68 -4.88 -64.96
N ASP C 861 -31.44 -3.89 -65.45
CA ASP C 861 -31.26 -3.44 -66.83
C ASP C 861 -29.91 -2.75 -66.98
N PHE C 862 -29.50 -2.04 -65.95
CA PHE C 862 -28.20 -1.37 -65.94
C PHE C 862 -27.06 -2.37 -66.05
N VAL C 863 -27.12 -3.41 -65.22
CA VAL C 863 -26.09 -4.44 -65.21
C VAL C 863 -25.96 -5.13 -66.57
N GLN C 864 -27.10 -5.48 -67.17
CA GLN C 864 -27.11 -6.10 -68.48
C GLN C 864 -26.61 -5.15 -69.57
N SER C 865 -26.90 -3.86 -69.40
CA SER C 865 -26.55 -2.86 -70.42
C SER C 865 -25.04 -2.66 -70.54
N ASN C 866 -24.41 -2.18 -69.47
CA ASN C 866 -22.98 -1.90 -69.51
C ASN C 866 -22.14 -2.66 -68.48
N TRP C 867 -22.17 -3.99 -68.56
CA TRP C 867 -21.34 -4.81 -67.69
C TRP C 867 -19.88 -4.74 -68.13
N LYS C 868 -19.66 -4.73 -69.44
CA LYS C 868 -18.32 -4.66 -70.01
C LYS C 868 -17.57 -3.41 -69.57
N LYS C 869 -18.27 -2.28 -69.50
CA LYS C 869 -17.67 -1.03 -69.04
C LYS C 869 -17.55 -1.04 -67.52
N LEU C 870 -18.49 -1.70 -66.87
CA LEU C 870 -18.49 -1.78 -65.41
C LEU C 870 -17.35 -2.64 -64.92
N PHE C 871 -17.04 -3.70 -65.67
CA PHE C 871 -16.02 -4.65 -65.27
C PHE C 871 -14.62 -4.18 -65.65
N ASN C 872 -14.52 -3.35 -66.69
CA ASN C 872 -13.23 -2.86 -67.15
C ASN C 872 -12.72 -1.64 -66.37
N ASP C 873 -13.63 -0.75 -66.00
CA ASP C 873 -13.27 0.47 -65.29
C ASP C 873 -13.08 0.22 -63.80
N TYR C 874 -13.81 -0.77 -63.27
CA TYR C 874 -13.74 -1.09 -61.86
C TYR C 874 -13.22 -2.51 -61.65
N GLY C 875 -12.29 -2.91 -62.50
CA GLY C 875 -11.73 -4.25 -62.47
C GLY C 875 -10.86 -4.55 -61.26
N GLY C 876 -9.99 -3.61 -60.92
CA GLY C 876 -9.16 -3.73 -59.74
C GLY C 876 -10.01 -3.63 -58.48
N GLY C 877 -11.17 -2.99 -58.61
CA GLY C 877 -12.11 -2.86 -57.53
C GLY C 877 -11.61 -1.98 -56.40
N SER C 878 -12.34 -1.95 -55.29
CA SER C 878 -13.58 -2.70 -55.15
C SER C 878 -14.60 -1.83 -54.44
N PHE C 879 -15.88 -1.84 -54.83
CA PHE C 879 -16.49 -2.61 -55.93
C PHE C 879 -16.47 -4.14 -55.89
N SER C 880 -17.46 -4.70 -55.21
CA SER C 880 -17.66 -6.15 -55.15
C SER C 880 -18.68 -6.61 -56.18
N PHE C 881 -18.19 -7.22 -57.26
CA PHE C 881 -19.07 -7.74 -58.30
C PHE C 881 -19.94 -8.86 -57.77
N SER C 882 -19.44 -9.58 -56.78
CA SER C 882 -20.18 -10.70 -56.21
C SER C 882 -21.41 -10.23 -55.43
N ASN C 883 -21.28 -9.14 -54.68
CA ASN C 883 -22.40 -8.58 -53.95
C ASN C 883 -23.42 -7.94 -54.89
N LEU C 884 -22.93 -7.34 -55.96
CA LEU C 884 -23.80 -6.72 -56.95
C LEU C 884 -24.61 -7.80 -57.67
N ILE C 885 -23.93 -8.87 -58.05
CA ILE C 885 -24.59 -9.99 -58.71
C ILE C 885 -25.59 -10.67 -57.77
N GLN C 886 -25.20 -10.84 -56.52
CA GLN C 886 -26.07 -11.50 -55.54
C GLN C 886 -27.32 -10.67 -55.25
N ALA C 887 -27.14 -9.37 -55.12
CA ALA C 887 -28.24 -8.48 -54.75
C ALA C 887 -29.27 -8.32 -55.87
N VAL C 888 -28.79 -8.18 -57.09
CA VAL C 888 -29.68 -7.92 -58.23
C VAL C 888 -30.46 -9.17 -58.63
N THR C 889 -30.03 -10.34 -58.15
CA THR C 889 -30.67 -11.61 -58.52
C THR C 889 -31.52 -12.22 -57.40
N ARG C 890 -31.50 -11.61 -56.22
CA ARG C 890 -32.28 -12.09 -55.09
C ARG C 890 -33.77 -12.24 -55.39
N ARG C 891 -34.31 -11.38 -56.24
CA ARG C 891 -35.75 -11.39 -56.54
C ARG C 891 -36.14 -12.36 -57.65
N PHE C 892 -35.16 -12.93 -58.35
CA PHE C 892 -35.43 -13.79 -59.49
C PHE C 892 -36.22 -15.04 -59.10
N SER C 893 -37.32 -15.30 -59.79
CA SER C 893 -38.22 -16.39 -59.42
C SER C 893 -39.02 -16.90 -60.62
N THR C 894 -38.69 -16.42 -61.81
CA THR C 894 -39.40 -16.84 -63.02
C THR C 894 -38.44 -17.36 -64.08
N GLU C 895 -38.96 -18.18 -64.99
CA GLU C 895 -38.15 -18.74 -66.06
C GLU C 895 -37.61 -17.66 -66.98
N TYR C 896 -38.36 -16.56 -67.11
CA TYR C 896 -37.92 -15.43 -67.92
C TYR C 896 -36.65 -14.82 -67.34
N GLU C 897 -36.67 -14.56 -66.04
CA GLU C 897 -35.51 -14.00 -65.34
C GLU C 897 -34.32 -14.95 -65.38
N LEU C 898 -34.59 -16.25 -65.23
CA LEU C 898 -33.55 -17.27 -65.30
C LEU C 898 -32.88 -17.23 -66.66
N GLN C 899 -33.69 -17.09 -67.70
CA GLN C 899 -33.17 -17.04 -69.07
C GLN C 899 -32.33 -15.79 -69.29
N GLN C 900 -32.72 -14.68 -68.65
CA GLN C 900 -31.95 -13.45 -68.71
C GLN C 900 -30.61 -13.62 -68.02
N LEU C 901 -30.61 -14.32 -66.89
CA LEU C 901 -29.39 -14.55 -66.12
C LEU C 901 -28.46 -15.50 -66.86
N GLU C 902 -29.04 -16.49 -67.53
CA GLU C 902 -28.26 -17.44 -68.31
C GLU C 902 -27.70 -16.77 -69.55
N GLN C 903 -28.47 -15.84 -70.11
CA GLN C 903 -28.02 -15.06 -71.25
C GLN C 903 -26.96 -14.04 -70.83
N PHE C 904 -27.11 -13.54 -69.61
CA PHE C 904 -26.14 -12.61 -69.03
C PHE C 904 -24.78 -13.28 -68.92
N LYS C 905 -24.79 -14.56 -68.56
CA LYS C 905 -23.58 -15.36 -68.46
C LYS C 905 -22.97 -15.59 -69.84
N LYS C 906 -23.83 -15.93 -70.81
CA LYS C 906 -23.39 -16.21 -72.17
C LYS C 906 -22.85 -14.97 -72.88
N ASP C 907 -23.56 -13.85 -72.72
CA ASP C 907 -23.20 -12.61 -73.42
C ASP C 907 -21.84 -12.05 -72.99
N ASN C 908 -21.44 -12.32 -71.75
CA ASN C 908 -20.16 -11.86 -71.24
C ASN C 908 -19.18 -12.99 -70.96
N GLU C 909 -18.99 -13.86 -71.95
CA GLU C 909 -18.07 -14.98 -71.79
C GLU C 909 -16.61 -14.56 -71.77
N GLU C 910 -16.25 -13.61 -72.63
CA GLU C 910 -14.87 -13.14 -72.75
C GLU C 910 -14.40 -12.42 -71.49
N THR C 911 -15.33 -11.85 -70.74
CA THR C 911 -15.01 -11.22 -69.46
C THR C 911 -15.53 -12.09 -68.33
N GLY C 912 -14.63 -12.85 -67.71
CA GLY C 912 -15.00 -13.89 -66.78
C GLY C 912 -15.62 -13.49 -65.45
N PHE C 913 -16.24 -12.30 -65.40
CA PHE C 913 -16.95 -11.82 -64.22
C PHE C 913 -16.09 -11.63 -62.97
N GLY C 914 -14.82 -11.97 -63.06
CA GLY C 914 -13.86 -11.78 -61.98
C GLY C 914 -14.25 -12.41 -60.65
N SER C 915 -14.37 -11.58 -59.63
CA SER C 915 -14.69 -12.05 -58.29
C SER C 915 -16.13 -12.54 -58.18
N GLY C 916 -16.95 -12.19 -59.17
CA GLY C 916 -18.35 -12.57 -59.15
C GLY C 916 -18.64 -13.78 -60.02
N THR C 917 -17.59 -14.49 -60.41
CA THR C 917 -17.74 -15.70 -61.23
C THR C 917 -18.54 -16.76 -60.51
N ARG C 918 -18.23 -16.95 -59.23
CA ARG C 918 -18.92 -17.95 -58.41
C ARG C 918 -20.28 -17.43 -57.95
N ALA C 919 -20.40 -16.11 -57.77
CA ALA C 919 -21.67 -15.51 -57.40
C ALA C 919 -22.70 -15.69 -58.50
N LEU C 920 -22.24 -15.65 -59.74
CA LEU C 920 -23.11 -15.84 -60.89
C LEU C 920 -23.67 -17.26 -60.91
N GLU C 921 -22.80 -18.24 -60.73
CA GLU C 921 -23.20 -19.65 -60.70
C GLU C 921 -24.13 -19.94 -59.54
N GLN C 922 -23.82 -19.36 -58.38
CA GLN C 922 -24.64 -19.54 -57.19
C GLN C 922 -26.00 -18.87 -57.34
N ALA C 923 -26.05 -17.82 -58.16
CA ALA C 923 -27.30 -17.13 -58.44
C ALA C 923 -28.19 -17.97 -59.35
N LEU C 924 -27.56 -18.62 -60.34
CA LEU C 924 -28.28 -19.48 -61.26
C LEU C 924 -28.95 -20.64 -60.54
N GLU C 925 -28.27 -21.18 -59.53
CA GLU C 925 -28.81 -22.29 -58.76
C GLU C 925 -29.93 -21.79 -57.86
N LYS C 926 -29.73 -20.62 -57.26
CA LYS C 926 -30.71 -20.04 -56.36
C LYS C 926 -32.00 -19.68 -57.09
N THR C 927 -31.85 -19.18 -58.31
CA THR C 927 -32.99 -18.78 -59.13
C THR C 927 -33.86 -19.98 -59.50
N LYS C 928 -33.21 -21.06 -59.92
CA LYS C 928 -33.92 -22.30 -60.23
C LYS C 928 -34.68 -22.79 -59.01
N ALA C 929 -34.06 -22.63 -57.84
CA ALA C 929 -34.67 -23.04 -56.59
C ALA C 929 -35.88 -22.16 -56.29
N ASN C 930 -35.74 -20.87 -56.54
CA ASN C 930 -36.80 -19.91 -56.29
C ASN C 930 -38.03 -20.12 -57.16
N ILE C 931 -37.80 -20.47 -58.42
CA ILE C 931 -38.89 -20.75 -59.35
C ILE C 931 -39.73 -21.92 -58.83
N LYS C 932 -39.04 -22.97 -58.40
CA LYS C 932 -39.71 -24.16 -57.89
C LYS C 932 -40.45 -23.87 -56.59
N TRP C 933 -39.82 -23.07 -55.73
CA TRP C 933 -40.40 -22.74 -54.43
C TRP C 933 -41.66 -21.90 -54.59
N VAL C 934 -41.58 -20.89 -55.45
CA VAL C 934 -42.71 -19.99 -55.70
C VAL C 934 -43.92 -20.76 -56.22
N LYS C 935 -43.70 -21.65 -57.20
CA LYS C 935 -44.81 -22.40 -57.76
C LYS C 935 -45.43 -23.39 -56.77
N GLU C 936 -44.64 -23.79 -55.78
CA GLU C 936 -45.11 -24.75 -54.77
C GLU C 936 -45.82 -24.10 -53.59
N ASN C 937 -45.52 -22.83 -53.34
CA ASN C 937 -46.06 -22.14 -52.16
C ASN C 937 -46.96 -20.94 -52.47
N LYS C 938 -47.06 -20.58 -53.75
CA LYS C 938 -47.83 -19.41 -54.16
C LYS C 938 -49.25 -19.39 -53.61
N GLU C 939 -50.04 -20.39 -53.97
CA GLU C 939 -51.43 -20.48 -53.55
C GLU C 939 -51.57 -20.61 -52.04
N VAL C 940 -50.75 -21.45 -51.44
CA VAL C 940 -50.82 -21.71 -50.01
C VAL C 940 -50.50 -20.46 -49.19
N VAL C 941 -49.43 -19.78 -49.55
CA VAL C 941 -49.02 -18.57 -48.86
C VAL C 941 -50.07 -17.47 -48.99
N LEU C 942 -50.50 -17.21 -50.21
CA LEU C 942 -51.53 -16.20 -50.49
C LEU C 942 -52.79 -16.44 -49.66
N GLN C 943 -53.17 -17.71 -49.54
CA GLN C 943 -54.37 -18.07 -48.80
C GLN C 943 -54.19 -17.89 -47.29
N TRP C 944 -52.99 -18.16 -46.80
CA TRP C 944 -52.72 -18.03 -45.37
C TRP C 944 -52.72 -16.56 -44.94
N PHE C 945 -51.99 -15.73 -45.66
CA PHE C 945 -51.93 -14.30 -45.37
C PHE C 945 -53.32 -13.66 -45.41
N THR C 946 -54.14 -14.09 -46.37
CA THR C 946 -55.49 -13.55 -46.50
C THR C 946 -56.36 -13.91 -45.30
N GLU C 947 -56.36 -15.18 -44.92
CA GLU C 947 -57.17 -15.65 -43.80
C GLU C 947 -56.76 -15.05 -42.46
N ASN C 948 -55.48 -14.70 -42.33
CA ASN C 948 -54.96 -14.16 -41.07
C ASN C 948 -54.75 -12.65 -41.07
N SER C 949 -55.31 -11.97 -42.08
CA SER C 949 -55.19 -10.52 -42.18
C SER C 949 -56.49 -9.84 -41.77
N LYS C 950 -57.17 -10.40 -40.77
CA LYS C 950 -58.48 -9.90 -40.37
C LYS C 950 -58.49 -9.53 -38.89
N THR D 47 61.69 -7.92 -4.99
CA THR D 47 62.03 -6.52 -5.19
C THR D 47 61.78 -6.10 -6.63
N LEU D 48 60.71 -6.63 -7.22
CA LEU D 48 60.37 -6.34 -8.61
C LEU D 48 59.46 -5.12 -8.73
N ASP D 49 59.49 -4.47 -9.89
CA ASP D 49 58.68 -3.29 -10.15
C ASP D 49 57.20 -3.62 -10.09
N GLN D 50 56.51 -3.04 -9.11
CA GLN D 50 55.10 -3.35 -8.85
C GLN D 50 54.14 -2.65 -9.81
N SER D 51 54.68 -1.84 -10.72
CA SER D 51 53.84 -1.15 -11.70
C SER D 51 53.43 -2.10 -12.81
N LYS D 52 54.21 -3.16 -13.00
CA LYS D 52 53.89 -4.17 -14.00
C LYS D 52 53.01 -5.25 -13.38
N ALA D 53 51.95 -5.62 -14.09
CA ALA D 53 50.96 -6.56 -13.58
C ALA D 53 51.54 -7.95 -13.36
N TRP D 54 52.49 -8.35 -14.20
CA TRP D 54 53.09 -9.67 -14.10
C TRP D 54 54.05 -9.78 -12.92
N ASN D 55 54.29 -8.67 -12.24
CA ASN D 55 55.11 -8.67 -11.03
C ASN D 55 54.25 -8.59 -9.76
N ARG D 56 52.94 -8.77 -9.92
CA ARG D 56 52.03 -8.80 -8.79
C ARG D 56 51.44 -10.20 -8.62
N TYR D 57 51.20 -10.61 -7.38
CA TYR D 57 50.76 -11.97 -7.10
C TYR D 57 49.30 -12.26 -7.48
N ARG D 58 48.45 -11.25 -7.43
CA ARG D 58 47.04 -11.44 -7.79
C ARG D 58 46.81 -11.22 -9.28
N LEU D 59 46.00 -12.09 -9.89
CA LEU D 59 45.68 -11.99 -11.30
C LEU D 59 44.92 -10.71 -11.64
N PRO D 60 45.17 -10.15 -12.84
CA PRO D 60 44.38 -9.00 -13.29
C PRO D 60 42.94 -9.43 -13.57
N ASN D 61 42.01 -8.48 -13.52
CA ASN D 61 40.59 -8.78 -13.71
C ASN D 61 40.16 -8.59 -15.16
N THR D 62 41.13 -8.53 -16.06
CA THR D 62 40.86 -8.22 -17.46
C THR D 62 40.40 -9.44 -18.25
N LEU D 63 40.89 -10.62 -17.87
CA LEU D 63 40.54 -11.85 -18.56
C LEU D 63 39.94 -12.86 -17.59
N LYS D 64 38.95 -13.61 -18.06
CA LYS D 64 38.28 -14.61 -17.23
C LYS D 64 37.96 -15.86 -18.02
N PRO D 65 38.50 -17.02 -17.59
CA PRO D 65 38.36 -18.28 -18.32
C PRO D 65 36.92 -18.79 -18.37
N ASP D 66 36.62 -19.62 -19.37
CA ASP D 66 35.29 -20.17 -19.54
C ASP D 66 35.36 -21.69 -19.55
N SER D 67 36.28 -22.22 -20.35
CA SER D 67 36.37 -23.64 -20.58
C SER D 67 37.81 -24.04 -20.90
N TYR D 68 38.23 -25.20 -20.39
CA TYR D 68 39.59 -25.69 -20.63
C TYR D 68 39.55 -27.06 -21.29
N ARG D 69 40.54 -27.32 -22.15
CA ARG D 69 40.81 -28.68 -22.58
C ARG D 69 42.22 -29.03 -22.13
N VAL D 70 42.36 -30.15 -21.42
CA VAL D 70 43.67 -30.57 -20.95
C VAL D 70 43.95 -32.03 -21.29
N THR D 71 45.11 -32.28 -21.88
CA THR D 71 45.56 -33.63 -22.17
C THR D 71 46.89 -33.89 -21.48
N LEU D 72 46.90 -34.81 -20.52
CA LEU D 72 48.13 -35.14 -19.81
C LEU D 72 48.56 -36.58 -20.06
N ARG D 73 49.87 -36.75 -20.26
CA ARG D 73 50.45 -38.06 -20.51
C ARG D 73 51.68 -38.28 -19.63
N PRO D 74 51.49 -38.96 -18.49
CA PRO D 74 52.60 -39.22 -17.56
C PRO D 74 53.44 -40.41 -18.01
N TYR D 75 54.74 -40.35 -17.76
CA TYR D 75 55.64 -41.45 -18.04
C TYR D 75 56.15 -42.04 -16.73
N LEU D 76 55.68 -43.25 -16.41
CA LEU D 76 55.99 -43.88 -15.13
C LEU D 76 57.30 -44.67 -15.15
N THR D 77 58.04 -44.56 -16.25
CA THR D 77 59.38 -45.10 -16.31
C THR D 77 60.36 -43.96 -16.60
N PRO D 78 61.49 -43.94 -15.88
CA PRO D 78 62.49 -42.87 -16.00
C PRO D 78 63.04 -42.77 -17.41
N ASN D 79 63.36 -41.56 -17.86
CA ASN D 79 63.97 -41.39 -19.18
C ASN D 79 65.48 -41.68 -19.16
N ASP D 80 66.18 -41.19 -20.18
CA ASP D 80 67.62 -41.40 -20.30
C ASP D 80 68.42 -40.81 -19.15
N ARG D 81 67.85 -39.79 -18.51
CA ARG D 81 68.58 -39.05 -17.48
C ARG D 81 68.08 -39.41 -16.08
N GLY D 82 67.20 -40.40 -16.02
CA GLY D 82 66.65 -40.85 -14.74
C GLY D 82 65.52 -39.94 -14.28
N LEU D 83 64.99 -39.14 -15.21
CA LEU D 83 63.96 -38.18 -14.87
C LEU D 83 62.56 -38.71 -15.22
N TYR D 84 61.62 -38.55 -14.29
CA TYR D 84 60.23 -38.87 -14.55
C TYR D 84 59.53 -37.65 -15.16
N VAL D 85 58.85 -37.85 -16.28
CA VAL D 85 58.29 -36.75 -17.07
C VAL D 85 56.83 -36.96 -17.43
N PHE D 86 56.04 -35.88 -17.40
CA PHE D 86 54.71 -35.89 -18.00
C PHE D 86 54.67 -34.89 -19.16
N LYS D 87 53.96 -35.26 -20.23
CA LYS D 87 53.79 -34.37 -21.37
C LYS D 87 52.35 -33.91 -21.46
N GLY D 88 52.13 -32.67 -21.88
CA GLY D 88 50.79 -32.12 -21.92
C GLY D 88 50.53 -31.07 -22.98
N SER D 89 49.28 -31.00 -23.41
CA SER D 89 48.82 -29.95 -24.31
C SER D 89 47.48 -29.44 -23.80
N SER D 90 47.21 -28.16 -24.02
CA SER D 90 46.00 -27.57 -23.46
C SER D 90 45.41 -26.45 -24.31
N THR D 91 44.12 -26.20 -24.11
CA THR D 91 43.44 -25.09 -24.74
C THR D 91 42.51 -24.44 -23.74
N VAL D 92 42.72 -23.15 -23.50
CA VAL D 92 41.83 -22.40 -22.62
C VAL D 92 41.04 -21.35 -23.39
N ARG D 93 39.73 -21.46 -23.35
CA ARG D 93 38.85 -20.43 -23.92
C ARG D 93 38.51 -19.43 -22.83
N PHE D 94 38.84 -18.16 -23.06
CA PHE D 94 38.58 -17.13 -22.07
C PHE D 94 37.83 -15.94 -22.64
N THR D 95 37.31 -15.09 -21.76
CA THR D 95 36.58 -13.91 -22.17
C THR D 95 37.28 -12.65 -21.68
N CYS D 96 37.44 -11.69 -22.59
CA CYS D 96 38.03 -10.40 -22.25
C CYS D 96 36.98 -9.52 -21.56
N LYS D 97 37.17 -9.25 -20.28
CA LYS D 97 36.24 -8.42 -19.53
C LYS D 97 36.59 -6.95 -19.72
N GLU D 98 37.87 -6.66 -19.82
CA GLU D 98 38.36 -5.31 -20.10
C GLU D 98 39.54 -5.37 -21.07
N ALA D 99 39.60 -4.42 -21.99
CA ALA D 99 40.65 -4.38 -23.00
C ALA D 99 42.06 -4.40 -22.38
N THR D 100 42.92 -5.25 -22.92
CA THR D 100 44.30 -5.34 -22.47
C THR D 100 45.19 -5.88 -23.57
N ASP D 101 46.48 -5.53 -23.52
CA ASP D 101 47.42 -6.00 -24.54
C ASP D 101 48.31 -7.14 -24.02
N VAL D 102 47.93 -7.72 -22.88
CA VAL D 102 48.72 -8.80 -22.29
C VAL D 102 47.84 -9.91 -21.70
N ILE D 103 48.22 -11.15 -22.00
CA ILE D 103 47.57 -12.31 -21.40
C ILE D 103 48.43 -12.87 -20.26
N ILE D 104 47.99 -12.68 -19.03
CA ILE D 104 48.72 -13.20 -17.87
C ILE D 104 48.03 -14.44 -17.31
N ILE D 105 48.77 -15.54 -17.27
CA ILE D 105 48.23 -16.81 -16.82
C ILE D 105 49.28 -17.53 -15.97
N HIS D 106 48.82 -18.34 -15.01
CA HIS D 106 49.75 -19.04 -14.12
C HIS D 106 50.47 -20.19 -14.81
N SER D 107 51.77 -20.31 -14.51
CA SER D 107 52.58 -21.38 -15.06
C SER D 107 53.75 -21.63 -14.12
N LYS D 108 53.98 -22.89 -13.78
CA LYS D 108 54.98 -23.23 -12.78
C LYS D 108 55.75 -24.51 -13.14
N LYS D 109 57.04 -24.34 -13.41
CA LYS D 109 57.92 -25.46 -13.76
C LYS D 109 57.43 -26.24 -14.97
N LEU D 110 56.97 -25.52 -15.99
CA LEU D 110 56.51 -26.13 -17.24
C LEU D 110 57.32 -25.61 -18.42
N ASN D 111 57.91 -26.52 -19.17
CA ASN D 111 58.64 -26.16 -20.38
C ASN D 111 57.78 -26.33 -21.63
N TYR D 112 57.69 -25.27 -22.43
CA TYR D 112 56.77 -25.27 -23.57
C TYR D 112 57.44 -25.61 -24.89
N THR D 113 56.67 -26.24 -25.78
CA THR D 113 57.13 -26.51 -27.14
C THR D 113 56.79 -25.31 -28.01
N LEU D 114 57.77 -24.81 -28.76
CA LEU D 114 57.55 -23.65 -29.60
C LEU D 114 56.73 -23.97 -30.85
N SER D 115 55.53 -23.42 -30.91
CA SER D 115 54.67 -23.53 -32.08
C SER D 115 54.50 -22.15 -32.70
N GLN D 116 54.72 -22.06 -34.01
CA GLN D 116 54.66 -20.79 -34.73
C GLN D 116 55.63 -19.74 -34.16
N GLY D 117 56.66 -20.21 -33.46
CA GLY D 117 57.70 -19.33 -32.98
C GLY D 117 57.56 -18.85 -31.54
N HIS D 118 56.41 -19.13 -30.92
CA HIS D 118 56.17 -18.66 -29.56
C HIS D 118 55.74 -19.74 -28.58
N ARG D 119 55.76 -19.37 -27.30
CA ARG D 119 55.47 -20.28 -26.20
C ARG D 119 54.02 -20.76 -26.24
N VAL D 120 53.18 -20.01 -26.94
CA VAL D 120 51.75 -20.24 -26.93
C VAL D 120 51.14 -19.73 -28.25
N VAL D 121 49.95 -20.22 -28.59
CA VAL D 121 49.27 -19.79 -29.81
C VAL D 121 47.90 -19.20 -29.49
N LEU D 122 47.59 -18.07 -30.12
CA LEU D 122 46.32 -17.39 -29.88
C LEU D 122 45.36 -17.53 -31.06
N ARG D 123 44.13 -17.96 -30.78
CA ARG D 123 43.09 -18.06 -31.80
C ARG D 123 41.84 -17.30 -31.37
N GLY D 124 41.06 -16.88 -32.35
CA GLY D 124 39.80 -16.21 -32.08
C GLY D 124 38.65 -17.20 -32.04
N VAL D 125 37.57 -16.81 -31.36
CA VAL D 125 36.34 -17.61 -31.37
C VAL D 125 35.15 -16.72 -31.72
N GLY D 126 34.20 -17.28 -32.46
CA GLY D 126 32.97 -16.58 -32.80
C GLY D 126 33.15 -15.34 -33.64
N GLY D 127 34.25 -15.28 -34.38
CA GLY D 127 34.49 -14.16 -35.28
C GLY D 127 35.54 -13.18 -34.79
N SER D 128 36.01 -13.37 -33.56
CA SER D 128 37.01 -12.48 -32.98
C SER D 128 38.36 -12.61 -33.69
N GLN D 129 39.11 -11.51 -33.71
CA GLN D 129 40.41 -11.48 -34.36
C GLN D 129 41.51 -11.15 -33.35
N PRO D 130 42.22 -12.18 -32.86
CA PRO D 130 43.28 -11.94 -31.89
C PRO D 130 44.48 -11.26 -32.53
N PRO D 131 45.09 -10.30 -31.81
CA PRO D 131 46.31 -9.63 -32.28
C PRO D 131 47.47 -10.62 -32.38
N ASP D 132 48.51 -10.25 -33.12
CA ASP D 132 49.70 -11.07 -33.20
C ASP D 132 50.43 -11.06 -31.87
N ILE D 133 51.17 -12.13 -31.59
CA ILE D 133 51.98 -12.19 -30.38
C ILE D 133 53.31 -11.47 -30.58
N ASP D 134 53.67 -10.62 -29.62
CA ASP D 134 54.95 -9.92 -29.67
C ASP D 134 56.04 -10.80 -29.06
N LYS D 135 55.84 -11.20 -27.82
CA LYS D 135 56.80 -12.04 -27.11
C LYS D 135 56.16 -12.72 -25.91
N THR D 136 56.77 -13.80 -25.45
CA THR D 136 56.32 -14.51 -24.27
C THR D 136 57.45 -14.69 -23.27
N GLU D 137 57.13 -14.55 -21.98
CA GLU D 137 58.13 -14.71 -20.94
C GLU D 137 57.54 -15.39 -19.72
N LEU D 138 58.39 -16.06 -18.96
CA LEU D 138 57.98 -16.70 -17.73
C LEU D 138 58.49 -15.89 -16.55
N VAL D 139 57.59 -15.50 -15.66
CA VAL D 139 57.98 -14.76 -14.46
C VAL D 139 57.92 -15.69 -13.25
N GLU D 140 59.08 -16.07 -12.74
CA GLU D 140 59.18 -17.09 -11.70
C GLU D 140 58.61 -16.74 -10.31
N PRO D 141 58.91 -15.53 -9.79
CA PRO D 141 58.38 -15.21 -8.45
C PRO D 141 56.86 -15.30 -8.37
N THR D 142 56.18 -14.75 -9.36
CA THR D 142 54.72 -14.75 -9.38
C THR D 142 54.15 -15.95 -10.13
N GLU D 143 55.04 -16.79 -10.66
CA GLU D 143 54.66 -18.02 -11.34
C GLU D 143 53.70 -17.77 -12.51
N TYR D 144 54.07 -16.85 -13.39
CA TYR D 144 53.24 -16.47 -14.52
C TYR D 144 53.80 -16.88 -15.87
N LEU D 145 52.92 -17.23 -16.79
CA LEU D 145 53.24 -17.23 -18.20
C LEU D 145 52.66 -15.94 -18.77
N VAL D 146 53.53 -15.10 -19.34
CA VAL D 146 53.10 -13.79 -19.81
C VAL D 146 53.16 -13.69 -21.34
N VAL D 147 52.02 -13.43 -21.96
CA VAL D 147 51.95 -13.30 -23.41
C VAL D 147 51.73 -11.85 -23.82
N HIS D 148 52.77 -11.21 -24.33
CA HIS D 148 52.67 -9.82 -24.77
C HIS D 148 52.13 -9.72 -26.19
N LEU D 149 51.00 -9.03 -26.36
CA LEU D 149 50.38 -8.88 -27.66
C LEU D 149 50.77 -7.57 -28.33
N LYS D 150 50.68 -7.55 -29.66
CA LYS D 150 50.97 -6.34 -30.43
C LYS D 150 49.76 -5.43 -30.51
N GLY D 151 48.61 -5.93 -30.05
CA GLY D 151 47.39 -5.15 -30.01
C GLY D 151 46.60 -5.47 -28.76
N SER D 152 45.42 -4.89 -28.63
CA SER D 152 44.57 -5.13 -27.46
C SER D 152 43.38 -6.01 -27.81
N LEU D 153 43.07 -6.95 -26.92
CA LEU D 153 41.86 -7.75 -27.06
C LEU D 153 40.67 -6.82 -26.88
N VAL D 154 39.58 -7.11 -27.59
CA VAL D 154 38.39 -6.27 -27.47
C VAL D 154 37.44 -6.80 -26.40
N LYS D 155 36.79 -5.89 -25.69
CA LYS D 155 35.90 -6.23 -24.58
C LYS D 155 34.75 -7.13 -25.02
N ASP D 156 34.41 -8.09 -24.16
CA ASP D 156 33.30 -9.03 -24.35
C ASP D 156 33.57 -10.13 -25.38
N SER D 157 34.74 -10.09 -26.01
CA SER D 157 35.08 -11.12 -26.99
C SER D 157 35.73 -12.34 -26.33
N GLN D 158 35.65 -13.47 -27.02
CA GLN D 158 36.24 -14.71 -26.52
C GLN D 158 37.47 -15.10 -27.34
N TYR D 159 38.45 -15.69 -26.68
CA TYR D 159 39.67 -16.14 -27.33
C TYR D 159 40.10 -17.51 -26.80
N GLU D 160 40.69 -18.31 -27.67
CA GLU D 160 41.25 -19.60 -27.26
C GLU D 160 42.77 -19.56 -27.38
N MET D 161 43.45 -20.09 -26.36
CA MET D 161 44.91 -20.10 -26.36
C MET D 161 45.42 -21.53 -26.27
N ASP D 162 46.19 -21.94 -27.28
CA ASP D 162 46.73 -23.29 -27.33
C ASP D 162 48.14 -23.35 -26.78
N SER D 163 48.39 -24.31 -25.90
CA SER D 163 49.72 -24.51 -25.35
C SER D 163 50.13 -25.97 -25.48
N GLU D 164 51.45 -26.20 -25.55
CA GLU D 164 51.99 -27.54 -25.59
C GLU D 164 53.26 -27.55 -24.75
N PHE D 165 53.33 -28.49 -23.81
CA PHE D 165 54.32 -28.40 -22.75
C PHE D 165 54.70 -29.74 -22.15
N GLU D 166 55.69 -29.71 -21.25
CA GLU D 166 56.03 -30.88 -20.45
C GLU D 166 56.61 -30.42 -19.12
N GLY D 167 56.53 -31.28 -18.11
CA GLY D 167 57.04 -30.96 -16.80
C GLY D 167 57.54 -32.20 -16.08
N GLU D 168 58.16 -32.01 -14.93
CA GLU D 168 58.69 -33.13 -14.16
C GLU D 168 57.60 -33.79 -13.32
N LEU D 169 57.47 -35.10 -13.45
CA LEU D 169 56.59 -35.88 -12.59
C LEU D 169 57.39 -36.24 -11.34
N ALA D 170 57.62 -35.26 -10.49
CA ALA D 170 58.53 -35.40 -9.36
C ALA D 170 57.90 -36.07 -8.14
N ASP D 171 58.74 -36.40 -7.17
CA ASP D 171 58.32 -36.96 -5.90
C ASP D 171 58.21 -35.82 -4.91
N ASP D 172 57.30 -34.88 -5.17
CA ASP D 172 57.23 -33.64 -4.41
C ASP D 172 55.83 -33.31 -3.89
N LEU D 173 54.87 -34.20 -4.13
CA LEU D 173 53.47 -34.00 -3.71
C LEU D 173 52.88 -32.66 -4.15
N ALA D 174 53.24 -32.21 -5.35
CA ALA D 174 52.74 -30.95 -5.88
C ALA D 174 52.39 -31.06 -7.35
N GLY D 175 51.17 -30.63 -7.70
CA GLY D 175 50.69 -30.70 -9.07
C GLY D 175 50.54 -32.13 -9.52
N PHE D 176 50.89 -32.40 -10.78
CA PHE D 176 50.90 -33.75 -11.30
C PHE D 176 52.23 -34.41 -10.90
N TYR D 177 52.18 -35.27 -9.88
CA TYR D 177 53.41 -35.83 -9.33
C TYR D 177 53.37 -37.35 -9.27
N ARG D 178 54.47 -37.96 -8.82
CA ARG D 178 54.53 -39.40 -8.72
C ARG D 178 54.62 -39.88 -7.27
N SER D 179 53.93 -40.99 -6.98
CA SER D 179 53.97 -41.58 -5.67
C SER D 179 54.53 -42.99 -5.79
N GLU D 180 55.42 -43.37 -4.87
CA GLU D 180 56.12 -44.65 -4.97
C GLU D 180 55.83 -45.58 -3.81
N TYR D 181 55.53 -46.84 -4.13
CA TYR D 181 55.35 -47.87 -3.12
C TYR D 181 55.78 -49.23 -3.65
N MET D 182 56.14 -50.13 -2.74
CA MET D 182 56.58 -51.47 -3.13
C MET D 182 55.47 -52.49 -2.94
N GLU D 183 55.11 -53.18 -4.01
CA GLU D 183 54.17 -54.30 -3.93
C GLU D 183 54.95 -55.60 -4.00
N GLY D 184 55.33 -56.11 -2.84
CA GLY D 184 56.25 -57.24 -2.78
C GLY D 184 57.67 -56.71 -2.87
N ASN D 185 58.44 -57.25 -3.81
CA ASN D 185 59.78 -56.75 -4.07
C ASN D 185 59.80 -55.96 -5.37
N VAL D 186 58.61 -55.64 -5.86
CA VAL D 186 58.45 -54.88 -7.09
C VAL D 186 58.06 -53.43 -6.76
N ARG D 187 58.66 -52.48 -7.46
CA ARG D 187 58.39 -51.08 -7.21
C ARG D 187 57.27 -50.55 -8.11
N LYS D 188 56.17 -50.12 -7.49
CA LYS D 188 55.05 -49.58 -8.24
C LYS D 188 55.09 -48.06 -8.23
N VAL D 189 54.71 -47.45 -9.34
CA VAL D 189 54.68 -46.00 -9.44
C VAL D 189 53.31 -45.51 -9.91
N VAL D 190 52.70 -44.63 -9.14
CA VAL D 190 51.41 -44.05 -9.48
C VAL D 190 51.53 -42.55 -9.73
N ALA D 191 50.93 -42.08 -10.82
CA ALA D 191 50.88 -40.66 -11.13
C ALA D 191 49.58 -40.06 -10.61
N THR D 192 49.68 -39.17 -9.63
CA THR D 192 48.51 -38.57 -9.01
C THR D 192 48.68 -37.05 -8.87
N THR D 193 47.67 -36.39 -8.29
CA THR D 193 47.69 -34.93 -8.21
C THR D 193 47.46 -34.36 -6.81
N GLN D 194 47.96 -33.16 -6.60
CA GLN D 194 47.67 -32.38 -5.40
C GLN D 194 47.76 -30.90 -5.76
N MET D 195 46.61 -30.31 -6.07
CA MET D 195 46.57 -28.95 -6.61
C MET D 195 46.57 -27.87 -5.53
N GLN D 196 45.80 -28.10 -4.46
CA GLN D 196 45.66 -27.13 -3.40
C GLN D 196 47.02 -26.76 -2.81
N ALA D 197 47.29 -25.47 -2.68
CA ALA D 197 46.35 -24.42 -3.09
C ALA D 197 46.66 -23.91 -4.49
N ALA D 198 47.94 -23.67 -4.76
CA ALA D 198 48.34 -23.03 -6.02
C ALA D 198 49.29 -23.88 -6.84
N ASP D 199 48.90 -25.13 -7.12
CA ASP D 199 49.78 -26.04 -7.85
C ASP D 199 49.14 -26.65 -9.10
N ALA D 200 47.93 -26.23 -9.44
CA ALA D 200 47.33 -26.66 -10.69
C ALA D 200 48.16 -26.09 -11.84
N ARG D 201 48.74 -24.92 -11.58
CA ARG D 201 49.61 -24.24 -12.53
C ARG D 201 50.88 -25.03 -12.82
N LYS D 202 51.14 -26.03 -11.99
CA LYS D 202 52.32 -26.88 -12.11
C LYS D 202 52.03 -28.08 -13.02
N SER D 203 50.76 -28.32 -13.32
CA SER D 203 50.38 -29.42 -14.19
C SER D 203 49.95 -28.94 -15.58
N PHE D 204 49.39 -27.74 -15.64
CA PHE D 204 49.00 -27.13 -16.92
C PHE D 204 48.74 -25.63 -16.72
N PRO D 205 48.99 -24.82 -17.75
CA PRO D 205 48.78 -23.38 -17.62
C PRO D 205 47.30 -23.05 -17.43
N CYS D 206 46.99 -22.26 -16.42
CA CYS D 206 45.62 -21.96 -16.07
C CYS D 206 45.54 -20.69 -15.23
N PHE D 207 44.36 -20.07 -15.18
CA PHE D 207 44.15 -18.95 -14.28
C PHE D 207 43.90 -19.51 -12.90
N ASP D 208 44.99 -19.78 -12.19
CA ASP D 208 44.95 -20.58 -10.97
C ASP D 208 44.52 -19.80 -9.73
N GLU D 209 43.25 -19.40 -9.71
CA GLU D 209 42.64 -18.83 -8.52
C GLU D 209 41.24 -19.42 -8.37
N PRO D 210 40.81 -19.66 -7.12
CA PRO D 210 39.54 -20.35 -6.86
C PRO D 210 38.31 -19.69 -7.49
N ALA D 211 38.32 -18.36 -7.63
CA ALA D 211 37.16 -17.67 -8.21
C ALA D 211 37.21 -17.56 -9.73
N MET D 212 38.23 -18.17 -10.33
CA MET D 212 38.33 -18.24 -11.78
C MET D 212 37.70 -19.54 -12.29
N LYS D 213 36.50 -19.83 -11.83
CA LYS D 213 35.83 -21.08 -12.16
C LYS D 213 35.62 -21.29 -13.65
N ALA D 214 35.67 -22.55 -14.08
CA ALA D 214 35.50 -22.91 -15.48
C ALA D 214 35.16 -24.38 -15.61
N GLU D 215 34.87 -24.81 -16.83
CA GLU D 215 34.63 -26.21 -17.12
C GLU D 215 35.91 -26.84 -17.65
N PHE D 216 36.13 -28.10 -17.33
CA PHE D 216 37.34 -28.79 -17.74
C PHE D 216 37.05 -30.08 -18.50
N ASN D 217 37.61 -30.17 -19.71
CA ASN D 217 37.57 -31.40 -20.49
C ASN D 217 38.92 -32.12 -20.35
N ILE D 218 38.98 -33.09 -19.46
CA ILE D 218 40.23 -33.79 -19.17
C ILE D 218 40.43 -35.01 -20.05
N THR D 219 41.63 -35.12 -20.62
CA THR D 219 42.02 -36.31 -21.38
C THR D 219 43.33 -36.86 -20.81
N LEU D 220 43.37 -38.18 -20.62
CA LEU D 220 44.54 -38.82 -20.03
C LEU D 220 45.09 -39.89 -20.97
N ILE D 221 46.37 -39.77 -21.30
CA ILE D 221 47.06 -40.79 -22.08
C ILE D 221 47.95 -41.60 -21.15
N HIS D 222 47.62 -42.87 -20.98
CA HIS D 222 48.23 -43.71 -19.96
C HIS D 222 48.53 -45.08 -20.53
N PRO D 223 49.46 -45.83 -19.89
CA PRO D 223 49.75 -47.20 -20.31
C PRO D 223 48.50 -48.08 -20.39
N LYS D 224 48.53 -49.01 -21.35
CA LYS D 224 47.41 -49.92 -21.64
C LYS D 224 46.77 -50.55 -20.41
N ASP D 225 47.61 -51.02 -19.48
CA ASP D 225 47.13 -51.81 -18.35
C ASP D 225 46.90 -50.98 -17.09
N LEU D 226 46.84 -49.67 -17.23
CA LEU D 226 46.61 -48.79 -16.08
C LEU D 226 45.28 -48.06 -16.17
N THR D 227 44.65 -47.84 -15.03
CA THR D 227 43.35 -47.18 -14.97
C THR D 227 43.50 -45.67 -14.78
N ALA D 228 42.82 -44.90 -15.64
CA ALA D 228 42.84 -43.45 -15.53
C ALA D 228 41.62 -42.95 -14.76
N LEU D 229 41.86 -42.21 -13.69
CA LEU D 229 40.78 -41.64 -12.90
C LEU D 229 40.85 -40.12 -12.91
N SER D 230 39.68 -39.48 -12.96
CA SER D 230 39.61 -38.03 -12.85
C SER D 230 38.31 -37.61 -12.15
N ASN D 231 37.99 -36.32 -12.21
CA ASN D 231 36.81 -35.81 -11.52
C ASN D 231 35.51 -36.42 -12.00
N MET D 232 35.39 -36.59 -13.30
CA MET D 232 34.18 -37.12 -13.90
C MET D 232 34.40 -38.55 -14.41
N LEU D 233 33.36 -39.13 -15.00
CA LEU D 233 33.47 -40.46 -15.59
C LEU D 233 33.98 -40.34 -17.02
N PRO D 234 34.56 -41.42 -17.56
CA PRO D 234 34.99 -41.43 -18.96
C PRO D 234 33.82 -41.18 -19.92
N LYS D 235 34.08 -40.42 -20.98
CA LYS D 235 33.06 -40.13 -21.99
C LYS D 235 32.64 -41.40 -22.71
N GLY D 236 33.59 -42.31 -22.87
CA GLY D 236 33.34 -43.57 -23.54
C GLY D 236 34.44 -44.56 -23.18
N PRO D 237 34.48 -45.70 -23.88
CA PRO D 237 35.49 -46.72 -23.62
C PRO D 237 36.89 -46.20 -23.91
N SER D 238 37.87 -46.64 -23.12
CA SER D 238 39.25 -46.27 -23.35
C SER D 238 39.76 -46.90 -24.64
N THR D 239 40.40 -46.10 -25.49
CA THR D 239 40.86 -46.56 -26.80
C THR D 239 42.38 -46.53 -26.92
N PRO D 240 42.94 -47.48 -27.67
CA PRO D 240 44.39 -47.50 -27.89
C PRO D 240 44.85 -46.26 -28.64
N LEU D 241 45.94 -45.66 -28.21
CA LEU D 241 46.58 -44.57 -28.94
C LEU D 241 47.02 -45.12 -30.29
N PRO D 242 46.51 -44.52 -31.38
CA PRO D 242 46.76 -45.04 -32.73
C PRO D 242 48.25 -45.16 -33.07
N GLU D 243 49.03 -44.16 -32.70
CA GLU D 243 50.47 -44.15 -32.98
C GLU D 243 51.26 -45.14 -32.12
N ASP D 244 50.73 -45.48 -30.95
CA ASP D 244 51.37 -46.46 -30.07
C ASP D 244 50.32 -47.13 -29.18
N PRO D 245 49.84 -48.32 -29.59
CA PRO D 245 48.77 -49.07 -28.90
C PRO D 245 49.19 -49.58 -27.52
N ASN D 246 50.43 -49.34 -27.10
CA ASN D 246 50.85 -49.66 -25.74
C ASN D 246 50.24 -48.68 -24.75
N TRP D 247 49.81 -47.54 -25.27
CA TRP D 247 49.13 -46.53 -24.47
C TRP D 247 47.65 -46.50 -24.81
N ASN D 248 46.82 -46.15 -23.83
CA ASN D 248 45.40 -45.93 -24.07
C ASN D 248 45.06 -44.44 -23.98
N VAL D 249 43.91 -44.08 -24.56
CA VAL D 249 43.42 -42.71 -24.45
C VAL D 249 42.07 -42.72 -23.75
N THR D 250 42.00 -42.04 -22.61
CA THR D 250 40.75 -41.94 -21.85
C THR D 250 40.29 -40.50 -21.79
N GLU D 251 39.12 -40.23 -22.38
CA GLU D 251 38.54 -38.90 -22.33
C GLU D 251 37.41 -38.87 -21.31
N PHE D 252 37.37 -37.82 -20.49
CA PHE D 252 36.39 -37.70 -19.43
C PHE D 252 35.32 -36.66 -19.78
N HIS D 253 34.13 -36.84 -19.21
CA HIS D 253 33.05 -35.88 -19.39
C HIS D 253 33.46 -34.52 -18.87
N THR D 254 32.84 -33.47 -19.40
CA THR D 254 33.10 -32.11 -18.96
C THR D 254 32.73 -31.97 -17.49
N THR D 255 33.58 -31.31 -16.73
CA THR D 255 33.26 -31.02 -15.34
C THR D 255 32.29 -29.85 -15.30
N PRO D 256 31.55 -29.71 -14.20
CA PRO D 256 30.79 -28.47 -14.05
C PRO D 256 31.75 -27.31 -13.77
N LYS D 257 31.23 -26.10 -13.69
CA LYS D 257 32.03 -24.96 -13.30
C LYS D 257 32.70 -25.24 -11.96
N MET D 258 34.03 -25.26 -11.95
CA MET D 258 34.77 -25.55 -10.73
C MET D 258 36.08 -24.81 -10.64
N SER D 259 36.69 -24.83 -9.46
CA SER D 259 37.97 -24.18 -9.25
C SER D 259 39.12 -25.12 -9.63
N THR D 260 40.22 -24.55 -10.11
CA THR D 260 41.38 -25.32 -10.53
C THR D 260 41.98 -26.18 -9.42
N TYR D 261 41.91 -25.72 -8.18
CA TYR D 261 42.55 -26.42 -7.08
C TYR D 261 41.85 -27.73 -6.71
N LEU D 262 40.70 -27.99 -7.32
CA LEU D 262 39.92 -29.18 -7.01
C LEU D 262 40.02 -30.24 -8.11
N LEU D 263 40.81 -29.96 -9.14
CA LEU D 263 41.02 -30.92 -10.21
C LEU D 263 41.87 -32.10 -9.74
N ALA D 264 41.71 -33.25 -10.39
CA ALA D 264 42.46 -34.44 -10.01
C ALA D 264 42.67 -35.41 -11.18
N PHE D 265 43.93 -35.81 -11.39
CA PHE D 265 44.26 -36.80 -12.40
C PHE D 265 45.08 -37.92 -11.77
N ILE D 266 44.61 -39.16 -11.90
CA ILE D 266 45.29 -40.29 -11.29
C ILE D 266 45.46 -41.46 -12.27
N VAL D 267 46.68 -41.95 -12.37
CA VAL D 267 46.99 -43.13 -13.18
C VAL D 267 47.66 -44.19 -12.31
N SER D 268 47.05 -45.36 -12.20
CA SER D 268 47.60 -46.42 -11.35
C SER D 268 47.08 -47.80 -11.72
N GLU D 269 47.56 -48.80 -10.99
CA GLU D 269 47.12 -50.18 -11.16
C GLU D 269 46.13 -50.55 -10.05
N PHE D 270 45.59 -49.54 -9.38
CA PHE D 270 44.73 -49.75 -8.23
C PHE D 270 43.46 -50.52 -8.58
N ASP D 271 42.89 -51.18 -7.57
CA ASP D 271 41.66 -51.92 -7.73
C ASP D 271 40.55 -51.17 -6.99
N TYR D 272 39.32 -51.66 -7.09
CA TYR D 272 38.19 -50.95 -6.48
C TYR D 272 37.09 -51.86 -5.96
N VAL D 273 36.34 -51.35 -4.99
CA VAL D 273 35.07 -51.95 -4.61
C VAL D 273 33.99 -50.92 -4.90
N GLU D 274 32.90 -51.35 -5.50
CA GLU D 274 31.85 -50.41 -5.89
C GLU D 274 30.49 -50.74 -5.30
N LYS D 275 29.65 -49.72 -5.28
CA LYS D 275 28.33 -49.84 -4.70
C LYS D 275 27.48 -48.71 -5.23
N GLN D 276 26.25 -49.03 -5.61
CA GLN D 276 25.35 -48.02 -6.13
C GLN D 276 24.45 -47.51 -5.03
N ALA D 277 24.41 -46.18 -4.86
CA ALA D 277 23.47 -45.57 -3.94
C ALA D 277 22.05 -45.78 -4.45
N SER D 278 21.07 -45.57 -3.59
CA SER D 278 19.66 -45.79 -3.94
C SER D 278 19.24 -45.03 -5.20
N ASN D 279 19.63 -43.76 -5.27
CA ASN D 279 19.21 -42.89 -6.37
C ASN D 279 20.04 -43.02 -7.65
N GLY D 280 21.09 -43.83 -7.62
CA GLY D 280 21.83 -44.13 -8.83
C GLY D 280 23.23 -43.55 -8.96
N VAL D 281 23.65 -42.72 -8.00
CA VAL D 281 25.02 -42.21 -8.02
C VAL D 281 26.00 -43.36 -7.75
N LEU D 282 27.04 -43.44 -8.57
CA LEU D 282 28.03 -44.49 -8.45
C LEU D 282 29.03 -44.22 -7.33
N ILE D 283 29.20 -45.19 -6.44
CA ILE D 283 30.14 -45.04 -5.33
C ILE D 283 31.24 -46.10 -5.43
N ARG D 284 32.47 -45.66 -5.63
CA ARG D 284 33.60 -46.57 -5.76
C ARG D 284 34.72 -46.17 -4.82
N ILE D 285 35.47 -47.17 -4.35
CA ILE D 285 36.60 -46.93 -3.47
C ILE D 285 37.83 -47.67 -3.94
N TRP D 286 38.90 -46.93 -4.20
CA TRP D 286 40.12 -47.47 -4.81
C TRP D 286 41.28 -47.60 -3.83
N ALA D 287 42.09 -48.63 -4.02
CA ALA D 287 43.28 -48.86 -3.20
C ALA D 287 44.19 -49.89 -3.89
N ARG D 288 45.33 -50.19 -3.28
CA ARG D 288 46.22 -51.25 -3.78
C ARG D 288 45.45 -52.56 -3.88
N PRO D 289 45.60 -53.27 -5.02
CA PRO D 289 44.90 -54.52 -5.32
C PRO D 289 44.85 -55.51 -4.16
N SER D 290 45.97 -55.67 -3.45
CA SER D 290 46.02 -56.59 -2.32
C SER D 290 45.17 -56.07 -1.16
N ALA D 291 45.16 -54.75 -0.97
CA ALA D 291 44.39 -54.14 0.10
C ALA D 291 42.89 -54.30 -0.13
N ILE D 292 42.50 -54.30 -1.40
CA ILE D 292 41.11 -54.45 -1.80
C ILE D 292 40.69 -55.92 -1.72
N ALA D 293 41.62 -56.81 -2.07
CA ALA D 293 41.36 -58.24 -2.07
C ALA D 293 41.06 -58.78 -0.66
N ALA D 294 41.67 -58.18 0.35
CA ALA D 294 41.44 -58.60 1.73
C ALA D 294 40.23 -57.88 2.33
N GLY D 295 39.69 -56.91 1.59
CA GLY D 295 38.47 -56.24 1.99
C GLY D 295 38.67 -55.06 2.92
N HIS D 296 39.85 -54.45 2.87
CA HIS D 296 40.17 -53.32 3.74
C HIS D 296 39.45 -52.04 3.33
N GLY D 297 38.82 -52.04 2.15
CA GLY D 297 38.09 -50.88 1.70
C GLY D 297 36.60 -51.01 1.92
N ASP D 298 36.18 -52.11 2.53
CA ASP D 298 34.76 -52.40 2.70
C ASP D 298 34.05 -51.44 3.66
N TYR D 299 34.71 -51.06 4.74
CA TYR D 299 34.08 -50.21 5.73
C TYR D 299 33.81 -48.81 5.20
N ALA D 300 34.81 -48.27 4.50
CA ALA D 300 34.67 -46.96 3.89
C ALA D 300 33.54 -46.97 2.87
N LEU D 301 33.37 -48.09 2.20
CA LEU D 301 32.29 -48.25 1.22
C LEU D 301 30.94 -48.22 1.93
N ASN D 302 30.84 -48.91 3.05
CA ASN D 302 29.59 -49.00 3.80
C ASN D 302 29.07 -47.65 4.30
N VAL D 303 29.97 -46.75 4.66
CA VAL D 303 29.59 -45.49 5.29
C VAL D 303 29.38 -44.35 4.29
N THR D 304 29.97 -44.47 3.11
CA THR D 304 29.91 -43.38 2.12
C THR D 304 28.49 -43.10 1.64
N GLY D 305 27.75 -44.16 1.35
CA GLY D 305 26.35 -44.04 0.99
C GLY D 305 25.51 -43.25 1.98
N PRO D 306 25.46 -43.72 3.25
CA PRO D 306 24.74 -43.02 4.32
C PRO D 306 25.21 -41.59 4.52
N ILE D 307 26.52 -41.37 4.52
CA ILE D 307 27.06 -40.03 4.71
C ILE D 307 26.61 -39.08 3.60
N LEU D 308 26.65 -39.55 2.36
CA LEU D 308 26.17 -38.75 1.23
C LEU D 308 24.67 -38.45 1.37
N ASN D 309 23.92 -39.44 1.85
CA ASN D 309 22.49 -39.25 2.08
C ASN D 309 22.24 -38.18 3.12
N PHE D 310 22.99 -38.24 4.22
CA PHE D 310 22.84 -37.26 5.29
C PHE D 310 23.02 -35.83 4.79
N PHE D 311 24.14 -35.58 4.11
CA PHE D 311 24.44 -34.23 3.64
C PHE D 311 23.44 -33.73 2.60
N ALA D 312 22.98 -34.62 1.73
CA ALA D 312 21.97 -34.26 0.75
C ALA D 312 20.69 -33.77 1.42
N GLY D 313 20.39 -34.34 2.58
CA GLY D 313 19.24 -33.92 3.37
C GLY D 313 19.55 -32.73 4.28
N HIS D 314 20.74 -32.76 4.87
CA HIS D 314 21.19 -31.69 5.78
C HIS D 314 21.34 -30.37 5.03
N TYR D 315 21.77 -30.45 3.77
CA TYR D 315 21.95 -29.27 2.94
C TYR D 315 20.69 -28.92 2.16
N ASP D 316 19.78 -29.89 2.03
CA ASP D 316 18.59 -29.77 1.20
C ASP D 316 18.94 -29.50 -0.27
N THR D 317 20.10 -29.99 -0.68
CA THR D 317 20.48 -29.94 -2.10
C THR D 317 21.21 -31.24 -2.46
N PRO D 318 20.80 -31.85 -3.58
CA PRO D 318 21.32 -33.17 -3.97
C PRO D 318 22.80 -33.16 -4.32
N TYR D 319 23.44 -34.31 -4.21
CA TYR D 319 24.84 -34.48 -4.57
C TYR D 319 25.05 -34.06 -6.03
N PRO D 320 25.97 -33.12 -6.26
CA PRO D 320 26.11 -32.43 -7.56
C PRO D 320 26.81 -33.24 -8.66
N LEU D 321 27.27 -34.45 -8.34
CA LEU D 321 28.08 -35.23 -9.28
C LEU D 321 27.46 -36.60 -9.57
N PRO D 322 27.88 -37.24 -10.68
CA PRO D 322 27.33 -38.56 -11.02
C PRO D 322 27.98 -39.70 -10.23
N LYS D 323 29.21 -39.46 -9.75
CA LYS D 323 29.93 -40.50 -9.02
C LYS D 323 30.79 -39.94 -7.88
N SER D 324 31.12 -40.81 -6.94
CA SER D 324 32.00 -40.46 -5.83
C SER D 324 33.14 -41.46 -5.75
N ASP D 325 34.32 -41.05 -6.21
CA ASP D 325 35.52 -41.87 -6.06
C ASP D 325 36.32 -41.42 -4.85
N GLN D 326 36.73 -42.38 -4.03
CA GLN D 326 37.65 -42.14 -2.94
C GLN D 326 38.81 -43.11 -3.09
N ILE D 327 40.03 -42.60 -3.02
CA ILE D 327 41.21 -43.42 -3.26
C ILE D 327 42.25 -43.26 -2.15
N GLY D 328 42.79 -44.38 -1.70
CA GLY D 328 43.76 -44.39 -0.61
C GLY D 328 45.18 -44.64 -1.09
N LEU D 329 46.03 -43.63 -0.94
CA LEU D 329 47.42 -43.72 -1.35
C LEU D 329 48.31 -44.05 -0.16
N PRO D 330 49.28 -44.95 -0.36
CA PRO D 330 50.26 -45.30 0.68
C PRO D 330 50.96 -44.06 1.22
N ASP D 331 51.39 -43.17 0.33
CA ASP D 331 51.99 -41.90 0.75
C ASP D 331 51.09 -40.72 0.41
N PHE D 332 50.72 -39.96 1.42
CA PHE D 332 49.95 -38.74 1.23
C PHE D 332 50.06 -37.86 2.47
N ASN D 333 51.06 -36.98 2.48
CA ASN D 333 51.34 -36.14 3.64
C ASN D 333 50.25 -35.11 3.92
N ALA D 334 49.43 -34.83 2.91
CA ALA D 334 48.35 -33.85 3.06
C ALA D 334 47.16 -34.41 3.83
N GLY D 335 47.22 -35.68 4.19
CA GLY D 335 46.16 -36.33 4.93
C GLY D 335 44.96 -36.70 4.07
N ALA D 336 44.29 -35.69 3.53
CA ALA D 336 43.14 -35.91 2.67
C ALA D 336 42.84 -34.65 1.84
N MET D 337 42.45 -34.85 0.59
CA MET D 337 42.16 -33.73 -0.30
C MET D 337 40.80 -33.90 -0.98
N GLU D 338 39.97 -32.88 -0.88
CA GLU D 338 38.55 -32.99 -1.24
C GLU D 338 38.24 -32.79 -2.73
N ASN D 339 39.16 -33.16 -3.61
CA ASN D 339 38.95 -33.00 -5.07
C ASN D 339 37.56 -33.46 -5.51
N TRP D 340 36.92 -32.65 -6.34
CA TRP D 340 35.52 -32.87 -6.68
C TRP D 340 35.30 -34.19 -7.42
N GLY D 341 34.73 -35.17 -6.72
CA GLY D 341 34.39 -36.44 -7.32
C GLY D 341 35.49 -37.48 -7.21
N LEU D 342 36.67 -37.05 -6.79
CA LEU D 342 37.81 -37.95 -6.66
C LEU D 342 38.63 -37.58 -5.43
N VAL D 343 38.16 -38.00 -4.26
CA VAL D 343 38.83 -37.64 -3.02
C VAL D 343 40.04 -38.52 -2.76
N THR D 344 41.17 -37.90 -2.43
CA THR D 344 42.39 -38.63 -2.12
C THR D 344 42.63 -38.70 -0.61
N TYR D 345 43.04 -39.86 -0.13
CA TYR D 345 43.34 -40.06 1.28
C TYR D 345 44.70 -40.72 1.47
N ARG D 346 45.30 -40.50 2.63
CA ARG D 346 46.40 -41.37 3.04
C ARG D 346 45.78 -42.71 3.39
N GLU D 347 46.34 -43.77 2.82
CA GLU D 347 45.84 -45.14 2.96
C GLU D 347 45.30 -45.52 4.35
N ASN D 348 46.04 -45.15 5.40
CA ASN D 348 45.67 -45.53 6.75
C ASN D 348 44.47 -44.77 7.32
N SER D 349 44.02 -43.75 6.59
CA SER D 349 42.87 -42.97 7.03
C SER D 349 41.60 -43.34 6.26
N LEU D 350 41.74 -44.29 5.35
CA LEU D 350 40.62 -44.72 4.50
C LEU D 350 40.36 -46.22 4.62
N LEU D 351 41.43 -47.00 4.76
CA LEU D 351 41.30 -48.45 4.84
C LEU D 351 41.13 -48.93 6.28
N PHE D 352 40.35 -49.99 6.44
CA PHE D 352 40.07 -50.52 7.78
C PHE D 352 40.17 -52.04 7.82
N ASP D 353 40.99 -52.54 8.74
CA ASP D 353 41.14 -53.98 8.92
C ASP D 353 40.52 -54.38 10.26
N PRO D 354 39.36 -55.05 10.22
CA PRO D 354 38.65 -55.44 11.44
C PRO D 354 39.47 -56.39 12.30
N LEU D 355 40.54 -56.94 11.74
CA LEU D 355 41.42 -57.86 12.45
C LEU D 355 42.52 -57.15 13.25
N SER D 356 42.90 -55.94 12.83
CA SER D 356 44.00 -55.25 13.49
C SER D 356 43.73 -53.78 13.83
N SER D 357 42.79 -53.15 13.12
CA SER D 357 42.49 -51.76 13.38
C SER D 357 41.67 -51.59 14.66
N SER D 358 41.95 -50.51 15.39
CA SER D 358 41.26 -50.23 16.65
C SER D 358 40.02 -49.38 16.39
N SER D 359 39.20 -49.19 17.43
CA SER D 359 38.02 -48.35 17.33
C SER D 359 38.40 -46.90 17.00
N SER D 360 39.54 -46.47 17.50
CA SER D 360 40.07 -45.14 17.19
C SER D 360 40.42 -45.05 15.72
N ASN D 361 41.02 -46.11 15.20
CA ASN D 361 41.30 -46.21 13.77
C ASN D 361 39.99 -46.12 12.98
N LYS D 362 38.97 -46.83 13.44
CA LYS D 362 37.67 -46.84 12.80
C LYS D 362 37.04 -45.46 12.86
N GLU D 363 37.15 -44.80 14.01
CA GLU D 363 36.64 -43.44 14.17
C GLU D 363 37.32 -42.46 13.21
N ARG D 364 38.61 -42.67 12.96
CA ARG D 364 39.35 -41.83 12.03
C ARG D 364 38.74 -41.90 10.64
N VAL D 365 38.52 -43.13 10.17
CA VAL D 365 37.98 -43.37 8.83
C VAL D 365 36.65 -42.64 8.57
N VAL D 366 35.67 -42.87 9.44
CA VAL D 366 34.34 -42.28 9.25
C VAL D 366 34.39 -40.76 9.25
N THR D 367 35.15 -40.19 10.16
CA THR D 367 35.19 -38.75 10.34
C THR D 367 35.94 -38.04 9.22
N VAL D 368 37.03 -38.64 8.76
CA VAL D 368 37.80 -38.09 7.66
C VAL D 368 36.99 -38.15 6.36
N ILE D 369 36.26 -39.25 6.19
CA ILE D 369 35.37 -39.40 5.05
C ILE D 369 34.22 -38.37 5.10
N ALA D 370 33.61 -38.23 6.27
CA ALA D 370 32.52 -37.27 6.45
C ALA D 370 33.02 -35.83 6.22
N HIS D 371 34.27 -35.58 6.57
CA HIS D 371 34.86 -34.25 6.41
C HIS D 371 35.02 -33.91 4.93
N GLU D 372 35.61 -34.82 4.17
CA GLU D 372 35.88 -34.56 2.75
C GLU D 372 34.60 -34.57 1.92
N LEU D 373 33.67 -35.46 2.27
CA LEU D 373 32.40 -35.52 1.55
C LEU D 373 31.55 -34.28 1.80
N ALA D 374 31.71 -33.67 2.97
CA ALA D 374 31.01 -32.42 3.28
C ALA D 374 31.41 -31.33 2.29
N HIS D 375 32.68 -31.30 1.92
CA HIS D 375 33.21 -30.30 1.00
C HIS D 375 32.58 -30.40 -0.39
N GLN D 376 32.05 -31.58 -0.74
CA GLN D 376 31.48 -31.79 -2.06
C GLN D 376 30.31 -30.85 -2.32
N TRP D 377 29.69 -30.36 -1.24
CA TRP D 377 28.74 -29.26 -1.33
C TRP D 377 29.42 -27.97 -0.86
N PHE D 378 29.69 -27.92 0.45
CA PHE D 378 30.25 -26.73 1.07
C PHE D 378 31.76 -26.66 0.85
N GLY D 379 32.16 -26.02 -0.24
CA GLY D 379 33.56 -25.89 -0.58
C GLY D 379 33.81 -26.09 -2.06
N ASN D 380 33.13 -27.07 -2.64
CA ASN D 380 33.31 -27.41 -4.05
C ASN D 380 32.18 -26.89 -4.94
N LEU D 381 30.94 -27.05 -4.47
CA LEU D 381 29.78 -26.50 -5.19
C LEU D 381 29.72 -25.00 -4.96
N VAL D 382 29.93 -24.59 -3.71
CA VAL D 382 30.10 -23.18 -3.37
C VAL D 382 31.49 -22.99 -2.79
N THR D 383 32.34 -22.26 -3.50
CA THR D 383 33.74 -22.13 -3.15
C THR D 383 34.06 -20.74 -2.61
N ILE D 384 35.07 -20.64 -1.75
CA ILE D 384 35.48 -19.35 -1.21
C ILE D 384 36.00 -18.41 -2.29
N GLU D 385 35.82 -17.11 -2.07
CA GLU D 385 36.26 -16.10 -3.01
C GLU D 385 37.78 -16.03 -3.09
N TRP D 386 38.42 -15.98 -1.92
CA TRP D 386 39.87 -15.97 -1.84
C TRP D 386 40.32 -16.68 -0.56
N TRP D 387 41.58 -17.09 -0.53
CA TRP D 387 42.08 -17.97 0.54
C TRP D 387 41.96 -17.41 1.96
N ASN D 388 41.69 -16.12 2.08
CA ASN D 388 41.50 -15.52 3.39
C ASN D 388 40.25 -16.04 4.12
N ASP D 389 39.29 -16.56 3.37
CA ASP D 389 38.07 -17.11 3.98
C ASP D 389 38.16 -18.62 4.19
N LEU D 390 39.38 -19.16 4.17
CA LEU D 390 39.59 -20.60 4.33
C LEU D 390 38.95 -21.15 5.60
N TRP D 391 38.98 -20.37 6.67
CA TRP D 391 38.38 -20.77 7.95
C TRP D 391 36.90 -21.13 7.81
N LEU D 392 36.22 -20.48 6.87
CA LEU D 392 34.81 -20.74 6.66
C LEU D 392 34.63 -22.13 6.07
N ASN D 393 35.47 -22.46 5.09
CA ASN D 393 35.41 -23.75 4.43
C ASN D 393 35.90 -24.88 5.34
N GLU D 394 37.12 -24.75 5.84
CA GLU D 394 37.70 -25.79 6.67
C GLU D 394 37.06 -25.88 8.06
N GLY D 395 36.58 -24.74 8.57
CA GLY D 395 35.90 -24.73 9.84
C GLY D 395 34.58 -25.48 9.79
N PHE D 396 33.81 -25.24 8.73
CA PHE D 396 32.51 -25.88 8.57
C PHE D 396 32.65 -27.39 8.43
N ALA D 397 33.55 -27.82 7.53
CA ALA D 397 33.78 -29.23 7.32
C ALA D 397 34.29 -29.91 8.60
N SER D 398 35.10 -29.19 9.37
CA SER D 398 35.62 -29.73 10.62
C SER D 398 34.53 -29.86 11.69
N TYR D 399 33.45 -29.09 11.53
CA TYR D 399 32.33 -29.18 12.44
C TYR D 399 31.33 -30.26 12.00
N VAL D 400 30.87 -30.19 10.75
CA VAL D 400 29.83 -31.09 10.29
C VAL D 400 30.35 -32.49 9.95
N GLU D 401 31.65 -32.69 10.05
CA GLU D 401 32.20 -34.04 9.90
C GLU D 401 31.65 -34.92 11.02
N TYR D 402 31.44 -34.32 12.18
CA TYR D 402 30.86 -35.01 13.32
C TYR D 402 29.40 -35.39 13.04
N LEU D 403 28.69 -34.50 12.36
CA LEU D 403 27.28 -34.73 12.08
C LEU D 403 27.09 -35.86 11.07
N GLY D 404 27.91 -35.84 10.01
CA GLY D 404 27.87 -36.88 9.01
C GLY D 404 28.26 -38.24 9.59
N ALA D 405 29.39 -38.26 10.30
CA ALA D 405 29.87 -39.49 10.91
C ALA D 405 28.86 -40.05 11.91
N ASP D 406 28.21 -39.15 12.64
CA ASP D 406 27.20 -39.56 13.61
C ASP D 406 26.01 -40.21 12.93
N TYR D 407 25.66 -39.72 11.75
CA TYR D 407 24.59 -40.34 10.98
C TYR D 407 24.97 -41.77 10.58
N ALA D 408 26.22 -41.95 10.20
CA ALA D 408 26.73 -43.26 9.80
C ALA D 408 26.86 -44.20 11.01
N GLU D 409 27.25 -43.65 12.15
CA GLU D 409 27.40 -44.43 13.38
C GLU D 409 26.68 -43.76 14.55
N PRO D 410 25.36 -43.88 14.59
CA PRO D 410 24.53 -43.17 15.58
C PRO D 410 24.72 -43.63 17.02
N THR D 411 25.28 -44.82 17.22
CA THR D 411 25.45 -45.35 18.58
C THR D 411 26.74 -44.85 19.24
N TRP D 412 27.55 -44.10 18.52
CA TRP D 412 28.88 -43.71 19.02
C TRP D 412 28.86 -42.42 19.85
N ASN D 413 27.87 -41.56 19.60
CA ASN D 413 27.80 -40.24 20.21
C ASN D 413 29.05 -39.40 19.93
N LEU D 414 29.52 -39.45 18.69
CA LEU D 414 30.74 -38.77 18.28
C LEU D 414 30.72 -37.26 18.49
N LYS D 415 29.53 -36.68 18.40
CA LYS D 415 29.38 -35.22 18.46
C LYS D 415 29.94 -34.63 19.75
N ASP D 416 29.81 -35.37 20.84
CA ASP D 416 30.31 -34.93 22.14
C ASP D 416 31.83 -34.76 22.14
N LEU D 417 32.52 -35.56 21.34
CA LEU D 417 33.98 -35.58 21.31
C LEU D 417 34.60 -34.29 20.78
N MET D 418 33.79 -33.45 20.12
CA MET D 418 34.31 -32.23 19.51
C MET D 418 34.82 -31.24 20.54
N VAL D 419 34.18 -31.22 21.71
CA VAL D 419 34.59 -30.34 22.79
C VAL D 419 36.03 -30.60 23.19
N LEU D 420 36.41 -31.88 23.23
CA LEU D 420 37.79 -32.26 23.52
C LEU D 420 38.68 -32.13 22.29
N ASN D 421 38.20 -32.67 21.17
CA ASN D 421 39.01 -32.73 19.95
C ASN D 421 39.28 -31.39 19.29
N ASP D 422 38.33 -30.47 19.39
CA ASP D 422 38.47 -29.19 18.68
C ASP D 422 38.37 -27.94 19.57
N VAL D 423 37.39 -27.89 20.47
CA VAL D 423 37.19 -26.71 21.30
C VAL D 423 38.38 -26.45 22.23
N TYR D 424 38.68 -27.42 23.08
CA TYR D 424 39.76 -27.26 24.05
C TYR D 424 41.14 -27.36 23.40
N ARG D 425 41.22 -28.07 22.29
CA ARG D 425 42.46 -28.16 21.54
C ARG D 425 42.91 -26.78 21.07
N VAL D 426 41.99 -26.03 20.45
CA VAL D 426 42.31 -24.73 19.90
C VAL D 426 42.29 -23.62 20.96
N MET D 427 41.61 -23.86 22.06
CA MET D 427 41.59 -22.90 23.17
C MET D 427 42.98 -22.71 23.77
N ALA D 428 43.84 -23.72 23.62
CA ALA D 428 45.21 -23.61 24.12
C ALA D 428 46.03 -22.67 23.25
N VAL D 429 45.73 -22.64 21.96
CA VAL D 429 46.42 -21.75 21.03
C VAL D 429 45.80 -20.36 21.02
N ASP D 430 44.48 -20.31 21.20
CA ASP D 430 43.75 -19.05 21.12
C ASP D 430 43.76 -18.28 22.44
N ALA D 431 44.37 -18.87 23.47
CA ALA D 431 44.49 -18.20 24.76
C ALA D 431 45.85 -17.55 24.91
N LEU D 432 46.63 -17.58 23.84
CA LEU D 432 47.95 -16.95 23.82
C LEU D 432 47.88 -15.58 23.15
N ALA D 433 48.88 -14.74 23.40
CA ALA D 433 48.91 -13.41 22.79
C ALA D 433 49.35 -13.47 21.33
N SER D 434 49.88 -14.62 20.93
CA SER D 434 50.41 -14.79 19.58
C SER D 434 49.36 -15.32 18.61
N SER D 435 48.12 -15.39 19.07
CA SER D 435 47.04 -15.90 18.23
C SER D 435 46.63 -14.87 17.17
N HIS D 436 45.77 -15.27 16.25
CA HIS D 436 45.30 -14.38 15.19
C HIS D 436 43.79 -14.52 15.00
N PRO D 437 43.13 -13.46 14.55
CA PRO D 437 41.69 -13.50 14.30
C PRO D 437 41.33 -14.52 13.23
N LEU D 438 40.10 -15.01 13.29
CA LEU D 438 39.60 -15.96 12.30
C LEU D 438 39.67 -15.38 10.90
N SER D 439 39.22 -14.13 10.75
CA SER D 439 39.16 -13.49 9.44
C SER D 439 40.37 -12.62 9.15
N THR D 440 40.86 -12.70 7.91
CA THR D 440 42.00 -11.93 7.46
C THR D 440 41.55 -11.07 6.28
N PRO D 441 42.00 -9.82 6.22
CA PRO D 441 41.73 -9.01 5.02
C PRO D 441 42.33 -9.66 3.78
N ALA D 442 41.57 -9.69 2.69
CA ALA D 442 42.02 -10.36 1.47
C ALA D 442 43.31 -9.74 0.92
N SER D 443 43.54 -8.47 1.25
CA SER D 443 44.70 -7.75 0.74
C SER D 443 45.99 -8.16 1.44
N GLU D 444 45.88 -9.02 2.45
CA GLU D 444 47.04 -9.46 3.20
C GLU D 444 47.50 -10.86 2.78
N ILE D 445 46.61 -11.59 2.13
CA ILE D 445 46.94 -12.92 1.64
C ILE D 445 47.22 -12.84 0.14
N ASN D 446 48.50 -12.88 -0.25
CA ASN D 446 48.87 -12.73 -1.64
C ASN D 446 49.77 -13.83 -2.20
N THR D 447 50.79 -14.20 -1.43
CA THR D 447 51.76 -15.20 -1.87
C THR D 447 51.35 -16.60 -1.41
N PRO D 448 51.78 -17.63 -2.17
CA PRO D 448 51.54 -19.03 -1.80
C PRO D 448 51.95 -19.33 -0.35
N ALA D 449 53.01 -18.69 0.12
CA ALA D 449 53.45 -18.84 1.49
C ALA D 449 52.40 -18.31 2.48
N GLN D 450 51.91 -17.11 2.21
CA GLN D 450 50.90 -16.49 3.07
C GLN D 450 49.63 -17.32 3.11
N ILE D 451 49.31 -17.98 1.99
CA ILE D 451 48.16 -18.85 1.90
C ILE D 451 48.33 -20.08 2.79
N SER D 452 49.52 -20.67 2.74
CA SER D 452 49.82 -21.87 3.52
C SER D 452 49.68 -21.66 5.02
N GLU D 453 49.96 -20.45 5.48
CA GLU D 453 49.92 -20.12 6.90
C GLU D 453 48.50 -20.23 7.48
N LEU D 454 47.50 -20.12 6.62
CA LEU D 454 46.11 -20.13 7.07
C LEU D 454 45.59 -21.53 7.38
N PHE D 455 46.29 -22.55 6.89
CA PHE D 455 45.91 -23.93 7.15
C PHE D 455 46.37 -24.36 8.54
N ASP D 456 45.76 -23.78 9.57
CA ASP D 456 46.19 -23.97 10.94
C ASP D 456 45.04 -24.32 11.88
N ALA D 457 45.36 -24.47 13.16
CA ALA D 457 44.38 -24.89 14.17
C ALA D 457 43.23 -23.88 14.33
N ILE D 458 43.56 -22.61 14.14
CA ILE D 458 42.57 -21.55 14.26
C ILE D 458 41.49 -21.67 13.19
N SER D 459 41.91 -21.81 11.95
CA SER D 459 40.99 -21.90 10.83
C SER D 459 40.13 -23.16 10.92
N TYR D 460 40.76 -24.26 11.30
CA TYR D 460 40.07 -25.54 11.38
C TYR D 460 39.22 -25.67 12.64
N SER D 461 39.86 -25.58 13.79
CA SER D 461 39.20 -25.91 15.06
C SER D 461 38.38 -24.76 15.67
N LYS D 462 38.89 -23.53 15.61
CA LYS D 462 38.09 -22.40 16.09
C LYS D 462 36.97 -22.13 15.11
N GLY D 463 37.26 -22.30 13.82
CA GLY D 463 36.25 -22.17 12.79
C GLY D 463 35.08 -23.09 13.05
N ALA D 464 35.39 -24.33 13.42
CA ALA D 464 34.37 -25.32 13.73
C ALA D 464 33.61 -24.95 14.99
N SER D 465 34.34 -24.52 16.01
CA SER D 465 33.75 -24.19 17.31
C SER D 465 32.84 -22.97 17.19
N VAL D 466 33.34 -21.96 16.50
CA VAL D 466 32.58 -20.73 16.28
C VAL D 466 31.30 -21.02 15.49
N LEU D 467 31.41 -21.85 14.45
CA LEU D 467 30.26 -22.22 13.64
C LEU D 467 29.26 -23.09 14.40
N ARG D 468 29.76 -23.93 15.30
CA ARG D 468 28.89 -24.76 16.13
C ARG D 468 28.08 -23.88 17.07
N MET D 469 28.74 -22.86 17.61
CA MET D 469 28.07 -21.91 18.50
C MET D 469 27.00 -21.13 17.76
N LEU D 470 27.33 -20.76 16.52
CA LEU D 470 26.39 -20.05 15.66
C LEU D 470 25.14 -20.89 15.42
N SER D 471 25.34 -22.16 15.07
CA SER D 471 24.23 -23.07 14.84
C SER D 471 23.50 -23.41 16.14
N SER D 472 24.08 -23.04 17.27
CA SER D 472 23.48 -23.32 18.56
C SER D 472 22.55 -22.21 19.03
N PHE D 473 22.98 -20.95 18.91
CA PHE D 473 22.14 -19.85 19.38
C PHE D 473 21.02 -19.51 18.41
N LEU D 474 21.21 -19.84 17.14
CA LEU D 474 20.09 -20.01 16.23
C LEU D 474 19.74 -21.47 16.45
N SER D 475 18.50 -21.87 16.22
CA SER D 475 18.20 -23.29 16.27
C SER D 475 18.88 -23.93 15.07
N GLU D 476 19.23 -25.21 15.17
CA GLU D 476 19.86 -25.89 14.03
C GLU D 476 18.92 -25.87 12.83
N ASP D 477 17.62 -25.86 13.10
CA ASP D 477 16.62 -25.86 12.04
C ASP D 477 16.71 -24.61 11.16
N VAL D 478 16.84 -23.43 11.78
CA VAL D 478 16.98 -22.20 11.01
C VAL D 478 18.38 -22.08 10.41
N PHE D 479 19.37 -22.68 11.07
CA PHE D 479 20.73 -22.69 10.54
C PHE D 479 20.75 -23.45 9.23
N LYS D 480 20.08 -24.60 9.21
CA LYS D 480 19.96 -25.43 8.01
C LYS D 480 19.19 -24.71 6.92
N GLN D 481 18.24 -23.87 7.33
CA GLN D 481 17.42 -23.12 6.38
C GLN D 481 18.25 -22.07 5.65
N GLY D 482 19.02 -21.29 6.41
CA GLY D 482 19.92 -20.32 5.83
C GLY D 482 20.96 -21.01 4.96
N LEU D 483 21.47 -22.14 5.45
CA LEU D 483 22.48 -22.91 4.74
C LEU D 483 21.97 -23.42 3.40
N ALA D 484 20.71 -23.86 3.36
CA ALA D 484 20.11 -24.37 2.14
C ALA D 484 19.99 -23.30 1.05
N SER D 485 19.47 -22.13 1.42
CA SER D 485 19.30 -21.07 0.44
C SER D 485 20.65 -20.53 -0.03
N TYR D 486 21.63 -20.55 0.88
CA TYR D 486 22.99 -20.14 0.56
C TYR D 486 23.60 -21.01 -0.54
N LEU D 487 23.40 -22.33 -0.44
CA LEU D 487 23.91 -23.25 -1.45
C LEU D 487 23.14 -23.12 -2.75
N HIS D 488 21.83 -22.94 -2.66
CA HIS D 488 20.99 -22.82 -3.84
C HIS D 488 21.32 -21.54 -4.60
N THR D 489 21.51 -20.46 -3.86
CA THR D 489 21.80 -19.15 -4.46
C THR D 489 23.16 -19.13 -5.12
N PHE D 490 24.19 -19.60 -4.41
CA PHE D 490 25.56 -19.46 -4.87
C PHE D 490 26.16 -20.73 -5.50
N ALA D 491 25.31 -21.66 -5.92
CA ALA D 491 25.76 -22.87 -6.58
C ALA D 491 26.62 -22.58 -7.80
N TYR D 492 27.77 -23.25 -7.88
CA TYR D 492 28.74 -23.08 -8.96
C TYR D 492 29.37 -21.69 -8.97
N GLN D 493 29.34 -21.03 -7.83
CA GLN D 493 29.89 -19.68 -7.73
C GLN D 493 30.86 -19.54 -6.55
N ASN D 494 31.20 -18.30 -6.22
CA ASN D 494 32.10 -18.01 -5.11
C ASN D 494 31.53 -17.02 -4.10
N THR D 495 31.89 -17.20 -2.84
CA THR D 495 31.33 -16.40 -1.76
C THR D 495 32.38 -15.89 -0.77
N ILE D 496 32.00 -14.85 -0.04
CA ILE D 496 32.72 -14.45 1.17
C ILE D 496 31.80 -14.78 2.33
N TYR D 497 32.33 -14.82 3.55
CA TYR D 497 31.53 -15.29 4.68
C TYR D 497 30.31 -14.41 4.98
N LEU D 498 30.36 -13.15 4.59
CA LEU D 498 29.23 -12.25 4.77
C LEU D 498 28.00 -12.73 3.99
N ASN D 499 28.24 -13.48 2.92
CA ASN D 499 27.14 -14.07 2.15
C ASN D 499 26.39 -15.09 2.98
N LEU D 500 27.11 -15.85 3.80
CA LEU D 500 26.49 -16.86 4.64
C LEU D 500 25.77 -16.21 5.81
N TRP D 501 26.35 -15.14 6.34
CA TRP D 501 25.69 -14.38 7.41
C TRP D 501 24.38 -13.84 6.89
N ASP D 502 24.39 -13.36 5.65
CA ASP D 502 23.20 -12.78 5.03
C ASP D 502 22.05 -13.78 4.94
N HIS D 503 22.34 -14.97 4.46
CA HIS D 503 21.29 -15.98 4.29
C HIS D 503 20.79 -16.54 5.61
N LEU D 504 21.66 -16.57 6.61
CA LEU D 504 21.27 -16.94 7.96
C LEU D 504 20.38 -15.85 8.55
N GLN D 505 20.70 -14.60 8.23
CA GLN D 505 19.90 -13.47 8.67
C GLN D 505 18.49 -13.54 8.09
N GLU D 506 18.40 -13.89 6.81
CA GLU D 506 17.11 -14.07 6.15
C GLU D 506 16.30 -15.17 6.82
N ALA D 507 16.99 -16.24 7.20
CA ALA D 507 16.34 -17.35 7.88
C ALA D 507 15.85 -16.89 9.25
N VAL D 508 16.68 -16.13 9.94
CA VAL D 508 16.32 -15.52 11.22
C VAL D 508 15.06 -14.68 11.11
N ASN D 509 15.06 -13.75 10.16
CA ASN D 509 13.90 -12.89 9.95
C ASN D 509 12.67 -13.71 9.56
N ASN D 510 12.89 -14.69 8.69
CA ASN D 510 11.83 -15.58 8.24
C ASN D 510 11.16 -16.32 9.39
N ARG D 511 11.95 -16.65 10.41
CA ARG D 511 11.46 -17.47 11.52
C ARG D 511 11.18 -16.66 12.77
N SER D 512 11.34 -15.34 12.68
CA SER D 512 11.11 -14.43 13.81
C SER D 512 11.96 -14.79 15.02
N ILE D 513 13.21 -15.17 14.78
CA ILE D 513 14.13 -15.47 15.87
C ILE D 513 14.65 -14.19 16.52
N GLN D 514 14.37 -14.03 17.81
CA GLN D 514 14.85 -12.86 18.54
C GLN D 514 16.35 -12.96 18.77
N LEU D 515 17.05 -11.86 18.54
CA LEU D 515 18.49 -11.78 18.73
C LEU D 515 18.85 -10.40 19.27
N PRO D 516 19.98 -10.29 20.00
CA PRO D 516 20.40 -9.00 20.55
C PRO D 516 20.67 -7.97 19.44
N THR D 517 21.10 -8.47 18.28
CA THR D 517 21.35 -7.63 17.13
C THR D 517 21.40 -8.51 15.89
N THR D 518 22.01 -8.01 14.81
CA THR D 518 22.09 -8.78 13.57
C THR D 518 23.07 -9.94 13.72
N VAL D 519 22.92 -10.94 12.85
CA VAL D 519 23.83 -12.09 12.82
C VAL D 519 25.25 -11.62 12.50
N ARG D 520 25.34 -10.71 11.55
CA ARG D 520 26.59 -10.09 11.13
C ARG D 520 27.34 -9.45 12.31
N ASP D 521 26.62 -8.68 13.12
CA ASP D 521 27.22 -7.97 14.26
C ASP D 521 27.73 -8.94 15.33
N ILE D 522 26.93 -9.95 15.66
CA ILE D 522 27.33 -10.93 16.66
C ILE D 522 28.59 -11.66 16.24
N MET D 523 28.59 -12.18 15.02
CA MET D 523 29.70 -12.98 14.51
C MET D 523 30.98 -12.17 14.31
N ASN D 524 30.83 -10.87 14.06
CA ASN D 524 31.99 -9.98 13.98
C ASN D 524 32.85 -10.06 15.22
N ARG D 525 32.21 -10.22 16.38
CA ARG D 525 32.91 -10.33 17.65
C ARG D 525 33.79 -11.59 17.72
N TRP D 526 33.42 -12.63 16.98
CA TRP D 526 34.11 -13.91 17.05
C TRP D 526 35.02 -14.16 15.85
N THR D 527 35.01 -13.25 14.88
CA THR D 527 35.80 -13.43 13.67
C THR D 527 36.83 -12.32 13.46
N LEU D 528 36.54 -11.12 13.96
CA LEU D 528 37.39 -9.96 13.72
C LEU D 528 38.45 -9.76 14.80
N GLN D 529 38.25 -10.37 15.96
CA GLN D 529 39.24 -10.30 17.03
C GLN D 529 39.64 -11.70 17.50
N MET D 530 40.90 -11.85 17.88
CA MET D 530 41.41 -13.15 18.33
C MET D 530 40.91 -13.49 19.73
N GLY D 531 41.20 -14.70 20.17
CA GLY D 531 40.92 -15.11 21.54
C GLY D 531 39.47 -15.38 21.85
N PHE D 532 39.15 -15.34 23.14
CA PHE D 532 37.81 -15.63 23.64
C PHE D 532 37.69 -15.14 25.09
N PRO D 533 36.45 -14.92 25.57
CA PRO D 533 36.30 -14.41 26.93
C PRO D 533 36.27 -15.49 28.01
N VAL D 534 36.56 -15.09 29.24
CA VAL D 534 36.22 -15.90 30.41
C VAL D 534 35.05 -15.21 31.11
N ILE D 535 33.97 -15.94 31.34
CA ILE D 535 32.79 -15.37 31.98
C ILE D 535 32.81 -15.67 33.47
N THR D 536 33.06 -14.65 34.27
CA THR D 536 33.06 -14.83 35.72
C THR D 536 31.67 -14.58 36.30
N VAL D 537 31.19 -15.54 37.08
CA VAL D 537 29.86 -15.48 37.66
C VAL D 537 29.91 -15.27 39.16
N ASP D 538 29.19 -14.25 39.64
CA ASP D 538 29.04 -14.01 41.06
C ASP D 538 27.62 -14.42 41.44
N THR D 539 27.48 -15.59 42.06
CA THR D 539 26.17 -16.14 42.33
C THR D 539 25.46 -15.48 43.51
N SER D 540 26.17 -14.60 44.21
CA SER D 540 25.57 -13.87 45.33
C SER D 540 24.77 -12.68 44.84
N THR D 541 25.29 -12.00 43.82
CA THR D 541 24.62 -10.83 43.25
C THR D 541 24.03 -11.14 41.88
N GLY D 542 24.38 -12.31 41.33
CA GLY D 542 23.90 -12.71 40.02
C GLY D 542 24.46 -11.84 38.92
N THR D 543 25.68 -11.36 39.11
CA THR D 543 26.31 -10.49 38.11
C THR D 543 27.29 -11.26 37.23
N LEU D 544 27.21 -11.00 35.93
CA LEU D 544 28.11 -11.63 34.97
C LEU D 544 29.25 -10.68 34.61
N SER D 545 30.42 -11.25 34.36
CA SER D 545 31.59 -10.45 34.03
C SER D 545 32.45 -11.16 33.00
N GLN D 546 32.82 -10.46 31.94
CA GLN D 546 33.63 -11.05 30.88
C GLN D 546 34.94 -10.29 30.67
N GLU D 547 35.98 -11.01 30.28
CA GLU D 547 37.24 -10.39 29.89
C GLU D 547 38.04 -11.35 29.01
N HIS D 548 38.94 -10.79 28.21
CA HIS D 548 39.81 -11.59 27.35
C HIS D 548 40.63 -12.57 28.17
N PHE D 549 40.43 -13.87 27.94
CA PHE D 549 41.13 -14.89 28.70
C PHE D 549 42.51 -15.21 28.14
N LEU D 550 43.52 -15.15 29.00
CA LEU D 550 44.89 -15.44 28.61
C LEU D 550 45.57 -16.39 29.60
N LEU D 551 46.05 -17.52 29.09
CA LEU D 551 46.70 -18.53 29.91
C LEU D 551 47.88 -17.97 30.70
N ASP D 552 48.64 -17.07 30.08
CA ASP D 552 49.81 -16.48 30.71
C ASP D 552 49.41 -15.25 31.51
N PRO D 553 49.62 -15.30 32.85
CA PRO D 553 49.29 -14.16 33.72
C PRO D 553 50.12 -12.94 33.34
N ASP D 554 51.32 -13.18 32.82
CA ASP D 554 52.21 -12.12 32.40
C ASP D 554 52.21 -11.96 30.89
N SER D 555 51.04 -12.08 30.28
CA SER D 555 50.90 -11.98 28.84
C SER D 555 51.09 -10.55 28.35
N ASN D 556 51.44 -10.41 27.08
CA ASN D 556 51.66 -9.11 26.47
C ASN D 556 50.90 -8.99 25.15
N VAL D 557 49.62 -8.65 25.24
CA VAL D 557 48.77 -8.51 24.06
C VAL D 557 48.99 -7.16 23.38
N THR D 558 49.53 -7.19 22.16
CA THR D 558 49.81 -5.97 21.42
C THR D 558 48.98 -5.88 20.14
N ARG D 559 48.10 -6.85 19.94
CA ARG D 559 47.22 -6.85 18.77
C ARG D 559 45.94 -6.10 19.08
N PRO D 560 45.78 -4.91 18.48
CA PRO D 560 44.61 -4.06 18.75
C PRO D 560 43.32 -4.72 18.26
N SER D 561 42.23 -4.47 18.97
CA SER D 561 40.93 -5.03 18.60
C SER D 561 39.89 -3.93 18.38
N GLU D 562 39.07 -4.09 17.35
CA GLU D 562 37.98 -3.16 17.04
C GLU D 562 37.10 -2.96 18.26
N PHE D 563 36.83 -4.06 18.96
CA PHE D 563 35.86 -4.07 20.04
C PHE D 563 36.53 -4.07 21.41
N ASN D 564 37.84 -3.92 21.42
CA ASN D 564 38.63 -3.94 22.66
C ASN D 564 38.43 -5.21 23.46
N TYR D 565 38.31 -6.34 22.76
CA TYR D 565 38.21 -7.66 23.37
C TYR D 565 37.03 -7.83 24.32
N VAL D 566 35.85 -7.44 23.85
CA VAL D 566 34.60 -7.81 24.51
C VAL D 566 33.66 -8.40 23.47
N TRP D 567 33.00 -9.49 23.83
CA TRP D 567 32.19 -10.25 22.88
C TRP D 567 30.70 -10.11 23.13
N ILE D 568 29.91 -10.52 22.14
CA ILE D 568 28.48 -10.76 22.34
C ILE D 568 28.35 -12.28 22.46
N VAL D 569 28.00 -12.74 23.66
CA VAL D 569 28.11 -14.16 23.96
C VAL D 569 26.79 -14.79 24.43
N PRO D 570 26.37 -15.88 23.76
CA PRO D 570 25.14 -16.61 24.09
C PRO D 570 25.34 -17.52 25.31
N ILE D 571 24.50 -17.34 26.33
CA ILE D 571 24.67 -18.03 27.60
C ILE D 571 23.56 -19.03 27.89
N THR D 572 23.90 -20.31 27.82
CA THR D 572 23.00 -21.35 28.31
C THR D 572 23.46 -21.72 29.71
N SER D 573 22.56 -22.26 30.53
CA SER D 573 22.90 -22.62 31.89
C SER D 573 21.89 -23.58 32.51
N ILE D 574 22.29 -24.23 33.60
CA ILE D 574 21.38 -25.05 34.36
C ILE D 574 21.38 -24.66 35.83
N ARG D 575 20.26 -24.91 36.49
CA ARG D 575 20.13 -24.67 37.92
C ARG D 575 19.71 -25.97 38.58
N ASP D 576 20.57 -26.49 39.46
CA ASP D 576 20.33 -27.76 40.14
C ASP D 576 20.01 -28.89 39.17
N GLY D 577 20.67 -28.87 38.02
CA GLY D 577 20.51 -29.93 37.04
C GLY D 577 19.50 -29.63 35.96
N ARG D 578 18.65 -28.64 36.19
CA ARG D 578 17.61 -28.30 35.22
C ARG D 578 17.94 -27.02 34.44
N GLN D 579 17.84 -27.10 33.11
CA GLN D 579 18.21 -25.99 32.24
C GLN D 579 17.33 -24.76 32.43
N GLN D 580 17.95 -23.59 32.41
CA GLN D 580 17.24 -22.32 32.59
C GLN D 580 16.94 -21.65 31.25
N GLN D 581 16.36 -20.46 31.31
CA GLN D 581 16.11 -19.66 30.12
C GLN D 581 17.40 -19.10 29.54
N ASP D 582 17.45 -18.98 28.21
CA ASP D 582 18.63 -18.46 27.53
C ASP D 582 18.89 -17.00 27.90
N TYR D 583 20.15 -16.59 27.81
CA TYR D 583 20.54 -15.22 28.09
C TYR D 583 21.62 -14.74 27.12
N TRP D 584 21.63 -13.43 26.85
CA TRP D 584 22.66 -12.83 26.01
C TRP D 584 23.48 -11.80 26.79
N LEU D 585 24.78 -12.03 26.90
CA LEU D 585 25.67 -11.07 27.54
C LEU D 585 26.24 -10.13 26.48
N ILE D 586 25.73 -8.91 26.45
CA ILE D 586 26.12 -7.96 25.40
C ILE D 586 27.07 -6.88 25.92
N ASP D 587 27.39 -6.94 27.21
CA ASP D 587 28.25 -5.94 27.83
C ASP D 587 29.44 -6.58 28.56
N VAL D 588 30.33 -5.74 29.08
CA VAL D 588 31.45 -6.23 29.86
C VAL D 588 30.95 -6.78 31.19
N ARG D 589 29.96 -6.10 31.76
CA ARG D 589 29.34 -6.52 33.00
C ARG D 589 27.82 -6.38 32.95
N ALA D 590 27.13 -7.34 33.54
CA ALA D 590 25.67 -7.34 33.56
C ALA D 590 25.13 -8.12 34.77
N GLN D 591 23.86 -7.92 35.08
CA GLN D 591 23.22 -8.62 36.18
C GLN D 591 21.89 -9.22 35.74
N ASN D 592 21.60 -10.41 36.24
CA ASN D 592 20.33 -11.08 35.96
C ASN D 592 20.08 -12.14 37.02
N ASP D 593 18.82 -12.30 37.42
CA ASP D 593 18.47 -13.22 38.50
C ASP D 593 18.62 -14.69 38.13
N LEU D 594 18.91 -14.95 36.86
CA LEU D 594 19.18 -16.32 36.40
C LEU D 594 20.48 -16.83 36.98
N PHE D 595 21.35 -15.91 37.40
CA PHE D 595 22.68 -16.28 37.89
C PHE D 595 22.83 -16.02 39.39
N SER D 596 21.71 -15.82 40.08
CA SER D 596 21.72 -15.64 41.52
C SER D 596 21.31 -16.95 42.20
N THR D 597 22.05 -17.32 43.25
CA THR D 597 21.73 -18.51 44.01
C THR D 597 21.61 -18.21 45.49
N SER D 598 20.93 -19.08 46.22
CA SER D 598 20.79 -18.97 47.67
C SER D 598 20.47 -20.34 48.25
N GLY D 599 21.10 -20.65 49.38
CA GLY D 599 20.91 -21.95 50.00
C GLY D 599 21.73 -23.02 49.33
N ASN D 600 21.10 -24.14 48.98
CA ASN D 600 21.81 -25.28 48.42
C ASN D 600 21.78 -25.35 46.90
N GLU D 601 21.28 -24.30 46.27
CA GLU D 601 21.18 -24.30 44.81
C GLU D 601 22.47 -23.84 44.14
N TRP D 602 22.80 -24.46 43.02
CA TRP D 602 23.97 -24.09 42.25
C TRP D 602 23.60 -23.88 40.78
N VAL D 603 24.37 -23.03 40.10
CA VAL D 603 24.19 -22.81 38.68
C VAL D 603 25.48 -23.16 37.93
N LEU D 604 25.35 -23.40 36.64
CA LEU D 604 26.47 -23.80 35.80
C LEU D 604 26.25 -23.25 34.40
N LEU D 605 27.20 -22.49 33.88
CA LEU D 605 27.03 -21.87 32.56
C LEU D 605 27.54 -22.74 31.42
N ASN D 606 27.07 -22.44 30.21
CA ASN D 606 27.56 -23.06 28.97
C ASN D 606 27.26 -24.56 28.86
N LEU D 607 25.97 -24.89 28.74
CA LEU D 607 25.52 -26.27 28.61
C LEU D 607 26.16 -26.98 27.41
N ASN D 608 26.78 -28.13 27.67
CA ASN D 608 27.47 -28.91 26.64
C ASN D 608 28.60 -28.15 25.92
N VAL D 609 29.04 -27.05 26.52
CA VAL D 609 30.11 -26.22 25.97
C VAL D 609 29.86 -25.85 24.50
N THR D 610 28.65 -25.40 24.19
CA THR D 610 28.32 -24.98 22.83
C THR D 610 28.95 -23.63 22.53
N GLY D 611 29.12 -22.82 23.57
CA GLY D 611 29.72 -21.50 23.43
C GLY D 611 31.24 -21.53 23.53
N TYR D 612 31.89 -20.69 22.73
CA TYR D 612 33.34 -20.62 22.69
C TYR D 612 33.87 -19.71 23.81
N TYR D 613 33.76 -20.18 25.05
CA TYR D 613 34.20 -19.38 26.20
C TYR D 613 34.37 -20.23 27.45
N ARG D 614 35.25 -19.78 28.35
CA ARG D 614 35.46 -20.46 29.63
C ARG D 614 34.67 -19.78 30.74
N VAL D 615 34.31 -20.55 31.76
CA VAL D 615 33.47 -20.04 32.84
C VAL D 615 34.13 -20.19 34.21
N ASN D 616 34.11 -19.11 34.99
CA ASN D 616 34.62 -19.14 36.36
C ASN D 616 33.55 -18.67 37.34
N TYR D 617 33.58 -19.19 38.56
CA TYR D 617 32.58 -18.84 39.55
C TYR D 617 33.20 -18.34 40.84
N ASP D 618 32.35 -17.83 41.73
CA ASP D 618 32.79 -17.45 43.07
C ASP D 618 33.10 -18.71 43.87
N GLU D 619 33.78 -18.54 44.99
CA GLU D 619 34.20 -19.67 45.82
C GLU D 619 33.06 -20.56 46.26
N GLU D 620 31.96 -19.95 46.69
CA GLU D 620 30.84 -20.69 47.24
C GLU D 620 30.13 -21.57 46.21
N ASN D 621 30.00 -21.08 44.98
CA ASN D 621 29.32 -21.85 43.94
C ASN D 621 30.15 -23.03 43.47
N TRP D 622 31.46 -22.87 43.45
CA TRP D 622 32.36 -23.97 43.12
C TRP D 622 32.19 -25.12 44.12
N ARG D 623 32.15 -24.78 45.40
CA ARG D 623 31.96 -25.78 46.46
C ARG D 623 30.65 -26.54 46.29
N LYS D 624 29.59 -25.82 45.94
CA LYS D 624 28.29 -26.44 45.72
C LYS D 624 28.35 -27.42 44.56
N ILE D 625 29.11 -27.04 43.54
CA ILE D 625 29.31 -27.91 42.37
C ILE D 625 30.12 -29.13 42.77
N GLN D 626 31.16 -28.92 43.57
CA GLN D 626 31.99 -30.00 44.06
C GLN D 626 31.21 -30.95 44.95
N THR D 627 30.32 -30.40 45.78
CA THR D 627 29.46 -31.21 46.62
C THR D 627 28.52 -32.04 45.75
N GLN D 628 28.06 -31.43 44.66
CA GLN D 628 27.17 -32.10 43.73
C GLN D 628 27.86 -33.27 43.04
N LEU D 629 29.12 -33.08 42.66
CA LEU D 629 29.90 -34.13 42.01
C LEU D 629 30.15 -35.31 42.96
N GLN D 630 30.24 -35.01 44.25
CA GLN D 630 30.47 -36.04 45.25
C GLN D 630 29.19 -36.81 45.56
N ARG D 631 28.09 -36.08 45.73
CA ARG D 631 26.79 -36.68 46.04
C ARG D 631 26.25 -37.49 44.86
N ASP D 632 26.19 -36.85 43.70
CA ASP D 632 25.69 -37.49 42.49
C ASP D 632 26.15 -36.72 41.25
N HIS D 633 27.28 -37.15 40.69
CA HIS D 633 27.91 -36.43 39.59
C HIS D 633 27.12 -36.52 38.28
N SER D 634 26.19 -37.47 38.22
CA SER D 634 25.39 -37.68 37.01
C SER D 634 24.39 -36.55 36.80
N ALA D 635 24.11 -35.79 37.84
CA ALA D 635 23.18 -34.66 37.75
C ALA D 635 23.72 -33.58 36.82
N ILE D 636 25.03 -33.57 36.65
CA ILE D 636 25.70 -32.64 35.74
C ILE D 636 26.01 -33.38 34.44
N PRO D 637 25.59 -32.80 33.29
CA PRO D 637 25.83 -33.36 31.96
C PRO D 637 27.29 -33.76 31.78
N VAL D 638 27.53 -34.89 31.13
CA VAL D 638 28.87 -35.46 31.01
C VAL D 638 29.88 -34.49 30.39
N ILE D 639 29.45 -33.74 29.38
CA ILE D 639 30.31 -32.76 28.74
C ILE D 639 30.71 -31.65 29.73
N ASN D 640 29.75 -31.25 30.57
CA ASN D 640 30.01 -30.22 31.57
C ASN D 640 30.90 -30.68 32.72
N ARG D 641 30.88 -31.98 32.99
CA ARG D 641 31.79 -32.55 33.97
C ARG D 641 33.23 -32.38 33.47
N ALA D 642 33.41 -32.57 32.17
CA ALA D 642 34.70 -32.35 31.54
C ALA D 642 35.06 -30.87 31.56
N GLN D 643 34.03 -30.04 31.44
CA GLN D 643 34.20 -28.59 31.42
C GLN D 643 34.74 -28.10 32.76
N ILE D 644 34.07 -28.49 33.84
CA ILE D 644 34.47 -28.16 35.20
C ILE D 644 35.96 -28.47 35.43
N ILE D 645 36.38 -29.65 34.98
CA ILE D 645 37.77 -30.05 35.10
C ILE D 645 38.68 -29.18 34.23
N ASN D 646 38.41 -29.18 32.93
CA ASN D 646 39.25 -28.46 31.97
C ASN D 646 39.35 -26.95 32.21
N ASP D 647 38.22 -26.33 32.51
CA ASP D 647 38.20 -24.89 32.81
C ASP D 647 39.02 -24.56 34.07
N ALA D 648 38.86 -25.37 35.11
CA ALA D 648 39.55 -25.12 36.38
C ALA D 648 41.07 -25.12 36.23
N PHE D 649 41.61 -26.14 35.58
CA PHE D 649 43.06 -26.23 35.35
C PHE D 649 43.57 -25.04 34.54
N ASN D 650 42.81 -24.66 33.52
CA ASN D 650 43.17 -23.52 32.70
C ASN D 650 43.09 -22.21 33.46
N LEU D 651 42.09 -22.09 34.33
CA LEU D 651 41.95 -20.91 35.18
C LEU D 651 43.07 -20.86 36.22
N ALA D 652 43.56 -22.05 36.58
CA ALA D 652 44.64 -22.15 37.56
C ALA D 652 45.94 -21.61 37.01
N SER D 653 46.26 -21.99 35.78
CA SER D 653 47.48 -21.53 35.11
C SER D 653 47.48 -20.02 34.88
N ALA D 654 46.31 -19.40 35.00
CA ALA D 654 46.17 -17.98 34.69
C ALA D 654 45.82 -17.12 35.91
N HIS D 655 46.21 -17.59 37.10
CA HIS D 655 46.00 -16.83 38.34
C HIS D 655 44.54 -16.48 38.63
N LYS D 656 43.61 -17.31 38.17
CA LYS D 656 42.19 -16.99 38.35
C LYS D 656 41.49 -17.85 39.39
N VAL D 657 42.01 -19.06 39.60
CA VAL D 657 41.57 -19.92 40.71
C VAL D 657 42.81 -20.54 41.36
N PRO D 658 42.70 -20.92 42.65
CA PRO D 658 43.81 -21.64 43.28
C PRO D 658 43.99 -23.00 42.63
N VAL D 659 45.22 -23.47 42.51
CA VAL D 659 45.50 -24.74 41.86
C VAL D 659 44.81 -25.91 42.57
N THR D 660 44.59 -25.76 43.87
CA THR D 660 43.90 -26.79 44.65
C THR D 660 42.43 -26.93 44.24
N LEU D 661 41.83 -25.85 43.78
CA LEU D 661 40.46 -25.90 43.27
C LEU D 661 40.38 -26.79 42.04
N ALA D 662 41.35 -26.65 41.15
CA ALA D 662 41.44 -27.49 39.97
C ALA D 662 41.68 -28.95 40.36
N LEU D 663 42.57 -29.18 41.33
CA LEU D 663 42.87 -30.53 41.78
C LEU D 663 41.67 -31.17 42.47
N ASN D 664 40.94 -30.37 43.26
CA ASN D 664 39.75 -30.87 43.94
C ASN D 664 38.64 -31.30 42.99
N ASN D 665 38.58 -30.66 41.83
CA ASN D 665 37.58 -30.99 40.83
C ASN D 665 37.84 -32.34 40.15
N THR D 666 38.87 -33.03 40.60
CA THR D 666 39.22 -34.34 40.04
C THR D 666 38.91 -35.46 41.01
N LEU D 667 38.49 -35.10 42.23
CA LEU D 667 38.26 -36.07 43.29
C LEU D 667 37.12 -37.05 42.96
N PHE D 668 36.09 -36.55 42.28
CA PHE D 668 34.92 -37.36 41.99
C PHE D 668 35.22 -38.47 40.98
N LEU D 669 36.36 -38.34 40.29
CA LEU D 669 36.74 -39.27 39.23
C LEU D 669 36.91 -40.70 39.70
N ILE D 670 37.06 -40.89 41.00
CA ILE D 670 37.19 -42.23 41.56
C ILE D 670 35.90 -43.02 41.37
N GLU D 671 34.79 -42.30 41.21
CA GLU D 671 33.49 -42.93 40.97
C GLU D 671 32.95 -42.58 39.58
N GLU D 672 33.83 -42.07 38.72
CA GLU D 672 33.48 -41.75 37.34
C GLU D 672 33.91 -42.86 36.40
N ARG D 673 33.01 -43.31 35.54
CA ARG D 673 33.36 -44.35 34.58
C ARG D 673 33.19 -43.92 33.12
N GLN D 674 32.73 -42.69 32.91
CA GLN D 674 32.59 -42.13 31.57
C GLN D 674 33.93 -41.72 30.98
N TYR D 675 34.05 -41.79 29.67
CA TYR D 675 35.30 -41.49 28.98
C TYR D 675 35.70 -40.01 29.07
N MET D 676 34.75 -39.14 28.74
CA MET D 676 35.04 -37.71 28.55
C MET D 676 35.66 -36.99 29.77
N PRO D 677 35.02 -37.08 30.95
CA PRO D 677 35.61 -36.37 32.10
C PRO D 677 37.01 -36.87 32.47
N TRP D 678 37.22 -38.18 32.38
CA TRP D 678 38.53 -38.76 32.67
C TRP D 678 39.58 -38.27 31.67
N GLU D 679 39.21 -38.28 30.39
CA GLU D 679 40.09 -37.80 29.34
C GLU D 679 40.49 -36.35 29.56
N ALA D 680 39.52 -35.55 30.01
CA ALA D 680 39.77 -34.13 30.27
C ALA D 680 40.81 -33.96 31.37
N ALA D 681 40.66 -34.73 32.43
CA ALA D 681 41.59 -34.65 33.57
C ALA D 681 42.97 -35.13 33.19
N LEU D 682 43.05 -36.25 32.49
CA LEU D 682 44.32 -36.80 32.05
C LEU D 682 45.05 -35.82 31.15
N SER D 683 44.30 -35.20 30.24
CA SER D 683 44.86 -34.22 29.32
C SER D 683 45.41 -33.01 30.08
N SER D 684 44.63 -32.50 31.02
CA SER D 684 45.04 -31.36 31.83
C SER D 684 46.22 -31.69 32.73
N LEU D 685 46.21 -32.90 33.28
CA LEU D 685 47.26 -33.32 34.22
C LEU D 685 48.56 -33.69 33.51
N SER D 686 48.52 -33.79 32.18
CA SER D 686 49.72 -34.12 31.43
C SER D 686 50.72 -32.97 31.52
N TYR D 687 50.21 -31.76 31.73
CA TYR D 687 51.07 -30.61 31.97
C TYR D 687 51.80 -30.78 33.30
N PHE D 688 51.08 -31.27 34.31
CA PHE D 688 51.67 -31.57 35.61
C PHE D 688 52.76 -32.63 35.49
N LYS D 689 52.53 -33.61 34.62
CA LYS D 689 53.53 -34.63 34.35
C LYS D 689 54.76 -34.01 33.74
N LEU D 690 54.55 -33.16 32.73
CA LEU D 690 55.64 -32.48 32.04
C LEU D 690 56.46 -31.59 32.97
N MET D 691 55.83 -31.09 34.04
CA MET D 691 56.51 -30.20 34.96
C MET D 691 57.20 -30.95 36.11
N PHE D 692 56.65 -32.09 36.49
CA PHE D 692 57.04 -32.72 37.75
C PHE D 692 57.65 -34.13 37.66
N ASP D 693 57.55 -34.78 36.51
CA ASP D 693 57.98 -36.18 36.38
C ASP D 693 59.50 -36.39 36.45
N ARG D 694 60.22 -35.36 36.86
CA ARG D 694 61.64 -35.49 37.16
C ARG D 694 61.90 -34.93 38.55
N SER D 695 60.81 -34.76 39.31
CA SER D 695 60.89 -34.16 40.64
C SER D 695 60.25 -35.05 41.70
N GLU D 696 60.42 -34.66 42.96
CA GLU D 696 59.85 -35.37 44.09
C GLU D 696 58.33 -35.29 44.10
N VAL D 697 57.78 -34.39 43.29
CA VAL D 697 56.33 -34.21 43.21
C VAL D 697 55.67 -35.39 42.49
N TYR D 698 56.44 -36.04 41.61
CA TYR D 698 55.89 -37.11 40.79
C TYR D 698 55.44 -38.32 41.58
N GLY D 699 56.15 -38.62 42.67
CA GLY D 699 55.80 -39.72 43.54
C GLY D 699 54.37 -39.68 44.04
N PRO D 700 54.02 -38.64 44.81
CA PRO D 700 52.65 -38.49 45.28
C PRO D 700 51.64 -38.31 44.15
N MET D 701 52.07 -37.74 43.02
CA MET D 701 51.15 -37.57 41.89
C MET D 701 50.70 -38.93 41.34
N LYS D 702 51.66 -39.82 41.13
CA LYS D 702 51.33 -41.17 40.65
C LYS D 702 50.51 -41.92 41.69
N ASN D 703 50.77 -41.66 42.96
CA ASN D 703 50.00 -42.26 44.03
C ASN D 703 48.55 -41.82 43.96
N TYR D 704 48.34 -40.55 43.63
CA TYR D 704 46.99 -40.01 43.52
C TYR D 704 46.23 -40.64 42.35
N LEU D 705 46.85 -40.63 41.17
CA LEU D 705 46.22 -41.21 39.98
C LEU D 705 45.98 -42.71 40.14
N LYS D 706 46.88 -43.39 40.85
CA LYS D 706 46.72 -44.81 41.11
C LYS D 706 45.46 -45.02 41.95
N LYS D 707 45.31 -44.20 42.98
CA LYS D 707 44.13 -44.24 43.84
C LYS D 707 42.83 -44.02 43.05
N GLN D 708 42.80 -42.96 42.25
CA GLN D 708 41.60 -42.57 41.51
C GLN D 708 41.19 -43.55 40.42
N VAL D 709 42.15 -44.17 39.77
CA VAL D 709 41.87 -45.02 38.61
C VAL D 709 41.65 -46.48 38.96
N THR D 710 42.14 -46.89 40.13
CA THR D 710 42.10 -48.31 40.52
C THR D 710 40.69 -48.92 40.56
N PRO D 711 39.72 -48.28 41.23
CA PRO D 711 38.38 -48.87 41.22
C PRO D 711 37.81 -49.00 39.79
N LEU D 712 38.17 -48.08 38.91
CA LEU D 712 37.73 -48.16 37.52
C LEU D 712 38.39 -49.31 36.78
N PHE D 713 39.66 -49.57 37.10
CA PHE D 713 40.39 -50.67 36.51
C PHE D 713 39.80 -52.01 36.93
N ILE D 714 39.47 -52.11 38.22
CA ILE D 714 38.81 -53.30 38.75
C ILE D 714 37.47 -53.47 38.06
N HIS D 715 36.77 -52.35 37.85
CA HIS D 715 35.47 -52.34 37.19
C HIS D 715 35.53 -52.99 35.82
N PHE D 716 36.48 -52.55 35.00
CA PHE D 716 36.63 -53.09 33.66
C PHE D 716 37.16 -54.52 33.68
N ARG D 717 37.85 -54.89 34.75
CA ARG D 717 38.35 -56.25 34.89
C ARG D 717 37.21 -57.26 34.92
N ASN D 718 36.23 -57.01 35.76
CA ASN D 718 35.05 -57.87 35.84
C ASN D 718 34.17 -57.71 34.59
N ASN D 719 33.95 -56.46 34.20
CA ASN D 719 33.10 -56.14 33.07
C ASN D 719 33.50 -56.81 31.76
N THR D 720 34.80 -56.89 31.52
CA THR D 720 35.32 -57.45 30.27
C THR D 720 35.62 -58.94 30.39
N ASN D 721 35.12 -59.57 31.45
CA ASN D 721 35.39 -60.97 31.73
C ASN D 721 36.89 -61.24 31.76
N ASN D 722 37.60 -60.46 32.58
CA ASN D 722 39.06 -60.50 32.64
C ASN D 722 39.73 -60.30 31.28
N TRP D 723 39.40 -59.18 30.65
CA TRP D 723 40.06 -58.71 29.43
C TRP D 723 39.91 -59.66 28.23
N ARG D 724 38.83 -60.42 28.21
CA ARG D 724 38.53 -61.28 27.08
C ARG D 724 37.58 -60.59 26.12
N GLU D 725 36.76 -59.68 26.66
CA GLU D 725 35.80 -58.94 25.87
C GLU D 725 36.14 -57.45 25.88
N ILE D 726 35.48 -56.69 25.02
CA ILE D 726 35.52 -55.25 25.08
C ILE D 726 34.10 -54.74 25.20
N PRO D 727 33.91 -53.53 25.75
CA PRO D 727 32.56 -52.96 25.83
C PRO D 727 31.98 -52.75 24.43
N GLU D 728 30.66 -52.77 24.30
CA GLU D 728 30.06 -52.57 22.99
C GLU D 728 29.97 -51.09 22.63
N ASN D 729 29.89 -50.24 23.65
CA ASN D 729 29.82 -48.79 23.45
C ASN D 729 31.20 -48.18 23.23
N LEU D 730 31.31 -47.31 22.24
CA LEU D 730 32.57 -46.69 21.86
C LEU D 730 33.21 -45.90 23.00
N MET D 731 32.39 -45.13 23.70
CA MET D 731 32.88 -44.33 24.82
C MET D 731 33.41 -45.23 25.93
N ASP D 732 32.71 -46.34 26.18
CA ASP D 732 33.15 -47.30 27.18
C ASP D 732 34.43 -48.01 26.74
N GLN D 733 34.64 -48.10 25.43
CA GLN D 733 35.86 -48.68 24.90
C GLN D 733 37.03 -47.73 25.13
N TYR D 734 36.79 -46.44 24.91
CA TYR D 734 37.82 -45.42 25.13
C TYR D 734 38.08 -45.25 26.62
N SER D 735 37.04 -45.44 27.42
CA SER D 735 37.16 -45.35 28.87
C SER D 735 38.03 -46.50 29.40
N GLU D 736 37.86 -47.68 28.83
CA GLU D 736 38.63 -48.85 29.25
C GLU D 736 40.11 -48.68 28.91
N VAL D 737 40.38 -48.19 27.71
CA VAL D 737 41.75 -47.97 27.27
C VAL D 737 42.47 -47.00 28.21
N ASN D 738 41.81 -45.89 28.54
CA ASN D 738 42.40 -44.92 29.46
C ASN D 738 42.59 -45.48 30.86
N ALA D 739 41.64 -46.30 31.30
CA ALA D 739 41.71 -46.90 32.63
C ALA D 739 42.91 -47.84 32.73
N ILE D 740 43.17 -48.59 31.68
CA ILE D 740 44.31 -49.51 31.65
C ILE D 740 45.62 -48.73 31.57
N SER D 741 45.65 -47.73 30.69
CA SER D 741 46.86 -46.96 30.46
C SER D 741 47.26 -46.13 31.68
N THR D 742 46.25 -45.61 32.40
CA THR D 742 46.50 -44.80 33.59
C THR D 742 46.92 -45.68 34.76
N ALA D 743 46.31 -46.86 34.86
CA ALA D 743 46.67 -47.81 35.91
C ALA D 743 48.12 -48.25 35.78
N CYS D 744 48.52 -48.65 34.58
CA CYS D 744 49.87 -49.15 34.35
C CYS D 744 50.94 -48.06 34.54
N SER D 745 50.71 -46.91 33.91
CA SER D 745 51.72 -45.84 33.95
C SER D 745 51.92 -45.29 35.36
N ASN D 746 50.91 -45.44 36.21
CA ASN D 746 51.01 -44.96 37.59
C ASN D 746 51.29 -46.08 38.58
N GLY D 747 51.43 -47.30 38.07
CA GLY D 747 51.97 -48.39 38.86
C GLY D 747 51.00 -49.21 39.70
N VAL D 748 49.89 -49.63 39.12
CA VAL D 748 49.10 -50.67 39.78
C VAL D 748 49.63 -52.02 39.30
N PRO D 749 50.03 -52.87 40.24
CA PRO D 749 50.74 -54.12 39.94
C PRO D 749 49.97 -55.04 39.02
N GLU D 750 48.66 -55.14 39.21
CA GLU D 750 47.84 -56.06 38.45
C GLU D 750 47.81 -55.69 36.96
N CYS D 751 47.78 -54.40 36.67
CA CYS D 751 47.80 -53.95 35.28
C CYS D 751 49.13 -54.28 34.63
N GLU D 752 50.22 -54.04 35.36
CA GLU D 752 51.55 -54.34 34.87
C GLU D 752 51.70 -55.83 34.53
N GLU D 753 51.06 -56.66 35.34
CA GLU D 753 51.11 -58.10 35.15
C GLU D 753 50.36 -58.54 33.90
N MET D 754 49.18 -57.96 33.69
CA MET D 754 48.33 -58.41 32.59
C MET D 754 48.87 -57.98 31.23
N VAL D 755 49.49 -56.81 31.17
CA VAL D 755 49.99 -56.32 29.89
C VAL D 755 51.28 -57.03 29.48
N SER D 756 52.15 -57.29 30.44
CA SER D 756 53.38 -58.01 30.14
C SER D 756 53.05 -59.47 29.89
N GLY D 757 51.96 -59.94 30.50
CA GLY D 757 51.49 -61.30 30.29
C GLY D 757 50.93 -61.49 28.90
N LEU D 758 50.13 -60.53 28.45
CA LEU D 758 49.58 -60.58 27.10
C LEU D 758 50.69 -60.57 26.06
N PHE D 759 51.65 -59.67 26.24
CA PHE D 759 52.72 -59.50 25.28
C PHE D 759 53.61 -60.73 25.22
N LYS D 760 53.85 -61.35 26.37
CA LYS D 760 54.62 -62.59 26.42
C LYS D 760 53.90 -63.68 25.66
N GLN D 761 52.58 -63.74 25.85
CA GLN D 761 51.75 -64.71 25.14
C GLN D 761 51.84 -64.50 23.63
N TRP D 762 51.97 -63.25 23.22
CA TRP D 762 52.14 -62.92 21.81
C TRP D 762 53.51 -63.36 21.28
N MET D 763 54.55 -63.19 22.08
CA MET D 763 55.89 -63.58 21.66
C MET D 763 55.97 -65.10 21.47
N GLU D 764 55.08 -65.82 22.15
CA GLU D 764 55.02 -67.28 22.00
C GLU D 764 54.25 -67.67 20.75
N ASN D 765 53.24 -66.88 20.41
CA ASN D 765 52.46 -67.08 19.19
C ASN D 765 52.49 -65.83 18.31
N PRO D 766 53.63 -65.55 17.66
CA PRO D 766 53.77 -64.32 16.87
C PRO D 766 52.83 -64.22 15.67
N ASN D 767 52.16 -65.32 15.33
CA ASN D 767 51.22 -65.32 14.20
C ASN D 767 49.77 -65.28 14.65
N ASN D 768 49.55 -65.30 15.97
CA ASN D 768 48.22 -65.18 16.54
C ASN D 768 48.20 -64.17 17.68
N ASN D 769 48.24 -62.90 17.33
CA ASN D 769 48.21 -61.81 18.30
C ASN D 769 46.96 -61.89 19.18
N PRO D 770 47.15 -62.11 20.49
CA PRO D 770 46.03 -62.25 21.43
C PRO D 770 45.55 -60.90 21.94
N ILE D 771 46.22 -59.84 21.52
CA ILE D 771 45.91 -58.50 22.03
C ILE D 771 44.90 -57.81 21.13
N HIS D 772 43.80 -57.37 21.73
CA HIS D 772 42.77 -56.64 20.99
C HIS D 772 43.36 -55.32 20.49
N PRO D 773 43.05 -54.96 19.24
CA PRO D 773 43.50 -53.72 18.60
C PRO D 773 43.34 -52.48 19.49
N ASN D 774 42.23 -52.39 20.23
CA ASN D 774 42.00 -51.25 21.12
C ASN D 774 43.04 -51.14 22.23
N LEU D 775 43.63 -52.27 22.59
CA LEU D 775 44.54 -52.33 23.73
C LEU D 775 46.00 -52.41 23.30
N ARG D 776 46.23 -52.57 22.00
CA ARG D 776 47.58 -52.81 21.49
C ARG D 776 48.61 -51.74 21.84
N SER D 777 48.33 -50.49 21.52
CA SER D 777 49.29 -49.42 21.76
C SER D 777 49.68 -49.30 23.23
N THR D 778 48.70 -49.38 24.12
CA THR D 778 49.00 -49.29 25.55
C THR D 778 49.69 -50.55 26.07
N VAL D 779 49.33 -51.71 25.52
CA VAL D 779 49.96 -52.96 25.94
C VAL D 779 51.38 -53.05 25.38
N TYR D 780 51.54 -52.74 24.10
CA TYR D 780 52.85 -52.73 23.46
C TYR D 780 53.81 -51.83 24.22
N CYS D 781 53.35 -50.63 24.55
CA CYS D 781 54.19 -49.63 25.19
C CYS D 781 54.61 -50.02 26.60
N ASN D 782 53.65 -50.50 27.38
CA ASN D 782 53.93 -50.84 28.77
C ASN D 782 54.72 -52.14 28.91
N ALA D 783 54.49 -53.08 28.00
CA ALA D 783 55.25 -54.34 28.01
C ALA D 783 56.71 -54.09 27.64
N ILE D 784 56.93 -53.19 26.70
CA ILE D 784 58.28 -52.81 26.30
C ILE D 784 58.97 -52.05 27.42
N ALA D 785 58.23 -51.15 28.06
CA ALA D 785 58.75 -50.39 29.20
C ALA D 785 59.15 -51.32 30.34
N GLN D 786 58.35 -52.35 30.58
CA GLN D 786 58.62 -53.30 31.65
C GLN D 786 59.70 -54.32 31.29
N GLY D 787 59.69 -54.77 30.04
CA GLY D 787 60.63 -55.77 29.58
C GLY D 787 62.01 -55.22 29.26
N GLY D 788 62.71 -55.86 28.34
CA GLY D 788 64.04 -55.44 27.96
C GLY D 788 64.33 -55.64 26.49
N GLU D 789 65.57 -56.03 26.19
CA GLU D 789 66.02 -56.21 24.81
C GLU D 789 65.17 -57.21 24.03
N GLU D 790 64.76 -58.29 24.70
CA GLU D 790 63.98 -59.34 24.06
C GLU D 790 62.63 -58.82 23.58
N GLU D 791 61.93 -58.10 24.45
CA GLU D 791 60.65 -57.51 24.09
C GLU D 791 60.84 -56.48 22.98
N TRP D 792 61.85 -55.62 23.15
CA TRP D 792 62.13 -54.57 22.17
C TRP D 792 62.47 -55.14 20.81
N ASP D 793 63.34 -56.14 20.78
CA ASP D 793 63.74 -56.77 19.53
C ASP D 793 62.57 -57.42 18.79
N PHE D 794 61.66 -58.04 19.56
CA PHE D 794 60.49 -58.68 18.98
C PHE D 794 59.59 -57.65 18.33
N ALA D 795 59.37 -56.55 19.04
CA ALA D 795 58.52 -55.49 18.54
C ALA D 795 59.16 -54.81 17.33
N TRP D 796 60.47 -54.68 17.36
CA TRP D 796 61.21 -54.08 16.24
C TRP D 796 61.11 -54.93 14.98
N GLU D 797 61.08 -56.25 15.15
CA GLU D 797 60.91 -57.15 14.02
C GLU D 797 59.48 -57.09 13.49
N GLN D 798 58.51 -57.00 14.40
CA GLN D 798 57.11 -56.87 14.01
C GLN D 798 56.89 -55.59 13.22
N PHE D 799 57.52 -54.50 13.67
CA PHE D 799 57.43 -53.22 12.98
C PHE D 799 58.06 -53.29 11.59
N ARG D 800 59.21 -53.94 11.50
CA ARG D 800 59.93 -54.04 10.23
C ARG D 800 59.16 -54.85 9.19
N ASN D 801 58.42 -55.85 9.66
CA ASN D 801 57.66 -56.71 8.75
C ASN D 801 56.20 -56.32 8.61
N ALA D 802 55.82 -55.20 9.24
CA ALA D 802 54.44 -54.74 9.22
C ALA D 802 53.95 -54.45 7.81
N THR D 803 52.74 -54.89 7.53
CA THR D 803 52.11 -54.68 6.22
C THR D 803 50.94 -53.72 6.35
N LEU D 804 50.62 -53.36 7.59
CA LEU D 804 49.54 -52.43 7.88
C LEU D 804 50.09 -51.20 8.59
N VAL D 805 49.77 -50.02 8.09
CA VAL D 805 50.30 -48.78 8.63
C VAL D 805 49.85 -48.55 10.07
N ASN D 806 48.57 -48.81 10.34
CA ASN D 806 48.04 -48.67 11.69
C ASN D 806 48.79 -49.50 12.72
N GLU D 807 49.14 -50.74 12.35
CA GLU D 807 49.87 -51.61 13.23
C GLU D 807 51.32 -51.13 13.41
N ALA D 808 51.93 -50.72 12.31
CA ALA D 808 53.30 -50.22 12.33
C ALA D 808 53.44 -48.98 13.21
N ASP D 809 52.48 -48.07 13.10
CA ASP D 809 52.48 -46.84 13.87
C ASP D 809 52.43 -47.09 15.38
N LYS D 810 51.59 -48.05 15.78
CA LYS D 810 51.49 -48.42 17.19
C LYS D 810 52.83 -48.95 17.69
N LEU D 811 53.47 -49.74 16.86
CA LEU D 811 54.75 -50.34 17.21
C LEU D 811 55.86 -49.29 17.25
N ARG D 812 55.83 -48.34 16.31
CA ARG D 812 56.84 -47.28 16.28
C ARG D 812 56.81 -46.46 17.57
N ALA D 813 55.62 -46.10 18.01
CA ALA D 813 55.45 -45.32 19.23
C ALA D 813 55.85 -46.12 20.47
N ALA D 814 55.46 -47.39 20.48
CA ALA D 814 55.71 -48.25 21.64
C ALA D 814 57.19 -48.53 21.85
N LEU D 815 57.93 -48.60 20.75
CA LEU D 815 59.37 -48.85 20.83
C LEU D 815 60.12 -47.73 21.55
N ALA D 816 59.50 -46.56 21.60
CA ALA D 816 60.10 -45.42 22.29
C ALA D 816 59.83 -45.43 23.79
N CYS D 817 59.12 -46.45 24.27
CA CYS D 817 58.79 -46.56 25.69
C CYS D 817 59.81 -47.37 26.48
N SER D 818 60.88 -47.78 25.82
CA SER D 818 61.95 -48.53 26.47
C SER D 818 62.57 -47.72 27.61
N LYS D 819 62.92 -48.39 28.70
CA LYS D 819 63.53 -47.72 29.85
C LYS D 819 65.04 -47.97 29.88
N GLU D 820 65.54 -48.65 28.86
CA GLU D 820 66.98 -48.82 28.68
C GLU D 820 67.51 -47.67 27.84
N LEU D 821 68.39 -46.87 28.42
CA LEU D 821 68.91 -45.68 27.76
C LEU D 821 69.66 -46.02 26.47
N TRP D 822 70.43 -47.10 26.49
CA TRP D 822 71.20 -47.51 25.31
C TRP D 822 70.26 -47.93 24.18
N ILE D 823 69.11 -48.49 24.54
CA ILE D 823 68.10 -48.88 23.55
C ILE D 823 67.46 -47.65 22.92
N LEU D 824 67.06 -46.69 23.75
CA LEU D 824 66.49 -45.43 23.27
C LEU D 824 67.48 -44.69 22.39
N ASN D 825 68.77 -44.78 22.73
CA ASN D 825 69.81 -44.10 21.99
C ASN D 825 70.04 -44.74 20.63
N ARG D 826 69.98 -46.07 20.60
CA ARG D 826 70.10 -46.81 19.35
C ARG D 826 68.89 -46.52 18.48
N TYR D 827 67.72 -46.47 19.11
CA TYR D 827 66.49 -46.15 18.41
C TYR D 827 66.55 -44.76 17.78
N LEU D 828 67.14 -43.82 18.50
CA LEU D 828 67.28 -42.45 18.01
C LEU D 828 68.04 -42.43 16.68
N SER D 829 69.11 -43.21 16.61
CA SER D 829 69.91 -43.29 15.39
C SER D 829 69.15 -43.95 14.25
N TYR D 830 68.13 -44.74 14.59
CA TYR D 830 67.32 -45.40 13.57
C TYR D 830 66.38 -44.42 12.88
N THR D 831 65.99 -43.37 13.59
CA THR D 831 65.00 -42.42 13.08
C THR D 831 65.57 -41.53 11.97
N LEU D 832 66.88 -41.60 11.78
CA LEU D 832 67.56 -40.79 10.77
C LEU D 832 67.83 -41.61 9.52
N ASN D 833 67.61 -42.91 9.62
CA ASN D 833 67.84 -43.82 8.50
C ASN D 833 66.54 -44.15 7.79
N PRO D 834 66.41 -43.70 6.53
CA PRO D 834 65.20 -43.91 5.71
C PRO D 834 64.88 -45.38 5.48
N ASP D 835 65.87 -46.25 5.65
CA ASP D 835 65.68 -47.68 5.44
C ASP D 835 64.92 -48.31 6.62
N LEU D 836 65.19 -47.81 7.83
CA LEU D 836 64.53 -48.33 9.02
C LEU D 836 63.27 -47.54 9.36
N ILE D 837 63.40 -46.22 9.37
CA ILE D 837 62.28 -45.34 9.64
C ILE D 837 62.07 -44.40 8.46
N ARG D 838 60.87 -44.41 7.89
CA ARG D 838 60.57 -43.55 6.75
C ARG D 838 60.71 -42.08 7.14
N LYS D 839 61.26 -41.28 6.23
CA LYS D 839 61.59 -39.88 6.51
C LYS D 839 60.39 -39.06 6.99
N GLN D 840 59.21 -39.42 6.53
CA GLN D 840 57.99 -38.73 6.92
C GLN D 840 57.63 -39.00 8.38
N ASP D 841 58.05 -40.15 8.89
CA ASP D 841 57.73 -40.55 10.25
C ASP D 841 58.85 -40.20 11.23
N ALA D 842 59.91 -39.59 10.71
CA ALA D 842 61.11 -39.29 11.49
C ALA D 842 60.83 -38.45 12.75
N THR D 843 60.25 -37.28 12.57
CA THR D 843 60.03 -36.35 13.69
C THR D 843 59.06 -36.90 14.73
N SER D 844 57.98 -37.51 14.26
CA SER D 844 56.99 -38.09 15.17
C SER D 844 57.64 -39.15 16.07
N THR D 845 58.48 -39.98 15.48
CA THR D 845 59.21 -41.00 16.22
C THR D 845 60.14 -40.37 17.23
N ILE D 846 60.90 -39.38 16.79
CA ILE D 846 61.80 -38.63 17.68
C ILE D 846 61.00 -37.99 18.82
N ILE D 847 59.85 -37.42 18.48
CA ILE D 847 58.96 -36.83 19.48
C ILE D 847 58.53 -37.87 20.53
N SER D 848 58.22 -39.08 20.08
CA SER D 848 57.84 -40.16 20.99
C SER D 848 58.96 -40.54 21.95
N ILE D 849 60.20 -40.36 21.53
CA ILE D 849 61.34 -40.66 22.38
C ILE D 849 61.50 -39.60 23.47
N THR D 850 61.25 -38.33 23.14
CA THR D 850 61.34 -37.27 24.15
C THR D 850 60.15 -37.26 25.12
N ASN D 851 59.06 -37.93 24.76
CA ASN D 851 57.95 -38.12 25.70
C ASN D 851 58.37 -39.02 26.87
N ASN D 852 59.37 -39.84 26.62
CA ASN D 852 59.98 -40.65 27.66
C ASN D 852 60.89 -39.77 28.52
N VAL D 853 60.77 -39.88 29.85
CA VAL D 853 61.64 -39.14 30.76
C VAL D 853 63.12 -39.39 30.48
N ILE D 854 63.45 -40.62 30.14
CA ILE D 854 64.83 -41.00 29.88
C ILE D 854 65.28 -40.47 28.52
N GLY D 855 64.33 -40.35 27.61
CA GLY D 855 64.62 -39.83 26.28
C GLY D 855 64.69 -38.32 26.23
N GLN D 856 64.24 -37.66 27.28
CA GLN D 856 64.19 -36.20 27.32
C GLN D 856 65.57 -35.58 27.16
N GLY D 857 66.47 -35.91 28.08
CA GLY D 857 67.84 -35.41 28.02
C GLY D 857 68.54 -35.91 26.78
N LEU D 858 68.22 -37.13 26.37
CA LEU D 858 68.80 -37.74 25.19
C LEU D 858 68.46 -36.96 23.92
N VAL D 859 67.18 -36.67 23.73
CA VAL D 859 66.74 -35.94 22.55
C VAL D 859 67.19 -34.48 22.59
N TRP D 860 67.11 -33.86 23.76
CA TRP D 860 67.49 -32.46 23.91
C TRP D 860 68.98 -32.23 23.66
N ASP D 861 69.80 -33.21 24.05
CA ASP D 861 71.24 -33.14 23.76
C ASP D 861 71.46 -33.30 22.26
N PHE D 862 70.63 -34.13 21.63
CA PHE D 862 70.73 -34.39 20.21
C PHE D 862 70.43 -33.14 19.39
N VAL D 863 69.35 -32.44 19.75
CA VAL D 863 68.96 -31.22 19.06
C VAL D 863 70.05 -30.15 19.18
N GLN D 864 70.62 -30.02 20.38
CA GLN D 864 71.70 -29.07 20.60
C GLN D 864 72.98 -29.48 19.87
N SER D 865 73.22 -30.79 19.79
CA SER D 865 74.45 -31.31 19.21
C SER D 865 74.56 -31.01 17.71
N ASN D 866 73.64 -31.56 16.93
CA ASN D 866 73.70 -31.37 15.48
C ASN D 866 72.44 -30.73 14.88
N TRP D 867 72.18 -29.48 15.27
CA TRP D 867 71.06 -28.75 14.69
C TRP D 867 71.40 -28.28 13.29
N LYS D 868 72.67 -27.93 13.07
CA LYS D 868 73.14 -27.50 11.77
C LYS D 868 73.07 -28.61 10.73
N LYS D 869 73.39 -29.83 11.14
CA LYS D 869 73.35 -30.98 10.26
C LYS D 869 71.89 -31.38 10.01
N LEU D 870 71.08 -31.26 11.04
CA LEU D 870 69.67 -31.64 10.97
C LEU D 870 68.89 -30.67 10.10
N PHE D 871 69.27 -29.40 10.14
CA PHE D 871 68.54 -28.35 9.43
C PHE D 871 68.86 -28.37 7.94
N ASN D 872 70.05 -28.84 7.59
CA ASN D 872 70.46 -28.90 6.19
C ASN D 872 69.86 -30.07 5.43
N ASP D 873 69.94 -31.26 6.02
CA ASP D 873 69.53 -32.49 5.34
C ASP D 873 68.01 -32.68 5.34
N TYR D 874 67.32 -31.91 6.16
CA TYR D 874 65.87 -32.05 6.29
C TYR D 874 65.16 -30.71 6.23
N GLY D 875 65.77 -29.76 5.53
CA GLY D 875 65.23 -28.42 5.42
C GLY D 875 63.88 -28.36 4.73
N GLY D 876 63.74 -29.11 3.64
CA GLY D 876 62.49 -29.13 2.88
C GLY D 876 61.35 -29.76 3.65
N GLY D 877 61.58 -30.95 4.20
CA GLY D 877 60.57 -31.64 4.97
C GLY D 877 60.95 -33.06 5.34
N SER D 878 60.29 -33.63 6.35
CA SER D 878 59.21 -32.96 7.08
C SER D 878 59.07 -33.53 8.50
N PHE D 879 59.66 -32.90 9.53
CA PHE D 879 60.52 -31.70 9.50
C PHE D 879 59.98 -30.43 8.83
N SER D 880 59.10 -29.65 9.47
CA SER D 880 58.61 -29.80 10.86
C SER D 880 59.64 -29.73 11.99
N PHE D 881 60.52 -28.75 11.92
CA PHE D 881 61.39 -28.43 13.04
C PHE D 881 60.53 -27.82 14.14
N SER D 882 59.38 -27.31 13.74
CA SER D 882 58.44 -26.68 14.66
C SER D 882 57.95 -27.64 15.73
N ASN D 883 57.52 -28.83 15.32
CA ASN D 883 57.01 -29.83 16.26
C ASN D 883 58.13 -30.38 17.15
N LEU D 884 59.32 -30.48 16.58
CA LEU D 884 60.47 -30.99 17.31
C LEU D 884 60.87 -30.01 18.41
N ILE D 885 60.93 -28.73 18.07
CA ILE D 885 61.27 -27.69 19.04
C ILE D 885 60.24 -27.63 20.16
N GLN D 886 58.96 -27.68 19.81
CA GLN D 886 57.90 -27.62 20.82
C GLN D 886 57.93 -28.83 21.76
N ALA D 887 58.05 -30.02 21.19
CA ALA D 887 58.02 -31.26 21.96
C ALA D 887 59.18 -31.37 22.95
N VAL D 888 60.38 -31.06 22.49
CA VAL D 888 61.57 -31.23 23.30
C VAL D 888 61.68 -30.20 24.43
N THR D 889 60.99 -29.06 24.28
CA THR D 889 61.07 -27.99 25.28
C THR D 889 59.85 -27.90 26.20
N ARG D 890 58.91 -28.82 26.05
CA ARG D 890 57.70 -28.82 26.88
C ARG D 890 58.02 -28.99 28.35
N ARG D 891 59.05 -29.76 28.66
CA ARG D 891 59.38 -30.06 30.05
C ARG D 891 60.13 -28.94 30.77
N PHE D 892 60.60 -27.94 30.02
CA PHE D 892 61.46 -26.90 30.59
C PHE D 892 60.75 -26.10 31.68
N SER D 893 61.31 -26.15 32.88
CA SER D 893 60.71 -25.47 34.04
C SER D 893 61.74 -24.82 34.95
N THR D 894 63.00 -24.82 34.54
CA THR D 894 64.06 -24.23 35.35
C THR D 894 64.84 -23.16 34.60
N GLU D 895 65.50 -22.28 35.33
CA GLU D 895 66.33 -21.24 34.74
C GLU D 895 67.48 -21.81 33.92
N TYR D 896 67.98 -22.97 34.36
CA TYR D 896 69.07 -23.64 33.66
C TYR D 896 68.64 -24.09 32.26
N GLU D 897 67.43 -24.63 32.17
CA GLU D 897 66.90 -25.07 30.89
C GLU D 897 66.60 -23.89 29.98
N LEU D 898 66.09 -22.81 30.57
CA LEU D 898 65.81 -21.58 29.84
C LEU D 898 67.11 -21.01 29.27
N GLN D 899 68.17 -21.08 30.07
CA GLN D 899 69.48 -20.60 29.65
C GLN D 899 70.00 -21.39 28.46
N GLN D 900 69.76 -22.70 28.49
CA GLN D 900 70.20 -23.58 27.41
C GLN D 900 69.43 -23.29 26.11
N LEU D 901 68.14 -23.00 26.25
CA LEU D 901 67.31 -22.71 25.09
C LEU D 901 67.67 -21.34 24.52
N GLU D 902 67.99 -20.40 25.39
CA GLU D 902 68.38 -19.06 24.96
C GLU D 902 69.74 -19.11 24.28
N GLN D 903 70.59 -20.03 24.72
CA GLN D 903 71.91 -20.24 24.12
C GLN D 903 71.75 -21.01 22.82
N PHE D 904 70.77 -21.91 22.78
CA PHE D 904 70.44 -22.66 21.57
C PHE D 904 70.06 -21.71 20.45
N LYS D 905 69.19 -20.76 20.78
CA LYS D 905 68.79 -19.71 19.85
C LYS D 905 69.99 -18.88 19.42
N LYS D 906 70.89 -18.62 20.37
CA LYS D 906 72.07 -17.81 20.12
C LYS D 906 73.12 -18.55 19.28
N ASP D 907 73.29 -19.84 19.57
CA ASP D 907 74.29 -20.66 18.88
C ASP D 907 73.95 -20.90 17.41
N ASN D 908 72.66 -20.89 17.10
CA ASN D 908 72.21 -21.12 15.73
C ASN D 908 71.59 -19.87 15.10
N GLU D 909 72.21 -18.71 15.33
CA GLU D 909 71.71 -17.46 14.79
C GLU D 909 71.76 -17.41 13.27
N GLU D 910 72.84 -17.96 12.70
CA GLU D 910 73.04 -17.92 11.25
C GLU D 910 71.99 -18.75 10.50
N THR D 911 71.55 -19.84 11.12
CA THR D 911 70.50 -20.68 10.53
C THR D 911 69.19 -20.43 11.25
N GLY D 912 68.34 -19.58 10.67
CA GLY D 912 67.16 -19.07 11.33
C GLY D 912 66.05 -20.04 11.68
N PHE D 913 66.40 -21.31 11.92
CA PHE D 913 65.46 -22.32 12.39
C PHE D 913 64.30 -22.64 11.43
N GLY D 914 64.25 -21.94 10.30
CA GLY D 914 63.25 -22.18 9.30
C GLY D 914 61.81 -22.02 9.76
N SER D 915 61.02 -23.07 9.57
CA SER D 915 59.59 -23.04 9.90
C SER D 915 59.31 -23.21 11.40
N GLY D 916 60.39 -23.30 12.19
CA GLY D 916 60.25 -23.42 13.64
C GLY D 916 60.70 -22.17 14.36
N THR D 917 60.80 -21.07 13.63
CA THR D 917 61.26 -19.80 14.20
C THR D 917 60.26 -19.27 15.24
N ARG D 918 58.99 -19.30 14.91
CA ARG D 918 57.94 -18.89 15.83
C ARG D 918 57.84 -19.85 17.01
N ALA D 919 58.03 -21.14 16.73
CA ALA D 919 57.96 -22.16 17.76
C ALA D 919 59.03 -21.94 18.84
N LEU D 920 60.18 -21.42 18.43
CA LEU D 920 61.28 -21.16 19.33
C LEU D 920 60.96 -20.04 20.31
N GLU D 921 60.37 -18.96 19.79
CA GLU D 921 60.01 -17.81 20.61
C GLU D 921 58.86 -18.16 21.55
N GLN D 922 57.96 -19.03 21.09
CA GLN D 922 56.85 -19.49 21.91
C GLN D 922 57.36 -20.41 23.00
N ALA D 923 58.41 -21.16 22.69
CA ALA D 923 59.01 -22.09 23.66
C ALA D 923 59.72 -21.31 24.77
N LEU D 924 60.32 -20.19 24.41
CA LEU D 924 60.98 -19.33 25.39
C LEU D 924 59.97 -18.67 26.32
N GLU D 925 58.89 -18.16 25.75
CA GLU D 925 57.84 -17.52 26.54
C GLU D 925 57.16 -18.54 27.45
N LYS D 926 56.94 -19.74 26.93
CA LYS D 926 56.31 -20.81 27.69
C LYS D 926 57.21 -21.29 28.83
N THR D 927 58.51 -21.34 28.56
CA THR D 927 59.47 -21.76 29.57
C THR D 927 59.52 -20.79 30.74
N LYS D 928 59.60 -19.49 30.44
CA LYS D 928 59.59 -18.46 31.48
C LYS D 928 58.33 -18.56 32.33
N ALA D 929 57.20 -18.85 31.69
CA ALA D 929 55.93 -18.99 32.39
C ALA D 929 55.94 -20.22 33.28
N ASN D 930 56.53 -21.31 32.78
CA ASN D 930 56.64 -22.55 33.54
C ASN D 930 57.47 -22.38 34.80
N ILE D 931 58.62 -21.72 34.66
CA ILE D 931 59.51 -21.46 35.79
C ILE D 931 58.76 -20.73 36.90
N LYS D 932 57.94 -19.77 36.51
CA LYS D 932 57.14 -19.00 37.46
C LYS D 932 56.06 -19.86 38.09
N TRP D 933 55.36 -20.63 37.27
CA TRP D 933 54.24 -21.45 37.76
C TRP D 933 54.71 -22.55 38.69
N VAL D 934 55.82 -23.20 38.34
CA VAL D 934 56.36 -24.28 39.15
C VAL D 934 56.80 -23.78 40.52
N LYS D 935 57.55 -22.68 40.55
CA LYS D 935 58.07 -22.16 41.81
C LYS D 935 56.95 -21.66 42.72
N GLU D 936 55.79 -21.36 42.14
CA GLU D 936 54.65 -20.89 42.92
C GLU D 936 53.79 -22.05 43.42
N ASN D 937 53.71 -23.12 42.63
CA ASN D 937 52.79 -24.22 42.92
C ASN D 937 53.45 -25.50 43.43
N LYS D 938 54.78 -25.53 43.39
CA LYS D 938 55.55 -26.71 43.76
C LYS D 938 55.14 -27.31 45.11
N GLU D 939 55.32 -26.53 46.18
CA GLU D 939 54.97 -26.98 47.52
C GLU D 939 53.51 -27.40 47.61
N VAL D 940 52.63 -26.50 47.16
CA VAL D 940 51.19 -26.70 47.23
C VAL D 940 50.72 -27.98 46.54
N VAL D 941 51.18 -28.18 45.31
CA VAL D 941 50.80 -29.37 44.53
C VAL D 941 51.33 -30.64 45.21
N LEU D 942 52.58 -30.60 45.66
CA LEU D 942 53.17 -31.73 46.37
C LEU D 942 52.37 -32.06 47.63
N GLN D 943 51.97 -31.01 48.34
CA GLN D 943 51.19 -31.17 49.57
C GLN D 943 49.81 -31.78 49.27
N TRP D 944 49.18 -31.32 48.20
CA TRP D 944 47.83 -31.77 47.87
C TRP D 944 47.81 -33.24 47.43
N PHE D 945 48.71 -33.60 46.53
CA PHE D 945 48.81 -34.98 46.05
C PHE D 945 49.06 -35.94 47.20
N THR D 946 49.89 -35.52 48.15
CA THR D 946 50.22 -36.36 49.31
C THR D 946 49.01 -36.56 50.21
N GLU D 947 48.30 -35.46 50.50
CA GLU D 947 47.13 -35.53 51.39
C GLU D 947 45.97 -36.34 50.81
N ASN D 948 45.90 -36.43 49.49
CA ASN D 948 44.80 -37.14 48.84
C ASN D 948 45.22 -38.50 48.26
N SER D 949 46.37 -39.00 48.67
CA SER D 949 46.86 -40.30 48.21
C SER D 949 46.86 -41.32 49.35
N LYS D 950 46.10 -41.03 50.40
CA LYS D 950 46.05 -41.93 51.56
C LYS D 950 44.89 -42.91 51.43
C1 NAG E . -38.30 34.99 41.73
C2 NAG E . -39.77 34.63 41.87
C3 NAG E . -40.47 34.55 40.52
C4 NAG E . -40.16 35.77 39.66
C5 NAG E . -38.66 36.03 39.64
C6 NAG E . -38.34 37.31 38.86
C7 NAG E . -40.70 33.27 43.65
C8 NAG E . -40.53 32.05 44.49
N2 NAG E . -39.93 33.37 42.57
O3 NAG E . -41.86 34.43 40.73
O4 NAG E . -40.63 35.54 38.34
O5 NAG E . -38.17 36.16 40.95
O6 NAG E . -39.00 38.40 39.47
O7 NAG E . -41.53 34.12 43.95
C1 NAG E . -41.81 36.31 38.08
C2 NAG E . -41.78 36.77 36.61
C3 NAG E . -43.06 37.50 36.19
C4 NAG E . -44.33 36.82 36.72
C5 NAG E . -44.15 36.42 38.18
C6 NAG E . -45.39 35.68 38.69
C7 NAG E . -39.63 37.25 35.60
C8 NAG E . -38.80 38.35 35.00
N2 NAG E . -40.63 37.63 36.39
O3 NAG E . -43.08 37.53 34.78
O4 NAG E . -45.45 37.70 36.68
O5 NAG E . -43.01 35.60 38.33
O6 NAG E . -45.52 35.89 40.08
O7 NAG E . -39.39 36.07 35.35
C1 BMA E . -46.32 37.64 35.54
C2 BMA E . -46.03 36.57 34.49
C3 BMA E . -46.83 36.91 33.25
C4 BMA E . -48.31 37.01 33.59
C5 BMA E . -48.59 37.82 34.87
C6 BMA E . -50.01 37.50 35.33
O2 BMA E . -46.43 35.30 34.95
O3 BMA E . -46.63 35.92 32.27
O4 BMA E . -49.00 37.62 32.52
O5 BMA E . -47.69 37.49 35.90
O6 BMA E . -50.22 37.96 36.65
C1 BMA E . -50.16 39.40 36.70
C2 BMA E . -51.34 40.01 35.95
C3 BMA E . -51.25 41.53 35.97
C4 BMA E . -50.99 42.04 37.39
C5 BMA E . -49.85 41.27 38.04
C6 BMA E . -49.61 41.70 39.48
O2 BMA E . -52.55 39.61 36.57
O3 BMA E . -52.44 42.09 35.47
O4 BMA E . -50.68 43.40 37.35
O5 BMA E . -50.13 39.89 38.02
O6 BMA E . -48.36 41.24 39.93
C1 NAG F . -22.08 16.45 55.29
C2 NAG F . -21.17 17.59 55.76
C3 NAG F . -19.80 17.10 56.23
C4 NAG F . -19.95 15.92 57.18
C5 NAG F . -20.80 14.85 56.51
C6 NAG F . -20.99 13.61 57.39
C7 NAG F . -21.40 19.80 54.80
C8 NAG F . -21.00 20.72 53.69
N2 NAG F . -20.99 18.54 54.68
O3 NAG F . -19.12 18.16 56.86
O4 NAG F . -18.67 15.40 57.49
O5 NAG F . -22.08 15.40 56.24
O6 NAG F . -21.64 13.99 58.59
O7 NAG F . -22.06 20.20 55.74
C1 NAG F . -18.39 15.49 58.90
C2 NAG F . -17.22 14.55 59.22
C3 NAG F . -16.74 14.66 60.66
C4 NAG F . -16.67 16.10 61.16
C5 NAG F . -17.93 16.86 60.75
C6 NAG F . -17.88 18.31 61.20
C7 NAG F . -17.09 12.52 57.91
C8 NAG F . -17.19 11.02 57.95
N2 NAG F . -17.60 13.18 58.95
O3 NAG F . -15.46 14.07 60.75
O4 NAG F . -16.57 16.11 62.57
O5 NAG F . -18.10 16.79 59.35
O6 NAG F . -16.76 18.94 60.60
O7 NAG F . -16.55 13.08 56.96
C1 BMA F . -15.20 16.23 62.99
C2 BMA F . -15.17 16.75 64.42
C3 BMA F . -13.72 16.98 64.84
C4 BMA F . -12.95 15.67 64.68
C5 BMA F . -13.09 15.18 63.23
C6 BMA F . -12.29 13.90 63.02
O2 BMA F . -15.79 15.79 65.25
O3 BMA F . -13.54 17.48 66.16
O4 BMA F . -11.59 15.84 64.98
O5 BMA F . -14.46 15.02 62.92
O6 BMA F . -12.08 13.69 61.64
C1 BMA F . -14.64 18.29 66.64
C2 BMA F . -14.71 18.14 68.16
C3 BMA F . -15.84 18.99 68.73
C4 BMA F . -15.77 20.41 68.18
C5 BMA F . -15.66 20.40 66.66
C6 BMA F . -15.55 21.82 66.12
O2 BMA F . -13.48 18.53 68.74
O3 BMA F . -15.74 19.03 70.14
O4 BMA F . -16.94 21.12 68.57
O5 BMA F . -14.52 19.65 66.29
O6 BMA F . -16.51 22.64 66.75
C1 BMA F . -11.97 12.30 61.24
C2 BMA F . -12.18 11.27 62.34
C3 BMA F . -11.71 9.92 61.81
C4 BMA F . -12.51 9.59 60.54
C5 BMA F . -12.45 10.74 59.54
C6 BMA F . -13.36 10.48 58.35
O2 BMA F . -13.55 11.15 62.68
O3 BMA F . -11.92 8.92 62.78
O4 BMA F . -11.99 8.42 59.96
O5 BMA F . -12.83 11.96 60.16
O6 BMA F . -13.19 11.50 57.39
C1 NAG G . -43.69 14.27 62.65
C2 NAG G . -43.88 12.79 62.31
C3 NAG G . -44.87 12.10 63.24
C4 NAG G . -44.61 12.45 64.70
C5 NAG G . -44.37 13.94 64.89
C6 NAG G . -43.96 14.20 66.34
C7 NAG G . -43.90 11.61 60.19
C8 NAG G . -43.18 11.93 58.92
N2 NAG G . -44.31 12.63 60.93
O3 NAG G . -44.78 10.72 63.04
O4 NAG G . -45.71 12.06 65.50
O5 NAG G . -43.35 14.39 64.02
O6 NAG G . -42.70 13.62 66.59
O7 NAG G . -44.09 10.44 60.51
C1 NAG G . -45.47 10.79 66.13
C2 NAG G . -46.27 10.73 67.43
C3 NAG G . -46.39 9.32 68.01
C4 NAG G . -46.64 8.28 66.93
C5 NAG G . -45.60 8.45 65.83
C6 NAG G . -45.75 7.37 64.76
C7 NAG G . -46.27 12.66 68.94
C8 NAG G . -47.76 12.59 69.04
N2 NAG G . -45.64 11.60 68.42
O3 NAG G . -47.46 9.30 68.94
O4 NAG G . -46.58 7.00 67.48
O5 NAG G . -45.76 9.72 65.25
O6 NAG G . -46.96 7.55 64.07
O7 NAG G . -45.67 13.67 69.31
C1 NAG H . -45.26 -11.58 44.99
C2 NAG H . -46.38 -12.23 44.19
C3 NAG H . -47.24 -13.16 45.06
C4 NAG H . -46.41 -14.02 46.02
C5 NAG H . -45.25 -13.23 46.64
C6 NAG H . -44.33 -14.16 47.42
C7 NAG H . -47.26 -10.93 42.32
C8 NAG H . -48.42 -10.13 41.83
N2 NAG H . -47.23 -11.20 43.62
O3 NAG H . -48.00 -13.99 44.22
O4 NAG H . -47.26 -14.48 47.04
O5 NAG H . -44.51 -12.58 45.64
O6 NAG H . -43.98 -15.25 46.60
O7 NAG H . -46.40 -11.32 41.53
C1 NAG H . -47.39 -15.91 46.99
C2 NAG H . -48.16 -16.37 48.22
C3 NAG H . -48.46 -17.87 48.23
C4 NAG H . -48.78 -18.44 46.84
C5 NAG H . -47.95 -17.79 45.74
C6 NAG H . -48.40 -18.25 44.36
C7 NAG H . -47.79 -15.02 50.22
C8 NAG H . -46.70 -14.27 50.92
N2 NAG H . -47.40 -16.00 49.41
O3 NAG H . -49.54 -18.07 49.13
O4 NAG H . -48.50 -19.83 46.82
O5 NAG H . -48.04 -16.38 45.82
O6 NAG H . -49.75 -17.93 44.16
O7 NAG H . -48.97 -14.72 50.39
C1 BMA H . -49.53 -20.61 47.46
C2 BMA H . -50.23 -21.48 46.43
C3 BMA H . -51.24 -22.42 47.07
C4 BMA H . -50.66 -23.10 48.30
C5 BMA H . -50.04 -22.07 49.23
C6 BMA H . -49.47 -22.71 50.49
O2 BMA H . -49.28 -22.23 45.72
O3 BMA H . -51.65 -23.39 46.13
O4 BMA H . -51.66 -23.83 48.98
O5 BMA H . -49.02 -21.39 48.52
O6 BMA H . -49.19 -21.70 51.43
C1 NAG I . -30.96 -17.65 18.81
C2 NAG I . -30.04 -18.56 19.65
C3 NAG I . -30.79 -19.61 20.45
C4 NAG I . -32.10 -19.08 21.06
C5 NAG I . -32.87 -18.25 20.05
C6 NAG I . -34.14 -17.69 20.67
C7 NAG I . -27.82 -18.88 18.70
C8 NAG I . -26.82 -20.00 18.77
N2 NAG I . -29.11 -19.23 18.76
O3 NAG I . -29.96 -20.07 21.49
O4 NAG I . -32.91 -20.17 21.44
O5 NAG I . -32.05 -17.20 19.59
O6 NAG I . -34.92 -17.07 19.67
O7 NAG I . -27.46 -17.72 18.61
C1 NAG I . -32.90 -20.37 22.86
C2 NAG I . -33.94 -21.44 23.20
C3 NAG I . -33.94 -21.82 24.68
C4 NAG I . -32.52 -22.07 25.17
C5 NAG I . -31.62 -20.90 24.78
C6 NAG I . -30.19 -21.14 25.25
C7 NAG I . -35.98 -21.65 21.91
C8 NAG I . -37.47 -21.52 22.01
N2 NAG I . -35.26 -20.98 22.81
O3 NAG I . -34.72 -22.97 24.89
O4 NAG I . -32.52 -22.25 26.58
O5 NAG I . -31.64 -20.73 23.38
O6 NAG I . -30.16 -21.17 26.66
O7 NAG I . -35.46 -22.34 21.02
C1 NAG J . -43.76 -14.39 -5.75
C2 NAG J . -44.25 -15.81 -6.02
C3 NAG J . -44.35 -16.08 -7.52
C4 NAG J . -45.03 -14.91 -8.24
C5 NAG J . -44.34 -13.59 -7.89
C6 NAG J . -45.33 -12.57 -7.34
C7 NAG J . -43.75 -17.56 -4.42
C8 NAG J . -45.08 -18.25 -4.61
N2 NAG J . -43.36 -16.76 -5.41
O3 NAG J . -45.06 -17.27 -7.73
O4 NAG J . -45.01 -15.10 -9.64
O5 NAG J . -43.30 -13.84 -6.97
O6 NAG J . -46.25 -12.20 -8.35
O7 NAG J . -43.11 -17.75 -3.40
C1 NAG J . -46.27 -15.61 -10.11
C2 NAG J . -46.65 -14.90 -11.41
C3 NAG J . -47.83 -15.55 -12.13
C4 NAG J . -47.67 -17.06 -12.19
C5 NAG J . -47.42 -17.59 -10.78
C6 NAG J . -47.27 -19.10 -10.75
C7 NAG J . -46.53 -12.56 -12.01
C8 NAG J . -45.06 -12.49 -12.28
N2 NAG J . -46.95 -13.50 -11.17
O3 NAG J . -47.93 -14.99 -13.43
O4 NAG J . -48.81 -17.66 -12.77
O5 NAG J . -46.25 -17.02 -10.24
O6 NAG J . -48.48 -19.71 -11.16
O7 NAG J . -47.31 -11.78 -12.57
C1 BMA J . -48.57 -17.89 -14.18
C2 BMA J . -48.87 -19.35 -14.54
C3 BMA J . -50.31 -19.49 -15.00
C4 BMA J . -50.52 -18.66 -16.26
C5 BMA J . -49.53 -17.49 -16.31
C6 BMA J . -50.02 -16.41 -17.25
O2 BMA J . -48.63 -20.19 -13.43
O3 BMA J . -51.18 -19.03 -13.97
O4 BMA J . -50.36 -19.47 -17.39
O5 BMA J . -49.33 -17.01 -14.99
O6 BMA J . -49.30 -15.20 -17.07
C1 BMA J . -50.21 -14.19 -16.62
C2 BMA J . -49.51 -13.18 -15.72
C3 BMA J . -50.47 -12.08 -15.28
C4 BMA J . -51.27 -11.53 -16.46
C5 BMA J . -51.86 -12.66 -17.29
C6 BMA J . -52.61 -12.14 -18.51
O2 BMA J . -48.41 -12.61 -16.39
O3 BMA J . -49.75 -11.04 -14.69
O4 BMA J . -52.32 -10.71 -15.99
O5 BMA J . -50.82 -13.52 -17.71
O6 BMA J . -53.23 -13.20 -19.18
C1 NAG K . 3.78 12.27 -18.80
C2 NAG K . 4.11 13.32 -19.85
C3 NAG K . 3.07 14.43 -19.90
C4 NAG K . 1.63 13.93 -19.77
C5 NAG K . 1.49 12.80 -18.74
C6 NAG K . 0.13 12.13 -18.77
C7 NAG K . 6.40 13.91 -20.45
C8 NAG K . 7.72 14.40 -19.97
N2 NAG K . 5.40 13.90 -19.57
O3 NAG K . 3.21 15.13 -21.13
O4 NAG K . 0.85 15.04 -19.38
O5 NAG K . 2.46 11.81 -19.00
O6 NAG K . -0.05 11.50 -20.02
O7 NAG K . 6.26 13.53 -21.61
C1 NAG K . -0.28 15.21 -20.26
C2 NAG K . -1.40 15.89 -19.49
C3 NAG K . -2.62 16.14 -20.36
C4 NAG K . -2.25 16.70 -21.74
C5 NAG K . -1.06 15.94 -22.34
C6 NAG K . -0.59 16.57 -23.65
C7 NAG K . -1.81 15.62 -17.12
C8 NAG K . -2.82 15.06 -16.17
N2 NAG K . -1.79 15.11 -18.34
O3 NAG K . -3.46 17.03 -19.67
O4 NAG K . -3.36 16.62 -22.59
O5 NAG K . 0.01 15.92 -21.44
O6 NAG K . 0.76 16.22 -23.86
O7 NAG K . -1.05 16.53 -16.76
C1 BMA K . -3.88 17.91 -23.00
C2 BMA K . -4.67 18.69 -21.95
C3 BMA K . -5.29 19.92 -22.57
C4 BMA K . -4.22 20.71 -23.32
C5 BMA K . -3.43 19.81 -24.26
C6 BMA K . -2.35 20.60 -24.98
O2 BMA K . -3.84 19.12 -20.88
O3 BMA K . -5.84 20.74 -21.56
O4 BMA K . -4.82 21.76 -24.05
O5 BMA K . -2.87 18.75 -23.53
O6 BMA K . -2.92 21.72 -25.60
C1 BMA K . -3.29 21.51 -26.98
C2 BMA K . -2.10 21.33 -27.91
C3 BMA K . -2.58 21.56 -29.33
C4 BMA K . -3.68 20.55 -29.60
C5 BMA K . -4.74 20.55 -28.51
C6 BMA K . -5.77 19.44 -28.76
O2 BMA K . -1.49 20.05 -27.81
O3 BMA K . -1.50 21.34 -30.21
O4 BMA K . -4.28 20.84 -30.83
O5 BMA K . -4.11 20.40 -27.25
O6 BMA K . -6.69 19.83 -29.78
C1 NAG L . 25.13 4.45 -2.48
C2 NAG L . 24.65 3.01 -2.70
C3 NAG L . 25.33 2.00 -1.78
C4 NAG L . 26.82 2.27 -1.58
C5 NAG L . 27.03 3.75 -1.29
C6 NAG L . 28.49 4.11 -1.06
C7 NAG L . 22.41 2.44 -3.45
C8 NAG L . 20.96 2.36 -3.12
N2 NAG L . 23.21 2.92 -2.50
O3 NAG L . 25.14 0.70 -2.30
O4 NAG L . 27.28 1.48 -0.51
O5 NAG L . 26.53 4.50 -2.38
O6 NAG L . 29.24 3.83 -2.21
O7 NAG L . 22.83 2.05 -4.54
C1 NAG L . 28.39 0.62 -0.87
C2 NAG L . 29.14 0.35 0.44
C3 NAG L . 30.12 -0.81 0.35
C4 NAG L . 29.41 -2.00 -0.25
C5 NAG L . 28.97 -1.59 -1.66
C6 NAG L . 28.37 -2.76 -2.44
C7 NAG L . 29.49 2.14 2.03
C8 NAG L . 30.56 2.96 2.70
N2 NAG L . 29.83 1.53 0.89
O3 NAG L . 30.57 -1.14 1.64
O4 NAG L . 30.15 -3.22 -0.18
O5 NAG L . 28.00 -0.56 -1.56
O6 NAG L . 27.10 -3.06 -1.92
O7 NAG L . 28.37 2.04 2.51
C1 BMA L . 31.48 -3.25 -0.73
C2 BMA L . 32.64 -3.28 0.27
C3 BMA L . 32.46 -4.40 1.31
C4 BMA L . 31.78 -5.60 0.67
C5 BMA L . 31.99 -5.62 -0.85
C6 BMA L . 31.24 -6.78 -1.47
O2 BMA L . 32.84 -2.03 0.91
O3 BMA L . 31.73 -3.94 2.44
O4 BMA L . 32.29 -6.79 1.23
O5 BMA L . 31.61 -4.42 -1.52
O6 BMA L . 32.07 -7.35 -2.45
C1 BMA L . 32.44 -4.17 3.69
C2 BMA L . 33.52 -3.14 4.05
C3 BMA L . 32.95 -1.75 4.28
C4 BMA L . 31.46 -1.82 4.65
C5 BMA L . 31.17 -3.08 5.46
C6 BMA L . 29.69 -3.13 5.82
O2 BMA L . 34.56 -3.09 3.09
O3 BMA L . 33.12 -0.94 3.13
O4 BMA L . 31.09 -0.67 5.37
O5 BMA L . 31.52 -4.28 4.77
O6 BMA L . 29.21 -1.85 6.15
C1 BMA L . 31.57 -8.65 -2.79
C2 BMA L . 31.03 -8.66 -4.22
C3 BMA L . 32.13 -8.23 -5.18
C4 BMA L . 33.50 -8.76 -4.74
C5 BMA L . 33.37 -9.93 -3.78
C6 BMA L . 34.75 -10.37 -3.29
O2 BMA L . 29.94 -7.78 -4.32
O3 BMA L . 32.17 -6.82 -5.27
O4 BMA L . 34.23 -9.14 -5.88
O5 BMA L . 32.58 -9.64 -2.63
O6 BMA L . 35.17 -9.52 -2.23
C1 NAG M . 33.13 16.42 -20.58
C2 NAG M . 34.06 17.33 -19.77
C3 NAG M . 35.35 17.72 -20.49
C4 NAG M . 35.89 16.64 -21.43
C5 NAG M . 34.76 15.97 -22.19
C6 NAG M . 35.29 14.87 -23.11
C7 NAG M . 33.69 19.27 -18.36
C8 NAG M . 33.35 20.72 -18.42
N2 NAG M . 33.34 18.54 -19.40
O3 NAG M . 36.33 18.05 -19.53
O4 NAG M . 36.79 17.22 -22.35
O5 NAG M . 33.86 15.42 -21.25
O6 NAG M . 34.21 14.33 -23.84
O7 NAG M . 34.26 18.81 -17.37
C1 NAG M . 38.14 16.99 -21.93
C2 NAG M . 39.04 16.84 -23.15
C3 NAG M . 40.53 16.79 -22.80
C4 NAG M . 40.90 17.80 -21.72
C5 NAG M . 39.91 17.75 -20.56
C6 NAG M . 40.26 18.77 -19.49
C7 NAG M . 38.31 15.68 -25.15
C8 NAG M . 39.32 15.18 -26.16
N2 NAG M . 38.67 15.64 -23.88
O3 NAG M . 41.29 17.05 -23.95
O4 NAG M . 42.19 17.52 -21.23
O5 NAG M . 38.61 18.01 -21.06
O6 NAG M . 40.35 20.05 -20.08
O7 NAG M . 37.22 16.10 -25.53
C1 NAG N . 36.72 40.32 0.15
C2 NAG N . 36.62 41.80 -0.17
C3 NAG N . 37.90 42.38 -0.79
C4 NAG N . 39.18 41.77 -0.21
C5 NAG N . 39.04 40.27 -0.05
C6 NAG N . 40.28 39.63 0.56
C7 NAG N . 34.40 42.66 -0.70
C8 NAG N . 33.69 43.45 -1.76
N2 NAG N . 35.51 42.04 -1.07
O3 NAG N . 37.90 43.78 -0.63
O4 NAG N . 40.27 42.04 -1.08
O5 NAG N . 37.93 40.01 0.80
O6 NAG N . 40.10 38.24 0.64
O7 NAG N . 33.94 42.60 0.44
C1 NAG N . 41.02 43.19 -0.63
C2 NAG N . 42.51 42.87 -0.76
C3 NAG N . 43.18 43.77 -1.79
C4 NAG N . 42.93 45.25 -1.49
C5 NAG N . 41.48 45.47 -1.04
C6 NAG N . 40.90 46.72 -1.70
C7 NAG N . 43.99 42.01 0.95
C8 NAG N . 45.40 42.39 1.30
N2 NAG N . 43.19 42.98 0.53
O3 NAG N . 42.71 43.45 -3.08
O4 NAG N . 43.81 45.69 -0.49
O5 NAG N . 40.68 44.35 -1.36
O6 NAG N . 39.53 46.81 -1.42
O7 NAG N . 43.62 40.84 1.03
C1 NAG O . 26.44 20.62 35.51
C2 NAG O . 26.47 19.69 36.72
C3 NAG O . 27.88 19.62 37.30
C4 NAG O . 28.88 19.24 36.21
C5 NAG O . 28.68 20.08 34.94
C6 NAG O . 29.53 19.51 33.80
C7 NAG O . 25.36 21.23 38.30
C8 NAG O . 24.06 21.49 39.01
N2 NAG O . 25.48 20.04 37.72
O3 NAG O . 27.92 18.67 38.34
O4 NAG O . 30.21 19.40 36.68
O5 NAG O . 27.33 20.11 34.54
O6 NAG O . 29.24 20.22 32.61
O7 NAG O . 26.24 22.10 38.29
C1 NAG O . 30.79 18.10 36.92
C2 NAG O . 32.31 18.15 36.68
C3 NAG O . 33.00 16.83 37.03
C4 NAG O . 32.47 16.20 38.31
C5 NAG O . 30.94 16.27 38.36
C6 NAG O . 30.39 15.68 39.66
C7 NAG O . 32.85 19.76 34.95
C8 NAG O . 33.35 19.97 33.55
N2 NAG O . 32.56 18.50 35.30
O3 NAG O . 34.38 17.07 37.15
O4 NAG O . 32.86 14.85 38.43
O5 NAG O . 30.52 17.60 38.22
O6 NAG O . 30.86 16.44 40.76
O7 NAG O . 32.73 20.71 35.72
C1 BMA O . 34.01 14.58 39.29
C2 BMA O . 34.40 15.75 40.21
C3 BMA O . 35.73 15.39 40.88
C4 BMA O . 35.58 14.06 41.62
C5 BMA O . 34.97 12.98 40.74
C6 BMA O . 34.65 11.76 41.59
O2 BMA O . 33.44 15.94 41.21
O3 BMA O . 36.09 16.41 41.78
O4 BMA O . 36.84 13.64 42.09
O5 BMA O . 33.80 13.44 40.09
O6 BMA O . 34.17 10.70 40.78
C1 NAG P . 19.64 47.12 24.89
C2 NAG P . 20.71 46.47 25.77
C3 NAG P . 22.07 47.15 25.63
C4 NAG P . 22.42 47.48 24.18
C5 NAG P . 21.23 48.07 23.44
C6 NAG P . 21.55 48.25 21.96
C7 NAG P . 20.06 45.41 27.84
C8 NAG P . 20.09 45.53 29.33
N2 NAG P . 20.30 46.52 27.17
O3 NAG P . 23.06 46.31 26.18
O4 NAG P . 23.48 48.40 24.15
O5 NAG P . 20.10 47.23 23.57
O6 NAG P . 20.53 48.98 21.34
O7 NAG P . 19.84 44.34 27.30
C1 NAG P . 24.71 47.73 23.81
C2 NAG P . 25.52 48.61 22.88
C3 NAG P . 26.60 47.74 22.27
C4 NAG P . 27.46 47.14 23.38
C5 NAG P . 26.68 46.67 24.61
C6 NAG P . 27.60 46.71 25.83
C7 NAG P . 24.52 50.53 21.81
C8 NAG P . 24.31 51.14 20.46
N2 NAG P . 24.70 49.22 21.84
O3 NAG P . 27.41 48.52 21.41
O4 NAG P . 28.19 46.06 22.85
O5 NAG P . 25.53 47.43 24.92
O6 NAG P . 28.10 48.03 25.97
O7 NAG P . 24.51 51.24 22.82
C1 NAG Q . -0.26 65.79 24.02
C2 NAG Q . 0.64 67.00 24.25
C3 NAG Q . -0.02 68.04 25.16
C4 NAG Q . -1.53 68.17 24.93
C5 NAG Q . -2.22 66.83 24.78
C6 NAG Q . -2.84 66.62 23.40
C7 NAG Q . 3.06 67.05 24.48
C8 NAG Q . 4.27 66.19 24.76
N2 NAG Q . 1.89 66.55 24.86
O3 NAG Q . 0.59 69.29 24.93
O4 NAG Q . -2.04 68.86 26.05
O5 NAG Q . -1.27 65.80 25.01
O6 NAG Q . -3.27 67.85 22.86
O7 NAG Q . 3.19 68.14 23.93
C1 NAG Q . -3.38 69.34 25.81
C2 NAG Q . -3.84 70.10 27.05
C3 NAG Q . -4.62 71.36 26.66
C4 NAG Q . -5.56 71.08 25.49
C5 NAG Q . -4.80 70.48 24.32
C6 NAG Q . -4.81 71.44 23.13
C7 NAG Q . -4.14 68.85 29.10
C8 NAG Q . -4.34 67.41 29.48
N2 NAG Q . -4.62 69.23 27.92
O3 NAG Q . -3.72 72.38 26.31
O4 NAG Q . -6.59 70.20 25.90
O5 NAG Q . -3.46 70.18 24.68
O6 NAG Q . -3.62 71.32 22.40
O7 NAG Q . -3.54 69.62 29.86
C1 NAG R . 10.24 -0.75 -60.90
C2 NAG R . 9.60 0.59 -61.26
C3 NAG R . 9.00 0.61 -62.66
C4 NAG R . 9.22 -0.65 -63.52
C5 NAG R . 10.25 -1.66 -63.02
C6 NAG R . 11.17 -2.10 -64.15
C7 NAG R . 8.76 1.97 -59.45
C8 NAG R . 7.84 2.06 -58.28
N2 NAG R . 8.60 0.93 -60.27
O3 NAG R . 9.49 1.73 -63.37
O4 NAG R . 7.97 -1.30 -63.69
O5 NAG R . 11.05 -1.14 -61.98
O6 NAG R . 12.23 -2.85 -63.63
O7 NAG R . 9.61 2.84 -59.64
C1 NAG R . 7.12 -0.44 -64.48
C2 NAG R . 6.64 -1.17 -65.73
C3 NAG R . 5.17 -0.83 -66.05
C4 NAG R . 4.82 0.63 -65.79
C5 NAG R . 5.46 1.14 -64.49
C6 NAG R . 4.47 1.91 -63.62
C7 NAG R . 8.44 -1.76 -67.23
C8 NAG R . 9.55 -1.24 -68.09
N2 NAG R . 7.50 -0.89 -66.86
O3 NAG R . 4.32 -1.66 -65.29
O4 NAG R . 5.23 1.45 -66.86
O5 NAG R . 6.02 0.07 -63.78
O6 NAG R . 4.72 3.29 -63.73
O7 NAG R . 8.42 -2.95 -66.89
C1 BMA R . 4.48 1.21 -68.07
C2 BMA R . 2.97 1.29 -67.83
C3 BMA R . 2.17 1.19 -69.14
C4 BMA R . 2.76 2.13 -70.19
C5 BMA R . 4.25 1.84 -70.33
C6 BMA R . 4.88 2.67 -71.45
O2 BMA R . 2.64 2.50 -67.18
O3 BMA R . 0.83 1.54 -68.90
O4 BMA R . 2.12 1.93 -71.43
O5 BMA R . 4.87 2.11 -69.10
O6 BMA R . 5.87 3.54 -70.95
C1 BMA R . 5.65 4.89 -71.43
C2 BMA R . 4.24 5.39 -71.13
C3 BMA R . 4.05 6.80 -71.69
C4 BMA R . 5.21 7.71 -71.29
C5 BMA R . 6.55 7.04 -71.58
C6 BMA R . 7.73 7.91 -71.16
O2 BMA R . 4.02 5.39 -69.74
O3 BMA R . 2.84 7.34 -71.20
O4 BMA R . 5.11 8.93 -71.99
O5 BMA R . 6.60 5.80 -70.92
O6 BMA R . 7.57 9.22 -71.63
C1 NAG S . 17.24 -4.98 -33.66
C2 NAG S . 18.59 -5.45 -34.16
C3 NAG S . 19.37 -6.20 -33.09
C4 NAG S . 19.33 -5.46 -31.75
C5 NAG S . 17.91 -5.04 -31.40
C6 NAG S . 17.85 -4.23 -30.10
C7 NAG S . 19.08 -6.03 -36.46
C8 NAG S . 19.11 -7.14 -37.48
N2 NAG S . 18.43 -6.30 -35.32
O3 NAG S . 20.71 -6.39 -33.49
O4 NAG S . 19.85 -6.32 -30.75
O5 NAG S . 17.37 -4.26 -32.46
O6 NAG S . 18.67 -3.09 -30.21
O7 NAG S . 19.62 -4.96 -36.68
C1 NAG S . 21.04 -5.75 -30.17
C2 NAG S . 21.31 -6.50 -28.87
C3 NAG S . 22.60 -6.05 -28.18
C4 NAG S . 23.75 -5.91 -29.20
C5 NAG S . 23.27 -5.11 -30.40
C6 NAG S . 24.38 -4.93 -31.43
C7 NAG S . 19.30 -7.28 -27.77
C8 NAG S . 18.12 -6.95 -26.91
N2 NAG S . 20.20 -6.31 -27.96
O3 NAG S . 22.89 -6.99 -27.17
O4 NAG S . 24.87 -5.28 -28.63
O5 NAG S . 22.17 -5.78 -31.00
O6 NAG S . 24.85 -6.20 -31.81
O7 NAG S . 19.42 -8.41 -28.27
C1 BMA S . 25.68 -6.26 -27.94
C2 BMA S . 27.11 -6.26 -28.47
C3 BMA S . 28.13 -6.30 -27.33
C4 BMA S . 27.73 -7.25 -26.21
C5 BMA S . 26.24 -7.17 -25.89
C6 BMA S . 25.99 -7.02 -24.40
O2 BMA S . 27.32 -5.11 -29.26
O3 BMA S . 28.37 -5.02 -26.80
O4 BMA S . 28.05 -8.57 -26.56
O5 BMA S . 25.70 -6.05 -26.55
O6 BMA S . 25.51 -8.22 -23.84
C1 BMA S . 29.80 -4.78 -26.81
C2 BMA S . 30.32 -4.48 -28.21
C3 BMA S . 31.84 -4.37 -28.19
C4 BMA S . 32.29 -3.41 -27.08
C5 BMA S . 31.60 -3.74 -25.76
C6 BMA S . 31.97 -2.72 -24.68
O2 BMA S . 29.77 -3.27 -28.67
O3 BMA S . 32.29 -3.89 -29.44
O4 BMA S . 33.68 -3.51 -26.93
O5 BMA S . 30.20 -3.74 -25.95
O6 BMA S . 31.27 -1.52 -24.92
C1 BMA S . 25.42 -8.06 -22.41
C2 BMA S . 26.67 -8.59 -21.70
C3 BMA S . 26.69 -8.24 -20.22
C4 BMA S . 26.32 -6.78 -20.01
C5 BMA S . 25.00 -6.47 -20.70
C6 BMA S . 24.56 -5.04 -20.47
O2 BMA S . 27.86 -8.12 -22.30
O3 BMA S . 27.97 -8.49 -19.69
O4 BMA S . 26.22 -6.49 -18.63
O5 BMA S . 25.18 -6.71 -22.08
O6 BMA S . 23.26 -4.84 -20.97
C1 NAG T . 10.83 16.61 -36.47
C2 NAG T . 9.67 16.59 -35.50
C3 NAG T . 9.44 17.97 -34.90
C4 NAG T . 10.74 18.63 -34.44
C5 NAG T . 11.89 18.41 -35.41
C6 NAG T . 13.22 18.84 -34.81
C7 NAG T . 7.83 15.04 -35.74
C8 NAG T . 6.46 14.78 -36.32
N2 NAG T . 8.46 16.13 -36.15
O3 NAG T . 8.54 17.85 -33.82
O4 NAG T . 10.55 20.02 -34.33
O5 NAG T . 11.98 17.06 -35.80
O6 NAG T . 13.47 18.09 -33.64
O7 NAG T . 8.31 14.26 -34.93
C1 NAG T . 10.09 20.40 -33.01
C2 NAG T . 10.86 21.66 -32.59
C3 NAG T . 10.30 22.28 -31.32
C4 NAG T . 8.79 22.38 -31.38
C5 NAG T . 8.17 21.05 -31.77
C6 NAG T . 6.65 21.19 -31.91
C7 NAG T . 13.19 21.90 -33.21
C8 NAG T . 14.63 21.63 -32.86
N2 NAG T . 12.28 21.35 -32.42
O3 NAG T . 10.86 23.57 -31.15
O4 NAG T . 8.30 22.77 -30.12
O5 NAG T . 8.71 20.61 -33.00
O6 NAG T . 6.12 20.00 -32.45
O7 NAG T . 12.92 22.58 -34.20
C1 BMA T . 7.72 24.08 -30.17
C2 BMA T . 7.13 24.38 -28.80
C3 BMA T . 6.38 25.70 -28.82
C4 BMA T . 7.26 26.80 -29.42
C5 BMA T . 7.93 26.35 -30.72
C6 BMA T . 8.91 27.40 -31.21
O2 BMA T . 8.16 24.43 -27.84
O3 BMA T . 6.04 26.07 -27.50
O4 BMA T . 6.49 27.95 -29.67
O5 BMA T . 8.62 25.12 -30.52
O6 BMA T . 9.28 27.12 -32.54
C1 BMA T . 4.67 25.79 -27.10
C2 BMA T . 3.82 24.95 -28.04
C3 BMA T . 2.38 25.14 -27.62
C4 BMA T . 2.23 24.77 -26.14
C5 BMA T . 3.27 25.47 -25.27
C6 BMA T . 3.22 24.94 -23.85
O2 BMA T . 4.16 23.59 -27.92
O3 BMA T . 1.56 24.29 -28.39
O4 BMA T . 0.92 25.07 -25.69
O5 BMA T . 4.56 25.25 -25.80
O6 BMA T . 3.95 25.80 -23.00
C1 NAG U . -15.97 8.97 -21.78
C2 NAG U . -17.39 9.45 -22.08
C3 NAG U . -17.76 10.71 -21.30
C4 NAG U . -17.35 10.59 -19.82
C5 NAG U . -15.93 10.05 -19.69
C6 NAG U . -15.56 9.84 -18.22
C7 NAG U . -18.45 9.05 -24.24
C8 NAG U . -18.82 9.67 -25.55
N2 NAG U . -17.55 9.71 -23.50
O3 NAG U . -19.14 10.94 -21.39
O4 NAG U . -17.41 11.88 -19.24
O5 NAG U . -15.80 8.83 -20.39
O6 NAG U . -14.20 9.50 -18.13
O7 NAG U . -18.96 7.98 -23.89
C1 NAG U . -18.51 11.96 -18.31
C2 NAG U . -18.23 13.12 -17.36
C3 NAG U . -19.40 13.45 -16.42
C4 NAG U . -20.79 13.21 -17.02
C5 NAG U . -20.81 12.02 -17.98
C6 NAG U . -22.15 11.93 -18.71
C7 NAG U . -15.84 13.23 -16.97
C8 NAG U . -14.66 12.79 -16.14
N2 NAG U . -17.03 12.82 -16.58
O3 NAG U . -19.26 14.81 -16.04
O4 NAG U . -21.73 12.93 -15.99
O5 NAG U . -19.76 12.12 -18.92
O6 NAG U . -22.19 10.73 -19.45
O7 NAG U . -15.66 13.94 -17.95
C1 BMA U . -22.26 14.14 -15.39
C2 BMA U . -23.78 14.09 -15.48
C3 BMA U . -24.43 15.27 -14.75
C4 BMA U . -23.80 15.46 -13.38
C5 BMA U . -22.29 15.50 -13.49
C6 BMA U . -21.63 15.71 -12.13
O2 BMA U . -24.25 12.88 -14.94
O3 BMA U . -25.81 15.03 -14.61
O4 BMA U . -24.27 16.67 -12.83
O5 BMA U . -21.85 14.28 -14.06
O6 BMA U . -20.26 15.99 -12.30
C1 NAG V . -25.74 -34.21 -58.91
C2 NAG V . -26.22 -35.55 -59.46
C3 NAG V . -25.03 -36.43 -59.86
C4 NAG V . -23.96 -35.66 -60.64
C5 NAG V . -23.73 -34.26 -60.08
C6 NAG V . -22.85 -33.43 -61.00
C7 NAG V . -28.30 -36.63 -58.80
C8 NAG V . -28.78 -37.90 -58.17
N2 NAG V . -27.05 -36.25 -58.50
O3 NAG V . -25.51 -37.50 -60.64
O4 NAG V . -22.75 -36.39 -60.57
O5 NAG V . -24.98 -33.60 -59.92
O6 NAG V . -23.48 -33.30 -62.26
O7 NAG V . -29.03 -36.00 -59.56
C1 NAG V . -22.49 -37.02 -61.84
C2 NAG V . -20.99 -37.29 -61.96
C3 NAG V . -20.70 -38.76 -62.19
C4 NAG V . -21.52 -39.30 -63.36
C5 NAG V . -22.97 -38.83 -63.27
C6 NAG V . -23.93 -39.98 -63.49
C7 NAG V . -19.54 -35.49 -62.73
C8 NAG V . -18.23 -35.51 -63.46
N2 NAG V . -20.40 -36.47 -63.01
O3 NAG V . -21.02 -39.49 -61.02
O4 NAG V . -20.95 -38.86 -64.57
O5 NAG V . -23.22 -38.22 -62.02
O6 NAG V . -23.60 -41.05 -62.63
O7 NAG V . -19.77 -34.62 -61.89
C1 NAG W . -30.48 -18.15 -21.71
C2 NAG W . -29.83 -18.20 -20.32
C3 NAG W . -30.33 -17.08 -19.41
C4 NAG W . -30.39 -15.73 -20.11
C5 NAG W . -31.02 -15.87 -21.49
C6 NAG W . -30.96 -14.55 -22.26
C7 NAG W . -29.18 -20.37 -19.39
C8 NAG W . -27.87 -20.30 -20.13
N2 NAG W . -30.12 -19.49 -19.72
O3 NAG W . -29.46 -16.97 -18.30
O4 NAG W . -31.18 -14.85 -19.33
O5 NAG W . -30.34 -16.85 -22.25
O6 NAG W . -31.45 -14.76 -23.57
O7 NAG W . -29.35 -21.22 -18.52
C1 NAG W . -30.41 -13.74 -18.83
C2 NAG W . -31.36 -12.77 -18.15
C3 NAG W . -30.63 -11.61 -17.45
C4 NAG W . -29.38 -12.08 -16.70
C5 NAG W . -28.56 -13.01 -17.59
C6 NAG W . -27.29 -13.48 -16.88
C7 NAG W . -33.53 -12.67 -19.20
C8 NAG W . -34.32 -12.25 -20.40
N2 NAG W . -32.28 -12.24 -19.12
O3 NAG W . -31.52 -10.98 -16.56
O4 NAG W . -28.62 -10.96 -16.32
O5 NAG W . -29.35 -14.11 -17.97
O6 NAG W . -27.63 -14.04 -15.64
O7 NAG W . -34.04 -13.40 -18.35
C1 BMA W . -28.60 -10.78 -14.88
C2 BMA W . -27.85 -9.50 -14.57
C3 BMA W . -27.62 -9.40 -13.06
C4 BMA W . -28.95 -9.56 -12.32
C5 BMA W . -29.69 -10.80 -12.82
C6 BMA W . -31.03 -10.92 -12.06
O2 BMA W . -28.60 -8.38 -15.01
O3 BMA W . -27.01 -8.17 -12.69
O4 BMA W . -28.71 -9.66 -10.94
O5 BMA W . -29.85 -10.75 -14.22
O6 BMA W . -31.92 -11.87 -12.64
C1 BMA W . -33.20 -11.28 -12.94
C2 BMA W . -33.03 -9.91 -13.59
C3 BMA W . -34.33 -9.24 -14.02
C4 BMA W . -35.33 -10.25 -14.59
C5 BMA W . -35.32 -11.62 -13.90
C6 BMA W . -36.13 -12.60 -14.74
O2 BMA W . -32.22 -10.01 -14.74
O3 BMA W . -33.91 -8.38 -15.06
O4 BMA W . -36.63 -9.70 -14.50
O5 BMA W . -33.99 -12.09 -13.78
O6 BMA W . -36.33 -11.93 -15.96
C1 BMA W . -34.21 -6.98 -14.84
C2 BMA W . -33.97 -6.57 -13.38
C3 BMA W . -34.36 -5.11 -13.23
C4 BMA W . -33.65 -4.28 -14.30
C5 BMA W . -33.94 -4.83 -15.70
C6 BMA W . -33.21 -4.00 -16.76
O2 BMA W . -32.61 -6.72 -13.04
O3 BMA W . -33.99 -4.64 -11.94
O4 BMA W . -34.06 -2.93 -14.21
O5 BMA W . -33.56 -6.18 -15.80
O6 BMA W . -33.65 -4.38 -18.04
C1 BMA W . -25.78 -7.96 -13.43
C2 BMA W . -25.17 -6.64 -12.99
C3 BMA W . -23.93 -6.41 -13.84
C4 BMA W . -23.02 -7.63 -13.75
C5 BMA W . -23.76 -8.93 -14.10
C6 BMA W . -22.85 -10.14 -13.85
O2 BMA W . -24.83 -6.70 -11.63
O3 BMA W . -23.24 -5.27 -13.37
O4 BMA W . -21.94 -7.47 -14.64
O5 BMA W . -24.93 -9.09 -13.34
O6 BMA W . -23.57 -11.33 -14.04
C1 NAG X . -52.08 -22.93 -38.69
C2 NAG X . -53.18 -22.72 -37.64
C3 NAG X . -54.41 -23.54 -37.99
C4 NAG X . -54.80 -23.34 -39.45
C5 NAG X . -53.60 -23.56 -40.36
C6 NAG X . -53.27 -22.31 -41.19
C7 NAG X . -52.56 -22.18 -35.35
C8 NAG X . -53.79 -21.39 -34.98
N2 NAG X . -52.68 -23.08 -36.32
O3 NAG X . -55.46 -23.17 -37.12
O4 NAG X . -55.85 -24.21 -39.81
O5 NAG X . -52.49 -23.93 -39.57
O6 NAG X . -54.28 -22.06 -42.16
O7 NAG X . -51.49 -21.98 -34.76
C1 NAG X . -57.10 -23.47 -39.78
C2 NAG X . -57.99 -23.85 -40.95
C3 NAG X . -59.26 -23.00 -40.94
C4 NAG X . -59.92 -23.03 -39.56
C5 NAG X . -58.90 -22.74 -38.46
C6 NAG X . -59.53 -22.89 -37.08
C7 NAG X . -57.04 -24.74 -42.99
C8 NAG X . -56.75 -24.44 -44.44
N2 NAG X . -57.29 -23.69 -42.21
O3 NAG X . -60.17 -23.48 -41.90
O4 NAG X . -60.94 -22.07 -39.52
O5 NAG X . -57.81 -23.63 -38.56
O6 NAG X . -59.91 -24.24 -36.89
O7 NAG X . -57.04 -25.90 -42.58
C1 NAG Y . -51.68 5.76 -23.60
C2 NAG Y . -51.83 7.27 -23.47
C3 NAG Y . -52.68 7.63 -22.25
C4 NAG Y . -53.97 6.83 -22.23
C5 NAG Y . -53.70 5.33 -22.42
C6 NAG Y . -54.40 4.79 -23.68
C7 NAG Y . -50.03 8.64 -24.39
C8 NAG Y . -50.86 8.78 -25.63
N2 NAG Y . -50.53 7.90 -23.39
O3 NAG Y . -52.99 9.01 -22.27
O4 NAG Y . -54.65 7.03 -21.01
O5 NAG Y . -52.31 5.12 -22.49
O6 NAG Y . -55.09 3.60 -23.37
O7 NAG Y . -48.93 9.19 -24.31
C1 NAG Y . -56.04 7.31 -21.27
C2 NAG Y . -56.81 7.27 -19.95
C3 NAG Y . -58.23 7.80 -20.06
C4 NAG Y . -58.40 8.96 -21.03
C5 NAG Y . -57.57 8.74 -22.29
C6 NAG Y . -57.65 9.94 -23.23
C7 NAG Y . -56.17 5.49 -18.40
C8 NAG Y . -56.94 4.71 -17.37
N2 NAG Y . -56.85 5.89 -19.47
O3 NAG Y . -58.66 8.21 -18.76
O4 NAG Y . -59.76 9.08 -21.39
O5 NAG Y . -56.23 8.53 -21.93
O6 NAG Y . -56.88 10.99 -22.72
O7 NAG Y . -54.98 5.72 -18.23
C1 BMA Y . -60.40 10.11 -20.61
C2 BMA Y . -60.95 11.18 -21.56
C3 BMA Y . -61.77 12.23 -20.83
C4 BMA Y . -62.73 11.60 -19.83
C5 BMA Y . -61.99 10.59 -18.95
C6 BMA Y . -62.96 9.98 -17.93
O2 BMA Y . -61.74 10.55 -22.55
O3 BMA Y . -62.51 12.99 -21.76
O4 BMA Y . -63.29 12.61 -19.02
O5 BMA Y . -61.45 9.60 -19.80
O6 BMA Y . -62.29 9.63 -16.73
C1 BMA Y . -61.58 8.39 -16.90
C2 BMA Y . -61.21 7.79 -15.56
C3 BMA Y . -60.38 6.53 -15.77
C4 BMA Y . -61.11 5.58 -16.70
C5 BMA Y . -61.59 6.30 -17.97
C6 BMA Y . -62.49 5.40 -18.81
O2 BMA Y . -62.39 7.47 -14.84
O3 BMA Y . -60.12 5.88 -14.55
O4 BMA Y . -60.24 4.52 -17.08
O5 BMA Y . -62.34 7.45 -17.62
O6 BMA Y . -62.65 5.97 -20.08
C1 BMA Y . -58.71 5.81 -14.26
C2 BMA Y . -58.03 7.18 -14.24
C3 BMA Y . -56.55 7.05 -13.93
C4 BMA Y . -56.31 6.15 -12.72
C5 BMA Y . -57.08 4.84 -12.86
C6 BMA Y . -56.91 3.96 -11.64
O2 BMA Y . -58.65 8.00 -13.27
O3 BMA Y . -56.03 8.33 -13.65
O4 BMA Y . -54.94 5.86 -12.60
O5 BMA Y . -58.46 5.14 -13.03
O6 BMA Y . -57.74 4.42 -10.59
C1 BMA Y . -62.90 4.92 -21.02
C2 BMA Y . -63.73 5.45 -22.19
C3 BMA Y . -64.04 4.32 -23.17
C4 BMA Y . -62.77 3.54 -23.52
C5 BMA Y . -62.03 3.15 -22.24
C6 BMA Y . -60.75 2.39 -22.55
O2 BMA Y . -63.03 6.48 -22.86
O3 BMA Y . -64.62 4.85 -24.34
O4 BMA Y . -63.11 2.38 -24.24
O5 BMA Y . -61.72 4.32 -21.52
O6 BMA Y . -60.23 1.85 -21.35
C1 NAG Z . 62.35 -27.79 -17.89
C2 NAG Z . 62.75 -29.13 -17.28
C3 NAG Z . 63.33 -28.95 -15.88
C4 NAG Z . 64.35 -27.81 -15.83
C5 NAG Z . 63.86 -26.58 -16.57
C6 NAG Z . 64.96 -25.52 -16.64
C7 NAG Z . 61.54 -31.13 -17.94
C8 NAG Z . 60.80 -32.28 -17.34
N2 NAG Z . 61.60 -30.01 -17.22
O3 NAG Z . 63.93 -30.17 -15.49
O4 NAG Z . 64.61 -27.48 -14.49
O5 NAG Z . 63.44 -26.90 -17.87
O6 NAG Z . 66.04 -26.05 -17.37
O7 NAG Z . 62.07 -31.24 -19.05
C1 NAG Z . 65.84 -28.09 -14.04
C2 NAG Z . 66.35 -27.33 -12.82
C3 NAG Z . 66.37 -28.23 -11.59
C4 NAG Z . 67.18 -29.49 -11.88
C5 NAG Z . 66.80 -30.08 -13.23
C6 NAG Z . 66.54 -31.59 -13.11
C7 NAG Z . 67.81 -25.44 -13.17
C8 NAG Z . 69.15 -24.95 -13.60
N2 NAG Z . 67.65 -26.75 -13.08
O3 NAG Z . 65.05 -28.59 -11.24
O4 NAG Z . 68.56 -29.20 -11.85
O5 NAG Z . 65.65 -29.45 -13.74
O6 NAG Z . 65.42 -31.80 -12.29
O7 NAG Z . 66.90 -24.65 -12.92
C1 BMA Z . 69.28 -29.88 -10.79
C2 BMA Z . 68.88 -29.50 -9.36
C3 BMA Z . 69.96 -30.04 -8.43
C4 BMA Z . 70.15 -31.53 -8.65
C5 BMA Z . 70.32 -31.86 -10.14
C6 BMA Z . 70.37 -33.36 -10.37
O2 BMA Z . 67.66 -30.10 -8.96
O3 BMA Z . 69.60 -29.79 -7.08
O4 BMA Z . 71.28 -31.99 -7.94
O5 BMA Z . 69.27 -31.29 -10.90
O6 BMA Z . 70.80 -33.62 -11.68
C1 NAG AA . 34.83 -28.86 -23.52
C2 NAG AA . 34.99 -27.91 -24.69
C3 NAG AA . 33.64 -27.34 -25.13
C4 NAG AA . 32.57 -28.41 -25.23
C5 NAG AA . 32.58 -29.31 -24.00
C6 NAG AA . 31.57 -30.46 -24.14
C7 NAG AA . 37.07 -26.69 -24.91
C8 NAG AA . 37.86 -25.46 -24.54
N2 NAG AA . 35.88 -26.82 -24.33
O3 NAG AA . 33.78 -26.70 -26.38
O4 NAG AA . 31.31 -27.80 -25.37
O5 NAG AA . 33.86 -29.85 -23.82
O6 NAG AA . 31.92 -31.24 -25.27
O7 NAG AA . 37.53 -27.51 -25.70
C1 NAG AA . 30.73 -28.11 -26.65
C2 NAG AA . 29.33 -27.55 -26.70
C3 NAG AA . 28.66 -27.85 -28.05
C4 NAG AA . 29.59 -27.58 -29.23
C5 NAG AA . 30.98 -28.13 -28.96
C6 NAG AA . 31.95 -27.78 -30.09
C7 NAG AA . 28.29 -27.42 -24.51
C8 NAG AA . 27.47 -28.12 -23.47
N2 NAG AA . 28.56 -28.12 -25.62
O3 NAG AA . 27.49 -27.07 -28.15
O4 NAG AA . 29.09 -28.18 -30.41
O5 NAG AA . 31.48 -27.62 -27.75
O6 NAG AA . 32.17 -26.39 -30.12
O7 NAG AA . 28.68 -26.27 -24.34
C1 BMA AA . 28.28 -27.28 -31.20
C2 BMA AA . 28.08 -27.90 -32.57
C3 BMA AA . 27.06 -27.18 -33.45
C4 BMA AA . 25.87 -26.64 -32.66
C5 BMA AA . 26.30 -26.04 -31.33
C6 BMA AA . 25.07 -25.59 -30.53
O2 BMA AA . 27.69 -29.25 -32.43
O3 BMA AA . 26.55 -28.10 -34.37
O4 BMA AA . 25.20 -25.65 -33.42
O5 BMA AA . 27.01 -27.02 -30.60
O6 BMA AA . 24.09 -26.62 -30.60
C1 BMA AA . 22.90 -26.26 -29.85
C2 BMA AA . 21.81 -25.60 -30.71
C3 BMA AA . 20.97 -26.62 -31.48
C4 BMA AA . 21.59 -28.02 -31.46
C5 BMA AA . 21.91 -28.46 -30.03
C6 BMA AA . 22.97 -29.55 -30.01
O2 BMA AA . 22.36 -24.68 -31.63
O3 BMA AA . 20.77 -26.19 -32.81
O4 BMA AA . 20.71 -28.95 -32.06
O5 BMA AA . 22.33 -27.38 -29.20
O6 BMA AA . 22.52 -30.66 -30.76
C1 BMA AA . 19.45 -25.65 -33.06
C2 BMA AA . 18.36 -26.72 -33.07
C3 BMA AA . 17.13 -26.10 -33.71
C4 BMA AA . 16.73 -24.85 -32.92
C5 BMA AA . 17.92 -23.91 -32.72
C6 BMA AA . 17.53 -22.78 -31.78
O2 BMA AA . 17.99 -27.11 -31.77
O3 BMA AA . 16.08 -27.03 -33.72
O4 BMA AA . 15.70 -24.18 -33.59
O5 BMA AA . 19.04 -24.61 -32.19
O6 BMA AA . 18.40 -21.68 -31.99
C1 BMA AA . 26.69 -27.68 -35.75
C2 BMA AA . 28.03 -27.06 -36.08
C3 BMA AA . 28.03 -26.52 -37.50
C4 BMA AA . 27.49 -27.56 -38.48
C5 BMA AA . 26.25 -28.27 -37.95
C6 BMA AA . 25.86 -29.43 -38.85
O2 BMA AA . 29.06 -28.01 -35.94
O3 BMA AA . 29.34 -26.16 -37.87
O4 BMA AA . 27.15 -26.89 -39.68
O5 BMA AA . 26.45 -28.73 -36.65
O6 BMA AA . 25.10 -30.36 -38.08
C1 NAG BA . 42.99 -50.03 -23.35
C2 NAG BA . 42.27 -50.60 -22.13
C3 NAG BA . 42.09 -52.11 -22.21
C4 NAG BA . 41.57 -52.57 -23.57
C5 NAG BA . 42.27 -51.84 -24.72
C6 NAG BA . 41.58 -52.12 -26.05
C7 NAG BA . 42.40 -49.63 -19.92
C8 NAG BA . 42.89 -49.91 -18.54
N2 NAG BA . 43.01 -50.27 -20.92
O3 NAG BA . 41.21 -52.47 -21.17
O4 NAG BA . 41.82 -53.95 -23.77
O5 NAG BA . 42.28 -50.42 -24.51
O6 NAG BA . 40.51 -51.23 -26.22
O7 NAG BA . 41.47 -48.83 -20.10
C1 NAG BA . 40.96 -54.83 -23.01
C2 NAG BA . 40.58 -56.03 -23.88
C3 NAG BA . 39.82 -57.10 -23.10
C4 NAG BA . 40.44 -57.37 -21.73
C5 NAG BA . 40.77 -56.06 -21.02
C6 NAG BA . 41.48 -56.33 -19.69
C7 NAG BA . 40.32 -55.42 -26.22
C8 NAG BA . 39.43 -54.84 -27.27
N2 NAG BA . 39.79 -55.57 -25.00
O3 NAG BA . 39.82 -58.29 -23.85
O4 NAG BA . 39.55 -58.10 -20.91
O5 NAG BA . 41.58 -55.26 -21.82
O6 NAG BA . 41.96 -55.12 -19.17
O7 NAG BA . 41.49 -55.73 -26.48
C1 BMA BA . 39.83 -59.52 -20.76
C2 BMA BA . 41.07 -60.05 -21.47
C3 BMA BA . 41.00 -61.57 -21.45
C4 BMA BA . 40.94 -62.04 -19.99
C5 BMA BA . 39.84 -61.32 -19.22
C6 BMA BA . 39.95 -61.64 -17.73
O2 BMA BA . 42.24 -59.65 -20.78
O3 BMA BA . 42.12 -62.12 -22.10
O4 BMA BA . 40.73 -63.42 -19.97
O5 BMA BA . 39.91 -59.92 -19.41
O6 BMA BA . 38.83 -61.15 -17.04
C1 NAG CA . 29.84 -53.60 5.20
C2 NAG CA . 30.41 -54.44 6.33
C3 NAG CA . 29.96 -55.90 6.23
C4 NAG CA . 28.47 -56.01 5.92
C5 NAG CA . 28.08 -55.07 4.78
C6 NAG CA . 26.58 -55.13 4.49
C7 NAG CA . 32.52 -53.74 7.31
C8 NAG CA . 34.01 -53.75 7.21
N2 NAG CA . 31.85 -54.37 6.34
O3 NAG CA . 30.26 -56.57 7.43
O4 NAG CA . 28.16 -57.33 5.57
O5 NAG CA . 28.44 -53.75 5.11
O6 NAG CA . 26.31 -54.43 3.30
O7 NAG CA . 31.95 -53.17 8.24
C1 NAG CA . 27.32 -57.94 6.57
C2 NAG CA . 27.27 -59.45 6.35
C3 NAG CA . 27.85 -60.20 7.54
C4 NAG CA . 27.16 -59.76 8.85
C5 NAG CA . 26.92 -58.26 8.86
C6 NAG CA . 27.23 -57.66 10.24
C7 NAG CA . 25.42 -59.92 4.84
C8 NAG CA . 24.56 -61.11 4.52
N2 NAG CA . 25.90 -59.85 6.08
O3 NAG CA . 29.23 -59.95 7.65
O4 NAG CA . 25.92 -60.44 9.00
O5 NAG CA . 27.75 -57.65 7.89
O6 NAG CA . 28.63 -57.71 10.47
O7 NAG CA . 25.67 -59.07 3.99
C1 BMA CA . 26.12 -61.87 8.93
C2 BMA CA . 26.64 -62.40 10.27
C3 BMA CA . 26.81 -63.92 10.23
C4 BMA CA . 25.60 -64.61 9.61
C5 BMA CA . 25.22 -63.93 8.30
C6 BMA CA . 24.00 -64.60 7.66
O2 BMA CA . 25.73 -62.06 11.29
O3 BMA CA . 27.00 -64.40 11.54
O4 BMA CA . 25.90 -65.97 9.37
O5 BMA CA . 24.95 -62.57 8.55
O6 BMA CA . 24.29 -65.95 7.40
C1 NAG DA . 55.02 -5.85 25.38
C2 NAG DA . 55.69 -4.98 26.44
C3 NAG DA . 55.73 -3.51 26.03
C4 NAG DA . 56.18 -3.33 24.57
C5 NAG DA . 55.45 -4.29 23.64
C6 NAG DA . 56.41 -5.23 22.91
C7 NAG DA . 55.55 -5.66 28.77
C8 NAG DA . 54.95 -5.32 30.10
N2 NAG DA . 54.99 -5.12 27.70
O3 NAG DA . 56.59 -2.81 26.90
O4 NAG DA . 55.92 -2.00 24.18
O5 NAG DA . 54.48 -5.02 24.38
O6 NAG DA . 57.64 -5.30 23.62
O7 NAG DA . 56.52 -6.42 28.69
C1 NAG DA . 57.14 -1.25 24.13
C2 NAG DA . 57.69 -1.28 22.70
C3 NAG DA . 57.07 -0.18 21.83
C4 NAG DA . 57.08 1.18 22.51
C5 NAG DA . 57.58 1.12 23.96
C6 NAG DA . 57.33 2.44 24.70
C7 NAG DA . 59.81 -1.94 21.71
C8 NAG DA . 61.16 -1.39 21.34
N2 NAG DA . 59.14 -1.26 22.64
O3 NAG DA . 55.75 -0.53 21.49
O4 NAG DA . 57.89 2.08 21.78
O5 NAG DA . 56.94 0.06 24.65
O6 NAG DA . 58.16 3.45 24.17
O7 NAG DA . 59.37 -2.95 21.17
C1 NAG EA . 23.97 -32.15 26.00
C2 NAG EA . 22.54 -32.04 25.48
C3 NAG EA . 21.77 -33.36 25.60
C4 NAG EA . 22.59 -34.59 25.23
C5 NAG EA . 24.03 -34.48 25.75
C6 NAG EA . 24.94 -35.59 25.21
C7 NAG EA . 21.45 -29.88 25.64
C8 NAG EA . 20.31 -29.14 26.31
N2 NAG EA . 21.83 -31.01 26.22
O3 NAG EA . 20.62 -33.30 24.79
O4 NAG EA . 21.91 -35.68 25.83
O5 NAG EA . 24.59 -33.25 25.38
O6 NAG EA . 26.21 -35.50 25.83
O7 NAG EA . 21.98 -29.42 24.63
C1 NAG EA . 21.73 -36.79 24.94
C2 NAG EA . 21.65 -38.06 25.80
C3 NAG EA . 20.68 -39.07 25.20
C4 NAG EA . 20.81 -39.09 23.69
C5 NAG EA . 20.54 -37.71 23.10
C6 NAG EA . 19.18 -37.68 22.42
C7 NAG EA . 23.54 -38.64 27.18
C8 NAG EA . 25.04 -38.75 27.21
N2 NAG EA . 22.97 -38.64 25.98
O3 NAG EA . 19.36 -38.75 25.57
O4 NAG EA . 22.08 -39.55 23.31
O5 NAG EA . 20.59 -36.70 24.10
O6 NAG EA . 19.06 -38.81 21.59
O7 NAG EA . 22.90 -38.56 28.23
C1 NAG FA . 40.18 -28.67 48.20
C2 NAG FA . 39.18 -29.48 49.06
C3 NAG FA . 39.26 -29.27 50.57
C4 NAG FA . 39.94 -27.96 50.97
C5 NAG FA . 39.88 -26.96 49.84
C6 NAG FA . 40.41 -25.60 50.27
C7 NAG FA . 37.02 -30.25 48.26
C8 NAG FA . 35.57 -29.93 48.10
N2 NAG FA . 37.82 -29.24 48.59
O3 NAG FA . 39.94 -30.35 51.15
O4 NAG FA . 39.36 -27.44 52.14
O5 NAG FA . 40.67 -27.48 48.79
O6 NAG FA . 41.72 -25.74 50.79
O7 NAG FA . 37.43 -31.40 48.10
C1 NAG FA . 40.15 -27.90 53.25
C2 NAG FA . 40.11 -26.90 54.40
C3 NAG FA . 41.02 -27.35 55.54
C4 NAG FA . 41.63 -28.75 55.34
C5 NAG FA . 40.66 -29.74 54.68
C6 NAG FA . 39.85 -30.49 55.74
C7 NAG FA . 39.62 -24.59 53.82
C8 NAG FA . 39.99 -23.28 54.44
N2 NAG FA . 40.51 -25.58 53.93
O3 NAG FA . 40.29 -27.33 56.75
O4 NAG FA . 42.83 -28.67 54.60
O5 NAG FA . 39.77 -29.17 53.74
O6 NAG FA . 38.97 -31.37 55.09
O7 NAG FA . 38.55 -24.72 53.23
C1 NAG GA . 30.64 -58.38 36.80
C2 NAG GA . 29.65 -58.68 35.66
C3 NAG GA . 28.48 -57.71 35.67
C4 NAG GA . 27.87 -57.64 37.07
C5 NAG GA . 28.95 -57.34 38.10
C6 NAG GA . 28.37 -57.31 39.52
C7 NAG GA . 30.24 -59.66 33.52
C8 NAG GA . 31.04 -60.88 33.86
N2 NAG GA . 30.32 -58.64 34.38
O3 NAG GA . 27.52 -58.13 34.74
O4 NAG GA . 26.86 -56.65 37.13
O5 NAG GA . 29.97 -58.31 38.05
O6 NAG GA . 29.40 -57.03 40.43
O7 NAG GA . 29.55 -59.63 32.50
C1 NAG GA . 25.54 -57.23 37.06
C2 NAG GA . 24.50 -56.10 36.86
C3 NAG GA . 24.11 -55.93 35.39
C4 NAG GA . 23.73 -57.25 34.71
C5 NAG GA . 24.15 -58.46 35.53
C6 NAG GA . 24.17 -59.72 34.67
C7 NAG GA . 22.93 -55.36 38.58
C8 NAG GA . 22.17 -55.85 39.78
N2 NAG GA . 23.33 -56.29 37.71
O3 NAG GA . 25.16 -55.31 34.68
O4 NAG GA . 22.33 -57.29 34.51
O5 NAG GA . 25.44 -58.24 36.07
O6 NAG GA . 24.58 -60.83 35.45
O7 NAG GA . 23.17 -54.16 38.42
C1 NAG HA . -5.12 -12.92 32.31
C2 NAG HA . -5.25 -13.90 33.48
C3 NAG HA . -4.28 -15.06 33.31
C4 NAG HA . -2.93 -14.59 32.79
C5 NAG HA . -3.10 -13.81 31.48
C6 NAG HA . -2.54 -14.58 30.29
C7 NAG HA . -4.74 -11.97 34.92
C8 NAG HA . -5.85 -11.03 35.29
N2 NAG HA . -5.06 -13.26 34.77
O3 NAG HA . -4.81 -16.02 32.42
O4 NAG HA . -2.29 -13.77 33.75
O5 NAG HA . -4.46 -13.55 31.24
O6 NAG HA . -2.83 -13.88 29.10
O7 NAG HA . -3.59 -11.55 34.77
C1 NAG IA . -69.28 6.37 38.42
C2 NAG IA . -70.61 5.88 37.86
C3 NAG IA . -71.77 6.66 38.45
C4 NAG IA . -71.68 6.68 39.97
C5 NAG IA . -70.28 7.07 40.45
C6 NAG IA . -70.18 6.92 41.96
C7 NAG IA . -70.93 4.92 35.65
C8 NAG IA . -72.27 4.94 34.97
N2 NAG IA . -70.63 5.97 36.40
O3 NAG IA . -72.98 6.08 38.05
O4 NAG IA . -72.64 7.57 40.49
O5 NAG IA . -69.28 6.29 39.82
O6 NAG IA . -70.62 5.64 42.34
O7 NAG IA . -70.17 3.95 35.51
ZN ZN JA . -31.78 4.98 31.21
C1 EDO KA . -57.37 -3.19 16.77
O1 EDO KA . -56.75 -4.09 17.69
C2 EDO KA . -57.43 -3.84 15.38
O2 EDO KA . -58.30 -4.98 15.43
C1 EDO LA . -10.11 17.91 47.41
O1 EDO LA . -8.84 17.80 46.76
C2 EDO LA . -9.91 18.14 48.91
O2 EDO LA . -9.24 19.39 49.12
C1 EDO MA . -52.24 -11.36 32.52
O1 EDO MA . -52.89 -10.91 33.72
C2 EDO MA . -51.17 -12.38 32.87
O2 EDO MA . -50.23 -11.79 33.80
C1 EDO NA . -25.98 33.47 55.03
O1 EDO NA . -26.60 32.30 55.58
C2 EDO NA . -26.59 33.75 53.66
O2 EDO NA . -26.72 32.53 52.94
C1 EDO OA . -17.47 18.59 34.98
O1 EDO OA . -16.18 19.15 34.75
C2 EDO OA . -18.03 18.00 33.69
O2 EDO OA . -19.21 17.24 33.95
C1 EDO PA . -13.93 30.97 37.90
O1 EDO PA . -12.57 30.67 38.20
C2 EDO PA . -14.89 30.15 38.76
O2 EDO PA . -14.78 30.54 40.13
C1 EDO QA . -34.00 26.44 56.26
O1 EDO QA . -33.21 27.53 55.77
C2 EDO QA . -35.35 26.43 55.56
O2 EDO QA . -35.16 26.26 54.16
C1 EDO RA . -3.71 32.56 45.29
O1 EDO RA . -3.46 33.86 44.73
C2 EDO RA . -2.49 31.67 45.08
O2 EDO RA . -2.85 30.29 45.19
C1 EDO SA . -30.89 32.60 36.58
O1 EDO SA . -30.93 33.40 37.76
C2 EDO SA . -32.31 32.31 36.11
O2 EDO SA . -32.26 31.53 34.90
C1 EDO TA . -27.08 28.75 54.31
O1 EDO TA . -27.37 30.01 54.94
C2 EDO TA . -26.79 27.72 55.40
O2 EDO TA . -26.54 26.45 54.78
C1 EDO UA . -32.16 20.58 30.78
O1 EDO UA . -32.44 20.15 32.13
C2 EDO UA . -31.62 19.40 29.97
O2 EDO UA . -32.60 18.34 29.93
C1 EDO VA . -33.71 14.58 62.50
O1 EDO VA . -35.03 15.14 62.31
C2 EDO VA . -33.80 13.06 62.39
O2 EDO VA . -34.48 12.70 61.19
C1 EDO WA . -24.68 -1.00 52.14
O1 EDO WA . -25.39 -1.83 51.20
C2 EDO WA . -24.00 0.13 51.39
O2 EDO WA . -23.08 -0.39 50.43
C1 EDO XA . -32.75 11.96 14.11
O1 EDO XA . -32.54 10.90 13.16
C2 EDO XA . -33.58 11.43 15.28
O2 EDO XA . -32.90 10.31 15.85
C1 EDO YA . -7.04 -1.15 30.83
O1 EDO YA . -7.21 -1.95 32.01
C2 EDO YA . -5.90 -0.16 31.05
O2 EDO YA . -5.63 0.54 29.83
C1 EDO ZA . -48.00 -14.44 32.69
O1 EDO ZA . -48.13 -13.28 33.52
C2 EDO ZA . -46.76 -14.30 31.82
O2 EDO ZA . -46.61 -15.48 31.02
C1 EDO AB . -24.61 26.18 47.42
O1 EDO AB . -24.97 24.82 47.67
C2 EDO AB . -24.68 26.99 48.71
O2 EDO AB . -24.36 28.36 48.42
C1 NAG BB . 25.03 50.90 -21.84
C2 NAG BB . 24.80 52.29 -22.44
C3 NAG BB . 26.08 53.07 -22.75
C4 NAG BB . 27.18 52.83 -21.73
C5 NAG BB . 27.34 51.34 -21.47
C6 NAG BB . 28.47 51.08 -20.48
C7 NAG BB . 22.90 52.84 -23.86
C8 NAG BB . 21.65 52.03 -24.04
N2 NAG BB . 24.03 52.16 -23.66
O3 NAG BB . 25.78 54.45 -22.77
O4 NAG BB . 28.39 53.36 -22.21
O5 NAG BB . 26.13 50.83 -20.96
O6 NAG BB . 28.50 49.70 -20.16
O7 NAG BB . 22.86 54.07 -23.92
ZN ZN CB . 14.87 29.18 6.68
C1 EDO DB . 22.29 18.09 -26.99
O1 EDO DB . 22.30 17.15 -28.07
C2 EDO DB . 23.52 17.87 -26.12
O2 EDO DB . 23.49 18.80 -25.03
C1 EDO EB . 38.19 30.03 -10.67
O1 EDO EB . 38.71 28.80 -10.16
C2 EDO EB . 37.03 29.75 -11.61
O2 EDO EB . 37.48 28.93 -12.69
C1 EDO FB . 15.66 21.94 13.47
O1 EDO FB . 14.27 22.25 13.26
C2 EDO FB . 15.84 21.45 14.89
O2 EDO FB . 14.82 20.48 15.17
C1 EDO GB . 18.68 7.85 -18.28
O1 EDO GB . 19.22 9.01 -17.64
C2 EDO GB . 18.13 6.91 -17.22
O2 EDO GB . 19.11 6.73 -16.20
C1 EDO HB . 2.00 -2.12 -13.30
O1 EDO HB . 2.92 -1.33 -14.05
C2 EDO HB . 1.73 -3.44 -14.02
O2 EDO HB . 0.84 -4.21 -13.21
C1 EDO IB . 7.71 11.82 8.71
O1 EDO IB . 8.51 12.89 8.20
C2 EDO IB . 8.30 10.48 8.29
O2 EDO IB . 7.81 9.45 9.16
C1 EDO JB . 35.18 38.63 12.15
O1 EDO JB . 34.28 39.11 11.15
C2 EDO JB . 35.41 37.13 11.96
O2 EDO JB . 36.04 36.88 10.70
C1 EDO KB . -4.11 30.79 33.12
O1 EDO KB . -5.53 30.66 32.98
C2 EDO KB . -3.77 31.48 34.43
O2 EDO KB . -2.35 31.74 34.48
C1 EDO LB . 5.06 51.59 25.78
O1 EDO LB . 4.96 50.22 25.36
C2 EDO LB . 6.49 51.88 26.22
O2 EDO LB . 6.85 51.06 27.34
C1 EDO MB . 28.88 49.84 0.87
O1 EDO MB . 27.69 50.48 1.35
C2 EDO MB . 28.80 49.69 -0.64
O2 EDO MB . 28.53 50.97 -1.24
C1 EDO NB . 24.94 44.20 -8.37
O1 EDO NB . 23.60 44.69 -8.53
C2 EDO NB . 24.97 42.71 -8.68
O2 EDO NB . 24.37 42.47 -9.97
C1 EDO OB . 7.61 -11.48 8.30
O1 EDO OB . 7.26 -10.78 9.51
C2 EDO OB . 6.35 -11.76 7.47
O2 EDO OB . 6.57 -11.44 6.10
C1 NAG PB . -5.60 -29.14 -11.86
C2 NAG PB . -4.37 -28.35 -11.40
C3 NAG PB . -3.17 -29.28 -11.29
C4 NAG PB . -3.51 -30.47 -10.40
C5 NAG PB . -4.83 -31.12 -10.81
C6 NAG PB . -5.27 -32.16 -9.78
C7 NAG PB . -4.29 -26.00 -11.97
C8 NAG PB . -3.37 -25.47 -10.91
N2 NAG PB . -4.09 -27.27 -12.33
O3 NAG PB . -2.09 -28.56 -10.73
O4 NAG PB . -2.48 -31.44 -10.51
O5 NAG PB . -5.86 -30.16 -10.93
O6 NAG PB . -6.55 -32.63 -10.10
O7 NAG PB . -5.15 -25.29 -12.48
ZN ZN QB . -10.36 -10.94 -36.58
C1 EDO RB . -27.98 2.54 -25.10
O1 EDO RB . -28.17 1.65 -24.00
C2 EDO RB . -26.63 3.25 -24.96
O2 EDO RB . -26.43 4.12 -26.09
C1 EDO SB . -39.13 -8.18 -43.94
O1 EDO SB . -38.38 -7.79 -45.10
C2 EDO SB . -40.51 -7.52 -43.97
O2 EDO SB . -41.20 -7.94 -45.15
C1 EDO TB . 25.10 -2.21 -43.59
O1 EDO TB . 25.72 -3.49 -43.46
C2 EDO TB . 23.59 -2.37 -43.61
O2 EDO TB . 22.97 -1.09 -43.71
C1 EDO UB . 5.84 -22.33 -41.91
O1 EDO UB . 6.15 -21.01 -42.41
C2 EDO UB . 7.08 -22.91 -41.23
O2 EDO UB . 8.13 -23.05 -42.18
C1 EDO VB . 21.36 -10.11 -61.27
O1 EDO VB . 21.91 -11.43 -61.32
C2 EDO VB . 22.08 -9.28 -60.21
O2 EDO VB . 22.02 -9.97 -58.96
C1 EDO WB . -3.18 -12.19 -49.35
O1 EDO WB . -2.22 -11.29 -49.91
C2 EDO WB . -4.51 -11.46 -49.09
O2 EDO WB . -5.42 -12.30 -48.37
C1 EDO XB . -0.53 15.10 -46.07
O1 EDO XB . -1.01 15.63 -44.82
C2 EDO XB . -1.35 15.68 -47.20
O2 EDO XB . -0.83 15.21 -48.46
C1 EDO YB . -27.79 -5.91 -34.85
O1 EDO YB . -26.94 -6.22 -33.73
C2 EDO YB . -28.68 -4.71 -34.51
O2 EDO YB . -27.87 -3.57 -34.24
C1 EDO ZB . -18.92 -10.65 -36.03
O1 EDO ZB . -19.31 -11.86 -35.39
C2 EDO ZB . -17.50 -10.77 -36.56
O2 EDO ZB . -17.48 -11.69 -37.66
C1 EDO AC . -23.32 -31.44 -22.09
O1 EDO AC . -24.32 -32.11 -22.86
C2 EDO AC . -23.74 -30.00 -21.86
O2 EDO AC . -24.00 -29.37 -23.11
C1 EDO BC . -19.37 -29.25 -17.32
O1 EDO BC . -20.45 -28.63 -18.03
C2 EDO BC . -19.80 -30.63 -16.83
O2 EDO BC . -20.13 -31.44 -17.96
C1 EDO CC . -39.51 10.62 -54.15
O1 EDO CC . -40.23 9.60 -53.43
C2 EDO CC . -38.29 11.09 -53.36
O2 EDO CC . -38.71 11.66 -52.12
C1 NAG DC . 9.56 -17.50 5.26
C2 NAG DC . 8.33 -16.63 5.02
C3 NAG DC . 7.74 -16.90 3.64
C4 NAG DC . 8.80 -17.46 2.71
C5 NAG DC . 9.33 -18.79 3.26
C6 NAG DC . 10.71 -19.13 2.71
C7 NAG DC . 6.83 -15.88 6.78
C8 NAG DC . 7.80 -15.09 7.61
N2 NAG DC . 7.34 -16.86 6.05
O3 NAG DC . 7.21 -15.70 3.11
O4 NAG DC . 8.28 -17.67 1.42
O5 NAG DC . 9.36 -18.77 4.68
O6 NAG DC . 11.16 -20.34 3.27
O7 NAG DC . 5.64 -15.59 6.78
C1 NAG EC . 60.19 -60.69 8.58
C2 NAG EC . 61.52 -61.45 8.54
C3 NAG EC . 61.55 -62.54 7.48
C4 NAG EC . 60.25 -63.33 7.43
C5 NAG EC . 59.05 -62.39 7.41
C6 NAG EC . 57.73 -63.14 7.34
C7 NAG EC . 63.56 -60.28 9.17
C8 NAG EC . 64.19 -58.92 9.14
N2 NAG EC . 62.59 -60.50 8.28
O3 NAG EC . 62.62 -63.41 7.74
O4 NAG EC . 60.21 -64.15 6.28
O5 NAG EC . 59.09 -61.58 8.57
O6 NAG EC . 56.68 -62.21 7.17
O7 NAG EC . 63.92 -61.12 9.98
ZN ZN FC . 38.53 -29.73 4.82
C1 EDO GC . 37.96 -52.42 17.12
O1 EDO GC . 36.82 -52.73 17.93
C2 EDO GC . 37.77 -53.00 15.73
O2 EDO GC . 36.61 -52.42 15.13
C1 EDO HC . 39.81 -31.26 13.14
O1 EDO HC . 38.39 -31.43 13.05
C2 EDO HC . 40.34 -30.76 11.80
O2 EDO HC . 39.87 -31.64 10.76
C1 EDO IC . 21.54 -19.37 24.00
O1 EDO IC . 21.02 -19.95 22.80
C2 EDO IC . 21.49 -17.85 23.88
O2 EDO IC . 20.17 -17.43 23.53
C1 EDO JC . 19.05 -24.04 24.35
O1 EDO JC . 19.90 -25.16 24.15
C2 EDO JC . 19.70 -22.77 23.77
O2 EDO JC . 19.55 -22.75 22.35
C1 EDO KC . 48.89 -24.99 30.39
O1 EDO KC . 49.57 -25.83 29.44
C2 EDO KC . 47.39 -25.29 30.39
O2 EDO KC . 47.17 -26.67 30.73
#